data_3QA8
#
_entry.id   3QA8
#
_cell.length_a   103.170
_cell.length_b   140.339
_cell.length_c   161.167
_cell.angle_alpha   71.28
_cell.angle_beta   79.56
_cell.angle_gamma   86.04
#
_symmetry.space_group_name_H-M   'P 1'
#
_entity_poly.entity_id   1
_entity_poly.type   'polypeptide(L)'
_entity_poly.pdbx_seq_one_letter_code
;GGGRSPSLPTQTCGPWEMKERLGTGGFGYVLRWIHQDTGEQVAIKQCRQELSPKNRERWCLEIQIMKKLNHPNVVSAREV
PDGLQKLAPNDLPLLAMEYCEGGDLRKYLNQFENCCGLKEGPIRTLLSDISSALRYLHENRIIHRDLKPENIVLQPGPQR
LIHKIIDLGYAKELDQGELCTEFVGTLQYLAPELLEQKKYTVTVDYWSFGTLAFECITGFRPFLPNWQPVQWHGKVREKS
NEHIVVYDDLTGAVKFSSVLPTPNHLSGILAGKLERWLQCMLMWHQRQRGTDPQNPNVGCFQALDSILSLKLLSVMNMVS
GRVHTYPVTENENLQNLKSWLQQDTGIPEEEQELLQASGLALNSAQPLTQYVIDCTVIDGRQGEGDLIFLFDNRKTVYEP
QISLPAHPESVSIVLQDPKRPLTYTHLRRVWGQIWQTIRALKEDCARLLQGQRTSMVNLLRYNTELSKKKNSMTSECEQL
KAKLDFFRSSIQIDLEKYSEQMEFGITSEKLLSAWREMEQAVELCGREREVQALVDKMMALQTDSVDLQRNPLGRKHRGT
LDDLEEQARDLYRRLRERPRDQRTPGDSNDMVRLLILAIQSFEKRVILIYDQLSKTVVCKRKALELSPKVKEVMNLMRED
EKIVVRRQEKRQQELWNLLKIACSKVRGPVSGSPDS
;
_entity_poly.pdbx_strand_id   A,B,C,D,E,F,G,H
#
# COMPACT_ATOMS: atom_id res chain seq x y z
N GLU A 17 28.89 31.84 -53.40
CA GLU A 17 28.54 32.43 -52.08
C GLU A 17 29.74 32.58 -51.10
N MET A 18 29.44 32.62 -49.79
CA MET A 18 30.42 33.01 -48.73
C MET A 18 30.29 32.27 -47.34
N LYS A 19 31.12 32.65 -46.36
CA LYS A 19 31.37 31.81 -45.14
C LYS A 19 30.76 32.21 -43.77
N GLU A 20 31.56 32.88 -42.92
CA GLU A 20 31.21 33.07 -41.49
C GLU A 20 31.39 34.47 -40.88
N ARG A 21 31.55 34.55 -39.55
CA ARG A 21 31.49 35.82 -38.79
C ARG A 21 32.68 36.14 -37.88
N LEU A 22 32.80 37.41 -37.52
CA LEU A 22 33.82 37.91 -36.58
C LEU A 22 33.18 38.65 -35.39
N GLY A 23 33.74 39.82 -35.02
CA GLY A 23 33.25 40.66 -33.90
C GLY A 23 32.35 41.83 -34.29
N THR A 24 31.93 42.65 -33.30
CA THR A 24 30.88 43.69 -33.51
C THR A 24 31.20 45.09 -32.94
N GLY A 25 31.08 46.12 -33.78
CA GLY A 25 31.24 47.50 -33.31
C GLY A 25 31.38 48.52 -34.43
N GLY A 26 31.28 49.80 -34.06
CA GLY A 26 31.39 50.91 -35.00
C GLY A 26 30.06 51.24 -35.60
N PHE A 27 29.82 50.70 -36.79
CA PHE A 27 28.51 50.72 -37.40
C PHE A 27 28.08 49.31 -37.79
N GLY A 28 28.41 48.33 -36.95
CA GLY A 28 27.91 46.97 -37.14
C GLY A 28 28.91 45.85 -37.19
N TYR A 29 28.82 45.05 -38.25
CA TYR A 29 29.43 43.73 -38.27
C TYR A 29 30.75 43.60 -38.99
N VAL A 30 31.53 42.63 -38.50
CA VAL A 30 32.75 42.17 -39.13
C VAL A 30 32.50 40.69 -39.48
N LEU A 31 32.85 40.30 -40.71
CA LEU A 31 32.47 38.98 -41.20
C LEU A 31 33.60 38.31 -41.99
N ARG A 32 33.83 37.02 -41.72
CA ARG A 32 34.87 36.24 -42.40
C ARG A 32 34.32 35.42 -43.59
N TRP A 33 33.62 36.11 -44.50
CA TRP A 33 33.06 35.46 -45.69
C TRP A 33 34.20 35.00 -46.62
N ILE A 34 33.91 33.99 -47.44
CA ILE A 34 34.90 33.41 -48.38
C ILE A 34 34.25 32.95 -49.68
N HIS A 35 34.92 33.18 -50.80
CA HIS A 35 34.70 32.38 -52.00
C HIS A 35 35.26 30.97 -51.67
N GLN A 36 34.38 30.08 -51.19
CA GLN A 36 34.74 28.83 -50.47
C GLN A 36 35.44 27.78 -51.32
N ASP A 37 36.65 28.12 -51.76
CA ASP A 37 37.35 27.44 -52.84
C ASP A 37 38.55 28.33 -53.13
N THR A 38 39.74 27.87 -52.75
CA THR A 38 40.97 28.69 -52.71
C THR A 38 41.07 29.47 -51.38
N GLY A 39 39.93 29.60 -50.70
CA GLY A 39 39.86 30.24 -49.37
C GLY A 39 40.18 31.72 -49.37
N GLU A 40 39.28 32.52 -49.94
CA GLU A 40 39.45 33.98 -49.98
C GLU A 40 38.99 34.63 -48.67
N GLN A 41 39.91 34.74 -47.71
CA GLN A 41 39.59 35.24 -46.36
C GLN A 41 39.35 36.76 -46.26
N VAL A 42 38.17 37.21 -46.67
CA VAL A 42 37.83 38.65 -46.63
C VAL A 42 37.02 39.05 -45.39
N ALA A 43 37.26 40.28 -44.91
CA ALA A 43 36.52 40.86 -43.78
C ALA A 43 35.41 41.76 -44.32
N ILE A 44 34.25 41.74 -43.65
CA ILE A 44 33.10 42.51 -44.14
C ILE A 44 32.45 43.36 -43.06
N LYS A 45 32.70 44.67 -43.13
CA LYS A 45 32.04 45.63 -42.25
C LYS A 45 30.86 46.24 -42.99
N GLN A 46 29.66 45.76 -42.65
CA GLN A 46 28.43 46.30 -43.22
C GLN A 46 27.90 47.43 -42.37
N CYS A 47 26.64 47.83 -42.61
CA CYS A 47 26.08 49.02 -41.97
C CYS A 47 24.96 48.71 -40.98
N ARG A 48 24.56 49.74 -40.23
CA ARG A 48 23.62 49.60 -39.13
C ARG A 48 22.39 50.47 -39.36
N GLN A 49 21.27 49.81 -39.68
CA GLN A 49 19.91 50.36 -39.66
C GLN A 49 19.76 51.88 -39.81
N GLU A 50 20.35 52.45 -40.86
CA GLU A 50 20.24 53.89 -41.16
C GLU A 50 20.75 54.82 -40.08
N LEU A 51 21.18 56.00 -40.51
CA LEU A 51 21.63 57.05 -39.61
C LEU A 51 21.28 58.39 -40.24
N SER A 52 21.59 59.48 -39.54
CA SER A 52 21.48 60.82 -40.09
C SER A 52 22.28 60.86 -41.40
N PRO A 53 21.85 61.67 -42.39
CA PRO A 53 22.57 61.71 -43.66
C PRO A 53 24.07 61.95 -43.49
N LYS A 54 24.46 62.87 -42.61
CA LYS A 54 25.89 63.12 -42.34
C LYS A 54 26.56 62.02 -41.51
N ASN A 55 25.76 61.14 -40.92
CA ASN A 55 26.27 59.98 -40.17
C ASN A 55 26.38 58.68 -40.98
N ARG A 56 25.54 58.52 -42.00
CA ARG A 56 25.66 57.42 -42.96
C ARG A 56 26.62 57.75 -44.11
N GLU A 57 26.79 59.05 -44.38
CA GLU A 57 27.77 59.54 -45.36
C GLU A 57 29.20 59.49 -44.77
N ARG A 58 29.29 59.63 -43.44
CA ARG A 58 30.54 59.43 -42.70
C ARG A 58 31.04 57.99 -42.77
N TRP A 59 30.10 57.05 -42.82
CA TRP A 59 30.43 55.64 -43.04
C TRP A 59 31.17 55.46 -44.37
N CYS A 60 30.75 56.22 -45.37
CA CYS A 60 31.34 56.15 -46.70
C CYS A 60 32.70 56.84 -46.75
N LEU A 61 32.92 57.80 -45.86
CA LEU A 61 34.23 58.45 -45.71
C LEU A 61 35.26 57.49 -45.08
N GLU A 62 34.80 56.65 -44.17
CA GLU A 62 35.60 55.58 -43.59
C GLU A 62 36.09 54.63 -44.68
N ILE A 63 35.16 54.10 -45.48
CA ILE A 63 35.43 53.11 -46.54
C ILE A 63 36.52 53.54 -47.51
N GLN A 64 36.41 54.78 -47.99
CA GLN A 64 37.40 55.39 -48.84
C GLN A 64 38.75 55.51 -48.10
N ILE A 65 38.70 55.79 -46.79
CA ILE A 65 39.91 56.01 -45.99
C ILE A 65 40.72 54.75 -45.63
N MET A 66 40.06 53.70 -45.14
CA MET A 66 40.71 52.39 -44.87
C MET A 66 41.07 51.63 -46.17
N LYS A 67 40.72 52.23 -47.32
CA LYS A 67 41.12 51.75 -48.65
C LYS A 67 42.15 52.72 -49.22
N LYS A 68 42.00 53.99 -48.84
CA LYS A 68 42.92 55.06 -49.21
C LYS A 68 44.31 54.76 -48.67
N LEU A 69 44.38 53.87 -47.69
CA LEU A 69 45.63 53.58 -47.00
C LEU A 69 46.05 52.11 -47.01
N ASN A 70 47.36 51.92 -46.91
CA ASN A 70 48.00 50.62 -46.82
C ASN A 70 49.35 50.76 -46.12
N HIS A 71 49.49 50.05 -45.02
CA HIS A 71 50.70 50.04 -44.24
C HIS A 71 50.71 48.65 -43.65
N PRO A 72 51.84 47.93 -43.78
CA PRO A 72 51.88 46.70 -43.02
C PRO A 72 51.75 47.09 -41.55
N ASN A 73 51.15 46.23 -40.73
CA ASN A 73 50.71 46.57 -39.38
C ASN A 73 49.26 47.02 -39.32
N VAL A 74 48.73 47.55 -40.43
CA VAL A 74 47.32 47.99 -40.48
C VAL A 74 46.60 47.63 -41.79
N VAL A 75 45.75 46.62 -41.67
CA VAL A 75 45.00 46.03 -42.77
C VAL A 75 44.63 46.99 -43.89
N SER A 76 44.60 46.49 -45.13
CA SER A 76 44.00 47.22 -46.24
C SER A 76 42.84 46.46 -46.92
N ALA A 77 41.94 47.21 -47.57
CA ALA A 77 40.72 46.67 -48.14
C ALA A 77 40.94 45.93 -49.45
N ARG A 78 40.22 44.83 -49.64
CA ARG A 78 40.25 44.07 -50.89
C ARG A 78 39.22 44.57 -51.93
N GLU A 79 38.68 45.75 -51.66
CA GLU A 79 37.55 46.35 -52.41
C GLU A 79 36.20 45.65 -52.14
N VAL A 80 35.74 44.84 -53.08
CA VAL A 80 34.52 44.06 -52.92
C VAL A 80 34.69 42.76 -53.68
N PRO A 81 34.32 41.63 -53.08
CA PRO A 81 34.34 40.38 -53.83
C PRO A 81 33.24 40.40 -54.87
N ASP A 82 33.64 40.40 -56.15
CA ASP A 82 32.71 40.51 -57.30
C ASP A 82 31.72 39.35 -57.34
N GLY A 83 32.15 38.20 -56.82
CA GLY A 83 31.29 37.05 -56.62
C GLY A 83 30.41 37.22 -55.39
N LEU A 84 29.09 37.04 -55.61
CA LEU A 84 28.00 37.24 -54.62
C LEU A 84 27.66 38.71 -54.29
N GLN A 85 28.69 39.55 -54.10
CA GLN A 85 28.54 41.00 -53.97
C GLN A 85 27.44 41.45 -53.00
N LYS A 86 26.60 42.37 -53.46
CA LYS A 86 25.54 42.93 -52.67
C LYS A 86 24.51 41.90 -52.23
N LEU A 87 24.80 41.21 -51.13
CA LEU A 87 23.76 40.61 -50.30
C LEU A 87 23.42 41.65 -49.22
N ALA A 88 23.81 42.90 -49.50
CA ALA A 88 23.64 44.04 -48.60
C ALA A 88 22.30 44.76 -48.80
N PRO A 89 21.37 44.65 -47.82
CA PRO A 89 20.09 45.36 -47.92
C PRO A 89 20.24 46.84 -47.55
N ASN A 90 21.15 47.52 -48.24
CA ASN A 90 21.55 48.90 -47.94
C ASN A 90 21.38 49.92 -49.09
N ASP A 91 21.78 49.52 -50.31
CA ASP A 91 22.08 50.45 -51.39
C ASP A 91 23.30 51.31 -51.03
N LEU A 92 23.78 51.13 -49.78
CA LEU A 92 25.07 51.64 -49.31
C LEU A 92 26.11 50.55 -49.54
N PRO A 93 27.40 50.93 -49.71
CA PRO A 93 28.46 49.92 -49.91
C PRO A 93 28.67 48.99 -48.70
N LEU A 94 29.62 48.06 -48.85
CA LEU A 94 30.16 47.29 -47.72
C LEU A 94 31.68 47.52 -47.68
N LEU A 95 32.39 46.83 -46.80
CA LEU A 95 33.86 46.89 -46.79
C LEU A 95 34.49 45.53 -46.63
N ALA A 96 35.45 45.24 -47.51
CA ALA A 96 36.15 43.96 -47.51
C ALA A 96 37.62 44.15 -47.23
N MET A 97 38.07 43.54 -46.13
CA MET A 97 39.47 43.67 -45.69
C MET A 97 40.18 42.33 -45.78
N GLU A 98 41.51 42.37 -45.70
CA GLU A 98 42.31 41.16 -45.60
C GLU A 98 42.30 40.62 -44.17
N TYR A 99 41.43 39.63 -43.92
CA TYR A 99 41.29 39.02 -42.60
C TYR A 99 42.57 38.27 -42.21
N CYS A 100 43.04 38.52 -41.00
CA CYS A 100 44.29 37.93 -40.50
C CYS A 100 43.98 36.80 -39.52
N GLU A 101 44.82 35.77 -39.50
CA GLU A 101 44.58 34.56 -38.69
C GLU A 101 44.73 34.74 -37.18
N GLY A 102 43.86 34.03 -36.45
CA GLY A 102 43.70 34.07 -34.96
C GLY A 102 44.63 34.89 -34.06
N GLY A 103 44.56 36.21 -34.15
CA GLY A 103 45.46 37.10 -33.42
C GLY A 103 44.89 38.28 -32.63
N ASP A 104 43.58 38.34 -32.50
CA ASP A 104 42.91 39.32 -31.65
C ASP A 104 43.77 39.58 -30.40
N LEU A 105 44.54 40.67 -30.44
CA LEU A 105 45.57 40.94 -29.42
C LEU A 105 45.14 40.53 -28.03
N ARG A 106 43.86 40.67 -27.77
CA ARG A 106 43.33 40.20 -26.53
C ARG A 106 43.68 38.76 -26.48
N LYS A 107 42.92 37.94 -27.18
CA LYS A 107 43.16 36.50 -27.19
C LYS A 107 44.34 36.10 -26.32
N TYR A 108 45.56 36.47 -26.72
CA TYR A 108 46.76 36.13 -25.93
C TYR A 108 46.82 36.87 -24.59
N LEU A 109 46.49 38.16 -24.55
CA LEU A 109 46.60 38.91 -23.31
C LEU A 109 45.87 38.22 -22.17
N ASN A 110 44.82 37.51 -22.51
CA ASN A 110 44.18 36.62 -21.57
C ASN A 110 45.01 35.38 -21.50
N GLN A 111 45.62 35.03 -22.65
CA GLN A 111 46.17 33.69 -22.95
C GLN A 111 46.19 32.80 -21.76
N PHE A 112 46.95 33.19 -20.73
CA PHE A 112 46.87 32.44 -19.51
C PHE A 112 48.05 32.53 -18.62
N GLU A 113 49.19 32.81 -19.16
CA GLU A 113 50.37 32.70 -18.36
C GLU A 113 51.11 33.90 -18.78
N ASN A 114 50.34 34.78 -19.41
CA ASN A 114 50.79 36.13 -19.58
C ASN A 114 50.28 36.93 -18.41
N CYS A 115 49.44 36.30 -17.59
CA CYS A 115 49.14 36.85 -16.29
C CYS A 115 50.47 37.03 -15.60
N CYS A 116 50.78 38.29 -15.31
CA CYS A 116 52.08 38.72 -14.74
C CYS A 116 52.99 39.27 -15.81
N GLY A 117 52.45 39.31 -17.02
CA GLY A 117 53.11 39.92 -18.15
C GLY A 117 53.21 39.05 -19.37
N LEU A 118 53.49 39.69 -20.49
CA LEU A 118 53.74 39.00 -21.73
C LEU A 118 55.15 39.41 -22.21
N LYS A 119 56.17 39.25 -21.34
CA LYS A 119 57.58 39.68 -21.69
C LYS A 119 58.27 38.88 -22.79
N GLU A 120 58.12 39.41 -23.99
CA GLU A 120 58.66 38.75 -25.10
C GLU A 120 59.64 39.73 -25.71
N GLY A 121 59.16 40.84 -26.22
CA GLY A 121 59.83 41.38 -27.34
C GLY A 121 58.80 41.28 -28.47
N PRO A 122 58.06 40.16 -28.58
CA PRO A 122 56.63 40.37 -28.90
C PRO A 122 55.97 41.49 -28.07
N ILE A 123 56.69 42.00 -27.06
CA ILE A 123 56.49 43.37 -26.60
C ILE A 123 57.16 44.32 -27.60
N ARG A 124 58.44 44.03 -27.90
CA ARG A 124 59.34 44.78 -28.84
C ARG A 124 58.77 44.80 -30.27
N THR A 125 58.06 43.75 -30.66
CA THR A 125 57.36 43.78 -31.93
C THR A 125 56.23 44.76 -31.72
N LEU A 126 55.28 44.38 -30.90
CA LEU A 126 54.08 45.19 -30.70
C LEU A 126 54.42 46.64 -30.42
N LEU A 127 55.25 46.87 -29.41
CA LEU A 127 55.71 48.22 -29.16
C LEU A 127 56.22 48.91 -30.44
N SER A 128 56.83 48.14 -31.33
CA SER A 128 57.28 48.68 -32.61
C SER A 128 56.19 48.76 -33.67
N ASP A 129 55.66 47.60 -34.07
CA ASP A 129 54.64 47.52 -35.10
C ASP A 129 53.64 48.67 -35.03
N ILE A 130 52.96 48.75 -33.89
CA ILE A 130 51.95 49.77 -33.65
C ILE A 130 52.59 51.11 -33.79
N SER A 131 53.71 51.32 -33.09
CA SER A 131 54.38 52.60 -33.13
C SER A 131 54.57 53.05 -34.58
N SER A 132 54.70 52.09 -35.50
CA SER A 132 54.81 52.43 -36.91
C SER A 132 53.48 52.38 -37.69
N ALA A 133 52.44 51.82 -37.08
CA ALA A 133 51.10 51.93 -37.63
C ALA A 133 50.52 53.31 -37.28
N LEU A 134 50.65 53.73 -36.03
CA LEU A 134 50.21 55.04 -35.57
C LEU A 134 50.95 56.08 -36.38
N ARG A 135 52.26 55.92 -36.46
CA ARG A 135 53.09 56.61 -37.44
C ARG A 135 52.24 57.12 -38.58
N TYR A 136 51.92 56.17 -39.45
CA TYR A 136 51.26 56.37 -40.72
C TYR A 136 49.96 57.14 -40.60
N LEU A 137 49.40 57.15 -39.40
CA LEU A 137 48.10 57.76 -39.15
C LEU A 137 48.21 59.20 -38.68
N HIS A 138 49.33 59.56 -38.08
CA HIS A 138 49.58 60.96 -37.79
C HIS A 138 50.24 61.61 -39.01
N GLU A 139 50.41 60.78 -40.04
CA GLU A 139 50.95 61.21 -41.33
C GLU A 139 49.86 61.71 -42.20
N ASN A 140 48.72 61.06 -42.09
CA ASN A 140 47.54 61.43 -42.83
C ASN A 140 46.56 62.19 -41.90
N ARG A 141 47.11 62.63 -40.76
CA ARG A 141 46.38 63.29 -39.67
C ARG A 141 45.06 62.60 -39.33
N ILE A 142 45.13 61.29 -39.15
CA ILE A 142 43.98 60.48 -38.82
C ILE A 142 44.20 59.84 -37.45
N ILE A 143 43.79 60.55 -36.41
CA ILE A 143 43.83 60.05 -35.04
C ILE A 143 42.90 58.86 -34.92
N HIS A 144 43.41 57.71 -34.47
CA HIS A 144 42.62 56.48 -34.36
C HIS A 144 41.56 56.61 -33.30
N ARG A 145 41.85 57.54 -32.38
CA ARG A 145 41.07 57.82 -31.17
C ARG A 145 41.12 56.68 -30.18
N ASP A 146 40.30 55.65 -30.38
CA ASP A 146 40.36 54.49 -29.48
C ASP A 146 41.56 53.60 -29.82
N LEU A 147 41.81 52.65 -28.95
CA LEU A 147 42.89 51.70 -29.08
C LEU A 147 42.72 50.80 -27.85
N LYS A 148 42.75 49.51 -28.13
CA LYS A 148 42.24 48.50 -27.24
C LYS A 148 43.10 47.29 -27.52
N PRO A 149 42.91 46.19 -26.80
CA PRO A 149 43.53 45.01 -27.37
C PRO A 149 42.76 44.48 -28.57
N GLU A 150 41.44 44.71 -28.62
CA GLU A 150 40.58 43.94 -29.54
C GLU A 150 40.43 44.56 -30.92
N ASN A 151 41.36 45.42 -31.29
CA ASN A 151 41.43 45.93 -32.66
C ASN A 151 42.70 45.46 -33.35
N ILE A 152 43.57 44.77 -32.60
CA ILE A 152 44.86 44.35 -33.09
C ILE A 152 44.99 42.84 -33.18
N VAL A 153 45.57 42.40 -34.29
CA VAL A 153 45.73 40.98 -34.56
C VAL A 153 47.17 40.54 -34.84
N LEU A 154 47.77 39.89 -33.83
CA LEU A 154 49.03 39.17 -33.98
C LEU A 154 48.80 37.92 -34.86
N GLN A 155 49.13 38.05 -36.13
CA GLN A 155 48.98 36.97 -37.11
C GLN A 155 50.35 36.47 -37.56
N PRO A 156 50.51 35.12 -37.69
CA PRO A 156 51.77 34.52 -38.15
C PRO A 156 52.41 35.18 -39.40
N GLY A 157 53.71 35.50 -39.30
CA GLY A 157 54.41 36.23 -40.35
C GLY A 157 55.48 35.45 -41.09
N PRO A 158 55.79 35.86 -42.34
CA PRO A 158 56.84 35.22 -43.14
C PRO A 158 58.18 35.16 -42.40
N GLN A 159 58.32 35.91 -41.32
CA GLN A 159 59.53 35.85 -40.49
C GLN A 159 59.24 35.82 -39.00
N ARG A 160 58.66 36.90 -38.47
CA ARG A 160 58.54 37.10 -37.01
C ARG A 160 57.23 37.79 -36.52
N LEU A 161 56.10 37.09 -36.63
CA LEU A 161 54.78 37.56 -36.14
C LEU A 161 54.45 39.01 -36.52
N ILE A 162 53.79 39.17 -37.66
CA ILE A 162 53.28 40.49 -38.04
C ILE A 162 51.95 40.68 -37.34
N HIS A 163 51.77 41.82 -36.68
CA HIS A 163 50.44 42.15 -36.15
C HIS A 163 49.79 43.40 -36.72
N LYS A 164 48.49 43.24 -36.98
CA LYS A 164 47.71 44.21 -37.72
C LYS A 164 46.53 44.77 -36.92
N ILE A 165 46.33 46.09 -37.05
CA ILE A 165 45.23 46.80 -36.42
C ILE A 165 44.01 46.90 -37.37
N ILE A 166 43.03 46.03 -37.09
CA ILE A 166 41.81 45.79 -37.90
C ILE A 166 40.69 46.80 -37.52
N ASP A 167 39.44 46.46 -37.91
CA ASP A 167 38.12 47.02 -37.44
C ASP A 167 37.90 48.57 -37.27
N LEU A 168 38.93 49.31 -36.84
CA LEU A 168 38.60 50.61 -36.27
C LEU A 168 38.88 51.83 -37.12
N GLY A 169 37.91 52.73 -37.06
CA GLY A 169 37.97 54.05 -37.68
C GLY A 169 36.93 54.92 -36.99
N TYR A 170 37.16 55.19 -35.71
CA TYR A 170 36.39 56.19 -34.96
C TYR A 170 37.21 57.43 -35.09
N ALA A 171 37.53 57.75 -36.33
CA ALA A 171 38.83 58.34 -36.62
C ALA A 171 38.84 59.81 -37.03
N LYS A 172 38.34 60.67 -36.13
CA LYS A 172 38.60 62.12 -36.11
C LYS A 172 39.61 62.67 -37.16
N GLU A 173 39.45 62.26 -38.41
CA GLU A 173 40.36 62.66 -39.48
C GLU A 173 40.31 64.16 -39.70
N LEU A 174 41.36 64.85 -39.27
CA LEU A 174 41.44 66.29 -39.45
C LEU A 174 40.96 66.66 -40.86
N ASP A 175 40.25 67.79 -40.90
CA ASP A 175 39.72 68.39 -42.13
C ASP A 175 38.39 67.81 -42.56
N GLN A 176 38.29 66.50 -42.61
CA GLN A 176 36.99 65.89 -42.88
C GLN A 176 36.26 65.39 -41.62
N GLY A 177 36.20 66.28 -40.62
CA GLY A 177 35.48 66.05 -39.36
C GLY A 177 35.83 64.76 -38.63
N GLU A 178 34.99 64.40 -37.68
CA GLU A 178 35.13 63.11 -37.02
C GLU A 178 34.39 62.05 -37.81
N LEU A 179 34.59 60.79 -37.44
CA LEU A 179 33.67 59.73 -37.80
C LEU A 179 32.88 59.45 -36.52
N CYS A 180 31.67 58.95 -36.67
CA CYS A 180 30.79 58.49 -35.54
C CYS A 180 30.77 59.24 -34.20
N THR A 181 31.65 58.88 -33.26
CA THR A 181 31.50 59.17 -31.80
C THR A 181 30.45 58.18 -31.29
N GLU A 182 30.50 56.99 -31.86
CA GLU A 182 29.62 55.90 -31.50
C GLU A 182 29.84 55.39 -30.07
N PHE A 183 31.06 55.55 -29.53
CA PHE A 183 31.34 55.26 -28.08
C PHE A 183 31.29 53.75 -27.71
N VAL A 184 31.26 52.84 -28.69
CA VAL A 184 30.61 51.52 -28.48
C VAL A 184 31.08 50.54 -27.34
N GLY A 185 31.80 49.47 -27.69
CA GLY A 185 31.98 48.26 -26.84
C GLY A 185 32.61 48.38 -25.46
N THR A 186 33.92 48.11 -25.36
CA THR A 186 34.66 48.20 -24.09
C THR A 186 35.38 49.50 -23.99
N LEU A 187 34.80 50.38 -23.20
CA LEU A 187 35.37 51.70 -22.96
C LEU A 187 36.64 51.60 -22.14
N GLN A 188 36.69 50.53 -21.36
CA GLN A 188 37.60 50.34 -20.25
C GLN A 188 39.00 51.02 -20.38
N TYR A 189 39.38 51.47 -21.61
CA TYR A 189 40.76 51.99 -22.03
C TYR A 189 41.00 53.48 -22.30
N LEU A 190 40.17 54.13 -23.11
CA LEU A 190 40.53 55.46 -23.68
C LEU A 190 40.91 56.65 -22.72
N ALA A 191 41.14 57.85 -23.25
CA ALA A 191 41.75 58.92 -22.46
C ALA A 191 40.85 60.13 -22.32
N PRO A 192 40.88 60.82 -21.14
CA PRO A 192 40.01 61.95 -20.88
C PRO A 192 38.92 62.27 -21.92
N GLU A 193 38.06 61.26 -22.09
CA GLU A 193 36.72 61.33 -22.70
C GLU A 193 35.77 61.16 -21.58
N LEU A 194 35.94 62.01 -20.57
CA LEU A 194 34.85 62.43 -19.74
C LEU A 194 34.00 63.00 -20.90
N LEU A 195 33.01 62.18 -21.34
CA LEU A 195 32.38 62.26 -22.68
C LEU A 195 32.61 63.61 -23.39
N GLU A 196 33.53 63.60 -24.33
CA GLU A 196 33.89 64.73 -25.20
C GLU A 196 35.06 65.56 -24.67
N GLN A 197 34.87 66.84 -24.37
CA GLN A 197 35.98 67.82 -24.25
C GLN A 197 36.63 68.09 -25.61
N LYS A 198 37.42 69.15 -25.65
CA LYS A 198 37.90 69.72 -26.90
C LYS A 198 39.25 69.14 -27.27
N LYS A 199 39.86 68.45 -26.32
CA LYS A 199 41.23 67.98 -26.47
C LYS A 199 41.32 66.67 -27.28
N TYR A 200 40.50 66.51 -28.33
CA TYR A 200 40.68 65.41 -29.27
C TYR A 200 41.98 65.63 -30.02
N THR A 201 43.05 66.06 -29.29
CA THR A 201 44.42 66.26 -29.86
C THR A 201 45.11 64.92 -30.09
N VAL A 202 45.94 64.87 -31.11
CA VAL A 202 46.77 63.73 -31.34
C VAL A 202 46.94 62.88 -30.05
N THR A 203 47.45 63.54 -29.01
CA THR A 203 47.73 63.05 -27.63
C THR A 203 47.01 61.79 -27.14
N VAL A 204 45.78 61.63 -27.57
CA VAL A 204 44.90 60.67 -26.95
C VAL A 204 45.13 59.24 -27.51
N ASP A 205 45.83 59.15 -28.63
CA ASP A 205 46.34 57.88 -29.04
C ASP A 205 47.45 57.49 -28.07
N TYR A 206 48.41 58.40 -27.87
CA TYR A 206 49.62 58.13 -27.08
C TYR A 206 49.26 57.54 -25.72
N TRP A 207 48.21 58.09 -25.12
CA TRP A 207 47.69 57.54 -23.88
C TRP A 207 47.26 56.06 -24.02
N SER A 208 46.35 55.76 -24.96
CA SER A 208 45.76 54.42 -25.01
C SER A 208 46.83 53.35 -25.27
N PHE A 209 47.65 53.62 -26.29
CA PHE A 209 48.83 52.85 -26.64
C PHE A 209 49.64 52.53 -25.39
N GLY A 210 49.98 53.60 -24.66
CA GLY A 210 50.77 53.50 -23.43
C GLY A 210 50.25 52.44 -22.47
N THR A 211 49.01 52.61 -22.04
CA THR A 211 48.46 51.60 -21.16
C THR A 211 48.45 50.26 -21.91
N LEU A 212 47.81 50.24 -23.08
CA LEU A 212 47.83 49.07 -23.95
C LEU A 212 49.18 48.34 -23.83
N ALA A 213 50.22 49.15 -23.94
CA ALA A 213 51.56 48.70 -23.79
C ALA A 213 51.73 48.23 -22.36
N PHE A 214 51.56 49.14 -21.38
CA PHE A 214 51.72 48.77 -20.01
C PHE A 214 51.11 47.37 -19.81
N GLU A 215 49.79 47.35 -19.73
CA GLU A 215 49.02 46.14 -19.83
C GLU A 215 49.77 44.94 -20.44
N CYS A 216 50.39 45.17 -21.57
CA CYS A 216 51.07 44.08 -22.27
C CYS A 216 52.29 43.66 -21.54
N ILE A 217 53.00 44.62 -20.95
CA ILE A 217 54.23 44.31 -20.20
C ILE A 217 53.89 43.41 -19.03
N THR A 218 52.83 43.77 -18.35
CA THR A 218 52.58 43.35 -17.00
C THR A 218 51.28 42.60 -16.94
N GLY A 219 50.19 43.39 -16.81
CA GLY A 219 48.80 42.93 -16.78
C GLY A 219 47.77 43.93 -16.29
N PHE A 220 48.07 45.23 -16.19
CA PHE A 220 47.06 46.22 -15.70
C PHE A 220 46.94 47.50 -16.54
N ARG A 221 47.06 48.67 -15.87
CA ARG A 221 47.09 50.04 -16.43
C ARG A 221 47.07 50.90 -15.18
N PRO A 222 46.91 52.27 -15.30
CA PRO A 222 46.86 53.17 -14.08
C PRO A 222 45.87 52.62 -13.07
N PHE A 223 44.79 52.04 -13.60
CA PHE A 223 44.18 50.74 -13.12
C PHE A 223 42.74 50.38 -13.56
N LEU A 224 42.47 49.08 -13.76
CA LEU A 224 41.11 48.70 -14.11
C LEU A 224 40.45 47.52 -13.39
N PRO A 225 40.87 47.27 -12.14
CA PRO A 225 39.69 46.98 -11.32
C PRO A 225 39.30 48.42 -10.95
N ASN A 226 38.15 48.66 -10.31
CA ASN A 226 37.43 49.97 -10.34
C ASN A 226 36.98 50.04 -11.80
N TRP A 227 36.80 51.26 -12.30
CA TRP A 227 36.24 51.44 -13.63
C TRP A 227 36.58 52.79 -14.29
N GLN A 228 35.77 53.22 -15.25
CA GLN A 228 35.93 54.47 -15.94
C GLN A 228 35.58 55.73 -15.07
N PRO A 229 34.28 56.11 -14.90
CA PRO A 229 34.03 57.31 -14.11
C PRO A 229 34.38 57.02 -12.66
N VAL A 230 34.74 55.76 -12.41
CA VAL A 230 35.26 55.35 -11.11
C VAL A 230 36.73 55.83 -10.93
N GLN A 231 37.49 55.94 -12.03
CA GLN A 231 38.80 56.59 -12.03
C GLN A 231 38.70 58.09 -11.88
N TRP A 232 38.62 58.88 -12.96
CA TRP A 232 38.88 60.32 -12.89
C TRP A 232 39.57 60.78 -11.60
N HIS A 233 39.56 59.95 -10.56
CA HIS A 233 40.38 60.17 -9.37
C HIS A 233 41.61 59.32 -9.50
N GLY A 234 41.49 58.26 -10.29
CA GLY A 234 42.64 57.68 -10.95
C GLY A 234 43.62 58.79 -11.24
N LYS A 235 43.18 59.83 -11.97
CA LYS A 235 43.99 61.01 -12.30
C LYS A 235 44.35 61.87 -11.09
N VAL A 236 44.59 61.14 -9.98
CA VAL A 236 45.34 61.54 -8.79
C VAL A 236 45.01 62.90 -8.27
N ARG A 237 44.76 62.95 -6.94
CA ARG A 237 44.69 64.19 -6.14
C ARG A 237 46.02 64.47 -5.40
N ILE A 244 49.93 62.21 -9.43
CA ILE A 244 49.36 62.11 -10.77
C ILE A 244 50.34 61.30 -11.63
N VAL A 245 51.55 61.86 -11.76
CA VAL A 245 52.75 61.15 -12.23
C VAL A 245 53.37 60.48 -10.98
N VAL A 246 52.67 59.48 -10.40
CA VAL A 246 53.04 58.76 -9.14
C VAL A 246 52.65 57.28 -9.31
N TYR A 247 52.50 56.54 -8.19
CA TYR A 247 51.69 55.25 -8.09
C TYR A 247 50.92 55.12 -6.71
N ASP A 248 49.91 54.23 -6.64
CA ASP A 248 48.80 54.48 -5.72
C ASP A 248 48.42 53.49 -4.60
N ASP A 249 47.11 53.47 -4.35
CA ASP A 249 46.53 53.21 -3.03
C ASP A 249 45.81 51.88 -2.93
N LEU A 250 45.54 51.46 -1.68
CA LEU A 250 45.00 50.12 -1.37
C LEU A 250 43.68 50.16 -0.60
N THR A 251 43.57 49.14 0.24
CA THR A 251 42.56 48.90 1.27
C THR A 251 43.19 47.70 2.03
N GLY A 252 42.67 46.49 1.79
CA GLY A 252 43.42 45.28 2.06
C GLY A 252 44.58 45.41 1.11
N ALA A 253 44.86 44.37 0.35
CA ALA A 253 45.83 44.51 -0.71
C ALA A 253 45.07 44.81 -2.00
N VAL A 254 45.21 46.04 -2.53
CA VAL A 254 44.76 46.43 -3.90
C VAL A 254 45.58 47.66 -4.25
N LYS A 255 45.90 47.92 -5.53
CA LYS A 255 46.95 48.96 -5.92
C LYS A 255 46.90 49.51 -7.37
N PHE A 256 47.18 50.78 -7.60
CA PHE A 256 46.72 51.32 -8.87
C PHE A 256 47.55 52.42 -9.51
N SER A 257 48.40 51.99 -10.48
CA SER A 257 49.88 52.33 -10.49
C SER A 257 50.71 52.65 -11.73
N SER A 258 51.56 53.64 -11.52
CA SER A 258 52.55 54.03 -12.50
C SER A 258 53.68 54.93 -11.92
N VAL A 259 54.52 54.30 -11.05
CA VAL A 259 56.01 54.58 -10.83
C VAL A 259 56.91 53.31 -10.94
N LEU A 260 56.51 52.24 -10.27
CA LEU A 260 57.33 51.03 -10.18
C LEU A 260 56.67 49.77 -10.80
N PRO A 261 56.90 49.52 -12.11
CA PRO A 261 56.16 48.57 -12.96
C PRO A 261 56.19 47.10 -12.64
N THR A 262 56.16 46.71 -11.36
CA THR A 262 55.55 45.41 -10.89
C THR A 262 56.41 44.02 -10.95
N PRO A 263 55.92 42.82 -10.51
CA PRO A 263 56.62 41.52 -10.75
C PRO A 263 56.32 40.74 -12.06
N ASN A 264 56.71 41.38 -13.18
CA ASN A 264 56.54 41.01 -14.61
C ASN A 264 57.60 40.04 -15.09
N HIS A 265 57.74 39.80 -16.40
CA HIS A 265 58.99 39.09 -16.82
C HIS A 265 59.86 39.71 -17.89
N LEU A 266 60.15 41.01 -17.80
CA LEU A 266 60.96 41.77 -18.82
C LEU A 266 62.48 41.68 -18.69
N SER A 267 63.19 42.35 -19.61
CA SER A 267 64.64 42.54 -19.48
C SER A 267 64.99 43.38 -18.24
N GLY A 268 66.04 42.98 -17.51
CA GLY A 268 66.59 43.77 -16.42
C GLY A 268 66.66 45.23 -16.81
N ILE A 269 67.24 45.50 -17.98
CA ILE A 269 67.36 46.90 -18.41
C ILE A 269 66.17 47.50 -19.17
N LEU A 270 65.05 46.80 -19.20
CA LEU A 270 63.84 47.42 -19.78
C LEU A 270 62.85 48.05 -18.74
N ALA A 271 62.97 47.70 -17.47
CA ALA A 271 62.55 48.65 -16.45
C ALA A 271 63.12 49.99 -16.98
N GLY A 272 64.33 49.94 -17.54
CA GLY A 272 65.01 51.07 -18.19
C GLY A 272 64.20 51.93 -19.14
N LYS A 273 63.53 51.31 -20.12
CA LYS A 273 62.44 52.00 -20.81
C LYS A 273 61.31 52.29 -19.83
N LEU A 274 60.60 51.21 -19.46
CA LEU A 274 59.26 51.29 -18.89
C LEU A 274 59.06 52.58 -18.10
N GLU A 275 59.51 52.52 -16.86
CA GLU A 275 59.24 53.50 -15.85
C GLU A 275 59.51 54.92 -16.33
N ARG A 276 60.34 55.03 -17.36
CA ARG A 276 60.65 56.33 -17.93
C ARG A 276 60.08 56.51 -19.34
N TRP A 277 59.67 55.44 -19.97
CA TRP A 277 58.89 55.69 -21.13
C TRP A 277 57.51 55.94 -20.64
N LEU A 278 56.82 54.86 -20.31
CA LEU A 278 55.44 54.93 -19.89
C LEU A 278 55.10 56.13 -18.95
N GLN A 279 56.02 56.53 -18.06
CA GLN A 279 55.83 57.72 -17.19
C GLN A 279 55.58 58.98 -18.02
N CYS A 280 55.60 58.81 -19.34
CA CYS A 280 55.55 59.92 -20.24
C CYS A 280 54.48 59.70 -21.28
N MET A 281 54.28 58.43 -21.59
CA MET A 281 53.24 58.02 -22.50
C MET A 281 51.87 57.92 -21.84
N LEU A 282 51.84 58.05 -20.52
CA LEU A 282 50.61 57.94 -19.74
C LEU A 282 50.21 59.25 -19.10
N MET A 283 49.82 60.19 -19.96
CA MET A 283 49.34 61.52 -19.53
C MET A 283 48.27 62.22 -20.46
N TRP A 284 48.00 63.48 -20.08
CA TRP A 284 46.83 64.29 -20.45
C TRP A 284 47.14 65.65 -21.13
N HIS A 285 46.24 66.11 -22.00
CA HIS A 285 46.35 67.44 -22.67
C HIS A 285 47.35 67.40 -23.82
N GLN A 286 48.63 67.45 -23.45
CA GLN A 286 49.77 67.50 -24.38
C GLN A 286 50.88 66.47 -24.04
N ARG A 287 50.50 65.19 -24.01
CA ARG A 287 51.43 64.06 -23.88
C ARG A 287 51.24 63.03 -24.99
N THR A 291 57.02 65.74 -25.25
CA THR A 291 56.60 65.21 -23.95
C THR A 291 57.73 65.08 -22.90
N ASP A 292 58.78 64.29 -23.15
CA ASP A 292 59.91 64.12 -22.20
C ASP A 292 60.77 65.40 -22.05
N PRO A 293 60.64 66.10 -20.90
CA PRO A 293 60.95 67.55 -20.79
C PRO A 293 62.44 67.91 -20.75
N GLN A 294 63.29 66.99 -21.19
CA GLN A 294 64.71 67.28 -21.38
C GLN A 294 64.95 67.77 -22.79
N ASN A 295 63.92 67.71 -23.63
CA ASN A 295 64.08 67.88 -25.06
C ASN A 295 62.76 67.96 -25.81
N PRO A 296 62.78 68.50 -27.03
CA PRO A 296 61.73 68.17 -28.00
C PRO A 296 62.15 67.03 -28.96
N ASN A 297 61.86 65.78 -28.56
CA ASN A 297 62.15 64.58 -29.37
C ASN A 297 60.99 64.22 -30.33
N VAL A 298 60.64 62.93 -30.38
CA VAL A 298 59.35 62.46 -30.93
C VAL A 298 58.60 61.56 -29.93
N GLY A 299 57.33 61.89 -29.70
CA GLY A 299 56.44 61.21 -28.76
C GLY A 299 56.69 59.72 -28.65
N CYS A 300 55.99 58.93 -29.46
CA CYS A 300 56.35 57.53 -29.52
C CYS A 300 57.70 57.39 -30.22
N PHE A 301 57.70 57.51 -31.54
CA PHE A 301 58.85 57.19 -32.40
C PHE A 301 60.21 57.33 -31.77
N GLN A 302 60.81 58.51 -31.91
CA GLN A 302 62.20 58.65 -31.57
C GLN A 302 62.55 57.92 -30.27
N ALA A 303 61.93 58.33 -29.16
CA ALA A 303 62.25 57.77 -27.84
C ALA A 303 62.12 56.25 -27.80
N LEU A 304 60.95 55.76 -28.20
CA LEU A 304 60.64 54.34 -28.17
C LEU A 304 61.55 53.56 -29.11
N ASP A 305 61.84 54.13 -30.27
CA ASP A 305 62.68 53.47 -31.27
C ASP A 305 64.10 53.27 -30.77
N SER A 306 64.69 54.33 -30.21
CA SER A 306 66.02 54.27 -29.60
C SER A 306 66.02 53.38 -28.36
N ILE A 307 64.90 53.42 -27.63
CA ILE A 307 64.71 52.56 -26.50
C ILE A 307 64.38 51.13 -26.96
N LEU A 308 63.98 50.98 -28.23
CA LEU A 308 63.64 49.65 -28.77
C LEU A 308 64.80 48.96 -29.47
N SER A 309 65.59 49.73 -30.24
CA SER A 309 66.85 49.24 -30.81
C SER A 309 67.86 49.17 -29.65
N LEU A 310 69.10 49.56 -29.89
CA LEU A 310 70.19 49.25 -28.96
C LEU A 310 70.47 47.80 -29.05
N LYS A 311 71.76 47.59 -29.15
CA LYS A 311 72.05 46.22 -29.28
C LYS A 311 72.60 45.72 -27.99
N LEU A 312 72.02 44.62 -27.53
CA LEU A 312 72.25 44.21 -26.15
C LEU A 312 72.97 42.88 -26.02
N LEU A 313 74.20 42.97 -25.55
CA LEU A 313 74.85 41.80 -25.06
C LEU A 313 74.71 41.70 -23.57
N SER A 314 74.95 40.50 -23.11
CA SER A 314 74.50 40.05 -21.85
C SER A 314 75.40 38.89 -21.59
N VAL A 315 76.16 38.98 -20.49
CA VAL A 315 77.14 37.96 -20.23
C VAL A 315 76.86 37.43 -18.85
N MET A 316 76.42 36.18 -18.80
CA MET A 316 76.31 35.47 -17.57
C MET A 316 77.66 35.59 -16.89
N ASN A 317 77.70 35.26 -15.61
CA ASN A 317 78.96 35.18 -14.91
C ASN A 317 79.34 33.76 -14.58
N MET A 318 78.89 33.29 -13.41
CA MET A 318 79.29 32.00 -12.85
C MET A 318 80.06 32.20 -11.56
N VAL A 319 80.86 33.25 -11.51
CA VAL A 319 81.13 33.86 -10.25
C VAL A 319 79.73 34.40 -9.85
N SER A 320 79.04 33.62 -9.02
CA SER A 320 77.54 33.54 -8.90
C SER A 320 76.65 34.76 -9.19
N GLY A 321 77.29 35.92 -9.39
CA GLY A 321 76.61 37.16 -9.77
C GLY A 321 75.84 37.01 -11.04
N ARG A 322 75.37 35.78 -11.27
CA ARG A 322 74.57 35.45 -12.42
C ARG A 322 74.89 36.41 -13.56
N VAL A 323 74.01 37.36 -13.87
CA VAL A 323 74.17 38.06 -15.15
C VAL A 323 74.86 39.40 -15.08
N HIS A 324 75.07 39.96 -16.27
CA HIS A 324 75.51 41.33 -16.52
C HIS A 324 75.05 41.56 -17.94
N THR A 325 74.65 42.79 -18.27
CA THR A 325 74.23 43.12 -19.65
C THR A 325 74.83 44.44 -20.12
N TYR A 326 75.20 44.53 -21.39
CA TYR A 326 75.86 45.70 -21.89
C TYR A 326 75.31 46.13 -23.24
N PRO A 327 75.17 47.44 -23.44
CA PRO A 327 74.75 48.11 -24.67
C PRO A 327 75.93 48.28 -25.63
N VAL A 328 75.84 47.75 -26.84
CA VAL A 328 77.04 47.69 -27.70
C VAL A 328 76.86 48.21 -29.15
N THR A 329 77.74 49.12 -29.56
CA THR A 329 77.78 49.60 -30.94
C THR A 329 78.49 48.58 -31.84
N GLU A 330 78.11 48.49 -33.11
CA GLU A 330 78.87 47.69 -34.09
C GLU A 330 80.18 48.43 -34.42
N ASN A 331 81.14 48.33 -33.49
CA ASN A 331 82.26 49.24 -33.39
C ASN A 331 83.09 48.99 -32.13
N GLU A 332 82.86 47.86 -31.48
CA GLU A 332 83.54 47.49 -30.25
C GLU A 332 83.77 45.97 -30.32
N ASN A 333 84.82 45.47 -29.68
CA ASN A 333 85.10 44.02 -29.69
C ASN A 333 85.39 43.44 -28.30
N LEU A 334 85.99 42.25 -28.28
CA LEU A 334 86.25 41.52 -27.02
C LEU A 334 86.86 42.39 -25.93
N GLN A 335 88.16 42.65 -26.01
CA GLN A 335 88.83 43.36 -24.92
C GLN A 335 88.14 44.69 -24.48
N ASN A 336 87.25 45.23 -25.31
CA ASN A 336 86.41 46.33 -24.87
C ASN A 336 85.66 45.80 -23.68
N LEU A 337 84.89 44.75 -23.92
CA LEU A 337 84.08 44.01 -22.95
C LEU A 337 84.95 43.56 -21.78
N LYS A 338 85.95 42.76 -22.11
CA LYS A 338 86.86 42.19 -21.12
C LYS A 338 87.13 43.21 -20.02
N SER A 339 87.45 44.44 -20.44
CA SER A 339 87.70 45.53 -19.51
C SER A 339 86.44 45.77 -18.72
N TRP A 340 85.40 46.22 -19.39
CA TRP A 340 84.24 46.60 -18.65
C TRP A 340 83.56 45.39 -17.97
N LEU A 341 84.12 44.19 -18.19
CA LEU A 341 83.64 42.98 -17.52
C LEU A 341 84.36 42.77 -16.19
N GLN A 342 85.65 43.09 -16.19
CA GLN A 342 86.45 43.10 -14.97
C GLN A 342 86.03 44.34 -14.22
N GLN A 343 85.69 45.37 -15.00
CA GLN A 343 85.28 46.64 -14.47
C GLN A 343 84.28 46.44 -13.36
N ASP A 344 83.39 45.48 -13.59
CA ASP A 344 82.32 45.17 -12.65
C ASP A 344 82.65 43.94 -11.77
N THR A 345 83.24 42.90 -12.37
CA THR A 345 83.59 41.69 -11.61
C THR A 345 84.97 41.80 -11.00
N GLY A 346 85.93 42.23 -11.80
CA GLY A 346 87.27 42.45 -11.31
C GLY A 346 88.19 41.26 -11.47
N ILE A 347 87.66 40.16 -11.97
CA ILE A 347 88.52 39.05 -12.38
C ILE A 347 88.93 39.38 -13.85
N PRO A 348 90.13 40.01 -14.03
CA PRO A 348 90.63 40.64 -15.27
C PRO A 348 91.04 39.67 -16.39
N GLU A 349 90.99 40.16 -17.63
CA GLU A 349 91.16 39.32 -18.87
C GLU A 349 91.91 38.01 -18.75
N GLU A 350 93.09 38.05 -18.13
CA GLU A 350 93.90 36.86 -17.93
C GLU A 350 93.36 35.98 -16.76
N GLU A 351 92.10 35.59 -16.92
CA GLU A 351 91.37 34.63 -16.09
C GLU A 351 89.91 34.67 -16.55
N GLN A 352 89.73 35.09 -17.80
CA GLN A 352 88.41 35.36 -18.36
C GLN A 352 88.03 34.41 -19.49
N GLU A 353 87.10 33.53 -19.17
CA GLU A 353 86.64 32.55 -20.14
C GLU A 353 85.31 32.93 -20.74
N LEU A 354 85.38 33.57 -21.90
CA LEU A 354 84.18 34.02 -22.59
C LEU A 354 83.77 33.00 -23.63
N LEU A 355 82.65 32.34 -23.40
CA LEU A 355 82.27 31.18 -24.22
C LEU A 355 80.90 31.38 -24.88
N GLN A 356 80.91 32.06 -26.03
CA GLN A 356 79.70 32.22 -26.85
C GLN A 356 79.07 30.86 -27.08
N ALA A 357 77.76 30.78 -26.85
CA ALA A 357 77.04 29.50 -26.80
C ALA A 357 77.76 28.49 -25.89
N SER A 358 77.59 27.22 -26.21
CA SER A 358 78.50 26.21 -25.75
C SER A 358 79.52 25.94 -26.85
N GLY A 359 79.08 26.16 -28.08
CA GLY A 359 79.96 26.02 -29.24
C GLY A 359 80.94 27.17 -29.30
N LEU A 360 82.19 26.88 -28.92
CA LEU A 360 83.34 27.77 -29.13
C LEU A 360 83.92 28.37 -27.87
N ALA A 361 84.87 29.27 -28.12
CA ALA A 361 85.24 30.34 -27.25
C ALA A 361 85.02 31.62 -28.05
N LEU A 362 85.33 32.76 -27.46
CA LEU A 362 84.98 34.03 -28.09
C LEU A 362 85.95 34.53 -29.15
N ASN A 363 85.52 34.35 -30.41
CA ASN A 363 86.25 34.81 -31.57
C ASN A 363 86.30 36.34 -31.65
N SER A 364 87.18 36.96 -30.87
CA SER A 364 87.29 38.42 -30.79
C SER A 364 87.53 39.07 -32.16
N ALA A 365 87.40 38.27 -33.22
CA ALA A 365 87.47 38.74 -34.60
C ALA A 365 86.42 39.82 -34.84
N GLN A 366 85.19 39.38 -35.05
CA GLN A 366 84.01 40.22 -35.26
C GLN A 366 83.81 41.31 -34.18
N PRO A 367 83.12 42.41 -34.54
CA PRO A 367 82.62 43.33 -33.48
C PRO A 367 81.52 42.65 -32.64
N LEU A 368 81.05 43.32 -31.57
CA LEU A 368 80.14 42.69 -30.59
C LEU A 368 78.71 42.47 -31.09
N THR A 369 78.40 43.02 -32.25
CA THR A 369 77.07 43.00 -32.79
C THR A 369 76.78 41.76 -33.65
N GLN A 370 77.75 40.88 -33.75
CA GLN A 370 77.50 39.59 -34.37
C GLN A 370 77.05 38.64 -33.29
N TYR A 371 77.34 39.02 -32.05
CA TYR A 371 77.03 38.21 -30.88
C TYR A 371 75.72 38.64 -30.21
N VAL A 372 75.03 39.62 -30.81
CA VAL A 372 73.79 40.22 -30.27
C VAL A 372 72.60 39.24 -30.23
N ILE A 373 71.83 39.18 -31.32
CA ILE A 373 70.54 38.45 -31.43
C ILE A 373 69.58 38.60 -30.25
N ASP A 374 68.41 39.17 -30.52
CA ASP A 374 67.35 39.44 -29.50
C ASP A 374 65.96 39.45 -30.15
N CYS A 375 64.94 39.13 -29.35
CA CYS A 375 63.58 39.55 -29.67
C CYS A 375 62.65 38.60 -30.41
N THR A 376 63.15 37.87 -31.41
CA THR A 376 62.26 37.31 -32.44
C THR A 376 62.64 35.93 -33.08
N VAL A 377 61.84 34.89 -32.85
CA VAL A 377 61.97 33.60 -33.58
C VAL A 377 60.91 33.52 -34.68
N GLY A 385 71.16 30.32 -26.20
CA GLY A 385 72.13 31.24 -26.80
C GLY A 385 72.49 32.43 -25.91
N ASP A 386 73.75 32.41 -25.44
CA ASP A 386 74.32 33.50 -24.63
C ASP A 386 75.67 33.26 -23.90
N LEU A 387 76.59 34.22 -24.08
CA LEU A 387 77.96 34.21 -23.55
C LEU A 387 78.05 34.01 -22.08
N ILE A 388 78.07 32.75 -21.64
CA ILE A 388 78.42 32.43 -20.26
C ILE A 388 79.92 32.81 -20.13
N PHE A 389 80.55 32.54 -18.97
CA PHE A 389 81.78 33.26 -18.66
C PHE A 389 82.43 32.90 -17.30
N LEU A 390 83.66 32.36 -17.33
CA LEU A 390 84.31 31.82 -16.12
C LEU A 390 85.67 32.41 -15.72
N PHE A 391 86.21 31.87 -14.62
CA PHE A 391 87.09 32.60 -13.67
C PHE A 391 88.56 32.17 -13.51
N ASP A 392 88.91 31.02 -14.09
CA ASP A 392 90.22 30.34 -13.98
C ASP A 392 90.71 30.01 -12.55
N ASN A 393 89.95 29.15 -11.83
CA ASN A 393 90.23 28.79 -10.43
C ASN A 393 89.69 27.45 -9.90
N ARG A 394 89.70 27.30 -8.58
CA ARG A 394 89.10 26.16 -7.92
C ARG A 394 87.73 26.53 -7.41
N LYS A 395 86.71 25.92 -8.04
CA LYS A 395 85.23 26.18 -7.82
C LYS A 395 84.68 27.63 -7.81
N ILE A 402 81.71 28.49 -5.72
CA ILE A 402 81.20 28.14 -4.38
C ILE A 402 79.68 28.33 -4.26
N SER A 403 78.95 27.98 -5.32
CA SER A 403 77.52 28.28 -5.45
C SER A 403 77.10 29.73 -5.12
N LEU A 404 75.85 29.88 -4.71
CA LEU A 404 75.23 31.13 -4.22
C LEU A 404 73.85 31.46 -4.83
N PRO A 405 72.77 31.10 -4.10
CA PRO A 405 71.40 31.60 -4.26
C PRO A 405 71.22 33.12 -3.97
N ALA A 406 71.18 33.91 -5.05
CA ALA A 406 70.81 35.34 -5.02
C ALA A 406 69.40 35.53 -5.60
N HIS A 407 68.49 36.11 -4.82
CA HIS A 407 67.06 36.11 -5.15
C HIS A 407 66.39 37.47 -5.38
N PRO A 408 65.55 37.55 -6.44
CA PRO A 408 64.48 38.60 -6.63
C PRO A 408 63.39 38.64 -5.49
N GLU A 409 62.30 39.42 -5.63
CA GLU A 409 61.19 39.39 -4.61
C GLU A 409 59.70 39.68 -5.00
N SER A 410 59.28 40.94 -4.85
CA SER A 410 57.90 41.42 -5.08
C SER A 410 57.07 41.40 -3.82
N VAL A 411 56.71 42.61 -3.37
CA VAL A 411 56.18 42.87 -2.02
C VAL A 411 55.06 41.91 -1.63
N SER A 412 53.92 42.02 -2.30
CA SER A 412 52.75 41.21 -1.98
C SER A 412 53.16 39.79 -1.58
N ILE A 413 53.97 39.17 -2.43
CA ILE A 413 54.41 37.81 -2.20
C ILE A 413 55.07 37.66 -0.84
N VAL A 414 56.07 38.51 -0.58
CA VAL A 414 56.91 38.40 0.62
C VAL A 414 56.12 38.62 1.93
N LEU A 415 54.82 38.90 1.81
CA LEU A 415 53.95 39.06 2.96
C LEU A 415 53.12 37.81 3.11
N GLN A 416 52.67 37.32 1.97
CA GLN A 416 51.84 36.14 1.85
C GLN A 416 52.29 35.00 2.72
N ASP A 417 53.58 34.77 2.68
CA ASP A 417 54.19 33.61 3.27
C ASP A 417 54.47 33.78 4.77
N PRO A 418 55.06 34.94 5.18
CA PRO A 418 54.86 35.16 6.60
C PRO A 418 53.42 35.62 6.87
N LYS A 419 52.43 34.82 6.43
CA LYS A 419 50.98 35.06 6.64
C LYS A 419 50.04 34.02 6.03
N ARG A 420 48.78 34.41 5.86
CA ARG A 420 47.73 33.54 5.36
C ARG A 420 46.25 34.00 5.58
N PRO A 421 46.03 35.24 6.10
CA PRO A 421 44.70 35.59 6.63
C PRO A 421 43.71 36.15 5.60
N LEU A 422 43.65 37.48 5.51
CA LEU A 422 42.88 38.18 4.50
C LEU A 422 43.18 37.56 3.16
N THR A 423 42.16 37.33 2.36
CA THR A 423 42.40 36.78 1.06
C THR A 423 41.26 37.13 0.15
N TYR A 424 41.22 38.41 -0.16
CA TYR A 424 40.17 38.99 -0.95
C TYR A 424 40.09 38.29 -2.30
N THR A 425 38.92 38.42 -2.93
CA THR A 425 38.67 38.13 -4.34
C THR A 425 39.88 37.76 -5.19
N HIS A 426 40.91 38.58 -5.03
CA HIS A 426 42.01 38.66 -5.95
C HIS A 426 43.29 38.09 -5.46
N LEU A 427 43.39 36.83 -5.77
CA LEU A 427 44.57 36.13 -5.62
C LEU A 427 45.03 36.11 -7.03
N ARG A 428 44.08 36.31 -7.93
CA ARG A 428 44.35 36.47 -9.35
C ARG A 428 45.60 37.31 -9.71
N ARG A 429 46.00 38.22 -8.82
CA ARG A 429 47.34 38.75 -8.95
C ARG A 429 48.15 37.77 -8.23
N VAL A 430 48.06 37.87 -6.91
CA VAL A 430 49.06 37.26 -6.04
C VAL A 430 49.40 35.82 -6.42
N TRP A 431 48.37 35.02 -6.68
CA TRP A 431 48.55 33.67 -7.12
C TRP A 431 49.32 33.63 -8.43
N GLY A 432 48.72 34.07 -9.54
CA GLY A 432 49.49 34.35 -10.76
C GLY A 432 50.96 34.67 -10.49
N GLN A 433 51.21 35.70 -9.68
CA GLN A 433 52.57 36.10 -9.25
C GLN A 433 53.46 34.96 -8.74
N ILE A 434 52.90 34.18 -7.82
CA ILE A 434 53.67 33.17 -7.13
C ILE A 434 54.20 32.12 -8.06
N TRP A 435 53.41 31.65 -9.03
CA TRP A 435 54.02 30.72 -9.98
C TRP A 435 54.97 31.46 -10.87
N GLN A 436 54.67 32.70 -11.21
CA GLN A 436 55.55 33.31 -12.17
C GLN A 436 56.98 33.31 -11.67
N THR A 437 57.11 33.51 -10.34
CA THR A 437 58.41 33.43 -9.61
C THR A 437 58.89 31.99 -9.41
N ILE A 438 57.99 31.07 -9.14
CA ILE A 438 58.36 29.67 -9.30
C ILE A 438 58.93 29.42 -10.72
N ARG A 439 58.22 29.89 -11.77
CA ARG A 439 58.69 29.83 -13.21
C ARG A 439 59.88 30.67 -13.53
N ALA A 440 60.04 31.79 -12.82
CA ALA A 440 61.29 32.57 -12.87
C ALA A 440 62.51 31.84 -12.25
N LEU A 441 62.26 30.70 -11.61
CA LEU A 441 63.35 29.96 -11.02
C LEU A 441 63.86 28.85 -11.92
N LYS A 442 62.92 28.10 -12.49
CA LYS A 442 63.25 27.18 -13.55
C LYS A 442 63.97 27.86 -14.72
N GLU A 443 63.46 29.02 -15.15
CA GLU A 443 64.19 29.94 -16.04
C GLU A 443 65.63 30.18 -15.55
N ASP A 444 65.80 30.38 -14.24
CA ASP A 444 67.11 30.66 -13.69
C ASP A 444 68.04 29.48 -13.47
N CYS A 445 67.60 28.49 -12.66
CA CYS A 445 68.37 27.26 -12.43
C CYS A 445 68.86 26.70 -13.74
N ALA A 446 67.97 26.37 -14.66
CA ALA A 446 68.41 25.91 -15.97
C ALA A 446 69.09 27.07 -16.81
N ARG A 447 69.92 27.89 -16.17
CA ARG A 447 70.91 28.75 -16.81
C ARG A 447 72.29 28.49 -16.23
N LEU A 448 72.34 27.92 -15.03
CA LEU A 448 73.62 27.56 -14.42
C LEU A 448 73.98 26.14 -14.83
N LEU A 449 72.97 25.37 -15.17
CA LEU A 449 73.16 24.09 -15.79
C LEU A 449 73.65 24.35 -17.18
N GLN A 450 73.38 25.55 -17.69
CA GLN A 450 74.00 25.95 -18.93
C GLN A 450 75.51 26.06 -18.79
N GLY A 451 75.99 27.05 -18.04
CA GLY A 451 77.41 27.18 -17.74
C GLY A 451 78.15 25.85 -17.83
N GLN A 452 77.85 24.96 -16.90
CA GLN A 452 78.52 23.69 -16.79
C GLN A 452 78.54 22.93 -18.08
N ARG A 453 77.37 22.57 -18.56
CA ARG A 453 77.31 21.76 -19.75
C ARG A 453 77.58 22.57 -21.05
N THR A 454 78.40 23.61 -20.91
CA THR A 454 79.21 24.12 -22.02
C THR A 454 80.71 23.96 -21.71
N SER A 455 81.08 24.10 -20.44
CA SER A 455 82.49 24.11 -19.99
C SER A 455 83.07 22.70 -19.82
N MET A 456 82.17 21.72 -19.91
CA MET A 456 82.49 20.31 -19.89
C MET A 456 81.95 19.67 -21.18
N VAL A 457 81.73 20.52 -22.18
CA VAL A 457 81.61 20.08 -23.57
C VAL A 457 82.63 20.96 -24.30
N ASN A 458 83.62 21.36 -23.51
CA ASN A 458 84.88 21.84 -24.01
C ASN A 458 86.01 20.92 -23.53
N LEU A 459 85.79 20.33 -22.36
CA LEU A 459 86.62 19.26 -21.80
C LEU A 459 86.45 18.01 -22.64
N LEU A 460 85.25 17.47 -22.65
CA LEU A 460 84.89 16.30 -23.46
C LEU A 460 85.39 16.37 -24.90
N ARG A 461 85.65 17.59 -25.35
CA ARG A 461 86.33 17.79 -26.61
C ARG A 461 87.81 17.50 -26.45
N TYR A 462 88.53 18.46 -25.90
CA TYR A 462 89.99 18.37 -25.81
C TYR A 462 90.50 17.39 -24.76
N ASN A 463 89.61 16.49 -24.37
CA ASN A 463 90.00 15.24 -23.79
C ASN A 463 90.13 14.32 -24.97
N THR A 464 89.00 13.79 -25.46
CA THR A 464 88.98 12.84 -26.57
C THR A 464 89.92 13.21 -27.70
N GLU A 465 89.76 14.41 -28.22
CA GLU A 465 90.45 14.86 -29.45
C GLU A 465 91.97 14.87 -29.38
N LEU A 466 92.53 15.34 -28.28
CA LEU A 466 93.96 15.26 -28.09
C LEU A 466 94.33 13.88 -27.50
N SER A 467 93.77 13.56 -26.32
CA SER A 467 94.11 12.35 -25.59
C SER A 467 93.49 11.05 -26.13
N LYS A 468 93.49 10.92 -27.45
CA LYS A 468 93.32 9.63 -28.10
C LYS A 468 94.45 9.47 -29.09
N LYS A 469 94.78 10.56 -29.77
CA LYS A 469 95.94 10.59 -30.64
C LYS A 469 97.23 10.36 -29.85
N LYS A 470 97.25 10.80 -28.59
CA LYS A 470 98.41 10.53 -27.76
C LYS A 470 98.35 9.12 -27.19
N ASN A 471 97.28 8.40 -27.50
CA ASN A 471 97.23 6.95 -27.27
C ASN A 471 97.45 6.13 -28.54
N SER A 472 98.24 6.74 -29.43
CA SER A 472 98.95 6.09 -30.53
C SER A 472 100.44 6.23 -30.24
N MET A 473 100.81 7.42 -29.76
CA MET A 473 102.16 7.69 -29.29
C MET A 473 102.55 6.69 -28.21
N THR A 474 101.58 5.92 -27.72
CA THR A 474 101.88 4.92 -26.72
C THR A 474 101.32 3.54 -27.14
N SER A 475 101.18 3.39 -28.45
CA SER A 475 101.19 2.08 -29.12
C SER A 475 102.56 1.96 -29.71
N GLU A 476 103.14 3.09 -30.09
CA GLU A 476 104.54 3.18 -30.50
C GLU A 476 105.56 2.66 -29.45
N CYS A 477 105.53 3.11 -28.22
CA CYS A 477 106.26 2.48 -27.11
C CYS A 477 106.11 0.97 -27.13
N GLU A 478 104.95 0.48 -27.54
CA GLU A 478 104.74 -0.95 -27.41
C GLU A 478 105.24 -1.76 -28.61
N GLN A 479 105.82 -1.03 -29.57
CA GLN A 479 106.59 -1.60 -30.67
C GLN A 479 108.04 -1.68 -30.25
N LEU A 480 108.55 -0.56 -29.76
CA LEU A 480 109.93 -0.48 -29.36
C LEU A 480 110.16 -1.43 -28.20
N LYS A 481 109.09 -1.86 -27.53
CA LYS A 481 109.25 -2.85 -26.46
C LYS A 481 109.43 -4.25 -26.96
N ALA A 482 108.36 -4.79 -27.49
CA ALA A 482 108.44 -6.08 -28.16
C ALA A 482 109.59 -6.17 -29.21
N LYS A 483 109.94 -5.04 -29.84
CA LYS A 483 111.08 -4.99 -30.73
C LYS A 483 112.37 -5.07 -29.95
N LEU A 484 112.52 -4.29 -28.89
CA LEU A 484 113.65 -4.50 -27.98
C LEU A 484 113.82 -5.98 -27.61
N ASP A 485 112.83 -6.81 -27.89
CA ASP A 485 112.92 -8.23 -27.49
C ASP A 485 113.62 -9.22 -28.40
N PHE A 486 113.43 -9.11 -29.72
CA PHE A 486 114.27 -9.89 -30.64
C PHE A 486 115.68 -9.78 -30.07
N PHE A 487 115.92 -8.67 -29.39
CA PHE A 487 117.23 -8.38 -28.93
C PHE A 487 117.50 -8.92 -27.53
N ARG A 488 116.53 -9.59 -26.98
CA ARG A 488 116.78 -10.39 -25.80
C ARG A 488 117.22 -11.74 -26.29
N SER A 489 116.74 -12.14 -27.46
CA SER A 489 117.23 -13.36 -28.06
C SER A 489 118.61 -13.12 -28.65
N SER A 490 118.67 -12.37 -29.76
CA SER A 490 119.93 -11.98 -30.40
C SER A 490 121.15 -12.01 -29.49
N ILE A 491 121.10 -11.28 -28.39
CA ILE A 491 122.28 -11.15 -27.52
C ILE A 491 122.22 -12.07 -26.31
N GLN A 492 121.24 -12.97 -26.26
CA GLN A 492 121.40 -14.12 -25.40
C GLN A 492 121.83 -15.34 -26.21
N ILE A 493 121.06 -15.72 -27.25
CA ILE A 493 121.40 -16.84 -28.16
C ILE A 493 122.89 -16.84 -28.58
N ASP A 494 123.42 -15.66 -28.86
CA ASP A 494 124.83 -15.49 -29.07
C ASP A 494 125.60 -15.90 -27.84
N LEU A 495 125.40 -15.16 -26.77
CA LEU A 495 126.05 -15.42 -25.50
C LEU A 495 125.81 -16.83 -24.97
N GLU A 496 124.99 -17.58 -25.69
CA GLU A 496 124.72 -18.95 -25.31
C GLU A 496 125.59 -19.89 -26.12
N LYS A 497 126.04 -19.45 -27.28
CA LYS A 497 126.90 -20.31 -28.06
C LYS A 497 128.37 -19.92 -28.00
N TYR A 498 128.70 -18.77 -27.40
CA TYR A 498 130.11 -18.44 -27.14
C TYR A 498 130.57 -19.18 -25.89
N SER A 499 129.65 -19.99 -25.34
CA SER A 499 130.04 -21.01 -24.37
C SER A 499 130.16 -22.37 -25.07
N GLU A 500 129.79 -22.42 -26.35
CA GLU A 500 130.19 -23.52 -27.22
C GLU A 500 131.65 -23.40 -27.62
N GLN A 501 132.38 -22.48 -26.98
CA GLN A 501 133.77 -22.27 -27.32
C GLN A 501 134.70 -22.66 -26.19
N MET A 502 135.35 -23.79 -26.44
CA MET A 502 136.54 -24.23 -25.72
C MET A 502 137.50 -24.79 -26.77
N GLU A 503 136.96 -25.02 -27.97
CA GLU A 503 137.71 -25.50 -29.12
C GLU A 503 138.03 -24.34 -30.08
N PHE A 504 138.52 -23.25 -29.47
CA PHE A 504 139.08 -22.03 -30.11
C PHE A 504 138.05 -20.91 -30.42
N GLY A 505 138.43 -19.92 -31.18
CA GLY A 505 137.51 -18.83 -31.50
C GLY A 505 137.51 -17.80 -30.41
N ILE A 506 137.78 -18.24 -29.19
CA ILE A 506 137.62 -17.49 -27.93
C ILE A 506 138.46 -16.25 -27.62
N THR A 507 139.56 -15.97 -28.34
CA THR A 507 140.43 -14.81 -27.98
C THR A 507 139.59 -13.50 -27.83
N SER A 508 140.16 -12.35 -28.21
CA SER A 508 139.51 -11.02 -28.05
C SER A 508 139.13 -10.65 -26.58
N GLU A 509 138.14 -11.35 -26.01
CA GLU A 509 137.52 -11.07 -24.69
C GLU A 509 136.91 -9.68 -24.62
N LYS A 510 137.37 -8.79 -25.50
CA LYS A 510 136.78 -7.46 -25.74
C LYS A 510 135.40 -7.57 -26.37
N LEU A 511 135.18 -8.66 -27.13
CA LEU A 511 133.90 -8.99 -27.75
C LEU A 511 133.21 -10.05 -26.89
N LEU A 512 133.43 -9.92 -25.58
CA LEU A 512 132.72 -10.64 -24.54
C LEU A 512 132.55 -9.67 -23.40
N SER A 513 133.49 -8.75 -23.27
CA SER A 513 133.37 -7.66 -22.31
C SER A 513 132.45 -6.60 -22.90
N ALA A 514 132.56 -6.37 -24.20
CA ALA A 514 131.74 -5.37 -24.90
C ALA A 514 130.28 -5.85 -25.02
N TRP A 515 130.12 -7.16 -24.93
CA TRP A 515 128.81 -7.76 -24.79
C TRP A 515 128.36 -7.57 -23.39
N ARG A 516 129.24 -7.83 -22.42
CA ARG A 516 128.92 -7.65 -20.99
C ARG A 516 128.41 -6.26 -20.65
N GLU A 517 129.01 -5.27 -21.30
CA GLU A 517 128.70 -3.86 -21.06
C GLU A 517 127.42 -3.43 -21.78
N MET A 518 127.08 -4.16 -22.84
CA MET A 518 125.88 -3.91 -23.57
C MET A 518 124.85 -5.04 -23.36
N GLU A 519 125.27 -6.09 -22.68
CA GLU A 519 124.32 -6.99 -22.04
C GLU A 519 123.40 -6.02 -21.36
N GLN A 520 123.97 -5.25 -20.44
CA GLN A 520 123.23 -4.45 -19.45
C GLN A 520 123.17 -2.96 -19.71
N ALA A 521 123.77 -2.49 -20.80
CA ALA A 521 123.50 -1.14 -21.23
C ALA A 521 122.04 -1.11 -21.67
N VAL A 522 121.63 -2.11 -22.45
CA VAL A 522 120.28 -2.20 -22.99
C VAL A 522 119.31 -2.94 -22.07
N GLU A 523 119.85 -3.76 -21.16
CA GLU A 523 119.05 -4.61 -20.25
C GLU A 523 118.06 -3.79 -19.43
N LEU A 524 118.26 -2.48 -19.43
CA LEU A 524 117.43 -1.56 -18.68
C LEU A 524 117.33 -0.23 -19.44
N CYS A 525 116.87 -0.32 -20.68
CA CYS A 525 116.83 0.78 -21.65
C CYS A 525 115.41 1.22 -21.98
N GLY A 526 114.52 0.24 -21.97
CA GLY A 526 113.14 0.46 -22.34
C GLY A 526 112.44 1.33 -21.33
N ARG A 527 112.31 2.61 -21.65
CA ARG A 527 111.56 3.55 -20.81
C ARG A 527 110.07 3.32 -20.99
N GLU A 528 109.52 2.47 -20.14
CA GLU A 528 108.15 2.00 -20.29
C GLU A 528 107.27 2.47 -19.19
N ARG A 529 107.63 1.97 -18.01
CA ARG A 529 106.83 2.05 -16.80
C ARG A 529 105.94 3.29 -16.72
N GLU A 530 106.10 4.19 -17.70
CA GLU A 530 105.13 5.24 -17.98
C GLU A 530 103.77 4.65 -18.28
N VAL A 531 103.75 3.39 -18.68
CA VAL A 531 102.54 2.60 -18.98
C VAL A 531 101.35 2.77 -18.01
N GLN A 532 101.63 3.27 -16.80
CA GLN A 532 100.58 3.61 -15.84
C GLN A 532 100.18 5.11 -15.90
N ALA A 533 101.13 6.02 -15.67
CA ALA A 533 100.92 7.47 -15.86
C ALA A 533 100.48 7.81 -17.30
N LEU A 534 100.58 6.80 -18.16
CA LEU A 534 99.89 6.77 -19.43
C LEU A 534 98.44 6.35 -19.12
N VAL A 535 98.22 5.04 -18.92
CA VAL A 535 96.87 4.46 -18.71
C VAL A 535 96.11 5.01 -17.51
N ASP A 536 96.72 4.98 -16.33
CA ASP A 536 96.10 5.46 -15.11
C ASP A 536 95.47 6.85 -15.30
N LYS A 537 96.29 7.85 -15.60
CA LYS A 537 95.85 9.23 -15.73
C LYS A 537 95.26 9.48 -17.11
N MET A 538 95.00 8.41 -17.85
CA MET A 538 94.23 8.47 -19.07
C MET A 538 92.80 8.06 -18.76
N MET A 539 92.68 7.01 -17.93
CA MET A 539 91.38 6.49 -17.50
C MET A 539 90.75 7.37 -16.44
N ALA A 540 91.53 8.31 -15.92
CA ALA A 540 91.00 9.34 -15.03
C ALA A 540 89.90 10.12 -15.75
N LEU A 541 90.15 10.49 -17.00
CA LEU A 541 89.30 11.44 -17.71
C LEU A 541 88.40 10.86 -18.79
N GLN A 542 88.56 9.57 -19.13
CA GLN A 542 87.60 8.90 -20.02
C GLN A 542 86.63 8.07 -19.19
N THR A 543 86.64 8.33 -17.88
CA THR A 543 85.62 7.85 -16.95
C THR A 543 85.04 9.02 -16.18
N ASP A 544 85.85 10.05 -15.93
CA ASP A 544 85.30 11.20 -15.23
C ASP A 544 84.56 12.17 -16.14
N SER A 545 84.97 12.27 -17.39
CA SER A 545 84.21 13.04 -18.37
C SER A 545 83.01 12.23 -18.90
N VAL A 546 82.80 11.04 -18.34
CA VAL A 546 81.63 10.22 -18.68
C VAL A 546 80.62 10.22 -17.54
N ASP A 547 81.01 10.70 -16.37
CA ASP A 547 80.07 10.87 -15.27
C ASP A 547 79.22 12.11 -15.48
N LEU A 548 79.83 13.10 -16.10
CA LEU A 548 79.23 14.39 -16.26
C LEU A 548 78.53 14.54 -17.61
N GLN A 549 78.99 13.82 -18.63
CA GLN A 549 78.29 13.78 -19.90
C GLN A 549 76.92 13.10 -19.76
N ARG A 550 76.72 12.39 -18.65
CA ARG A 550 75.42 11.77 -18.32
C ARG A 550 74.46 12.79 -17.73
N ASN A 551 74.29 12.78 -16.40
CA ASN A 551 73.66 13.90 -15.66
C ASN A 551 72.17 13.91 -15.29
N PRO A 552 71.87 14.09 -13.98
CA PRO A 552 70.58 14.60 -13.56
C PRO A 552 70.56 16.13 -13.60
N THR A 560 62.42 17.80 -9.64
CA THR A 560 61.09 18.27 -9.33
C THR A 560 61.05 19.77 -9.04
N LEU A 561 61.97 20.55 -9.57
CA LEU A 561 61.63 21.96 -9.66
C LEU A 561 60.60 22.02 -10.76
N ASP A 562 60.92 21.43 -11.91
CA ASP A 562 60.06 21.56 -13.08
C ASP A 562 58.68 20.93 -12.92
N ASP A 563 58.65 19.89 -12.10
CA ASP A 563 57.39 19.27 -11.69
C ASP A 563 56.57 20.19 -10.79
N LEU A 564 57.23 20.94 -9.92
CA LEU A 564 56.56 21.78 -8.96
C LEU A 564 55.92 22.96 -9.68
N GLU A 565 56.57 23.49 -10.71
CA GLU A 565 55.99 24.60 -11.45
C GLU A 565 54.91 24.17 -12.43
N GLU A 566 54.89 22.90 -12.77
CA GLU A 566 53.74 22.36 -13.46
C GLU A 566 52.56 22.15 -12.50
N GLN A 567 52.84 22.15 -11.20
CA GLN A 567 51.83 21.89 -10.17
C GLN A 567 51.35 23.21 -9.55
N ALA A 568 52.23 24.20 -9.58
CA ALA A 568 51.83 25.57 -9.36
C ALA A 568 51.24 26.12 -10.64
N ARG A 569 51.36 25.37 -11.74
CA ARG A 569 50.66 25.72 -12.98
C ARG A 569 49.16 25.69 -12.82
N ASP A 570 48.68 24.58 -12.28
CA ASP A 570 47.26 24.33 -12.20
C ASP A 570 46.65 25.07 -11.06
N LEU A 571 47.29 25.07 -9.90
CA LEU A 571 46.70 25.76 -8.77
C LEU A 571 46.45 27.22 -9.12
N TYR A 572 47.39 27.85 -9.82
CA TYR A 572 47.27 29.27 -10.23
C TYR A 572 46.49 29.42 -11.56
N ARG A 573 45.94 28.28 -12.01
CA ARG A 573 45.05 28.16 -13.15
C ARG A 573 43.66 27.74 -12.69
N ARG A 574 43.59 26.69 -11.88
CA ARG A 574 42.31 26.18 -11.32
C ARG A 574 41.58 27.22 -10.48
N LEU A 575 42.29 28.26 -10.06
CA LEU A 575 41.71 29.36 -9.29
C LEU A 575 40.99 30.31 -10.22
N ARG A 576 41.57 30.51 -11.40
CA ARG A 576 40.95 31.32 -12.45
C ARG A 576 39.96 30.49 -13.24
N GLU A 577 40.03 29.18 -13.09
CA GLU A 577 39.05 28.31 -13.68
C GLU A 577 37.87 28.09 -12.74
N ARG A 578 38.04 28.39 -11.44
CA ARG A 578 36.98 28.24 -10.42
C ARG A 578 35.73 29.04 -10.81
N PRO A 579 34.75 28.37 -11.44
CA PRO A 579 33.77 29.06 -12.28
C PRO A 579 32.83 29.95 -11.47
N ARG A 580 32.72 31.20 -11.89
CA ARG A 580 31.83 32.20 -11.29
C ARG A 580 31.88 32.17 -9.76
N ASP A 581 30.74 32.30 -9.11
CA ASP A 581 30.69 32.54 -7.66
C ASP A 581 31.32 31.48 -6.74
N GLN A 582 32.50 31.77 -6.22
CA GLN A 582 33.02 31.15 -4.99
C GLN A 582 33.97 32.13 -4.39
N ARG A 583 34.58 32.90 -5.28
CA ARG A 583 35.72 33.75 -4.98
C ARG A 583 36.07 33.82 -3.48
N THR A 584 35.65 34.88 -2.78
CA THR A 584 36.14 35.23 -1.42
C THR A 584 36.94 34.27 -0.56
N PRO A 585 36.32 33.14 -0.11
CA PRO A 585 36.95 32.22 0.85
C PRO A 585 38.48 32.29 0.84
N GLY A 586 39.00 33.19 1.67
CA GLY A 586 40.38 33.66 1.55
C GLY A 586 41.55 32.82 2.05
N ASP A 587 42.16 32.06 1.12
CA ASP A 587 43.30 31.24 1.47
C ASP A 587 44.59 31.56 0.72
N SER A 588 45.49 32.29 1.37
CA SER A 588 46.84 32.53 0.85
C SER A 588 47.39 31.15 0.48
N ASN A 589 47.85 30.43 1.49
CA ASN A 589 47.77 28.98 1.50
C ASN A 589 48.94 28.18 0.96
N ASP A 590 48.61 26.98 0.51
CA ASP A 590 49.51 26.02 -0.09
C ASP A 590 50.11 26.53 -1.39
N MET A 591 49.72 27.75 -1.73
CA MET A 591 50.32 28.43 -2.84
C MET A 591 51.55 29.13 -2.38
N VAL A 592 51.81 28.89 -1.11
CA VAL A 592 53.04 29.20 -0.48
C VAL A 592 53.79 27.87 -0.31
N ARG A 593 53.10 26.79 0.03
CA ARG A 593 53.75 25.47 0.00
C ARG A 593 54.52 25.34 -1.30
N LEU A 594 53.81 25.40 -2.44
CA LEU A 594 54.43 25.17 -3.75
C LEU A 594 55.47 26.20 -4.10
N LEU A 595 55.67 27.19 -3.22
CA LEU A 595 56.75 28.14 -3.41
C LEU A 595 57.90 27.78 -2.54
N ILE A 596 57.66 27.55 -1.26
CA ILE A 596 58.71 27.14 -0.33
C ILE A 596 59.55 26.00 -0.95
N LEU A 597 58.85 24.97 -1.43
CA LEU A 597 59.53 23.83 -2.01
C LEU A 597 60.32 24.25 -3.23
N ALA A 598 59.64 24.96 -4.15
CA ALA A 598 60.29 25.54 -5.35
C ALA A 598 61.32 26.65 -5.07
N ILE A 599 61.78 26.71 -3.82
CA ILE A 599 63.01 27.41 -3.48
C ILE A 599 64.05 26.32 -3.24
N GLN A 600 63.78 25.43 -2.27
CA GLN A 600 64.75 24.38 -1.92
C GLN A 600 65.22 23.57 -3.09
N SER A 601 64.26 23.07 -3.86
CA SER A 601 64.60 22.33 -5.06
C SER A 601 65.21 23.21 -6.19
N PHE A 602 65.11 24.55 -6.06
CA PHE A 602 65.94 25.42 -6.90
C PHE A 602 67.31 25.58 -6.27
N GLU A 603 67.30 26.07 -5.03
CA GLU A 603 68.48 26.25 -4.19
C GLU A 603 69.47 25.05 -4.28
N LYS A 604 68.92 23.85 -4.14
CA LYS A 604 69.68 22.62 -4.16
C LYS A 604 70.14 22.19 -5.55
N ARG A 605 69.34 22.47 -6.57
CA ARG A 605 69.77 22.29 -7.94
C ARG A 605 70.76 23.38 -8.35
N VAL A 606 71.19 24.19 -7.41
CA VAL A 606 72.22 25.18 -7.70
C VAL A 606 73.48 24.94 -6.89
N ILE A 607 73.41 24.15 -5.82
CA ILE A 607 74.66 23.59 -5.34
C ILE A 607 75.13 22.52 -6.33
N LEU A 608 74.25 21.57 -6.60
CA LEU A 608 74.65 20.43 -7.36
C LEU A 608 75.28 20.93 -8.61
N ILE A 609 74.62 21.85 -9.29
CA ILE A 609 75.25 22.52 -10.42
C ILE A 609 76.67 23.04 -10.11
N TYR A 610 76.80 23.90 -9.12
CA TYR A 610 78.08 24.55 -8.86
C TYR A 610 79.19 23.61 -8.43
N ASP A 611 78.79 22.59 -7.64
CA ASP A 611 79.64 21.48 -7.23
C ASP A 611 80.30 20.80 -8.44
N GLN A 612 79.43 20.24 -9.30
CA GLN A 612 79.78 19.45 -10.47
C GLN A 612 80.19 20.39 -11.65
N LEU A 613 80.31 21.69 -11.38
CA LEU A 613 81.04 22.56 -12.29
C LEU A 613 82.51 22.42 -11.92
N SER A 614 82.80 22.60 -10.63
CA SER A 614 84.11 22.36 -10.05
C SER A 614 84.77 21.13 -10.64
N LYS A 615 84.04 20.02 -10.57
CA LYS A 615 84.57 18.74 -11.00
C LYS A 615 85.11 18.83 -12.43
N THR A 616 84.43 19.60 -13.27
CA THR A 616 84.84 19.77 -14.67
C THR A 616 85.75 20.99 -14.89
N VAL A 617 86.41 21.45 -13.82
CA VAL A 617 87.66 22.20 -13.95
C VAL A 617 88.81 21.37 -13.32
N VAL A 618 88.48 20.52 -12.33
CA VAL A 618 89.40 19.48 -11.83
C VAL A 618 90.08 18.82 -13.04
N CYS A 619 89.23 18.42 -13.99
CA CYS A 619 89.63 17.61 -15.11
C CYS A 619 90.36 18.41 -16.17
N LYS A 620 89.84 19.59 -16.51
CA LYS A 620 90.56 20.53 -17.35
C LYS A 620 92.07 20.65 -17.01
N ARG A 621 92.39 20.86 -15.72
CA ARG A 621 93.79 21.03 -15.28
C ARG A 621 94.58 19.75 -15.48
N LYS A 622 94.07 18.66 -14.91
CA LYS A 622 94.70 17.37 -15.04
C LYS A 622 94.93 17.02 -16.51
N ALA A 623 93.95 17.28 -17.37
CA ALA A 623 94.15 17.10 -18.83
C ALA A 623 95.00 18.19 -19.54
N LEU A 624 95.62 19.07 -18.76
CA LEU A 624 96.62 19.97 -19.33
C LEU A 624 98.02 19.69 -18.76
N GLU A 625 98.08 18.86 -17.72
CA GLU A 625 99.34 18.38 -17.12
C GLU A 625 99.64 17.00 -17.63
N LEU A 626 98.64 16.12 -17.56
CA LEU A 626 98.81 14.75 -18.03
C LEU A 626 98.82 14.72 -19.53
N SER A 627 98.98 15.87 -20.18
CA SER A 627 99.31 15.86 -21.58
C SER A 627 100.84 15.99 -21.82
N PRO A 628 101.44 17.18 -21.56
CA PRO A 628 102.79 17.33 -22.10
C PRO A 628 103.83 16.39 -21.49
N LYS A 629 103.48 15.72 -20.38
CA LYS A 629 104.28 14.61 -19.84
C LYS A 629 104.26 13.51 -20.89
N VAL A 630 103.10 12.89 -21.05
CA VAL A 630 102.97 11.77 -21.94
C VAL A 630 102.89 12.24 -23.40
N LYS A 631 103.54 13.37 -23.68
CA LYS A 631 103.81 13.83 -25.04
C LYS A 631 105.32 13.91 -25.20
N GLU A 632 105.91 14.85 -24.46
CA GLU A 632 107.34 15.09 -24.50
C GLU A 632 108.13 13.94 -23.86
N VAL A 633 107.70 13.48 -22.67
CA VAL A 633 108.40 12.39 -21.98
C VAL A 633 108.43 11.14 -22.90
N MET A 634 107.55 11.10 -23.89
CA MET A 634 107.50 9.97 -24.81
C MET A 634 108.07 10.29 -26.19
N ASN A 635 108.57 11.52 -26.30
CA ASN A 635 109.54 11.90 -27.29
C ASN A 635 110.84 11.21 -26.91
N LEU A 636 111.27 11.45 -25.67
CA LEU A 636 112.51 10.86 -25.12
C LEU A 636 112.49 9.34 -25.16
N MET A 637 111.42 8.75 -24.64
CA MET A 637 111.20 7.32 -24.79
C MET A 637 111.63 6.81 -26.15
N ARG A 638 111.19 7.46 -27.22
CA ARG A 638 111.47 7.00 -28.58
C ARG A 638 112.98 6.89 -28.94
N GLU A 639 113.84 7.91 -28.79
CA GLU A 639 115.24 7.85 -29.26
C GLU A 639 116.09 7.04 -28.30
N ASP A 640 115.80 7.16 -27.01
CA ASP A 640 116.47 6.38 -25.98
C ASP A 640 115.73 5.07 -25.70
N GLU A 641 115.30 4.54 -26.84
CA GLU A 641 115.10 3.15 -27.11
C GLU A 641 115.63 2.94 -28.51
N LYS A 642 115.38 3.89 -29.40
CA LYS A 642 115.82 3.77 -30.79
C LYS A 642 117.34 3.80 -31.01
N ILE A 643 118.08 4.68 -30.33
CA ILE A 643 119.54 4.56 -30.39
C ILE A 643 119.99 3.30 -29.64
N VAL A 644 119.33 3.04 -28.53
CA VAL A 644 119.53 1.82 -27.78
C VAL A 644 118.88 0.60 -28.50
N VAL A 645 118.84 0.70 -29.83
CA VAL A 645 118.67 -0.42 -30.78
C VAL A 645 119.27 0.01 -32.15
N ARG A 646 120.23 0.94 -32.09
CA ARG A 646 121.08 1.21 -33.22
C ARG A 646 122.43 0.59 -32.92
N ARG A 647 122.64 0.26 -31.65
CA ARG A 647 123.89 -0.35 -31.26
C ARG A 647 123.87 -1.88 -31.39
N GLN A 648 122.88 -2.43 -32.09
CA GLN A 648 122.72 -3.89 -32.15
C GLN A 648 123.18 -4.36 -33.46
N GLU A 649 123.19 -3.41 -34.38
CA GLU A 649 123.72 -3.59 -35.70
C GLU A 649 125.22 -3.66 -35.57
N LYS A 650 125.75 -2.85 -34.65
CA LYS A 650 127.17 -2.86 -34.35
C LYS A 650 127.56 -3.88 -33.27
N ARG A 651 126.64 -4.78 -32.95
CA ARG A 651 126.92 -5.90 -32.03
C ARG A 651 126.91 -7.26 -32.72
N GLN A 652 126.57 -7.31 -33.99
CA GLN A 652 126.93 -8.42 -34.84
C GLN A 652 128.19 -8.02 -35.57
N GLN A 653 128.38 -6.72 -35.76
CA GLN A 653 129.55 -6.24 -36.46
C GLN A 653 130.70 -6.96 -35.87
N GLU A 654 130.67 -7.07 -34.56
CA GLU A 654 131.80 -7.59 -33.83
C GLU A 654 131.72 -9.06 -33.38
N LEU A 655 130.65 -9.78 -33.74
CA LEU A 655 130.69 -11.25 -33.82
C LEU A 655 131.22 -11.62 -35.19
N TRP A 656 130.81 -10.82 -36.15
CA TRP A 656 131.17 -10.96 -37.54
C TRP A 656 132.63 -10.53 -37.79
N ASN A 657 133.14 -9.64 -36.93
CA ASN A 657 134.57 -9.29 -36.86
C ASN A 657 135.41 -10.30 -36.05
N LEU A 658 134.86 -10.79 -34.94
CA LEU A 658 135.36 -11.96 -34.23
C LEU A 658 135.58 -13.21 -35.14
N LEU A 659 134.94 -13.28 -36.30
CA LEU A 659 135.24 -14.36 -37.26
C LEU A 659 136.53 -14.10 -37.97
N LYS A 660 136.67 -12.88 -38.50
CA LYS A 660 137.93 -12.43 -39.14
C LYS A 660 139.10 -12.16 -38.17
N ILE A 661 139.11 -12.93 -37.06
CA ILE A 661 140.20 -13.04 -36.11
C ILE A 661 140.62 -14.51 -36.04
N ALA A 662 139.77 -15.34 -35.45
CA ALA A 662 139.98 -16.78 -35.43
C ALA A 662 140.04 -17.34 -36.86
N CYS A 663 140.39 -16.47 -37.82
CA CYS A 663 140.53 -16.83 -39.24
C CYS A 663 141.77 -16.23 -39.91
N SER A 664 142.13 -15.00 -39.53
CA SER A 664 143.42 -14.46 -39.94
C SER A 664 144.55 -15.15 -39.16
N LYS A 665 144.19 -15.74 -38.02
CA LYS A 665 145.13 -16.48 -37.20
C LYS A 665 145.07 -17.98 -37.48
N VAL A 666 145.15 -18.33 -38.77
CA VAL A 666 145.28 -19.71 -39.24
C VAL A 666 145.95 -19.65 -40.59
N ARG A 667 145.57 -18.62 -41.37
CA ARG A 667 146.21 -18.33 -42.63
C ARG A 667 147.63 -17.82 -42.39
N GLU B 17 39.78 17.85 23.86
CA GLU B 17 38.70 17.73 22.83
C GLU B 17 39.15 17.09 21.49
N MET B 18 38.44 17.41 20.39
CA MET B 18 38.54 16.70 19.09
C MET B 18 38.35 17.55 17.79
N LYS B 19 38.40 16.93 16.60
CA LYS B 19 38.59 17.65 15.32
C LYS B 19 37.42 17.83 14.32
N GLU B 20 37.31 16.96 13.31
CA GLU B 20 36.42 17.20 12.15
C GLU B 20 35.56 16.02 11.66
N ARG B 21 35.14 16.05 10.39
CA ARG B 21 34.10 15.14 9.84
C ARG B 21 34.47 14.36 8.58
N LEU B 22 33.73 13.27 8.34
CA LEU B 22 33.87 12.44 7.13
C LEU B 22 32.54 12.33 6.35
N GLY B 23 32.19 11.12 5.91
CA GLY B 23 30.94 10.85 5.15
C GLY B 23 29.76 10.32 5.96
N THR B 24 28.63 10.01 5.30
CA THR B 24 27.36 9.68 5.99
C THR B 24 26.61 8.43 5.50
N GLY B 25 26.25 7.53 6.41
CA GLY B 25 25.44 6.37 6.07
C GLY B 25 25.40 5.29 7.14
N GLY B 26 24.49 4.34 6.95
CA GLY B 26 24.31 3.24 7.89
C GLY B 26 23.34 3.61 8.99
N PHE B 27 23.90 4.02 10.11
CA PHE B 27 23.12 4.62 11.17
C PHE B 27 23.72 5.98 11.55
N GLY B 28 24.22 6.72 10.56
CA GLY B 28 24.65 8.09 10.79
C GLY B 28 26.05 8.47 10.35
N TYR B 29 26.81 9.04 11.28
CA TYR B 29 28.00 9.81 10.92
C TYR B 29 29.34 9.09 11.06
N VAL B 30 30.27 9.53 10.22
CA VAL B 30 31.68 9.16 10.30
C VAL B 30 32.43 10.47 10.55
N LEU B 31 33.36 10.44 11.51
CA LEU B 31 33.99 11.66 11.99
C LEU B 31 35.49 11.50 12.22
N ARG B 32 36.28 12.48 11.75
CA ARG B 32 37.74 12.46 11.91
C ARG B 32 38.21 13.27 13.12
N TRP B 33 37.65 12.95 14.29
CA TRP B 33 38.03 13.62 15.53
C TRP B 33 39.47 13.26 15.90
N ILE B 34 40.14 14.14 16.67
CA ILE B 34 41.53 13.96 17.10
C ILE B 34 41.79 14.53 18.50
N HIS B 35 42.57 13.81 19.30
CA HIS B 35 43.30 14.43 20.41
C HIS B 35 44.39 15.34 19.76
N GLN B 36 44.04 16.62 19.56
CA GLN B 36 44.73 17.55 18.63
C GLN B 36 46.15 17.93 19.04
N ASP B 37 47.02 16.92 19.03
CA ASP B 37 48.32 16.96 19.68
C ASP B 37 48.83 15.53 19.57
N THR B 38 49.84 15.32 18.72
CA THR B 38 50.28 13.96 18.29
C THR B 38 49.43 13.46 17.10
N GLY B 39 48.25 14.06 16.93
CA GLY B 39 47.36 13.75 15.80
C GLY B 39 46.78 12.35 15.82
N GLU B 40 45.87 12.09 16.76
CA GLU B 40 45.21 10.79 16.89
C GLU B 40 44.02 10.68 15.91
N GLN B 41 44.29 10.22 14.69
CA GLN B 41 43.28 10.17 13.63
C GLN B 41 42.23 9.05 13.79
N VAL B 42 41.25 9.26 14.66
CA VAL B 42 40.17 8.27 14.90
C VAL B 42 38.89 8.55 14.11
N ALA B 43 38.22 7.47 13.69
CA ALA B 43 36.93 7.54 13.01
C ALA B 43 35.80 7.34 14.00
N ILE B 44 34.71 8.09 13.84
CA ILE B 44 33.60 8.01 14.80
C ILE B 44 32.23 7.79 14.13
N LYS B 45 31.73 6.56 14.23
CA LYS B 45 30.37 6.24 13.77
C LYS B 45 29.42 6.27 14.96
N GLN B 46 28.66 7.37 15.06
CA GLN B 46 27.66 7.53 16.11
C GLN B 46 26.33 7.00 15.65
N CYS B 47 25.26 7.32 16.40
CA CYS B 47 23.95 6.74 16.14
C CYS B 47 22.92 7.74 15.62
N ARG B 48 21.78 7.21 15.19
CA ARG B 48 20.74 8.00 14.52
C ARG B 48 19.42 7.91 15.30
N GLN B 49 19.08 9.02 15.95
CA GLN B 49 17.75 9.31 16.50
C GLN B 49 16.84 8.11 16.85
N GLU B 50 17.37 7.18 17.65
CA GLU B 50 16.59 6.02 18.11
C GLU B 50 16.07 5.10 17.01
N LEU B 51 15.90 3.83 17.37
CA LEU B 51 15.31 2.85 16.47
C LEU B 51 14.55 1.84 17.31
N SER B 52 13.91 0.87 16.65
CA SER B 52 13.29 -0.27 17.34
C SER B 52 14.35 -0.91 18.25
N PRO B 53 13.94 -1.47 19.40
CA PRO B 53 14.94 -2.08 20.29
C PRO B 53 15.85 -3.07 19.59
N LYS B 54 15.31 -3.93 18.71
CA LYS B 54 16.13 -4.88 17.95
C LYS B 54 16.95 -4.21 16.83
N ASN B 55 16.62 -2.96 16.51
CA ASN B 55 17.36 -2.18 15.50
C ASN B 55 18.46 -1.27 16.07
N ARG B 56 18.30 -0.83 17.32
CA ARG B 56 19.37 -0.11 18.04
C ARG B 56 20.31 -1.07 18.76
N GLU B 57 19.82 -2.27 19.07
CA GLU B 57 20.65 -3.35 19.65
C GLU B 57 21.51 -4.00 18.56
N ARG B 58 21.02 -3.99 17.32
CA ARG B 58 21.78 -4.40 16.13
C ARG B 58 22.99 -3.48 15.86
N TRP B 59 22.84 -2.21 16.17
CA TRP B 59 23.95 -1.25 16.12
C TRP B 59 25.08 -1.69 17.04
N CYS B 60 24.72 -2.21 18.20
CA CYS B 60 25.69 -2.67 19.17
C CYS B 60 26.35 -4.00 18.78
N LEU B 61 25.64 -4.79 17.97
CA LEU B 61 26.21 -6.02 17.40
C LEU B 61 27.28 -5.71 16.33
N GLU B 62 27.06 -4.63 15.59
CA GLU B 62 28.03 -4.10 14.64
C GLU B 62 29.33 -3.73 15.36
N ILE B 63 29.22 -2.89 16.40
CA ILE B 63 30.36 -2.37 17.18
C ILE B 63 31.30 -3.45 17.68
N GLN B 64 30.70 -4.47 18.29
CA GLN B 64 31.43 -5.64 18.74
C GLN B 64 32.09 -6.36 17.57
N ILE B 65 31.41 -6.39 16.41
CA ILE B 65 31.89 -7.13 15.25
C ILE B 65 33.07 -6.49 14.49
N MET B 66 32.97 -5.18 14.19
CA MET B 66 34.08 -4.42 13.55
C MET B 66 35.24 -4.18 14.53
N LYS B 67 35.07 -4.63 15.78
CA LYS B 67 36.13 -4.63 16.79
C LYS B 67 36.58 -6.07 17.02
N LYS B 68 35.62 -6.98 16.87
CA LYS B 68 35.86 -8.42 16.96
C LYS B 68 36.87 -8.86 15.91
N LEU B 69 37.05 -8.02 14.89
CA LEU B 69 37.88 -8.37 13.74
C LEU B 69 39.01 -7.39 13.44
N ASN B 70 40.06 -7.95 12.82
CA ASN B 70 41.23 -7.20 12.37
C ASN B 70 41.89 -7.96 11.24
N HIS B 71 41.97 -7.30 10.10
CA HIS B 71 42.59 -7.84 8.93
C HIS B 71 43.15 -6.62 8.23
N PRO B 72 44.44 -6.65 7.84
CA PRO B 72 44.88 -5.55 7.00
C PRO B 72 44.02 -5.60 5.75
N ASN B 73 43.75 -4.43 5.15
CA ASN B 73 42.72 -4.29 4.10
C ASN B 73 41.36 -3.88 4.65
N VAL B 74 41.10 -4.18 5.92
CA VAL B 74 39.84 -3.80 6.55
C VAL B 74 39.98 -3.28 7.99
N VAL B 75 39.85 -1.96 8.11
CA VAL B 75 40.02 -1.20 9.34
C VAL B 75 39.63 -1.96 10.61
N SER B 76 40.35 -1.69 11.71
CA SER B 76 39.91 -2.12 13.05
C SER B 76 39.70 -0.95 14.03
N ALA B 77 38.85 -1.17 15.03
CA ALA B 77 38.45 -0.13 15.98
C ALA B 77 39.52 0.16 17.02
N ARG B 78 39.67 1.44 17.37
CA ARG B 78 40.57 1.89 18.43
C ARG B 78 39.91 1.89 19.81
N GLU B 79 38.74 1.25 19.90
CA GLU B 79 37.84 1.27 21.08
C GLU B 79 37.13 2.61 21.28
N VAL B 80 37.57 3.40 22.25
CA VAL B 80 37.04 4.74 22.48
C VAL B 80 38.17 5.61 22.98
N PRO B 81 38.30 6.84 22.45
CA PRO B 81 39.29 7.77 23.00
C PRO B 81 38.82 8.20 24.39
N ASP B 82 39.60 7.82 25.42
CA ASP B 82 39.28 8.07 26.84
C ASP B 82 39.20 9.56 27.16
N GLY B 83 39.95 10.34 26.39
CA GLY B 83 39.88 11.80 26.42
C GLY B 83 38.67 12.31 25.64
N LEU B 84 37.87 13.13 26.32
CA LEU B 84 36.58 13.70 25.85
C LEU B 84 35.39 12.71 25.82
N GLN B 85 35.63 11.49 25.33
CA GLN B 85 34.67 10.38 25.42
C GLN B 85 33.25 10.74 24.99
N LYS B 86 32.28 10.38 25.83
CA LYS B 86 30.87 10.61 25.57
C LYS B 86 30.50 12.08 25.45
N LEU B 87 30.71 12.65 24.26
CA LEU B 87 29.95 13.82 23.84
C LEU B 87 28.72 13.30 23.08
N ALA B 88 28.42 12.01 23.31
CA ALA B 88 27.34 11.28 22.66
C ALA B 88 26.01 11.39 23.44
N PRO B 89 25.01 12.12 22.87
CA PRO B 89 23.69 12.22 23.52
C PRO B 89 22.85 10.96 23.28
N ASN B 90 23.41 9.81 23.64
CA ASN B 90 22.84 8.49 23.34
C ASN B 90 22.58 7.58 24.56
N ASP B 91 23.56 7.54 25.47
CA ASP B 91 23.67 6.45 26.46
C ASP B 91 23.97 5.12 25.74
N LEU B 92 23.96 5.17 24.40
CA LEU B 92 24.46 4.11 23.53
C LEU B 92 25.92 4.42 23.22
N PRO B 93 26.75 3.38 22.93
CA PRO B 93 28.16 3.61 22.61
C PRO B 93 28.39 4.43 21.34
N LEU B 94 29.66 4.68 21.02
CA LEU B 94 30.08 5.16 19.70
C LEU B 94 31.07 4.14 19.10
N LEU B 95 31.65 4.45 17.93
CA LEU B 95 32.70 3.60 17.38
C LEU B 95 33.89 4.39 16.84
N ALA B 96 35.07 4.00 17.27
CA ALA B 96 36.31 4.68 16.88
C ALA B 96 37.20 3.74 16.06
N MET B 97 37.47 4.14 14.82
CA MET B 97 38.28 3.34 13.91
C MET B 97 39.58 4.05 13.57
N GLU B 98 40.53 3.31 13.00
CA GLU B 98 41.76 3.89 12.48
C GLU B 98 41.52 4.55 11.12
N TYR B 99 41.32 5.87 11.13
CA TYR B 99 41.07 6.63 9.90
C TYR B 99 42.28 6.60 8.98
N CYS B 100 42.04 6.30 7.71
CA CYS B 100 43.12 6.18 6.73
C CYS B 100 43.16 7.42 5.83
N GLU B 101 44.34 7.81 5.37
CA GLU B 101 44.52 9.05 4.61
C GLU B 101 44.04 9.00 3.18
N GLY B 102 43.65 10.16 2.70
CA GLY B 102 42.96 10.37 1.40
C GLY B 102 42.86 9.30 0.31
N GLY B 103 42.10 8.23 0.56
CA GLY B 103 42.00 7.09 -0.37
C GLY B 103 40.62 6.55 -0.75
N ASP B 104 39.56 7.23 -0.33
CA ASP B 104 38.21 6.91 -0.76
C ASP B 104 38.23 6.40 -2.20
N LEU B 105 38.21 5.07 -2.34
CA LEU B 105 38.45 4.42 -3.63
C LEU B 105 37.83 5.18 -4.79
N ARG B 106 36.68 5.80 -4.51
CA ARG B 106 36.08 6.66 -5.49
C ARG B 106 37.12 7.68 -5.83
N LYS B 107 37.28 8.68 -4.99
CA LYS B 107 38.27 9.72 -5.23
C LYS B 107 39.04 9.54 -6.53
N TYR B 108 39.90 8.50 -6.60
CA TYR B 108 40.68 8.21 -7.83
C TYR B 108 39.80 7.75 -9.02
N LEU B 109 38.84 6.87 -8.78
CA LEU B 109 38.01 6.35 -9.88
C LEU B 109 37.41 7.48 -10.70
N ASN B 110 37.16 8.60 -10.04
CA ASN B 110 36.83 9.83 -10.75
C ASN B 110 38.12 10.41 -11.28
N GLN B 111 39.20 10.20 -10.51
CA GLN B 111 40.45 10.95 -10.59
C GLN B 111 40.52 11.83 -11.79
N PHE B 112 40.46 11.24 -12.98
CA PHE B 112 40.38 12.07 -14.15
C PHE B 112 40.86 11.48 -15.42
N GLU B 113 41.76 10.54 -15.34
CA GLU B 113 42.38 10.09 -16.54
C GLU B 113 42.43 8.64 -16.30
N ASN B 114 41.63 8.24 -15.32
CA ASN B 114 41.26 6.86 -15.21
C ASN B 114 39.98 6.64 -16.00
N CYS B 115 39.39 7.73 -16.48
CA CYS B 115 38.37 7.62 -17.50
C CYS B 115 39.00 6.83 -18.63
N CYS B 116 38.43 5.65 -18.87
CA CYS B 116 38.92 4.67 -19.85
C CYS B 116 39.68 3.59 -19.15
N GLY B 117 39.71 3.67 -17.83
CA GLY B 117 40.30 2.65 -16.99
C GLY B 117 41.35 3.16 -16.02
N LEU B 118 41.62 2.32 -15.05
CA LEU B 118 42.65 2.59 -14.08
C LEU B 118 43.62 1.39 -14.15
N LYS B 119 44.14 1.07 -15.35
CA LYS B 119 45.07 -0.09 -15.53
C LYS B 119 46.44 0.04 -14.86
N GLU B 120 46.51 -0.49 -13.65
CA GLU B 120 47.70 -0.39 -12.92
C GLU B 120 48.11 -1.81 -12.66
N GLY B 121 47.33 -2.52 -11.87
CA GLY B 121 47.94 -3.52 -11.03
C GLY B 121 47.66 -3.01 -9.62
N PRO B 122 47.77 -1.69 -9.34
CA PRO B 122 46.73 -1.13 -8.47
C PRO B 122 45.31 -1.57 -8.87
N ILE B 123 45.17 -2.24 -10.02
CA ILE B 123 44.08 -3.20 -10.22
C ILE B 123 44.44 -4.50 -9.47
N ARG B 124 45.66 -5.01 -9.74
CA ARG B 124 46.26 -6.24 -9.14
C ARG B 124 46.38 -6.15 -7.58
N THR B 125 46.60 -4.94 -7.06
CA THR B 125 46.52 -4.73 -5.61
C THR B 125 45.05 -4.90 -5.25
N LEU B 126 44.24 -3.94 -5.67
CA LEU B 126 42.83 -3.92 -5.30
C LEU B 126 42.18 -5.26 -5.54
N LEU B 127 42.27 -5.78 -6.77
CA LEU B 127 41.78 -7.11 -7.04
C LEU B 127 42.25 -8.12 -5.99
N SER B 128 43.47 -7.93 -5.49
CA SER B 128 44.00 -8.82 -4.45
C SER B 128 43.54 -8.43 -3.04
N ASP B 129 43.93 -7.23 -2.62
CA ASP B 129 43.60 -6.74 -1.26
C ASP B 129 42.20 -7.14 -0.79
N ILE B 130 41.22 -6.67 -1.56
CA ILE B 130 39.83 -6.92 -1.28
C ILE B 130 39.59 -8.41 -1.28
N SER B 131 40.05 -9.10 -2.31
CA SER B 131 39.85 -10.55 -2.39
C SER B 131 40.29 -11.23 -1.09
N SER B 132 41.27 -10.63 -0.42
CA SER B 132 41.71 -11.16 0.86
C SER B 132 41.05 -10.49 2.09
N ALA B 133 40.36 -9.37 1.88
CA ALA B 133 39.51 -8.80 2.90
C ALA B 133 38.18 -9.55 2.96
N LEU B 134 37.57 -9.79 1.80
CA LEU B 134 36.34 -10.59 1.69
C LEU B 134 36.62 -11.96 2.26
N ARG B 135 37.71 -12.56 1.79
CA ARG B 135 38.31 -13.72 2.44
C ARG B 135 37.83 -13.83 3.86
N TYR B 136 38.44 -12.97 4.70
CA TYR B 136 38.32 -12.95 6.14
C TYR B 136 36.88 -12.86 6.62
N LEU B 137 36.01 -12.40 5.74
CA LEU B 137 34.63 -12.15 6.08
C LEU B 137 33.73 -13.35 5.78
N HIS B 138 34.14 -14.18 4.83
CA HIS B 138 33.42 -15.42 4.60
C HIS B 138 34.01 -16.46 5.54
N GLU B 139 34.98 -16.01 6.33
CA GLU B 139 35.63 -16.85 7.34
C GLU B 139 34.86 -16.79 8.61
N ASN B 140 34.34 -15.61 8.88
CA ASN B 140 33.55 -15.37 10.06
C ASN B 140 32.06 -15.33 9.68
N ARG B 141 31.78 -15.84 8.47
CA ARG B 141 30.46 -15.83 7.81
C ARG B 141 29.74 -14.50 7.95
N ILE B 142 30.46 -13.43 7.62
CA ILE B 142 29.94 -12.06 7.67
C ILE B 142 29.93 -11.49 6.26
N ILE B 143 28.85 -11.72 5.54
CA ILE B 143 28.64 -11.14 4.22
C ILE B 143 28.56 -9.62 4.35
N HIS B 144 29.41 -8.89 3.61
CA HIS B 144 29.46 -7.44 3.69
C HIS B 144 28.20 -6.81 3.14
N ARG B 145 27.55 -7.62 2.29
CA ARG B 145 26.38 -7.25 1.51
C ARG B 145 26.67 -6.19 0.46
N ASP B 146 26.72 -4.92 0.86
CA ASP B 146 27.06 -3.88 -0.10
C ASP B 146 28.56 -3.85 -0.34
N LEU B 147 28.95 -3.09 -1.37
CA LEU B 147 30.32 -2.90 -1.78
C LEU B 147 30.24 -1.92 -2.93
N LYS B 148 31.09 -0.89 -2.83
CA LYS B 148 30.93 0.34 -3.54
C LYS B 148 32.36 0.79 -3.76
N PRO B 149 32.55 1.91 -4.46
CA PRO B 149 33.87 2.47 -4.31
C PRO B 149 34.06 3.18 -2.95
N GLU B 150 32.98 3.72 -2.38
CA GLU B 150 33.13 4.68 -1.29
C GLU B 150 33.20 4.06 0.10
N ASN B 151 33.57 2.80 0.17
CA ASN B 151 33.83 2.15 1.45
C ASN B 151 35.29 1.75 1.53
N ILE B 152 36.01 1.94 0.43
CA ILE B 152 37.39 1.50 0.34
C ILE B 152 38.36 2.66 0.23
N VAL B 153 39.45 2.57 0.97
CA VAL B 153 40.46 3.61 1.00
C VAL B 153 41.88 3.15 0.65
N LEU B 154 42.31 3.49 -0.57
CA LEU B 154 43.70 3.37 -1.01
C LEU B 154 44.55 4.40 -0.26
N GLN B 155 45.20 3.94 0.80
CA GLN B 155 46.06 4.78 1.64
C GLN B 155 47.53 4.38 1.47
N PRO B 156 48.44 5.37 1.37
CA PRO B 156 49.89 5.11 1.23
C PRO B 156 50.46 4.04 2.21
N GLY B 157 51.21 3.09 1.66
CA GLY B 157 51.72 1.94 2.43
C GLY B 157 53.23 1.91 2.60
N PRO B 158 53.70 1.22 3.67
CA PRO B 158 55.14 1.04 3.93
C PRO B 158 55.89 0.46 2.73
N GLN B 159 55.16 -0.09 1.75
CA GLN B 159 55.77 -0.57 0.52
C GLN B 159 55.01 -0.18 -0.74
N ARG B 160 53.78 -0.69 -0.89
CA ARG B 160 53.03 -0.57 -2.15
C ARG B 160 51.50 -0.37 -2.01
N LEU B 161 51.09 0.82 -1.56
CA LEU B 161 49.66 1.21 -1.44
C LEU B 161 48.76 0.15 -0.80
N ILE B 162 48.60 0.23 0.51
CA ILE B 162 47.64 -0.63 1.20
C ILE B 162 46.30 0.05 1.09
N HIS B 163 45.27 -0.70 0.68
CA HIS B 163 43.90 -0.16 0.75
C HIS B 163 42.93 -0.91 1.67
N LYS B 164 42.15 -0.11 2.39
CA LYS B 164 41.33 -0.58 3.47
C LYS B 164 39.85 -0.28 3.27
N ILE B 165 39.02 -1.26 3.61
CA ILE B 165 37.57 -1.17 3.53
C ILE B 165 36.96 -0.71 4.86
N ILE B 166 36.62 0.58 4.91
CA ILE B 166 36.16 1.33 6.10
C ILE B 166 34.62 1.17 6.30
N ASP B 167 34.03 2.08 7.09
CA ASP B 167 32.56 2.41 7.22
C ASP B 167 31.50 1.29 7.33
N LEU B 168 31.68 0.18 6.63
CA LEU B 168 30.50 -0.63 6.36
C LEU B 168 30.34 -1.91 7.17
N GLY B 169 29.10 -2.12 7.59
CA GLY B 169 28.63 -3.31 8.28
C GLY B 169 27.12 -3.35 8.14
N TYR B 170 26.65 -3.53 6.91
CA TYR B 170 25.25 -3.84 6.63
C TYR B 170 25.22 -5.34 6.56
N ALA B 171 25.75 -5.95 7.60
CA ALA B 171 26.48 -7.18 7.43
C ALA B 171 25.83 -8.45 7.94
N LYS B 172 24.64 -8.75 7.42
CA LYS B 172 24.02 -10.10 7.46
C LYS B 172 24.86 -11.25 8.09
N GLU B 173 25.45 -11.00 9.25
CA GLU B 173 26.29 -11.98 9.91
C GLU B 173 25.50 -13.21 10.28
N LEU B 174 25.74 -14.29 9.56
CA LEU B 174 25.07 -15.54 9.86
C LEU B 174 25.02 -15.78 11.37
N ASP B 175 23.89 -16.32 11.81
CA ASP B 175 23.63 -16.69 13.19
C ASP B 175 23.13 -15.54 14.04
N GLN B 176 23.80 -14.41 13.98
CA GLN B 176 23.29 -13.25 14.68
C GLN B 176 22.56 -12.29 13.76
N GLY B 177 21.65 -12.84 12.95
CA GLY B 177 20.76 -12.08 12.06
C GLY B 177 21.46 -11.11 11.12
N GLU B 178 20.68 -10.20 10.54
CA GLU B 178 21.25 -9.13 9.73
C GLU B 178 21.59 -7.96 10.63
N LEU B 179 22.31 -6.99 10.09
CA LEU B 179 22.34 -5.65 10.66
C LEU B 179 21.45 -4.79 9.76
N CYS B 180 20.87 -3.72 10.31
CA CYS B 180 20.05 -2.74 9.57
C CYS B 180 19.11 -3.16 8.43
N THR B 181 19.60 -3.23 7.18
CA THR B 181 18.78 -3.17 5.94
C THR B 181 18.34 -1.72 5.77
N GLU B 182 19.26 -0.83 6.15
CA GLU B 182 19.09 0.61 6.04
C GLU B 182 19.01 1.10 4.59
N PHE B 183 19.61 0.37 3.64
CA PHE B 183 19.43 0.65 2.19
C PHE B 183 20.09 1.97 1.71
N VAL B 184 20.92 2.60 2.53
CA VAL B 184 21.10 4.08 2.42
C VAL B 184 21.56 4.78 1.10
N GLY B 185 22.82 5.20 1.02
CA GLY B 185 23.30 6.21 0.05
C GLY B 185 23.18 5.97 -1.46
N THR B 186 24.27 5.48 -2.08
CA THR B 186 24.29 5.18 -3.53
C THR B 186 24.07 3.71 -3.76
N LEU B 187 22.85 3.42 -4.17
CA LEU B 187 22.44 2.07 -4.44
C LEU B 187 23.14 1.55 -5.69
N GLN B 188 23.48 2.52 -6.54
CA GLN B 188 23.84 2.31 -7.95
C GLN B 188 24.55 0.96 -8.31
N TYR B 189 25.05 0.20 -7.28
CA TYR B 189 25.93 -1.04 -7.37
C TYR B 189 25.37 -2.41 -7.06
N LEU B 190 24.70 -2.60 -5.93
CA LEU B 190 24.43 -3.98 -5.41
C LEU B 190 23.71 -5.04 -6.29
N ALA B 191 23.41 -6.21 -5.76
CA ALA B 191 22.96 -7.32 -6.59
C ALA B 191 21.56 -7.82 -6.24
N PRO B 192 20.76 -8.25 -7.25
CA PRO B 192 19.38 -8.67 -7.04
C PRO B 192 18.78 -8.45 -5.64
N GLU B 193 18.77 -7.17 -5.26
CA GLU B 193 17.99 -6.60 -4.18
C GLU B 193 16.96 -5.78 -4.85
N LEU B 194 16.24 -6.45 -5.74
CA LEU B 194 14.87 -6.06 -6.04
C LEU B 194 14.37 -6.22 -4.59
N LEU B 195 14.26 -5.07 -3.89
CA LEU B 195 14.25 -4.96 -2.42
C LEU B 195 13.93 -6.28 -1.71
N GLU B 196 14.99 -6.92 -1.20
CA GLU B 196 14.94 -8.18 -0.42
C GLU B 196 15.17 -9.43 -1.28
N GLN B 197 14.20 -10.35 -1.34
CA GLN B 197 14.43 -11.73 -1.78
C GLN B 197 15.28 -12.49 -0.76
N LYS B 198 15.28 -13.81 -0.92
CA LYS B 198 15.79 -14.72 0.11
C LYS B 198 17.25 -15.03 -0.13
N LYS B 199 17.73 -14.66 -1.32
CA LYS B 199 19.06 -15.06 -1.76
C LYS B 199 20.15 -14.15 -1.20
N TYR B 200 20.04 -13.71 0.07
CA TYR B 200 21.14 -13.01 0.74
C TYR B 200 22.25 -13.99 0.98
N THR B 201 22.52 -14.85 -0.03
CA THR B 201 23.63 -15.82 0.00
C THR B 201 24.97 -15.14 -0.21
N VAL B 202 26.00 -15.67 0.41
CA VAL B 202 27.36 -15.23 0.16
C VAL B 202 27.45 -14.45 -1.17
N THR B 203 27.04 -15.14 -2.24
CA THR B 203 26.99 -14.70 -3.64
C THR B 203 27.00 -13.22 -3.96
N VAL B 204 26.36 -12.45 -3.09
CA VAL B 204 26.01 -11.09 -3.43
C VAL B 204 27.18 -10.14 -3.19
N ASP B 205 28.16 -10.63 -2.46
CA ASP B 205 29.41 -9.91 -2.42
C ASP B 205 30.08 -10.06 -3.79
N TYR B 206 30.18 -11.32 -4.24
CA TYR B 206 30.93 -11.65 -5.47
C TYR B 206 30.48 -10.77 -6.62
N TRP B 207 29.16 -10.56 -6.71
CA TRP B 207 28.62 -9.67 -7.70
C TRP B 207 29.19 -8.23 -7.59
N SER B 208 29.06 -7.62 -6.41
CA SER B 208 29.38 -6.19 -6.30
C SER B 208 30.84 -5.96 -6.61
N PHE B 209 31.68 -6.78 -5.98
CA PHE B 209 33.13 -6.83 -6.19
C PHE B 209 33.45 -6.85 -7.66
N GLY B 210 32.82 -7.82 -8.34
CA GLY B 210 32.95 -8.02 -9.77
C GLY B 210 32.80 -6.73 -10.58
N THR B 211 31.63 -6.10 -10.47
CA THR B 211 31.45 -4.85 -11.17
C THR B 211 32.45 -3.80 -10.63
N LEU B 212 32.45 -3.60 -9.31
CA LEU B 212 33.47 -2.78 -8.66
C LEU B 212 34.82 -2.94 -9.39
N ALA B 213 35.20 -4.21 -9.58
CA ALA B 213 36.40 -4.55 -10.31
C ALA B 213 36.24 -4.07 -11.74
N PHE B 214 35.24 -4.60 -12.47
CA PHE B 214 35.02 -4.17 -13.85
C PHE B 214 35.28 -2.67 -13.92
N GLU B 215 34.29 -1.90 -13.46
CA GLU B 215 34.41 -0.49 -13.24
C GLU B 215 35.84 0.01 -13.08
N CYS B 216 36.60 -0.68 -12.26
CA CYS B 216 37.97 -0.26 -12.02
C CYS B 216 38.85 -0.51 -13.26
N ILE B 217 38.63 -1.63 -13.95
CA ILE B 217 39.42 -1.94 -15.15
C ILE B 217 39.22 -0.85 -16.21
N THR B 218 37.98 -0.46 -16.37
CA THR B 218 37.51 0.21 -17.53
C THR B 218 36.91 1.53 -17.18
N GLY B 219 35.62 1.52 -16.79
CA GLY B 219 34.89 2.67 -16.33
C GLY B 219 33.37 2.48 -16.26
N PHE B 220 32.84 1.26 -16.32
CA PHE B 220 31.33 1.06 -16.24
C PHE B 220 30.84 -0.04 -15.27
N ARG B 221 30.02 -0.96 -15.80
CA ARG B 221 29.52 -2.16 -15.14
C ARG B 221 28.51 -2.67 -16.18
N PRO B 222 27.68 -3.75 -15.84
CA PRO B 222 26.69 -4.31 -16.84
C PRO B 222 25.88 -3.18 -17.44
N PHE B 223 25.62 -2.15 -16.60
CA PHE B 223 25.72 -0.70 -16.95
C PHE B 223 25.03 0.33 -16.04
N LEU B 224 25.62 1.52 -15.91
CA LEU B 224 24.96 2.54 -15.10
C LEU B 224 24.88 3.98 -15.62
N PRO B 225 24.85 4.12 -16.96
CA PRO B 225 23.82 5.13 -17.29
C PRO B 225 22.58 4.21 -17.31
N ASN B 226 21.34 4.73 -17.42
CA ASN B 226 20.10 4.06 -16.96
C ASN B 226 20.29 4.05 -15.43
N TRP B 227 19.68 3.08 -14.76
CA TRP B 227 19.66 3.06 -13.31
C TRP B 227 19.43 1.67 -12.69
N GLN B 228 18.96 1.66 -11.46
CA GLN B 228 18.66 0.43 -10.76
C GLN B 228 17.36 -0.29 -11.27
N PRO B 229 16.11 0.16 -10.86
CA PRO B 229 14.94 -0.58 -11.37
C PRO B 229 14.82 -0.37 -12.86
N VAL B 230 15.66 0.50 -13.38
CA VAL B 230 15.79 0.72 -14.79
C VAL B 230 16.52 -0.47 -15.47
N GLN B 231 17.44 -1.12 -14.76
CA GLN B 231 18.06 -2.39 -15.20
C GLN B 231 17.10 -3.54 -15.14
N TRP B 232 17.04 -4.28 -14.03
CA TRP B 232 16.37 -5.61 -14.02
C TRP B 232 16.12 -6.19 -15.41
N HIS B 233 16.20 -5.36 -16.45
CA HIS B 233 16.20 -5.85 -17.82
C HIS B 233 17.63 -5.84 -18.28
N GLY B 234 18.42 -5.00 -17.63
CA GLY B 234 19.86 -5.26 -17.56
C GLY B 234 20.07 -6.77 -17.54
N LYS B 235 19.44 -7.47 -16.59
CA LYS B 235 19.50 -8.92 -16.47
C LYS B 235 18.83 -9.64 -17.61
N VAL B 236 18.98 -9.04 -18.78
CA VAL B 236 18.87 -9.63 -20.12
C VAL B 236 17.65 -10.50 -20.33
N ARG B 237 16.95 -10.21 -21.42
CA ARG B 237 15.91 -11.10 -21.98
C ARG B 237 16.45 -11.97 -23.15
N ILE B 244 22.09 -12.82 -21.27
CA ILE B 244 22.26 -12.60 -19.83
C ILE B 244 23.76 -12.59 -19.52
N VAL B 245 24.41 -13.75 -19.81
CA VAL B 245 25.86 -13.88 -19.93
C VAL B 245 26.21 -13.51 -21.38
N VAL B 246 26.04 -12.22 -21.74
CA VAL B 246 26.22 -11.66 -23.12
C VAL B 246 26.82 -10.26 -22.98
N TYR B 247 26.69 -9.42 -24.03
CA TYR B 247 26.76 -7.91 -23.96
C TYR B 247 25.75 -7.18 -24.94
N ASP B 248 25.48 -5.88 -24.73
CA ASP B 248 24.18 -5.34 -25.11
C ASP B 248 24.00 -4.17 -26.09
N ASP B 249 22.98 -3.38 -25.80
CA ASP B 249 22.20 -2.69 -26.80
C ASP B 249 22.37 -1.18 -26.77
N LEU B 250 21.91 -0.52 -27.86
CA LEU B 250 22.15 0.92 -28.12
C LEU B 250 20.86 1.70 -28.30
N THR B 251 21.02 2.72 -29.15
CA THR B 251 20.03 3.62 -29.70
C THR B 251 20.87 4.36 -30.75
N GLY B 252 21.26 5.61 -30.47
CA GLY B 252 22.36 6.23 -31.15
C GLY B 252 23.49 5.35 -30.73
N ALA B 253 24.58 5.94 -30.25
CA ALA B 253 25.65 5.13 -29.65
C ALA B 253 25.42 5.14 -28.15
N VAL B 254 25.04 3.99 -27.58
CA VAL B 254 25.00 3.74 -26.11
C VAL B 254 25.07 2.23 -25.95
N LYS B 255 25.64 1.67 -24.87
CA LYS B 255 25.96 0.18 -24.82
C LYS B 255 26.19 -0.42 -23.42
N PHE B 256 25.77 -1.66 -23.17
CA PHE B 256 25.61 -2.02 -21.77
C PHE B 256 25.87 -3.48 -21.38
N SER B 257 27.10 -3.73 -20.88
CA SER B 257 28.00 -4.82 -21.39
C SER B 257 28.92 -5.71 -20.55
N SER B 258 28.91 -6.97 -20.95
CA SER B 258 29.80 -7.97 -20.40
C SER B 258 29.87 -9.25 -21.27
N VAL B 259 30.54 -9.10 -22.46
CA VAL B 259 31.39 -10.11 -23.22
C VAL B 259 32.81 -9.57 -23.61
N LEU B 260 32.85 -8.38 -24.22
CA LEU B 260 34.10 -7.86 -24.74
C LEU B 260 34.54 -6.54 -24.06
N PRO B 261 35.37 -6.63 -22.98
CA PRO B 261 35.67 -5.55 -22.03
C PRO B 261 36.39 -4.30 -22.48
N THR B 262 36.11 -3.80 -23.69
CA THR B 262 36.21 -2.33 -24.02
C THR B 262 37.61 -1.68 -24.48
N PRO B 263 37.74 -0.37 -24.82
CA PRO B 263 39.08 0.28 -25.01
C PRO B 263 39.80 0.92 -23.79
N ASN B 264 40.16 0.03 -22.86
CA ASN B 264 40.81 0.24 -21.55
C ASN B 264 42.32 0.38 -21.63
N HIS B 265 43.07 0.34 -20.50
CA HIS B 265 44.53 0.16 -20.66
C HIS B 265 45.23 -0.97 -19.93
N LEU B 266 44.69 -2.19 -19.99
CA LEU B 266 45.24 -3.39 -19.31
C LEU B 266 46.34 -4.15 -20.04
N SER B 267 46.84 -5.22 -19.41
CA SER B 267 47.76 -6.17 -20.06
C SER B 267 47.07 -6.90 -21.24
N GLY B 268 47.81 -7.06 -22.34
CA GLY B 268 47.36 -7.86 -23.46
C GLY B 268 46.76 -9.15 -22.97
N ILE B 269 47.46 -9.84 -22.09
CA ILE B 269 46.92 -11.11 -21.61
C ILE B 269 46.00 -11.04 -20.37
N LEU B 270 45.58 -9.85 -19.97
CA LEU B 270 44.56 -9.79 -18.93
C LEU B 270 43.08 -9.60 -19.39
N ALA B 271 42.88 -9.20 -20.63
CA ALA B 271 41.67 -9.61 -21.30
C ALA B 271 41.53 -11.09 -20.89
N GLY B 272 42.67 -11.80 -20.86
CA GLY B 272 42.77 -13.20 -20.40
C GLY B 272 42.06 -13.60 -19.11
N LYS B 273 42.30 -12.85 -18.03
CA LYS B 273 41.38 -12.89 -16.90
C LYS B 273 40.02 -12.36 -17.33
N LEU B 274 39.95 -11.04 -17.50
CA LEU B 274 38.70 -10.30 -17.50
C LEU B 274 37.53 -11.12 -17.97
N GLU B 275 37.42 -11.16 -19.29
CA GLU B 275 36.28 -11.69 -20.02
C GLU B 275 35.87 -13.07 -19.53
N ARG B 276 36.80 -13.75 -18.88
CA ARG B 276 36.53 -15.07 -18.33
C ARG B 276 36.53 -15.08 -16.81
N TRP B 277 37.07 -14.04 -16.18
CA TRP B 277 36.82 -13.98 -14.79
C TRP B 277 35.49 -13.36 -14.67
N LEU B 278 35.46 -12.05 -14.85
CA LEU B 278 34.23 -11.30 -14.69
C LEU B 278 32.94 -11.95 -15.27
N GLN B 279 33.05 -12.67 -16.39
CA GLN B 279 31.93 -13.42 -16.98
C GLN B 279 31.37 -14.43 -15.98
N CYS B 280 31.97 -14.48 -14.80
CA CYS B 280 31.65 -15.49 -13.82
C CYS B 280 31.40 -14.86 -12.50
N MET B 281 32.08 -13.75 -12.28
CA MET B 281 31.90 -12.96 -11.09
C MET B 281 30.71 -12.03 -11.17
N LEU B 282 30.10 -11.94 -12.36
CA LEU B 282 28.95 -11.07 -12.58
C LEU B 282 27.67 -11.82 -12.87
N MET B 283 27.19 -12.49 -11.82
CA MET B 283 25.93 -13.25 -11.87
C MET B 283 25.12 -13.38 -10.54
N TRP B 284 24.07 -14.22 -10.62
CA TRP B 284 22.91 -14.28 -9.73
C TRP B 284 22.63 -15.67 -9.10
N HIS B 285 22.04 -15.67 -7.88
CA HIS B 285 21.64 -16.90 -7.18
C HIS B 285 22.82 -17.58 -6.52
N GLN B 286 23.60 -18.29 -7.34
CA GLN B 286 24.76 -19.07 -6.94
C GLN B 286 26.04 -18.80 -7.80
N ARG B 287 26.45 -17.54 -7.83
CA ARG B 287 27.73 -17.10 -8.43
C ARG B 287 28.59 -16.31 -7.47
N THR B 291 31.42 -21.77 -9.16
CA THR B 291 30.90 -20.92 -10.23
C THR B 291 31.40 -21.31 -11.64
N ASP B 292 32.72 -21.29 -11.91
CA ASP B 292 33.29 -21.65 -13.26
C ASP B 292 33.15 -23.15 -13.57
N PRO B 293 32.20 -23.49 -14.48
CA PRO B 293 31.58 -24.84 -14.55
C PRO B 293 32.47 -25.96 -15.12
N GLN B 294 33.77 -25.74 -15.16
CA GLN B 294 34.72 -26.78 -15.52
C GLN B 294 35.17 -27.51 -14.25
N ASN B 295 34.77 -26.99 -13.09
CA ASN B 295 35.35 -27.41 -11.82
C ASN B 295 34.64 -26.84 -10.64
N PRO B 296 34.82 -27.46 -9.45
CA PRO B 296 34.59 -26.74 -8.20
C PRO B 296 35.90 -26.15 -7.64
N ASN B 297 36.25 -24.93 -8.04
CA ASN B 297 37.44 -24.21 -7.53
C ASN B 297 37.15 -23.38 -6.26
N VAL B 298 37.64 -22.13 -6.21
CA VAL B 298 37.16 -21.11 -5.25
C VAL B 298 36.73 -19.82 -5.98
N GLY B 299 35.52 -19.36 -5.65
CA GLY B 299 34.87 -18.18 -6.24
C GLY B 299 35.84 -17.09 -6.60
N CYS B 300 36.07 -16.17 -5.68
CA CYS B 300 37.15 -15.21 -5.92
C CYS B 300 38.48 -15.95 -5.82
N PHE B 301 38.92 -16.21 -4.60
CA PHE B 301 40.28 -16.71 -4.31
C PHE B 301 40.96 -17.51 -5.40
N GLN B 302 40.81 -18.83 -5.37
CA GLN B 302 41.62 -19.67 -6.22
C GLN B 302 41.79 -19.07 -7.62
N ALA B 303 40.68 -18.92 -8.35
CA ALA B 303 40.71 -18.45 -9.74
C ALA B 303 41.45 -17.13 -9.90
N LEU B 304 41.01 -16.14 -9.13
CA LEU B 304 41.56 -14.80 -9.19
C LEU B 304 43.02 -14.77 -8.78
N ASP B 305 43.38 -15.57 -7.78
CA ASP B 305 44.74 -15.62 -7.25
C ASP B 305 45.72 -16.19 -8.30
N SER B 306 45.35 -17.31 -8.91
CA SER B 306 46.13 -17.92 -10.01
C SER B 306 46.15 -17.01 -11.24
N ILE B 307 45.03 -16.35 -11.47
CA ILE B 307 44.94 -15.37 -12.53
C ILE B 307 45.66 -14.05 -12.14
N LEU B 308 45.94 -13.88 -10.84
CA LEU B 308 46.65 -12.68 -10.36
C LEU B 308 48.15 -12.85 -10.24
N SER B 309 48.57 -14.03 -9.77
CA SER B 309 49.98 -14.39 -9.79
C SER B 309 50.33 -14.74 -11.24
N LEU B 310 51.14 -15.78 -11.48
CA LEU B 310 51.77 -16.00 -12.78
C LEU B 310 52.81 -14.89 -12.96
N LYS B 311 54.01 -15.22 -13.34
CA LYS B 311 55.02 -14.19 -13.58
C LYS B 311 55.12 -13.94 -15.05
N LEU B 312 55.13 -12.67 -15.40
CA LEU B 312 54.90 -12.30 -16.77
C LEU B 312 56.07 -11.65 -17.47
N LEU B 313 56.62 -12.38 -18.41
CA LEU B 313 57.51 -11.77 -19.34
C LEU B 313 56.79 -11.42 -20.59
N SER B 314 57.43 -10.55 -21.33
CA SER B 314 56.81 -9.76 -22.32
C SER B 314 57.95 -9.32 -23.19
N VAL B 315 57.92 -9.68 -24.45
CA VAL B 315 59.04 -9.41 -25.28
C VAL B 315 58.52 -8.66 -26.45
N MET B 316 58.91 -7.40 -26.51
CA MET B 316 58.71 -6.63 -27.72
C MET B 316 59.21 -7.43 -28.91
N ASN B 317 58.85 -7.02 -30.11
CA ASN B 317 59.40 -7.61 -31.29
C ASN B 317 60.30 -6.65 -32.00
N MET B 318 59.73 -5.87 -32.93
CA MET B 318 60.49 -4.98 -33.84
C MET B 318 60.29 -5.44 -35.25
N VAL B 319 60.21 -6.75 -35.47
CA VAL B 319 59.45 -7.21 -36.59
C VAL B 319 58.03 -6.76 -36.22
N SER B 320 57.61 -5.62 -36.79
CA SER B 320 56.59 -4.64 -36.23
C SER B 320 55.41 -5.13 -35.36
N GLY B 321 55.24 -6.44 -35.27
CA GLY B 321 54.26 -7.08 -34.39
C GLY B 321 54.45 -6.67 -32.94
N ARG B 322 54.93 -5.46 -32.77
CA ARG B 322 55.13 -4.88 -31.46
C ARG B 322 55.32 -5.99 -30.43
N VAL B 323 54.33 -6.27 -29.60
CA VAL B 323 54.61 -7.08 -28.40
C VAL B 323 54.28 -8.56 -28.53
N HIS B 324 54.65 -9.29 -27.47
CA HIS B 324 54.26 -10.66 -27.20
C HIS B 324 54.49 -10.77 -25.71
N THR B 325 53.68 -11.56 -25.01
CA THR B 325 53.84 -11.75 -23.57
C THR B 325 53.70 -13.19 -23.20
N TYR B 326 54.48 -13.63 -22.21
CA TYR B 326 54.50 -15.05 -21.83
C TYR B 326 54.51 -15.23 -20.31
N PRO B 327 53.75 -16.23 -19.84
CA PRO B 327 53.65 -16.67 -18.46
C PRO B 327 54.78 -17.64 -18.12
N VAL B 328 55.58 -17.31 -17.13
CA VAL B 328 56.82 -18.08 -16.90
C VAL B 328 57.09 -18.57 -15.46
N THR B 329 57.36 -19.88 -15.33
CA THR B 329 57.74 -20.49 -14.05
C THR B 329 59.22 -20.22 -13.77
N GLU B 330 59.60 -20.09 -12.49
CA GLU B 330 61.02 -20.03 -12.13
C GLU B 330 61.63 -21.43 -12.28
N ASN B 331 61.90 -21.78 -13.54
CA ASN B 331 62.07 -23.16 -13.97
C ASN B 331 62.20 -23.30 -15.50
N GLU B 332 62.40 -22.17 -16.16
CA GLU B 332 62.50 -22.11 -17.61
C GLU B 332 63.55 -21.05 -17.92
N ASN B 333 64.24 -21.19 -19.05
CA ASN B 333 65.27 -20.22 -19.45
C ASN B 333 65.17 -19.74 -20.90
N LEU B 334 66.26 -19.14 -21.41
CA LEU B 334 66.25 -18.54 -22.75
C LEU B 334 65.68 -19.45 -23.81
N GLN B 335 66.43 -20.43 -24.29
CA GLN B 335 65.95 -21.26 -25.41
C GLN B 335 64.53 -21.85 -25.24
N ASN B 336 64.00 -21.86 -24.02
CA ASN B 336 62.60 -22.17 -23.82
C ASN B 336 61.85 -21.15 -24.63
N LEU B 337 62.05 -19.89 -24.26
CA LEU B 337 61.48 -18.70 -24.89
C LEU B 337 61.77 -18.72 -26.37
N LYS B 338 63.07 -18.72 -26.69
CA LYS B 338 63.55 -18.66 -28.07
C LYS B 338 62.65 -19.50 -28.96
N SER B 339 62.34 -20.71 -28.49
CA SER B 339 61.45 -21.59 -29.23
C SER B 339 60.09 -20.93 -29.31
N TRP B 340 59.44 -20.77 -28.17
CA TRP B 340 58.11 -20.29 -28.23
C TRP B 340 58.04 -18.83 -28.73
N LEU B 341 59.19 -18.24 -29.04
CA LEU B 341 59.24 -16.91 -29.64
C LEU B 341 59.23 -17.00 -31.16
N GLN B 342 59.92 -18.01 -31.67
CA GLN B 342 59.89 -18.33 -33.09
C GLN B 342 58.55 -18.97 -33.32
N GLN B 343 58.10 -19.69 -32.30
CA GLN B 343 56.84 -20.39 -32.35
C GLN B 343 55.76 -19.48 -32.92
N ASP B 344 55.82 -18.21 -32.53
CA ASP B 344 54.84 -17.23 -32.91
C ASP B 344 55.37 -16.33 -34.06
N THR B 345 56.64 -15.93 -33.98
CA THR B 345 57.22 -15.07 -35.03
C THR B 345 57.78 -15.89 -36.17
N GLY B 346 58.55 -16.93 -35.82
CA GLY B 346 59.11 -17.82 -36.80
C GLY B 346 60.49 -17.43 -37.27
N ILE B 347 61.02 -16.30 -36.80
CA ILE B 347 62.42 -15.98 -37.02
C ILE B 347 63.18 -16.68 -35.87
N PRO B 348 63.70 -17.91 -36.13
CA PRO B 348 64.25 -18.89 -35.15
C PRO B 348 65.61 -18.50 -34.53
N GLU B 349 65.88 -19.03 -33.32
CA GLU B 349 67.04 -18.62 -32.47
C GLU B 349 68.25 -18.01 -33.17
N GLU B 350 68.72 -18.65 -34.23
CA GLU B 350 69.86 -18.15 -34.99
C GLU B 350 69.47 -16.98 -35.93
N GLU B 351 68.93 -15.95 -35.30
CA GLU B 351 68.63 -14.65 -35.88
C GLU B 351 67.83 -13.89 -34.81
N GLN B 352 68.05 -14.27 -33.56
CA GLN B 352 67.26 -13.78 -32.43
C GLN B 352 68.08 -12.95 -31.45
N GLU B 353 67.82 -11.66 -31.47
CA GLU B 353 68.51 -10.74 -30.61
C GLU B 353 67.67 -10.32 -29.43
N LEU B 354 67.87 -11.03 -28.33
CA LEU B 354 67.14 -10.76 -27.11
C LEU B 354 67.94 -9.85 -26.21
N LEU B 355 67.46 -8.62 -26.02
CA LEU B 355 68.24 -7.59 -25.36
C LEU B 355 67.52 -7.04 -24.13
N GLN B 356 67.64 -7.73 -22.99
CA GLN B 356 67.14 -7.25 -21.71
C GLN B 356 67.61 -5.82 -21.46
N ALA B 357 66.67 -4.96 -21.08
CA ALA B 357 66.89 -3.51 -21.06
C ALA B 357 67.55 -3.01 -22.36
N SER B 358 68.32 -1.95 -22.25
CA SER B 358 69.31 -1.61 -23.27
C SER B 358 70.65 -2.13 -22.79
N GLY B 359 70.81 -2.21 -21.48
CA GLY B 359 72.00 -2.76 -20.87
C GLY B 359 72.03 -4.27 -21.03
N LEU B 360 72.86 -4.73 -21.98
CA LEU B 360 73.22 -6.15 -22.16
C LEU B 360 72.69 -6.80 -23.43
N ALA B 361 72.91 -8.10 -23.44
CA ALA B 361 72.14 -9.07 -24.18
C ALA B 361 71.63 -10.09 -23.13
N LEU B 362 70.91 -11.10 -23.58
CA LEU B 362 70.22 -11.98 -22.63
C LEU B 362 71.07 -13.09 -22.05
N ASN B 363 71.47 -12.85 -20.80
CA ASN B 363 72.24 -13.80 -20.01
C ASN B 363 71.43 -15.07 -19.68
N SER B 364 71.31 -15.98 -20.65
CA SER B 364 70.50 -17.18 -20.49
C SER B 364 70.91 -18.02 -19.27
N ALA B 365 71.76 -17.45 -18.44
CA ALA B 365 72.19 -18.04 -17.18
C ALA B 365 70.98 -18.33 -16.29
N GLN B 366 70.50 -17.27 -15.65
CA GLN B 366 69.32 -17.27 -14.78
C GLN B 366 68.07 -17.87 -15.43
N PRO B 367 67.13 -18.40 -14.61
CA PRO B 367 65.79 -18.68 -15.14
C PRO B 367 65.04 -17.38 -15.52
N LEU B 368 63.86 -17.49 -16.13
CA LEU B 368 63.15 -16.33 -16.70
C LEU B 368 62.53 -15.37 -15.66
N THR B 369 62.55 -15.78 -14.40
CA THR B 369 61.91 -15.05 -13.32
C THR B 369 62.83 -14.01 -12.68
N GLN B 370 64.04 -13.89 -13.19
CA GLN B 370 64.91 -12.80 -12.78
C GLN B 370 64.65 -11.63 -13.69
N TYR B 371 64.05 -11.95 -14.84
CA TYR B 371 63.75 -10.97 -15.87
C TYR B 371 62.31 -10.45 -15.79
N VAL B 372 61.58 -10.91 -14.78
CA VAL B 372 60.15 -10.57 -14.60
C VAL B 372 59.88 -9.08 -14.29
N ILE B 373 59.91 -8.73 -13.00
CA ILE B 373 59.51 -7.41 -12.46
C ILE B 373 58.23 -6.81 -13.04
N ASP B 374 57.24 -6.61 -12.17
CA ASP B 374 55.91 -6.05 -12.53
C ASP B 374 55.26 -5.32 -11.33
N CYS B 375 54.38 -4.36 -11.64
CA CYS B 375 53.35 -3.93 -10.68
C CYS B 375 53.62 -2.72 -9.80
N THR B 376 54.85 -2.57 -9.29
CA THR B 376 55.05 -1.72 -8.09
C THR B 376 56.41 -0.94 -7.96
N VAL B 377 56.36 0.41 -7.99
CA VAL B 377 57.53 1.25 -7.65
C VAL B 377 57.37 1.81 -6.24
N GLY B 385 62.20 -0.59 -18.82
CA GLY B 385 62.60 -1.98 -18.56
C GLY B 385 61.75 -3.03 -19.29
N ASP B 386 62.37 -3.70 -20.27
CA ASP B 386 61.74 -4.79 -21.03
C ASP B 386 62.44 -5.30 -22.32
N LEU B 387 62.58 -6.62 -22.39
CA LEU B 387 63.29 -7.35 -23.44
C LEU B 387 62.78 -7.05 -24.81
N ILE B 388 63.32 -6.00 -25.42
CA ILE B 388 63.12 -5.78 -26.87
C ILE B 388 63.82 -6.96 -27.59
N PHE B 389 63.89 -6.96 -28.93
CA PHE B 389 64.17 -8.22 -29.62
C PHE B 389 64.19 -8.15 -31.15
N LEU B 390 65.33 -8.45 -31.78
CA LEU B 390 65.48 -8.24 -33.23
C LEU B 390 65.86 -9.45 -34.09
N PHE B 391 66.03 -9.20 -35.38
CA PHE B 391 65.76 -10.17 -36.47
C PHE B 391 66.92 -10.70 -37.36
N ASP B 392 68.10 -10.08 -37.21
CA ASP B 392 69.32 -10.30 -38.04
C ASP B 392 69.18 -10.12 -39.56
N ASN B 393 68.83 -8.90 -40.00
CA ASN B 393 68.58 -8.57 -41.42
C ASN B 393 68.75 -7.12 -41.91
N ARG B 394 68.22 -6.83 -43.09
CA ARG B 394 68.18 -5.48 -43.60
C ARG B 394 66.80 -4.89 -43.35
N LYS B 395 66.75 -3.89 -42.47
CA LYS B 395 65.51 -3.19 -41.96
C LYS B 395 64.31 -4.03 -41.44
N ILE B 402 61.66 -2.16 -41.84
CA ILE B 402 60.91 -1.42 -42.87
C ILE B 402 59.68 -0.69 -42.30
N SER B 403 59.80 -0.13 -41.10
CA SER B 403 58.67 0.42 -40.33
C SER B 403 57.44 -0.48 -40.23
N LEU B 404 56.29 0.15 -40.05
CA LEU B 404 54.95 -0.47 -40.05
C LEU B 404 54.04 -0.03 -38.87
N PRO B 405 53.16 0.97 -39.12
CA PRO B 405 51.98 1.31 -38.33
C PRO B 405 50.89 0.22 -38.29
N ALA B 406 50.87 -0.55 -37.20
CA ALA B 406 49.80 -1.51 -36.87
C ALA B 406 48.93 -0.95 -35.73
N HIS B 407 47.62 -0.82 -35.96
CA HIS B 407 46.76 -0.06 -35.05
C HIS B 407 45.62 -0.83 -34.36
N PRO B 408 45.41 -0.56 -33.06
CA PRO B 408 44.16 -0.85 -32.28
C PRO B 408 42.87 -0.12 -32.83
N GLU B 409 41.71 -0.16 -32.13
CA GLU B 409 40.51 0.62 -32.59
C GLU B 409 39.45 1.17 -31.57
N SER B 410 38.39 0.39 -31.35
CA SER B 410 37.23 0.75 -30.49
C SER B 410 36.12 1.41 -31.27
N VAL B 411 35.00 0.67 -31.36
CA VAL B 411 33.90 0.94 -32.31
C VAL B 411 33.47 2.40 -32.32
N SER B 412 32.88 2.86 -31.23
CA SER B 412 32.37 4.21 -31.14
C SER B 412 33.29 5.19 -31.86
N ILE B 413 34.57 5.14 -31.54
CA ILE B 413 35.54 6.03 -32.13
C ILE B 413 35.51 5.96 -33.64
N VAL B 414 35.63 4.75 -34.16
CA VAL B 414 35.77 4.52 -35.61
C VAL B 414 34.54 4.96 -36.42
N LEU B 415 33.51 5.45 -35.73
CA LEU B 415 32.30 5.95 -36.37
C LEU B 415 32.35 7.45 -36.33
N GLN B 416 32.79 7.95 -35.20
CA GLN B 416 32.90 9.38 -34.92
C GLN B 416 33.50 10.18 -36.05
N ASP B 417 34.56 9.63 -36.60
CA ASP B 417 35.39 10.31 -37.54
C ASP B 417 34.87 10.20 -38.97
N PRO B 418 34.46 8.99 -39.42
CA PRO B 418 33.58 9.11 -40.57
C PRO B 418 32.17 9.58 -40.13
N LYS B 419 32.10 10.73 -39.45
CA LYS B 419 30.84 11.37 -39.00
C LYS B 419 31.02 12.68 -38.21
N ARG B 420 29.98 13.04 -37.45
CA ARG B 420 29.93 14.29 -36.70
C ARG B 420 28.52 14.77 -36.21
N PRO B 421 27.45 13.95 -36.40
CA PRO B 421 26.09 14.49 -36.26
C PRO B 421 25.52 14.46 -34.84
N LEU B 422 24.77 13.38 -34.54
CA LEU B 422 24.26 13.08 -33.20
C LEU B 422 25.40 13.26 -32.23
N THR B 423 25.14 13.91 -31.11
CA THR B 423 26.17 14.05 -30.12
C THR B 423 25.57 14.28 -28.78
N TYR B 424 24.93 13.23 -28.29
CA TYR B 424 24.19 13.24 -27.07
C TYR B 424 25.10 13.66 -25.92
N THR B 425 24.47 14.12 -24.86
CA THR B 425 25.07 14.31 -23.53
C THR B 425 26.48 13.84 -23.33
N HIS B 426 26.69 12.60 -23.78
CA HIS B 426 27.83 11.81 -23.42
C HIS B 426 28.84 11.62 -24.47
N LEU B 427 29.74 12.56 -24.43
CA LEU B 427 30.90 12.49 -25.17
C LEU B 427 31.85 12.08 -24.09
N ARG B 428 31.45 12.34 -22.86
CA ARG B 428 32.16 11.84 -21.68
C ARG B 428 32.76 10.41 -21.76
N ARG B 429 32.16 9.54 -22.59
CA ARG B 429 32.86 8.34 -22.97
C ARG B 429 33.66 8.77 -24.10
N VAL B 430 32.97 8.92 -25.23
CA VAL B 430 33.67 9.00 -26.50
C VAL B 430 34.88 9.92 -26.51
N TRP B 431 34.69 11.12 -25.97
CA TRP B 431 35.77 12.08 -25.85
C TRP B 431 36.88 11.49 -25.02
N GLY B 432 36.70 11.34 -23.70
CA GLY B 432 37.63 10.52 -22.90
C GLY B 432 38.37 9.44 -23.70
N GLN B 433 37.61 8.58 -24.39
CA GLN B 433 38.16 7.55 -25.27
C GLN B 433 39.21 8.06 -26.27
N ILE B 434 38.86 9.13 -26.99
CA ILE B 434 39.69 9.62 -28.08
C ILE B 434 41.06 10.05 -27.64
N TRP B 435 41.17 10.76 -26.50
CA TRP B 435 42.53 11.05 -26.01
C TRP B 435 43.17 9.78 -25.51
N GLN B 436 42.40 8.89 -24.90
CA GLN B 436 43.10 7.77 -24.35
C GLN B 436 43.92 7.06 -25.40
N THR B 437 43.33 6.98 -26.60
CA THR B 437 43.98 6.41 -27.80
C THR B 437 45.04 7.35 -28.39
N ILE B 438 44.78 8.65 -28.39
CA ILE B 438 45.90 9.56 -28.61
C ILE B 438 47.04 9.25 -27.63
N ARG B 439 46.71 9.07 -26.33
CA ARG B 439 47.68 8.69 -25.25
C ARG B 439 48.19 7.30 -25.35
N ALA B 440 47.40 6.40 -25.91
CA ALA B 440 47.91 5.08 -26.24
C ALA B 440 48.90 5.05 -27.40
N LEU B 441 49.13 6.20 -28.01
CA LEU B 441 50.05 6.26 -29.13
C LEU B 441 51.39 6.78 -28.72
N LYS B 442 51.40 7.85 -27.95
CA LYS B 442 52.61 8.29 -27.24
C LYS B 442 53.24 7.17 -26.40
N GLU B 443 52.41 6.42 -25.65
CA GLU B 443 52.78 5.14 -25.02
C GLU B 443 53.45 4.22 -26.00
N ASP B 444 52.91 4.15 -27.20
CA ASP B 444 53.43 3.26 -28.23
C ASP B 444 54.69 3.74 -28.99
N CYS B 445 54.60 4.87 -29.69
CA CYS B 445 55.75 5.47 -30.39
C CYS B 445 56.96 5.50 -29.50
N ALA B 446 56.88 6.15 -28.34
CA ALA B 446 58.02 6.14 -27.42
C ALA B 446 58.17 4.77 -26.79
N ARG B 447 57.77 3.87 -27.60
CA ARG B 447 58.07 2.54 -27.24
C ARG B 447 58.83 1.86 -28.36
N LEU B 448 58.72 2.41 -29.56
CA LEU B 448 59.46 1.86 -30.69
C LEU B 448 60.79 2.59 -30.80
N LEU B 449 60.83 3.80 -30.28
CA LEU B 449 62.07 4.52 -30.11
C LEU B 449 62.84 3.83 -28.99
N GLN B 450 62.11 3.10 -28.16
CA GLN B 450 62.75 2.23 -27.20
C GLN B 450 63.53 1.13 -27.90
N GLY B 451 62.84 0.17 -28.52
CA GLY B 451 63.50 -0.85 -29.33
C GLY B 451 64.86 -0.42 -29.86
N GLN B 452 64.86 0.54 -30.77
CA GLN B 452 66.04 1.00 -31.44
C GLN B 452 67.11 1.35 -30.46
N ARG B 453 66.85 2.37 -29.67
CA ARG B 453 67.88 2.84 -28.78
C ARG B 453 68.08 1.93 -27.54
N THR B 454 67.85 0.63 -27.75
CA THR B 454 68.50 -0.41 -26.95
C THR B 454 69.37 -1.31 -27.85
N SER B 455 68.94 -1.50 -29.10
CA SER B 455 69.60 -2.41 -30.06
C SER B 455 70.79 -1.79 -30.78
N MET B 456 70.93 -0.49 -30.57
CA MET B 456 72.07 0.29 -31.02
C MET B 456 72.72 0.96 -29.82
N VAL B 457 72.47 0.39 -28.65
CA VAL B 457 73.30 0.63 -27.49
C VAL B 457 73.65 -0.79 -27.05
N ASN B 458 73.66 -1.65 -28.05
CA ASN B 458 74.32 -2.92 -27.96
C ASN B 458 75.37 -2.98 -29.07
N LEU B 459 75.11 -2.26 -30.16
CA LEU B 459 76.07 -2.02 -31.22
C LEU B 459 77.18 -1.12 -30.69
N LEU B 460 76.82 0.10 -30.33
CA LEU B 460 77.73 1.09 -29.76
C LEU B 460 78.63 0.52 -28.66
N ARG B 461 78.18 -0.58 -28.06
CA ARG B 461 79.03 -1.33 -27.14
C ARG B 461 80.04 -2.12 -27.96
N TYR B 462 79.61 -3.25 -28.52
CA TYR B 462 80.51 -4.19 -29.19
C TYR B 462 80.97 -3.71 -30.57
N ASN B 463 80.85 -2.40 -30.77
CA ASN B 463 81.65 -1.70 -31.71
C ASN B 463 82.88 -1.27 -30.94
N THR B 464 82.77 -0.17 -30.19
CA THR B 464 83.87 0.38 -29.41
C THR B 464 84.71 -0.67 -28.70
N GLU B 465 84.05 -1.48 -27.88
CA GLU B 465 84.72 -2.43 -26.96
C GLU B 465 85.61 -3.48 -27.63
N LEU B 466 85.15 -4.07 -28.73
CA LEU B 466 85.99 -4.97 -29.46
C LEU B 466 86.84 -4.16 -30.45
N SER B 467 86.19 -3.41 -31.34
CA SER B 467 86.88 -2.68 -32.41
C SER B 467 87.58 -1.39 -31.98
N LYS B 468 88.24 -1.45 -30.84
CA LYS B 468 89.29 -0.50 -30.51
C LYS B 468 90.53 -1.28 -30.12
N LYS B 469 90.31 -2.37 -29.39
CA LYS B 469 91.39 -3.31 -29.07
C LYS B 469 91.98 -3.92 -30.35
N LYS B 470 91.16 -4.09 -31.37
CA LYS B 470 91.66 -4.61 -32.61
C LYS B 470 92.30 -3.49 -33.42
N ASN B 471 92.26 -2.28 -32.89
CA ASN B 471 93.08 -1.20 -33.42
C ASN B 471 94.30 -0.92 -32.56
N SER B 472 94.78 -2.01 -31.96
CA SER B 472 96.13 -2.15 -31.41
C SER B 472 96.82 -3.23 -32.22
N MET B 473 96.04 -4.29 -32.51
CA MET B 473 96.49 -5.35 -33.40
C MET B 473 96.89 -4.77 -34.75
N THR B 474 96.59 -3.50 -34.97
CA THR B 474 97.00 -2.87 -36.20
C THR B 474 97.74 -1.54 -35.93
N SER B 475 98.33 -1.50 -34.73
CA SER B 475 99.50 -0.67 -34.46
C SER B 475 100.70 -1.59 -34.51
N GLU B 476 100.46 -2.84 -34.14
CA GLU B 476 101.43 -3.91 -34.32
C GLU B 476 101.82 -4.21 -35.75
N CYS B 477 100.85 -4.78 -36.55
CA CYS B 477 101.28 -5.09 -37.91
C CYS B 477 102.35 -4.07 -38.24
N GLU B 478 102.19 -2.83 -37.78
CA GLU B 478 103.14 -1.80 -38.19
C GLU B 478 104.39 -1.68 -37.30
N GLN B 479 104.41 -2.54 -36.27
CA GLN B 479 105.61 -2.82 -35.49
C GLN B 479 106.38 -3.98 -36.12
N LEU B 480 105.67 -5.07 -36.41
CA LEU B 480 106.28 -6.25 -36.97
C LEU B 480 106.82 -5.91 -38.36
N LYS B 481 106.34 -4.82 -38.96
CA LYS B 481 106.91 -4.39 -40.24
C LYS B 481 108.23 -3.68 -40.11
N ALA B 482 108.19 -2.47 -39.57
CA ALA B 482 109.42 -1.75 -39.26
C ALA B 482 110.43 -2.61 -38.46
N LYS B 483 109.95 -3.54 -37.62
CA LYS B 483 110.81 -4.48 -36.92
C LYS B 483 111.37 -5.52 -37.88
N LEU B 484 110.56 -6.12 -38.74
CA LEU B 484 111.12 -6.93 -39.81
C LEU B 484 112.27 -6.21 -40.56
N ASP B 485 112.42 -4.90 -40.35
CA ASP B 485 113.45 -4.15 -41.06
C ASP B 485 114.87 -4.09 -40.55
N PHE B 486 115.05 -3.95 -39.23
CA PHE B 486 116.39 -4.16 -38.64
C PHE B 486 116.94 -5.39 -39.36
N PHE B 487 116.02 -6.26 -39.80
CA PHE B 487 116.39 -7.51 -40.37
C PHE B 487 116.58 -7.44 -41.88
N ARG B 488 116.39 -6.27 -42.43
CA ARG B 488 116.85 -6.02 -43.78
C ARG B 488 118.28 -5.55 -43.70
N SER B 489 118.63 -4.88 -42.63
CA SER B 489 120.02 -4.57 -42.41
C SER B 489 120.80 -5.82 -41.97
N SER B 490 120.58 -6.29 -40.73
CA SER B 490 121.15 -7.55 -40.20
C SER B 490 121.63 -8.55 -41.26
N ILE B 491 120.71 -8.97 -42.15
CA ILE B 491 121.04 -10.00 -43.11
C ILE B 491 121.36 -9.45 -44.50
N GLN B 492 121.48 -8.13 -44.61
CA GLN B 492 122.24 -7.60 -45.74
C GLN B 492 123.67 -7.19 -45.32
N ILE B 493 123.82 -6.32 -44.30
CA ILE B 493 125.13 -5.92 -43.73
C ILE B 493 126.09 -7.12 -43.54
N ASP B 494 125.55 -8.23 -43.07
CA ASP B 494 126.28 -9.48 -43.03
C ASP B 494 126.70 -9.90 -44.41
N LEU B 495 125.70 -10.22 -45.23
CA LEU B 495 125.91 -10.61 -46.60
C LEU B 495 126.71 -9.57 -47.42
N GLU B 496 127.02 -8.43 -46.83
CA GLU B 496 127.85 -7.43 -47.46
C GLU B 496 129.30 -7.55 -47.04
N LYS B 497 129.53 -8.15 -45.88
CA LYS B 497 130.90 -8.32 -45.46
C LYS B 497 131.43 -9.76 -45.64
N TYR B 498 130.56 -10.71 -46.00
CA TYR B 498 131.03 -12.05 -46.37
C TYR B 498 131.52 -12.00 -47.82
N SER B 499 131.46 -10.81 -48.41
CA SER B 499 132.19 -10.54 -49.64
C SER B 499 133.51 -9.81 -49.30
N GLU B 500 133.70 -9.47 -48.04
CA GLU B 500 135.02 -9.13 -47.51
C GLU B 500 135.88 -10.37 -47.30
N GLN B 501 135.41 -11.51 -47.80
CA GLN B 501 136.12 -12.76 -47.64
C GLN B 501 136.64 -13.30 -48.96
N MET B 502 137.96 -13.14 -49.10
CA MET B 502 138.78 -13.87 -50.06
C MET B 502 140.05 -14.31 -49.33
N GLU B 503 140.26 -13.71 -48.15
CA GLU B 503 141.38 -13.99 -47.26
C GLU B 503 140.95 -14.92 -46.11
N PHE B 504 140.24 -15.97 -46.51
CA PHE B 504 139.77 -17.11 -45.69
C PHE B 504 138.35 -17.01 -45.01
N GLY B 505 137.87 -18.15 -44.47
CA GLY B 505 136.52 -18.33 -43.95
C GLY B 505 135.55 -18.53 -45.07
N ILE B 506 135.89 -17.98 -46.23
CA ILE B 506 134.98 -17.79 -47.41
C ILE B 506 134.44 -19.00 -48.19
N THR B 507 134.97 -20.22 -48.02
CA THR B 507 134.51 -21.36 -48.86
C THR B 507 132.95 -21.48 -48.83
N SER B 508 132.43 -22.71 -48.87
CA SER B 508 130.98 -22.98 -48.93
C SER B 508 130.25 -22.35 -50.14
N GLU B 509 130.14 -21.01 -50.16
CA GLU B 509 129.34 -20.22 -51.14
C GLU B 509 127.86 -20.58 -51.15
N LYS B 510 127.55 -21.78 -50.65
CA LYS B 510 126.18 -22.25 -50.38
C LYS B 510 125.55 -21.49 -49.22
N LEU B 511 126.40 -21.01 -48.30
CA LEU B 511 125.99 -20.16 -47.18
C LEU B 511 126.31 -18.70 -47.53
N LEU B 512 126.16 -18.40 -48.83
CA LEU B 512 126.16 -17.05 -49.38
C LEU B 512 125.13 -17.04 -50.49
N SER B 513 124.93 -18.20 -51.11
CA SER B 513 123.84 -18.37 -52.04
C SER B 513 122.53 -18.59 -51.28
N ALA B 514 122.61 -19.34 -50.18
CA ALA B 514 121.44 -19.63 -49.35
C ALA B 514 120.98 -18.39 -48.58
N TRP B 515 121.91 -17.47 -48.42
CA TRP B 515 121.61 -16.15 -47.94
C TRP B 515 120.98 -15.36 -49.06
N ARG B 516 121.56 -15.43 -50.25
CA ARG B 516 121.01 -14.74 -51.43
C ARG B 516 119.56 -15.06 -51.70
N GLU B 517 119.23 -16.33 -51.50
CA GLU B 517 117.89 -16.87 -51.77
C GLU B 517 116.90 -16.51 -50.66
N MET B 518 117.44 -16.26 -49.47
CA MET B 518 116.64 -15.85 -48.32
C MET B 518 116.91 -14.40 -47.94
N GLU B 519 117.89 -13.79 -48.60
CA GLU B 519 117.95 -12.35 -48.67
C GLU B 519 116.53 -12.00 -49.04
N GLN B 520 116.12 -12.47 -50.23
CA GLN B 520 114.91 -12.03 -50.91
C GLN B 520 113.71 -12.97 -50.86
N ALA B 521 113.84 -14.11 -50.18
CA ALA B 521 112.67 -14.91 -49.83
C ALA B 521 111.85 -14.10 -48.83
N VAL B 522 112.53 -13.54 -47.83
CA VAL B 522 111.90 -12.75 -46.77
C VAL B 522 111.79 -11.25 -47.12
N GLU B 523 112.63 -10.77 -48.04
CA GLU B 523 112.69 -9.35 -48.44
C GLU B 523 111.32 -8.82 -48.87
N LEU B 524 110.39 -9.73 -49.12
CA LEU B 524 109.05 -9.38 -49.59
C LEU B 524 108.06 -10.43 -49.04
N CYS B 525 108.06 -10.56 -47.71
CA CYS B 525 107.30 -11.58 -46.96
C CYS B 525 106.18 -10.99 -46.14
N GLY B 526 106.41 -9.77 -45.66
CA GLY B 526 105.48 -9.08 -44.80
C GLY B 526 104.23 -8.69 -45.54
N ARG B 527 103.18 -9.48 -45.36
CA ARG B 527 101.87 -9.19 -45.94
C ARG B 527 101.19 -8.09 -45.13
N GLU B 528 101.41 -6.86 -45.57
CA GLU B 528 101.00 -5.68 -44.85
C GLU B 528 99.89 -4.85 -45.49
N ARG B 529 100.20 -3.97 -46.44
CA ARG B 529 99.25 -3.14 -47.22
C ARG B 529 97.76 -3.32 -46.89
N GLU B 530 97.48 -4.28 -46.01
CA GLU B 530 96.19 -4.39 -45.33
C GLU B 530 95.88 -3.14 -44.55
N VAL B 531 96.93 -2.38 -44.23
CA VAL B 531 96.85 -1.10 -43.52
C VAL B 531 95.75 -0.14 -43.94
N GLN B 532 95.19 -0.34 -45.14
CA GLN B 532 94.03 0.42 -45.60
C GLN B 532 92.69 -0.32 -45.35
N ALA B 533 92.53 -1.54 -45.89
CA ALA B 533 91.38 -2.41 -45.58
C ALA B 533 91.27 -2.71 -44.07
N LEU B 534 92.32 -2.34 -43.34
CA LEU B 534 92.29 -2.17 -41.90
C LEU B 534 91.65 -0.80 -41.64
N VAL B 535 92.42 0.28 -41.78
CA VAL B 535 91.98 1.66 -41.49
C VAL B 535 90.76 2.14 -42.27
N ASP B 536 90.81 2.04 -43.60
CA ASP B 536 89.72 2.48 -44.46
C ASP B 536 88.36 1.94 -43.98
N LYS B 537 88.22 0.62 -43.99
CA LYS B 537 86.97 -0.04 -43.64
C LYS B 537 86.81 -0.17 -42.12
N MET B 538 87.65 0.54 -41.39
CA MET B 538 87.49 0.71 -39.96
C MET B 538 86.85 2.05 -39.72
N MET B 539 87.31 3.05 -40.47
CA MET B 539 86.79 4.42 -40.37
C MET B 539 85.46 4.55 -41.08
N ALA B 540 85.08 3.52 -41.82
CA ALA B 540 83.74 3.44 -42.38
C ALA B 540 82.70 3.49 -41.26
N LEU B 541 82.94 2.73 -40.20
CA LEU B 541 81.93 2.49 -39.18
C LEU B 541 82.11 3.21 -37.85
N GLN B 542 83.24 3.87 -37.67
CA GLN B 542 83.42 4.76 -36.49
C GLN B 542 83.22 6.21 -36.91
N THR B 543 82.67 6.38 -38.12
CA THR B 543 82.14 7.64 -38.59
C THR B 543 80.69 7.48 -39.04
N ASP B 544 80.35 6.29 -39.54
CA ASP B 544 78.95 6.08 -39.92
C ASP B 544 78.05 5.70 -38.76
N SER B 545 78.59 5.00 -37.76
CA SER B 545 77.84 4.76 -36.53
C SER B 545 77.88 5.98 -35.61
N VAL B 546 78.45 7.09 -36.10
CA VAL B 546 78.46 8.35 -35.35
C VAL B 546 77.52 9.37 -35.99
N ASP B 547 77.05 9.09 -37.20
CA ASP B 547 76.03 9.92 -37.84
C ASP B 547 74.66 9.63 -37.28
N LEU B 548 74.47 8.38 -36.90
CA LEU B 548 73.18 7.88 -36.47
C LEU B 548 73.05 7.90 -34.96
N GLN B 549 74.15 7.79 -34.23
CA GLN B 549 74.12 7.96 -32.78
C GLN B 549 73.77 9.40 -32.41
N ARG B 550 73.85 10.32 -33.38
CA ARG B 550 73.42 11.71 -33.19
C ARG B 550 71.92 11.86 -33.32
N ASN B 551 71.44 12.33 -34.49
CA ASN B 551 70.02 12.22 -34.87
C ASN B 551 69.00 13.35 -34.64
N PRO B 552 68.33 13.77 -35.73
CA PRO B 552 67.02 14.44 -35.59
C PRO B 552 65.88 13.42 -35.48
N THR B 560 55.56 16.90 -31.61
CA THR B 560 54.22 17.33 -31.23
C THR B 560 53.23 16.19 -31.25
N LEU B 561 53.66 14.95 -31.08
CA LEU B 561 52.67 13.98 -30.65
C LEU B 561 52.38 14.34 -29.22
N ASP B 562 53.42 14.47 -28.41
CA ASP B 562 53.24 14.69 -26.98
C ASP B 562 52.58 16.01 -26.60
N ASP B 563 52.80 17.01 -27.44
CA ASP B 563 52.09 18.26 -27.38
C ASP B 563 50.57 18.11 -27.71
N LEU B 564 50.25 17.25 -28.68
CA LEU B 564 48.88 17.08 -29.10
C LEU B 564 48.08 16.36 -28.02
N GLU B 565 48.69 15.42 -27.32
CA GLU B 565 47.97 14.74 -26.24
C GLU B 565 47.86 15.55 -24.98
N GLU B 566 48.70 16.55 -24.85
CA GLU B 566 48.50 17.55 -23.81
C GLU B 566 47.38 18.53 -24.17
N GLN B 567 47.02 18.57 -25.45
CA GLN B 567 46.01 19.49 -25.97
C GLN B 567 44.68 18.77 -26.12
N ALA B 568 44.76 17.47 -26.33
CA ALA B 568 43.60 16.61 -26.17
C ALA B 568 43.42 16.30 -24.69
N ARG B 569 44.40 16.69 -23.86
CA ARG B 569 44.24 16.59 -22.41
C ARG B 569 43.15 17.49 -21.91
N ASP B 570 43.20 18.75 -22.32
CA ASP B 570 42.30 19.76 -21.82
C ASP B 570 40.95 19.67 -22.50
N LEU B 571 40.92 19.48 -23.81
CA LEU B 571 39.62 19.41 -24.46
C LEU B 571 38.75 18.31 -23.82
N TYR B 572 39.37 17.17 -23.51
CA TYR B 572 38.65 16.03 -22.91
C TYR B 572 38.60 16.14 -21.38
N ARG B 573 39.05 17.31 -20.91
CA ARG B 573 38.97 17.73 -19.52
C ARG B 573 38.03 18.93 -19.38
N ARG B 574 38.22 19.96 -20.22
CA ARG B 574 37.38 21.17 -20.24
C ARG B 574 35.91 20.85 -20.53
N LEU B 575 35.66 19.66 -21.05
CA LEU B 575 34.30 19.20 -21.33
C LEU B 575 33.65 18.70 -20.07
N ARG B 576 34.45 18.04 -19.23
CA ARG B 576 34.00 17.57 -17.93
C ARG B 576 34.10 18.68 -16.91
N GLU B 577 34.83 19.73 -17.26
CA GLU B 577 34.89 20.93 -16.43
C GLU B 577 33.77 21.91 -16.76
N ARG B 578 33.17 21.76 -17.96
CA ARG B 578 32.06 22.61 -18.43
C ARG B 578 30.90 22.60 -17.43
N PRO B 579 30.88 23.62 -16.53
CA PRO B 579 30.14 23.48 -15.27
C PRO B 579 28.65 23.41 -15.45
N ARG B 580 28.04 22.39 -14.85
CA ARG B 580 26.59 22.17 -14.88
C ARG B 580 25.97 22.38 -16.28
N ASP B 581 24.82 23.02 -16.35
CA ASP B 581 24.02 23.07 -17.58
C ASP B 581 24.67 23.71 -18.82
N GLN B 582 25.13 22.88 -19.75
CA GLN B 582 25.30 23.27 -21.16
C GLN B 582 25.17 22.02 -21.97
N ARG B 583 25.53 20.92 -21.34
CA ARG B 583 25.73 19.65 -21.99
C ARG B 583 25.29 19.61 -23.45
N THR B 584 24.11 19.08 -23.73
CA THR B 584 23.67 18.73 -25.11
C THR B 584 24.41 19.19 -26.36
N PRO B 585 24.41 20.52 -26.66
CA PRO B 585 24.95 21.06 -27.91
C PRO B 585 26.01 20.13 -28.55
N GLY B 586 25.52 19.21 -29.40
CA GLY B 586 26.31 18.05 -29.83
C GLY B 586 27.38 18.11 -30.93
N ASP B 587 28.71 18.06 -30.61
CA ASP B 587 29.84 18.13 -31.59
C ASP B 587 30.92 17.05 -31.45
N SER B 588 30.89 16.05 -32.35
CA SER B 588 31.92 15.01 -32.42
C SER B 588 33.23 15.77 -32.50
N ASN B 589 33.52 16.26 -33.71
CA ASN B 589 34.28 17.48 -33.86
C ASN B 589 35.80 17.40 -33.98
N ASP B 590 36.44 18.48 -33.59
CA ASP B 590 37.88 18.66 -33.58
C ASP B 590 38.55 17.71 -32.61
N MET B 591 37.72 16.90 -31.97
CA MET B 591 38.24 15.83 -31.16
C MET B 591 38.50 14.63 -32.01
N VAL B 592 38.29 14.88 -33.28
CA VAL B 592 38.72 14.04 -34.34
C VAL B 592 39.94 14.74 -34.99
N ARG B 593 39.91 16.06 -35.13
CA ARG B 593 41.13 16.76 -35.55
C ARG B 593 42.33 16.22 -34.75
N LEU B 594 42.27 16.39 -33.43
CA LEU B 594 43.38 16.02 -32.57
C LEU B 594 43.67 14.55 -32.58
N LEU B 595 42.89 13.76 -33.32
CA LEU B 595 43.19 12.36 -33.46
C LEU B 595 43.84 12.15 -34.78
N ILE B 596 43.25 12.68 -35.85
CA ILE B 596 43.83 12.57 -37.20
C ILE B 596 45.33 12.94 -37.15
N LEU B 597 45.64 14.08 -36.56
CA LEU B 597 47.00 14.53 -36.49
C LEU B 597 47.84 13.56 -35.69
N ALA B 598 47.35 13.22 -34.51
CA ALA B 598 47.99 12.22 -33.64
C ALA B 598 47.97 10.78 -34.22
N ILE B 599 47.73 10.66 -35.51
CA ILE B 599 48.05 9.45 -36.22
C ILE B 599 49.30 9.79 -37.02
N GLN B 600 49.21 10.82 -37.88
CA GLN B 600 50.32 11.19 -38.75
C GLN B 600 51.60 11.39 -38.02
N SER B 601 51.55 12.21 -36.99
CA SER B 601 52.73 12.44 -36.16
C SER B 601 53.13 11.22 -35.32
N PHE B 602 52.26 10.19 -35.21
CA PHE B 602 52.71 8.89 -34.71
C PHE B 602 53.30 8.11 -35.85
N GLU B 603 52.49 7.90 -36.88
CA GLU B 603 52.87 7.21 -38.12
C GLU B 603 54.29 7.61 -38.61
N LYS B 604 54.53 8.93 -38.67
CA LYS B 604 55.77 9.49 -39.16
C LYS B 604 56.92 9.37 -38.16
N ARG B 605 56.63 9.44 -36.87
CA ARG B 605 57.62 9.14 -35.86
C ARG B 605 57.86 7.63 -35.78
N VAL B 606 57.31 6.87 -36.71
CA VAL B 606 57.60 5.45 -36.76
C VAL B 606 58.28 5.07 -38.07
N ILE B 607 58.22 5.92 -39.08
CA ILE B 607 59.23 5.74 -40.12
C ILE B 607 60.57 6.18 -39.58
N LEU B 608 60.62 7.41 -39.08
CA LEU B 608 61.87 7.99 -38.74
C LEU B 608 62.57 7.04 -37.84
N ILE B 609 61.86 6.54 -36.83
CA ILE B 609 62.41 5.47 -36.00
C ILE B 609 62.98 4.32 -36.81
N TYR B 610 62.15 3.71 -37.65
CA TYR B 610 62.58 2.51 -38.37
C TYR B 610 63.70 2.72 -39.38
N ASP B 611 63.68 3.88 -40.01
CA ASP B 611 64.74 4.37 -40.86
C ASP B 611 66.09 4.35 -40.17
N GLN B 612 66.19 5.15 -39.09
CA GLN B 612 67.37 5.18 -38.26
C GLN B 612 67.39 3.95 -37.29
N LEU B 613 66.48 3.02 -37.48
CA LEU B 613 66.65 1.68 -36.91
C LEU B 613 67.46 0.90 -37.89
N SER B 614 67.02 0.91 -39.14
CA SER B 614 67.77 0.34 -40.26
C SER B 614 69.28 0.63 -40.14
N LYS B 615 69.60 1.91 -39.98
CA LYS B 615 70.98 2.33 -39.97
C LYS B 615 71.75 1.56 -38.93
N THR B 616 71.13 1.27 -37.80
CA THR B 616 71.76 0.50 -36.73
C THR B 616 71.54 -1.04 -36.80
N VAL B 617 71.22 -1.54 -38.01
CA VAL B 617 71.48 -2.92 -38.37
C VAL B 617 72.49 -2.94 -39.53
N VAL B 618 72.55 -1.87 -40.32
CA VAL B 618 73.66 -1.63 -41.26
C VAL B 618 74.99 -1.91 -40.57
N CYS B 619 75.12 -1.30 -39.40
CA CYS B 619 76.35 -1.31 -38.65
C CYS B 619 76.59 -2.62 -37.96
N LYS B 620 75.59 -3.18 -37.29
CA LYS B 620 75.66 -4.55 -36.78
C LYS B 620 76.34 -5.54 -37.74
N ARG B 621 75.89 -5.58 -39.00
CA ARG B 621 76.45 -6.53 -39.99
C ARG B 621 77.91 -6.20 -40.27
N LYS B 622 78.16 -4.96 -40.66
CA LYS B 622 79.51 -4.51 -40.95
C LYS B 622 80.46 -4.79 -39.79
N ALA B 623 80.02 -4.55 -38.56
CA ALA B 623 80.81 -4.94 -37.36
C ALA B 623 80.79 -6.43 -36.99
N LEU B 624 80.25 -7.26 -37.87
CA LEU B 624 80.41 -8.70 -37.73
C LEU B 624 81.24 -9.29 -38.87
N GLU B 625 81.47 -8.50 -39.91
CA GLU B 625 82.35 -8.85 -41.04
C GLU B 625 83.70 -8.21 -40.85
N LEU B 626 83.70 -6.92 -40.56
CA LEU B 626 84.95 -6.21 -40.34
C LEU B 626 85.53 -6.57 -39.01
N SER B 627 85.05 -7.65 -38.38
CA SER B 627 85.78 -8.22 -37.27
C SER B 627 86.68 -9.39 -37.70
N PRO B 628 86.11 -10.55 -38.09
CA PRO B 628 87.00 -11.71 -38.21
C PRO B 628 88.08 -11.58 -39.30
N LYS B 629 87.93 -10.61 -40.22
CA LYS B 629 88.99 -10.22 -41.13
C LYS B 629 90.14 -9.70 -40.30
N VAL B 630 89.96 -8.53 -39.73
CA VAL B 630 91.01 -7.90 -38.97
C VAL B 630 91.14 -8.55 -37.56
N LYS B 631 90.83 -9.84 -37.49
CA LYS B 631 91.18 -10.71 -36.36
C LYS B 631 92.10 -11.81 -36.88
N GLU B 632 91.51 -12.66 -37.70
CA GLU B 632 92.22 -13.79 -38.29
C GLU B 632 93.26 -13.35 -39.30
N VAL B 633 92.91 -12.43 -40.21
CA VAL B 633 93.85 -11.98 -41.26
C VAL B 633 95.08 -11.34 -40.58
N MET B 634 94.94 -10.99 -39.29
CA MET B 634 96.05 -10.42 -38.54
C MET B 634 96.66 -11.37 -37.53
N ASN B 635 96.13 -12.58 -37.52
CA ASN B 635 96.83 -13.75 -37.04
C ASN B 635 97.97 -14.05 -38.02
N LEU B 636 97.60 -14.18 -39.30
CA LEU B 636 98.54 -14.46 -40.39
C LEU B 636 99.62 -13.39 -40.48
N MET B 637 99.20 -12.13 -40.53
CA MET B 637 100.13 -11.00 -40.45
C MET B 637 101.26 -11.29 -39.47
N ARG B 638 100.93 -11.72 -38.24
CA ARG B 638 101.93 -11.92 -37.20
C ARG B 638 102.92 -13.01 -37.49
N GLU B 639 102.29 -14.23 -37.50
CA GLU B 639 103.06 -15.46 -37.53
C GLU B 639 103.89 -15.43 -38.79
N ASP B 640 103.30 -14.97 -39.90
CA ASP B 640 104.01 -14.78 -41.17
C ASP B 640 104.61 -13.39 -41.29
N GLU B 641 105.11 -13.02 -40.12
CA GLU B 641 106.21 -12.12 -39.91
C GLU B 641 107.03 -12.76 -38.78
N LYS B 642 106.35 -13.33 -37.79
CA LYS B 642 107.04 -13.93 -36.65
C LYS B 642 107.88 -15.18 -36.95
N ILE B 643 107.37 -16.11 -37.76
CA ILE B 643 108.23 -17.20 -38.24
C ILE B 643 109.28 -16.65 -39.18
N VAL B 644 108.87 -15.71 -40.02
CA VAL B 644 109.76 -14.98 -40.91
C VAL B 644 110.59 -13.94 -40.11
N VAL B 645 110.86 -14.30 -38.85
CA VAL B 645 111.94 -13.76 -38.01
C VAL B 645 112.25 -14.81 -36.91
N ARG B 646 111.97 -16.06 -37.21
CA ARG B 646 112.49 -17.16 -36.41
C ARG B 646 113.60 -17.78 -37.20
N ARG B 647 113.66 -17.46 -38.48
CA ARG B 647 114.70 -18.01 -39.34
C ARG B 647 115.97 -17.15 -39.34
N GLN B 648 116.08 -16.21 -38.41
CA GLN B 648 117.21 -15.26 -38.40
C GLN B 648 118.17 -15.66 -37.36
N GLU B 649 117.65 -16.44 -36.43
CA GLU B 649 118.42 -17.07 -35.38
C GLU B 649 119.21 -18.17 -36.04
N LYS B 650 118.58 -18.84 -37.01
CA LYS B 650 119.25 -19.87 -37.77
C LYS B 650 120.01 -19.35 -39.01
N ARG B 651 120.19 -18.03 -39.10
CA ARG B 651 121.00 -17.41 -40.16
C ARG B 651 122.20 -16.76 -39.60
N GLN B 652 122.09 -16.55 -38.31
CA GLN B 652 123.26 -16.24 -37.58
C GLN B 652 123.73 -17.55 -37.02
N GLN B 653 122.81 -18.48 -36.78
CA GLN B 653 123.20 -19.75 -36.22
C GLN B 653 124.37 -20.21 -37.04
N GLU B 654 124.24 -20.00 -38.34
CA GLU B 654 125.18 -20.57 -39.24
C GLU B 654 126.29 -19.63 -39.79
N LEU B 655 126.28 -18.37 -39.34
CA LEU B 655 127.52 -17.54 -39.38
C LEU B 655 128.34 -17.87 -38.15
N TRP B 656 127.60 -18.08 -37.07
CA TRP B 656 128.11 -18.39 -35.77
C TRP B 656 128.64 -19.84 -35.73
N ASN B 657 128.09 -20.70 -36.58
CA ASN B 657 128.61 -22.06 -36.82
C ASN B 657 129.78 -22.07 -37.84
N LEU B 658 129.68 -21.26 -38.88
CA LEU B 658 130.81 -20.92 -39.75
C LEU B 658 132.07 -20.44 -38.98
N LEU B 659 131.94 -19.96 -37.74
CA LEU B 659 133.13 -19.66 -36.91
C LEU B 659 133.74 -20.93 -36.39
N LYS B 660 132.93 -21.78 -35.80
CA LYS B 660 133.39 -23.07 -35.32
C LYS B 660 133.71 -24.08 -36.43
N ILE B 661 134.17 -23.56 -37.58
CA ILE B 661 134.74 -24.32 -38.69
C ILE B 661 136.16 -23.80 -38.92
N ALA B 662 136.25 -22.57 -39.45
CA ALA B 662 137.52 -21.87 -39.62
C ALA B 662 138.24 -21.72 -38.26
N CYS B 663 137.88 -22.60 -37.31
CA CYS B 663 138.46 -22.62 -35.96
C CYS B 663 138.78 -24.02 -35.43
N SER B 664 137.95 -25.00 -35.76
CA SER B 664 138.31 -26.39 -35.50
C SER B 664 139.37 -26.84 -36.51
N LYS B 665 139.49 -26.11 -37.63
CA LYS B 665 140.51 -26.37 -38.64
C LYS B 665 141.73 -25.45 -38.47
N VAL B 666 142.25 -25.40 -37.24
CA VAL B 666 143.51 -24.73 -36.88
C VAL B 666 144.05 -25.40 -35.65
N ARG B 667 143.13 -25.75 -34.74
CA ARG B 667 143.45 -26.55 -33.58
C ARG B 667 143.83 -27.98 -33.99
N GLU C 17 11.23 43.22 -47.00
CA GLU C 17 11.85 42.12 -46.19
C GLU C 17 10.88 41.44 -45.21
N MET C 18 11.43 40.84 -44.14
CA MET C 18 10.70 39.91 -43.22
C MET C 18 11.12 39.94 -41.69
N LYS C 19 10.50 39.08 -40.86
CA LYS C 19 10.51 39.24 -39.37
C LYS C 19 11.37 38.30 -38.50
N GLU C 20 10.77 37.25 -37.92
CA GLU C 20 11.40 36.46 -36.84
C GLU C 20 11.33 34.91 -36.95
N ARG C 21 11.45 34.22 -35.81
CA ARG C 21 11.65 32.75 -35.76
C ARG C 21 10.68 31.95 -34.90
N LEU C 22 10.62 30.65 -35.17
CA LEU C 22 9.80 29.70 -34.39
C LEU C 22 10.66 28.55 -33.83
N GLY C 23 10.17 27.31 -33.95
CA GLY C 23 10.87 26.08 -33.45
C GLY C 23 11.65 25.29 -34.51
N THR C 24 12.26 24.15 -34.13
CA THR C 24 13.22 23.42 -34.99
C THR C 24 13.01 21.90 -35.09
N GLY C 25 12.94 21.39 -36.32
CA GLY C 25 12.86 19.94 -36.54
C GLY C 25 12.47 19.53 -37.94
N GLY C 26 12.62 18.25 -38.23
CA GLY C 26 12.30 17.69 -39.54
C GLY C 26 13.51 17.78 -40.48
N PHE C 27 13.49 18.83 -41.29
CA PHE C 27 14.66 19.20 -42.08
C PHE C 27 15.02 20.66 -41.83
N GLY C 28 14.87 21.11 -40.58
CA GLY C 28 15.34 22.44 -40.22
C GLY C 28 14.37 23.39 -39.55
N TYR C 29 14.25 24.58 -40.10
CA TYR C 29 13.67 25.70 -39.38
C TYR C 29 12.23 26.03 -39.68
N VAL C 30 11.58 26.60 -38.67
CA VAL C 30 10.26 27.21 -38.77
C VAL C 30 10.46 28.68 -38.43
N LEU C 31 9.87 29.56 -39.24
CA LEU C 31 10.15 31.00 -39.12
C LEU C 31 8.89 31.86 -39.29
N ARG C 32 8.73 32.84 -38.41
CA ARG C 32 7.59 33.76 -38.44
C ARG C 32 7.89 35.07 -39.18
N TRP C 33 8.38 34.94 -40.41
CA TRP C 33 8.69 36.10 -41.25
C TRP C 33 7.40 36.85 -41.62
N ILE C 34 7.51 38.15 -41.91
CA ILE C 34 6.37 39.01 -42.27
C ILE C 34 6.75 40.08 -43.30
N HIS C 35 5.86 40.32 -44.25
CA HIS C 35 5.84 41.60 -44.95
C HIS C 35 5.38 42.66 -43.91
N GLN C 36 6.35 43.30 -43.25
CA GLN C 36 6.16 44.04 -41.98
C GLN C 36 5.31 45.32 -42.08
N ASP C 37 4.04 45.11 -42.39
CA ASP C 37 3.14 46.15 -42.86
C ASP C 37 1.90 45.38 -43.30
N THR C 38 0.81 45.51 -42.53
CA THR C 38 -0.39 44.66 -42.66
C THR C 38 -0.23 43.37 -41.85
N GLY C 39 1.02 43.02 -41.54
CA GLY C 39 1.36 41.86 -40.71
C GLY C 39 1.02 40.51 -41.33
N GLU C 40 1.78 40.14 -42.36
CA GLU C 40 1.59 38.85 -43.05
C GLU C 40 2.29 37.71 -42.30
N GLN C 41 1.59 37.09 -41.36
CA GLN C 41 2.17 36.07 -40.49
C GLN C 41 2.40 34.70 -41.17
N VAL C 42 3.47 34.59 -41.96
CA VAL C 42 3.80 33.33 -42.65
C VAL C 42 4.84 32.47 -41.93
N ALA C 43 4.68 31.15 -42.03
CA ALA C 43 5.64 30.18 -41.47
C ALA C 43 6.60 29.73 -42.57
N ILE C 44 7.88 29.54 -42.21
CA ILE C 44 8.88 29.17 -43.19
C ILE C 44 9.72 27.97 -42.79
N LYS C 45 9.45 26.82 -43.40
CA LYS C 45 10.26 25.64 -43.23
C LYS C 45 11.25 25.53 -44.36
N GLN C 46 12.49 25.89 -44.08
CA GLN C 46 13.59 25.79 -45.06
C GLN C 46 14.27 24.44 -44.96
N CYS C 47 15.45 24.31 -45.59
CA CYS C 47 16.11 23.01 -45.69
C CYS C 47 17.41 22.93 -44.90
N ARG C 48 17.95 21.71 -44.81
CA ARG C 48 19.10 21.42 -43.97
C ARG C 48 20.24 20.85 -44.81
N GLN C 49 21.27 21.69 -44.98
CA GLN C 49 22.60 21.29 -45.48
C GLN C 49 22.70 20.02 -46.36
N GLU C 50 21.90 19.95 -47.42
CA GLU C 50 21.93 18.83 -48.37
C GLU C 50 21.62 17.46 -47.77
N LEU C 51 21.10 16.57 -48.62
CA LEU C 51 20.84 15.20 -48.25
C LEU C 51 21.03 14.33 -49.48
N SER C 52 20.86 13.03 -49.32
CA SER C 52 20.83 12.10 -50.44
C SER C 52 19.79 12.61 -51.45
N PRO C 53 19.99 12.37 -52.77
CA PRO C 53 19.02 12.86 -53.76
C PRO C 53 17.58 12.45 -53.43
N LYS C 54 17.37 11.19 -53.02
CA LYS C 54 16.02 10.73 -52.64
C LYS C 54 15.54 11.29 -51.29
N ASN C 55 16.47 11.85 -50.51
CA ASN C 55 16.14 12.48 -49.23
C ASN C 55 15.89 13.99 -49.30
N ARG C 56 16.49 14.68 -50.27
CA ARG C 56 16.19 16.09 -50.55
C ARG C 56 15.02 16.22 -51.52
N GLU C 57 14.77 15.20 -52.32
CA GLU C 57 13.61 15.12 -53.21
C GLU C 57 12.34 14.78 -52.41
N ARG C 58 12.52 14.04 -51.32
CA ARG C 58 11.45 13.76 -50.35
C ARG C 58 10.97 15.02 -49.64
N TRP C 59 11.88 15.97 -49.41
CA TRP C 59 11.53 17.30 -48.88
C TRP C 59 10.54 18.00 -49.81
N CYS C 60 10.74 17.83 -51.11
CA CYS C 60 9.88 18.44 -52.11
C CYS C 60 8.52 17.74 -52.22
N LEU C 61 8.49 16.46 -51.86
CA LEU C 61 7.23 15.71 -51.79
C LEU C 61 6.37 16.19 -50.61
N GLU C 62 7.03 16.56 -49.53
CA GLU C 62 6.37 17.16 -48.37
C GLU C 62 5.68 18.46 -48.78
N ILE C 63 6.43 19.37 -49.39
CA ILE C 63 5.97 20.71 -49.80
C ILE C 63 4.69 20.67 -50.62
N GLN C 64 4.68 19.81 -51.63
CA GLN C 64 3.53 19.59 -52.45
C GLN C 64 2.37 19.03 -51.62
N ILE C 65 2.68 18.19 -50.63
CA ILE C 65 1.66 17.52 -49.83
C ILE C 65 0.94 18.40 -48.78
N MET C 66 1.71 19.17 -48.00
CA MET C 66 1.15 20.14 -47.02
C MET C 66 0.54 21.36 -47.72
N LYS C 67 0.63 21.40 -49.06
CA LYS C 67 -0.03 22.40 -49.89
C LYS C 67 -1.15 21.73 -50.64
N LYS C 68 -0.95 20.45 -50.94
CA LYS C 68 -1.94 19.60 -51.58
C LYS C 68 -3.18 19.48 -50.72
N LEU C 69 -3.03 19.82 -49.44
CA LEU C 69 -4.11 19.64 -48.47
C LEU C 69 -4.51 20.91 -47.70
N ASN C 70 -5.76 20.92 -47.29
CA ASN C 70 -6.37 21.98 -46.49
C ASN C 70 -7.55 21.42 -45.70
N HIS C 71 -7.46 21.53 -44.40
CA HIS C 71 -8.49 21.07 -43.50
C HIS C 71 -8.35 22.01 -42.32
N PRO C 72 -9.46 22.63 -41.88
CA PRO C 72 -9.32 23.37 -40.64
C PRO C 72 -8.90 22.36 -39.58
N ASN C 73 -8.13 22.81 -38.58
CA ASN C 73 -7.42 21.92 -37.65
C ASN C 73 -5.99 21.61 -38.10
N VAL C 74 -5.71 21.68 -39.39
CA VAL C 74 -4.35 21.45 -39.91
C VAL C 74 -3.90 22.42 -41.01
N VAL C 75 -3.02 23.32 -40.60
CA VAL C 75 -2.53 24.42 -41.41
C VAL C 75 -2.41 24.12 -42.90
N SER C 76 -2.63 25.14 -43.73
CA SER C 76 -2.28 25.06 -45.18
C SER C 76 -1.27 26.15 -45.62
N ALA C 77 -0.54 25.85 -46.68
CA ALA C 77 0.54 26.70 -47.15
C ALA C 77 0.05 27.93 -47.90
N ARG C 78 0.73 29.06 -47.68
CA ARG C 78 0.47 30.30 -48.42
C ARG C 78 1.25 30.41 -49.73
N GLU C 79 1.84 29.30 -50.15
CA GLU C 79 2.77 29.21 -51.30
C GLU C 79 4.15 29.82 -50.98
N VAL C 80 4.43 31.00 -51.52
CA VAL C 80 5.66 31.72 -51.24
C VAL C 80 5.35 33.20 -51.25
N PRO C 81 5.85 33.95 -50.27
CA PRO C 81 5.70 35.40 -50.33
C PRO C 81 6.57 35.96 -51.46
N ASP C 82 5.91 36.51 -52.48
CA ASP C 82 6.58 37.03 -53.70
C ASP C 82 7.55 38.15 -53.39
N GLY C 83 7.27 38.89 -52.31
CA GLY C 83 8.17 39.90 -51.76
C GLY C 83 9.28 39.26 -50.95
N LEU C 84 10.52 39.62 -51.31
CA LEU C 84 11.78 39.08 -50.75
C LEU C 84 12.15 37.66 -51.21
N GLN C 85 11.17 36.76 -51.24
CA GLN C 85 11.33 35.41 -51.83
C GLN C 85 12.59 34.66 -51.41
N LYS C 86 13.32 34.13 -52.40
CA LYS C 86 14.52 33.36 -52.18
C LYS C 86 15.64 34.14 -51.51
N LEU C 87 15.59 34.23 -50.18
CA LEU C 87 16.79 34.47 -49.39
C LEU C 87 17.33 33.09 -49.01
N ALA C 88 16.87 32.09 -49.76
CA ALA C 88 17.20 30.68 -49.55
C ALA C 88 18.46 30.24 -50.31
N PRO C 89 19.56 29.97 -49.58
CA PRO C 89 20.79 29.49 -50.24
C PRO C 89 20.70 28.00 -50.59
N ASN C 90 19.67 27.63 -51.34
CA ASN C 90 19.32 26.23 -51.65
C ASN C 90 19.22 25.89 -53.15
N ASP C 91 18.59 26.77 -53.92
CA ASP C 91 18.05 26.42 -55.25
C ASP C 91 16.92 25.38 -55.10
N LEU C 92 16.73 24.92 -53.86
CA LEU C 92 15.55 24.15 -53.45
C LEU C 92 14.50 25.14 -52.93
N PRO C 93 13.20 24.77 -53.01
CA PRO C 93 12.13 25.67 -52.52
C PRO C 93 12.19 25.93 -51.01
N LEU C 94 11.25 26.74 -50.53
CA LEU C 94 10.96 26.85 -49.10
C LEU C 94 9.48 26.49 -48.88
N LEU C 95 8.98 26.63 -47.65
CA LEU C 95 7.53 26.45 -47.39
C LEU C 95 6.95 27.53 -46.50
N ALA C 96 5.85 28.12 -46.95
CA ALA C 96 5.19 29.19 -46.23
C ALA C 96 3.81 28.76 -45.79
N MET C 97 3.58 28.74 -44.47
CA MET C 97 2.31 28.32 -43.88
C MET C 97 1.61 29.49 -43.19
N GLU C 98 0.33 29.30 -42.89
CA GLU C 98 -0.42 30.26 -42.09
C GLU C 98 -0.10 30.08 -40.59
N TYR C 99 0.81 30.92 -40.09
CA TYR C 99 1.23 30.86 -38.69
C TYR C 99 0.08 31.22 -37.77
N CYS C 100 -0.15 30.40 -36.75
CA CYS C 100 -1.25 30.60 -35.81
C CYS C 100 -0.74 31.17 -34.49
N GLU C 101 -1.54 32.00 -33.82
CA GLU C 101 -1.13 32.70 -32.61
C GLU C 101 -1.04 31.85 -31.37
N GLY C 102 -0.24 32.34 -30.47
CA GLY C 102 0.19 31.61 -29.28
C GLY C 102 -0.54 30.39 -28.71
N GLY C 103 -0.49 29.26 -29.42
CA GLY C 103 -1.20 28.06 -29.01
C GLY C 103 -0.47 26.72 -28.99
N ASP C 104 0.85 26.75 -29.15
CA ASP C 104 1.68 25.56 -29.01
C ASP C 104 1.12 24.67 -27.91
N LEU C 105 0.37 23.65 -28.29
CA LEU C 105 -0.43 22.84 -27.34
C LEU C 105 0.29 22.60 -26.05
N ARG C 106 1.60 22.49 -26.13
CA ARG C 106 2.40 22.39 -24.94
C ARG C 106 2.07 23.62 -24.16
N LYS C 107 2.66 24.74 -24.54
CA LYS C 107 2.41 26.00 -23.82
C LYS C 107 1.44 25.83 -22.65
N TYR C 108 0.17 25.56 -22.93
CA TYR C 108 -0.83 25.37 -21.86
C TYR C 108 -0.60 24.10 -21.03
N LEU C 109 -0.27 22.98 -21.67
CA LEU C 109 -0.10 21.73 -20.92
C LEU C 109 0.85 21.89 -19.76
N ASN C 110 1.80 22.80 -19.93
CA ASN C 110 2.63 23.23 -18.83
C ASN C 110 1.83 24.20 -18.03
N GLN C 111 0.99 24.96 -18.74
CA GLN C 111 0.38 26.21 -18.27
C GLN C 111 0.61 26.44 -16.81
N PHE C 112 0.11 25.56 -15.97
CA PHE C 112 0.43 25.69 -14.57
C PHE C 112 -0.53 25.08 -13.61
N GLU C 113 -1.77 24.96 -13.99
CA GLU C 113 -2.72 24.58 -13.04
C GLU C 113 -3.52 23.62 -13.82
N ASN C 114 -2.91 23.22 -14.91
CA ASN C 114 -3.39 22.04 -15.60
C ASN C 114 -2.63 20.85 -15.07
N CYS C 115 -1.65 21.13 -14.23
CA CYS C 115 -1.07 20.08 -13.44
C CYS C 115 -2.20 19.46 -12.67
N CYS C 116 -2.45 18.19 -12.94
CA CYS C 116 -3.59 17.41 -12.41
C CYS C 116 -4.70 17.33 -13.42
N GLY C 117 -4.44 17.91 -14.58
CA GLY C 117 -5.35 17.80 -15.71
C GLY C 117 -5.72 19.12 -16.34
N LEU C 118 -6.26 19.02 -17.54
CA LEU C 118 -6.74 20.17 -18.25
C LEU C 118 -8.20 19.86 -18.60
N LYS C 119 -9.01 19.52 -17.57
CA LYS C 119 -10.46 19.17 -17.80
C LYS C 119 -11.39 20.30 -18.26
N GLU C 120 -11.52 20.40 -19.56
CA GLU C 120 -12.29 21.42 -20.11
C GLU C 120 -13.37 20.74 -20.89
N GLY C 121 -13.01 20.07 -21.93
CA GLY C 121 -13.91 20.02 -23.04
C GLY C 121 -13.14 20.73 -24.18
N PRO C 122 -12.42 21.85 -23.88
CA PRO C 122 -11.10 21.94 -24.53
C PRO C 122 -10.27 20.62 -24.46
N ILE C 123 -10.73 19.64 -23.70
CA ILE C 123 -10.44 18.25 -23.98
C ILE C 123 -11.34 17.82 -25.16
N ARG C 124 -12.65 18.05 -25.03
CA ARG C 124 -13.72 17.74 -26.01
C ARG C 124 -13.49 18.44 -27.37
N THR C 125 -12.88 19.63 -27.35
CA THR C 125 -12.48 20.24 -28.59
C THR C 125 -11.31 19.40 -29.10
N LEU C 126 -10.19 19.44 -28.39
CA LEU C 126 -8.98 18.77 -28.82
C LEU C 126 -9.25 17.32 -29.19
N LEU C 127 -9.85 16.57 -28.29
CA LEU C 127 -10.25 15.22 -28.61
C LEU C 127 -11.02 15.14 -29.93
N SER C 128 -11.78 16.17 -30.24
CA SER C 128 -12.51 16.22 -31.50
C SER C 128 -11.69 16.75 -32.66
N ASP C 129 -11.26 18.00 -32.56
CA ASP C 129 -10.48 18.66 -33.61
C ASP C 129 -9.48 17.71 -34.29
N ILE C 130 -8.54 17.20 -33.49
CA ILE C 130 -7.51 16.30 -33.93
C ILE C 130 -8.17 15.10 -34.57
N SER C 131 -9.12 14.49 -33.85
CA SER C 131 -9.78 13.29 -34.36
C SER C 131 -10.29 13.54 -35.76
N SER C 132 -10.63 14.80 -36.08
CA SER C 132 -11.05 15.14 -37.43
C SER C 132 -9.91 15.67 -38.35
N ALA C 133 -8.75 15.97 -37.76
CA ALA C 133 -7.55 16.28 -38.53
C ALA C 133 -6.91 14.97 -38.99
N LEU C 134 -6.76 14.02 -38.07
CA LEU C 134 -6.24 12.69 -38.39
C LEU C 134 -7.13 12.07 -39.43
N ARG C 135 -8.43 12.12 -39.18
CA ARG C 135 -9.44 11.86 -40.17
C ARG C 135 -8.88 12.02 -41.55
N TYR C 136 -8.73 13.29 -41.92
CA TYR C 136 -8.38 13.75 -43.25
C TYR C 136 -7.08 13.14 -43.75
N LEU C 137 -6.27 12.66 -42.82
CA LEU C 137 -4.95 12.15 -43.14
C LEU C 137 -4.95 10.65 -43.40
N HIS C 138 -5.90 9.94 -42.84
CA HIS C 138 -6.08 8.53 -43.19
C HIS C 138 -7.00 8.47 -44.42
N GLU C 139 -7.38 9.64 -44.89
CA GLU C 139 -8.19 9.78 -46.09
C GLU C 139 -7.30 9.84 -47.28
N ASN C 140 -6.17 10.49 -47.10
CA ASN C 140 -5.18 10.62 -48.15
C ASN C 140 -4.02 9.65 -47.88
N ARG C 141 -4.29 8.69 -47.00
CA ARG C 141 -3.36 7.68 -46.50
C ARG C 141 -2.00 8.27 -46.13
N ILE C 142 -2.04 9.35 -45.36
CA ILE C 142 -0.86 10.04 -44.90
C ILE C 142 -0.76 9.96 -43.39
N ILE C 143 -0.15 8.88 -42.89
CA ILE C 143 0.12 8.70 -41.48
C ILE C 143 1.05 9.80 -40.99
N HIS C 144 0.65 10.53 -39.98
CA HIS C 144 1.44 11.64 -39.47
C HIS C 144 2.70 11.16 -38.80
N ARG C 145 2.63 9.91 -38.41
CA ARG C 145 3.65 9.19 -37.63
C ARG C 145 3.81 9.74 -36.22
N ASP C 146 4.56 10.84 -36.07
CA ASP C 146 4.70 11.43 -34.75
C ASP C 146 3.46 12.24 -34.41
N LEU C 147 3.40 12.65 -33.15
CA LEU C 147 2.31 13.44 -32.60
C LEU C 147 2.73 13.70 -31.14
N LYS C 148 2.62 14.96 -30.76
CA LYS C 148 3.33 15.50 -29.63
C LYS C 148 2.42 16.61 -29.16
N PRO C 149 2.76 17.27 -28.07
CA PRO C 149 2.03 18.50 -27.88
C PRO C 149 2.52 19.60 -28.83
N GLU C 150 3.79 19.56 -29.24
CA GLU C 150 4.42 20.74 -29.83
C GLU C 150 4.27 20.85 -31.32
N ASN C 151 3.28 20.18 -31.87
CA ASN C 151 2.95 20.34 -33.27
C ASN C 151 1.56 20.94 -33.40
N ILE C 152 0.87 21.10 -32.27
CA ILE C 152 -0.52 21.57 -32.24
C ILE C 152 -0.68 22.93 -31.60
N VAL C 153 -1.49 23.76 -32.23
CA VAL C 153 -1.68 25.12 -31.77
C VAL C 153 -3.12 25.48 -31.54
N LEU C 154 -3.50 25.55 -30.25
CA LEU C 154 -4.79 26.12 -29.80
C LEU C 154 -4.75 27.64 -30.02
N GLN C 155 -5.36 28.07 -31.12
CA GLN C 155 -5.41 29.48 -31.49
C GLN C 155 -6.85 30.00 -31.38
N PRO C 156 -7.05 31.22 -30.84
CA PRO C 156 -8.39 31.84 -30.71
C PRO C 156 -9.28 31.75 -31.97
N GLY C 157 -10.53 31.29 -31.78
CA GLY C 157 -11.44 31.05 -32.90
C GLY C 157 -12.65 31.96 -32.95
N PRO C 158 -13.23 32.14 -34.17
CA PRO C 158 -14.42 32.95 -34.36
C PRO C 158 -15.57 32.54 -33.45
N GLN C 159 -15.47 31.36 -32.84
CA GLN C 159 -16.47 30.92 -31.87
C GLN C 159 -15.85 30.30 -30.63
N ARG C 160 -15.18 29.16 -30.79
CA ARG C 160 -14.73 28.33 -29.63
C ARG C 160 -13.36 27.63 -29.78
N LEU C 161 -12.27 28.42 -29.76
CA LEU C 161 -10.89 27.91 -29.83
C LEU C 161 -10.63 26.84 -30.89
N ILE C 162 -10.23 27.29 -32.08
CA ILE C 162 -9.82 26.34 -33.12
C ILE C 162 -8.37 26.00 -32.84
N HIS C 163 -8.05 24.70 -32.84
CA HIS C 163 -6.64 24.32 -32.80
C HIS C 163 -6.11 23.53 -34.00
N LYS C 164 -4.90 23.92 -34.40
CA LYS C 164 -4.30 23.49 -35.64
C LYS C 164 -2.98 22.78 -35.44
N ILE C 165 -2.80 21.69 -36.20
CA ILE C 165 -1.58 20.88 -36.20
C ILE C 165 -0.60 21.36 -37.29
N ILE C 166 0.42 22.09 -36.83
CA ILE C 166 1.42 22.80 -37.66
C ILE C 166 2.61 21.87 -38.02
N ASP C 167 3.74 22.47 -38.43
CA ASP C 167 5.14 21.89 -38.54
C ASP C 167 5.38 20.48 -39.17
N LEU C 168 4.48 19.52 -38.96
CA LEU C 168 4.92 18.16 -39.12
C LEU C 168 4.47 17.43 -40.39
N GLY C 169 5.44 16.70 -40.94
CA GLY C 169 5.26 15.81 -42.07
C GLY C 169 6.43 14.84 -42.07
N TYR C 170 6.49 13.99 -41.06
CA TYR C 170 7.39 12.85 -41.03
C TYR C 170 6.57 11.72 -41.56
N ALA C 171 5.97 11.98 -42.71
CA ALA C 171 4.66 11.44 -42.99
C ALA C 171 4.57 10.33 -44.02
N LYS C 172 5.25 9.22 -43.75
CA LYS C 172 5.00 7.90 -44.38
C LYS C 172 3.80 7.79 -45.35
N GLU C 173 3.68 8.74 -46.28
CA GLU C 173 2.56 8.77 -47.20
C GLU C 173 2.58 7.55 -48.08
N LEU C 174 1.64 6.63 -47.83
CA LEU C 174 1.52 5.44 -48.66
C LEU C 174 1.70 5.80 -50.14
N ASP C 175 2.38 4.90 -50.84
CA ASP C 175 2.63 4.99 -52.29
C ASP C 175 3.84 5.83 -52.64
N GLN C 176 3.92 7.03 -52.09
CA GLN C 176 5.12 7.82 -52.30
C GLN C 176 6.10 7.76 -51.13
N GLY C 177 6.38 6.53 -50.68
CA GLY C 177 7.36 6.23 -49.62
C GLY C 177 7.17 6.99 -48.32
N GLU C 178 8.20 6.99 -47.47
CA GLU C 178 8.20 7.80 -46.27
C GLU C 178 8.73 9.17 -46.60
N LEU C 179 8.62 10.09 -45.65
CA LEU C 179 9.45 11.28 -45.65
C LEU C 179 10.48 11.06 -44.56
N CYS C 180 11.64 11.70 -44.68
CA CYS C 180 12.74 11.67 -43.66
C CYS C 180 13.06 10.39 -42.85
N THR C 181 12.40 10.19 -41.71
CA THR C 181 12.86 9.29 -40.63
C THR C 181 14.00 10.03 -39.94
N GLU C 182 13.82 11.35 -39.86
CA GLU C 182 14.75 12.24 -39.20
C GLU C 182 14.85 12.01 -37.67
N PHE C 183 13.78 11.49 -37.04
CA PHE C 183 13.81 11.06 -35.62
C PHE C 183 13.95 12.23 -34.61
N VAL C 184 13.77 13.48 -35.03
CA VAL C 184 14.44 14.62 -34.35
C VAL C 184 14.23 14.91 -32.82
N GLY C 185 13.43 15.92 -32.48
CA GLY C 185 13.44 16.58 -31.15
C GLY C 185 13.13 15.79 -29.88
N THR C 186 11.86 15.84 -29.44
CA THR C 186 11.43 15.11 -28.25
C THR C 186 10.73 13.84 -28.64
N LEU C 187 11.48 12.77 -28.48
CA LEU C 187 10.98 11.44 -28.79
C LEU C 187 9.94 11.02 -27.78
N GLN C 188 10.04 11.61 -26.59
CA GLN C 188 9.37 11.19 -25.37
C GLN C 188 7.97 10.48 -25.51
N TYR C 189 7.34 10.59 -26.72
CA TYR C 189 5.92 10.19 -27.05
C TYR C 189 5.64 8.97 -27.93
N LEU C 190 6.28 8.84 -29.11
CA LEU C 190 5.80 7.90 -30.15
C LEU C 190 5.65 6.38 -29.82
N ALA C 191 5.31 5.55 -30.79
CA ALA C 191 4.90 4.17 -30.51
C ALA C 191 5.80 3.13 -31.11
N PRO C 192 6.02 1.98 -30.41
CA PRO C 192 6.92 0.96 -30.90
C PRO C 192 7.77 1.27 -32.16
N GLU C 193 8.60 2.31 -31.98
CA GLU C 193 9.76 2.66 -32.80
C GLU C 193 10.93 2.41 -31.93
N LEU C 194 10.98 1.18 -31.41
CA LEU C 194 12.23 0.55 -31.11
C LEU C 194 12.79 0.65 -32.53
N LEU C 195 13.64 1.68 -32.72
CA LEU C 195 13.99 2.30 -34.04
C LEU C 195 13.64 1.40 -35.25
N GLU C 196 12.51 1.74 -35.87
CA GLU C 196 11.98 1.09 -37.09
C GLU C 196 10.95 0.01 -36.79
N GLN C 197 11.21 -1.23 -37.16
CA GLN C 197 10.16 -2.25 -37.31
C GLN C 197 9.22 -1.95 -38.47
N LYS C 198 8.44 -2.95 -38.84
CA LYS C 198 7.70 -2.96 -40.10
C LYS C 198 6.32 -2.40 -39.90
N LYS C 199 5.93 -2.29 -38.63
CA LYS C 199 4.55 -1.95 -38.30
C LYS C 199 4.28 -0.43 -38.38
N TYR C 200 4.84 0.27 -39.36
CA TYR C 200 4.48 1.67 -39.61
C TYR C 200 3.07 1.69 -40.15
N THR C 201 2.18 0.92 -39.53
CA THR C 201 0.75 0.89 -39.88
C THR C 201 0.01 2.11 -39.32
N VAL C 202 -1.00 2.56 -40.03
CA VAL C 202 -1.88 3.58 -39.52
C VAL C 202 -1.77 3.73 -37.99
N THR C 203 -2.04 2.60 -37.31
CA THR C 203 -2.02 2.37 -35.84
C THR C 203 -1.23 3.32 -34.96
N VAL C 204 -0.12 3.81 -35.49
CA VAL C 204 0.86 4.46 -34.66
C VAL C 204 0.51 5.93 -34.42
N ASP C 205 -0.42 6.44 -35.22
CA ASP C 205 -1.04 7.69 -34.88
C ASP C 205 -1.91 7.48 -33.64
N TYR C 206 -2.79 6.48 -33.71
CA TYR C 206 -3.81 6.23 -32.67
C TYR C 206 -3.17 6.15 -31.31
N TRP C 207 -2.01 5.51 -31.24
CA TRP C 207 -1.22 5.49 -29.99
C TRP C 207 -0.84 6.90 -29.48
N SER C 208 -0.17 7.70 -30.31
CA SER C 208 0.39 8.97 -29.84
C SER C 208 -0.73 9.89 -29.36
N PHE C 209 -1.75 10.04 -30.22
CA PHE C 209 -3.01 10.78 -29.93
C PHE C 209 -3.53 10.38 -28.58
N GLY C 210 -3.68 9.08 -28.39
CA GLY C 210 -4.16 8.50 -27.16
C GLY C 210 -3.47 9.04 -25.95
N THR C 211 -2.16 8.83 -25.86
CA THR C 211 -1.44 9.38 -24.71
C THR C 211 -1.59 10.92 -24.73
N LEU C 212 -1.26 11.54 -25.87
CA LEU C 212 -1.47 12.97 -26.04
C LEU C 212 -2.77 13.40 -25.36
N ALA C 213 -3.80 12.62 -25.62
CA ALA C 213 -5.09 12.81 -25.02
C ALA C 213 -4.95 12.55 -23.54
N PHE C 214 -4.59 11.32 -23.16
CA PHE C 214 -4.43 11.01 -21.76
C PHE C 214 -3.80 12.21 -21.09
N GLU C 215 -2.50 12.33 -21.26
CA GLU C 215 -1.77 13.52 -20.88
C GLU C 215 -2.65 14.79 -20.71
N CYS C 216 -3.50 15.05 -21.68
CA CYS C 216 -4.29 16.25 -21.62
C CYS C 216 -5.35 16.13 -20.57
N ILE C 217 -5.92 14.94 -20.37
CA ILE C 217 -6.96 14.74 -19.36
C ILE C 217 -6.38 15.03 -17.98
N THR C 218 -5.20 14.50 -17.76
CA THR C 218 -4.67 14.29 -16.44
C THR C 218 -3.39 15.03 -16.25
N GLY C 219 -2.28 14.43 -16.74
CA GLY C 219 -0.91 14.97 -16.76
C GLY C 219 0.22 13.97 -17.00
N PHE C 220 -0.05 12.76 -17.49
CA PHE C 220 1.05 11.76 -17.73
C PHE C 220 1.02 11.02 -19.07
N ARG C 221 1.05 9.68 -19.02
CA ARG C 221 0.91 8.75 -20.13
C ARG C 221 1.23 7.42 -19.48
N PRO C 222 1.36 6.26 -20.26
CA PRO C 222 1.65 4.91 -19.65
C PRO C 222 2.83 5.03 -18.70
N PHE C 223 3.78 5.91 -19.09
CA PHE C 223 4.46 6.90 -18.18
C PHE C 223 5.79 7.59 -18.65
N LEU C 224 5.99 8.85 -18.24
CA LEU C 224 7.21 9.51 -18.62
C LEU C 224 7.98 10.30 -17.56
N PRO C 225 7.86 9.90 -16.30
CA PRO C 225 9.19 9.91 -15.67
C PRO C 225 9.66 8.51 -16.11
N ASN C 226 10.93 8.13 -15.89
CA ASN C 226 11.64 7.07 -16.67
C ASN C 226 11.76 7.72 -18.04
N TRP C 227 11.85 6.90 -19.07
CA TRP C 227 12.11 7.42 -20.41
C TRP C 227 11.64 6.48 -21.57
N GLN C 228 12.25 6.66 -22.74
CA GLN C 228 11.93 5.84 -23.88
C GLN C 228 12.47 4.38 -23.80
N PRO C 229 13.78 4.11 -24.08
CA PRO C 229 14.20 2.70 -24.00
C PRO C 229 14.17 2.24 -22.56
N VAL C 230 13.88 3.18 -21.68
CA VAL C 230 13.65 2.91 -20.28
C VAL C 230 12.25 2.23 -20.09
N GLN C 231 11.27 2.57 -20.95
CA GLN C 231 9.98 1.86 -21.00
C GLN C 231 10.12 0.48 -21.59
N TRP C 232 9.95 0.30 -22.90
CA TRP C 232 9.75 -1.04 -23.48
C TRP C 232 9.38 -2.12 -22.47
N HIS C 233 9.58 -1.86 -21.18
CA HIS C 233 9.04 -2.71 -20.10
C HIS C 233 7.82 -2.03 -19.56
N GLY C 234 7.76 -0.73 -19.76
CA GLY C 234 6.47 -0.04 -19.85
C GLY C 234 5.45 -0.99 -20.46
N LYS C 235 5.73 -1.50 -21.66
CA LYS C 235 4.89 -2.49 -22.36
C LYS C 235 4.81 -3.83 -21.65
N VAL C 236 4.84 -3.72 -20.32
CA VAL C 236 4.36 -4.72 -19.35
C VAL C 236 4.81 -6.13 -19.60
N ARG C 237 5.33 -6.74 -18.52
CA ARG C 237 5.59 -8.20 -18.43
C ARG C 237 4.45 -8.94 -17.69
N ILE C 244 -0.23 -5.52 -19.35
CA ILE C 244 0.02 -4.75 -20.55
C ILE C 244 -1.12 -3.77 -20.72
N VAL C 245 -2.33 -4.33 -20.87
CA VAL C 245 -3.61 -3.63 -20.72
C VAL C 245 -3.96 -3.66 -19.22
N VAL C 246 -3.17 -2.95 -18.39
CA VAL C 246 -3.25 -2.94 -16.89
C VAL C 246 -2.92 -1.53 -16.41
N TYR C 247 -2.53 -1.39 -15.12
CA TYR C 247 -1.73 -0.22 -14.57
C TYR C 247 -0.69 -0.64 -13.46
N ASP C 248 0.29 0.22 -13.18
CA ASP C 248 1.57 -0.30 -12.70
C ASP C 248 2.19 0.10 -11.33
N ASP C 249 3.52 0.17 -11.35
CA ASP C 249 4.36 -0.15 -10.22
C ASP C 249 5.08 1.07 -9.64
N LEU C 250 5.63 0.87 -8.42
CA LEU C 250 6.20 1.96 -7.60
C LEU C 250 7.65 1.71 -7.21
N THR C 251 7.93 2.24 -6.02
CA THR C 251 9.12 2.09 -5.21
C THR C 251 8.68 2.73 -3.88
N GLY C 252 9.10 3.97 -3.63
CA GLY C 252 8.43 4.83 -2.67
C GLY C 252 7.09 5.03 -3.34
N ALA C 253 6.64 6.25 -3.45
CA ALA C 253 5.46 6.51 -4.24
C ALA C 253 5.93 6.92 -5.64
N VAL C 254 5.66 6.07 -6.64
CA VAL C 254 5.82 6.41 -8.08
C VAL C 254 4.95 5.41 -8.82
N LYS C 255 4.37 5.70 -10.00
CA LYS C 255 3.30 4.85 -10.61
C LYS C 255 3.04 5.04 -12.12
N PHE C 256 2.73 4.00 -12.87
CA PHE C 256 2.89 4.17 -14.30
C PHE C 256 1.94 3.39 -15.24
N SER C 257 0.91 4.12 -15.70
CA SER C 257 -0.53 3.66 -15.61
C SER C 257 -1.63 3.87 -16.65
N SER C 258 -2.40 2.82 -16.80
CA SER C 258 -3.56 2.82 -17.65
C SER C 258 -4.49 1.61 -17.36
N VAL C 259 -5.16 1.67 -16.16
CA VAL C 259 -6.58 1.17 -15.82
C VAL C 259 -7.50 2.24 -15.14
N LEU C 260 -6.97 2.94 -14.13
CA LEU C 260 -7.75 3.86 -13.34
C LEU C 260 -7.26 5.32 -13.40
N PRO C 261 -7.78 6.12 -14.36
CA PRO C 261 -7.25 7.44 -14.78
C PRO C 261 -7.21 8.58 -13.81
N THR C 262 -6.89 8.34 -12.54
CA THR C 262 -6.20 9.33 -11.62
C THR C 262 -7.08 10.50 -10.85
N PRO C 263 -6.50 11.40 -10.00
CA PRO C 263 -7.25 12.59 -9.46
C PRO C 263 -7.25 13.90 -10.28
N ASN C 264 -7.87 13.80 -11.46
CA ASN C 264 -8.04 14.81 -12.54
C ASN C 264 -9.20 15.76 -12.30
N HIS C 265 -9.62 16.56 -13.29
CA HIS C 265 -10.91 17.23 -13.11
C HIS C 265 -11.98 17.09 -14.19
N LEU C 266 -12.24 15.86 -14.65
CA LEU C 266 -13.23 15.59 -15.72
C LEU C 266 -14.70 15.43 -15.29
N SER C 267 -15.60 15.19 -16.25
CA SER C 267 -16.98 14.80 -15.96
C SER C 267 -17.04 13.45 -15.23
N GLY C 268 -17.90 13.36 -14.25
CA GLY C 268 -18.19 12.11 -13.58
C GLY C 268 -18.33 10.99 -14.59
N ILE C 269 -19.15 11.21 -15.60
CA ILE C 269 -19.38 10.18 -16.61
C ILE C 269 -18.34 10.13 -17.78
N LEU C 270 -17.26 10.90 -17.69
CA LEU C 270 -16.21 10.73 -18.68
C LEU C 270 -15.01 9.82 -18.27
N ALA C 271 -14.85 9.52 -16.99
CA ALA C 271 -14.23 8.27 -16.64
C ALA C 271 -14.88 7.26 -17.62
N GLY C 272 -16.17 7.43 -17.87
CA GLY C 272 -16.97 6.65 -18.83
C GLY C 272 -16.38 6.42 -20.20
N LYS C 273 -15.94 7.48 -20.87
CA LYS C 273 -15.01 7.31 -21.99
C LYS C 273 -13.69 6.77 -21.51
N LEU C 274 -12.94 7.62 -20.83
CA LEU C 274 -11.52 7.41 -20.60
C LEU C 274 -11.14 5.97 -20.58
N GLU C 275 -11.29 5.40 -19.39
CA GLU C 275 -10.81 4.08 -19.02
C GLU C 275 -11.17 3.02 -20.07
N ARG C 276 -12.19 3.30 -20.87
CA ARG C 276 -12.61 2.38 -21.90
C ARG C 276 -12.34 2.94 -23.29
N TRP C 277 -12.07 4.23 -23.41
CA TRP C 277 -11.57 4.62 -24.69
C TRP C 277 -10.13 4.34 -24.64
N LEU C 278 -9.41 5.22 -23.96
CA LEU C 278 -7.97 5.09 -23.89
C LEU C 278 -7.43 3.64 -23.71
N GLN C 279 -8.12 2.78 -22.99
CA GLN C 279 -7.75 1.36 -22.82
C GLN C 279 -7.68 0.66 -24.17
N CYS C 280 -7.96 1.41 -25.22
CA CYS C 280 -8.09 0.85 -26.54
C CYS C 280 -7.28 1.64 -27.52
N MET C 281 -7.16 2.93 -27.23
CA MET C 281 -6.35 3.83 -28.01
C MET C 281 -4.88 3.76 -27.64
N LEU C 282 -4.55 3.02 -26.57
CA LEU C 282 -3.19 2.90 -26.10
C LEU C 282 -2.68 1.49 -26.23
N MET C 283 -2.46 1.10 -27.48
CA MET C 283 -1.86 -0.20 -27.82
C MET C 283 -1.01 -0.28 -29.15
N TRP C 284 -0.65 -1.54 -29.47
CA TRP C 284 0.41 -1.95 -30.40
C TRP C 284 -0.01 -2.88 -31.56
N HIS C 285 0.67 -2.77 -32.72
CA HIS C 285 0.44 -3.64 -33.88
C HIS C 285 -0.78 -3.20 -34.67
N GLN C 286 -1.95 -3.57 -34.15
CA GLN C 286 -3.27 -3.30 -34.74
C GLN C 286 -4.31 -2.68 -33.76
N ARG C 287 -3.95 -1.50 -33.20
CA ARG C 287 -4.85 -0.68 -32.38
C ARG C 287 -4.89 0.73 -32.89
N THR C 291 -10.56 -2.16 -33.29
CA THR C 291 -9.86 -2.24 -32.03
C THR C 291 -10.74 -2.73 -30.87
N ASP C 292 -11.83 -2.04 -30.53
CA ASP C 292 -12.73 -2.46 -29.41
C ASP C 292 -13.51 -3.74 -29.73
N PRO C 293 -13.12 -4.87 -29.10
CA PRO C 293 -13.39 -6.23 -29.63
C PRO C 293 -14.85 -6.75 -29.51
N GLN C 294 -15.79 -5.82 -29.28
CA GLN C 294 -17.22 -6.15 -29.30
C GLN C 294 -17.75 -5.96 -30.70
N ASN C 295 -16.91 -5.40 -31.58
CA ASN C 295 -17.38 -4.90 -32.86
C ASN C 295 -16.25 -4.48 -33.78
N PRO C 296 -16.53 -4.40 -35.09
CA PRO C 296 -15.73 -3.56 -35.95
C PRO C 296 -16.35 -2.15 -36.15
N ASN C 297 -16.00 -1.20 -35.28
CA ASN C 297 -16.46 0.19 -35.36
C ASN C 297 -15.54 1.09 -36.23
N VAL C 298 -15.23 2.30 -35.73
CA VAL C 298 -14.10 3.11 -36.21
C VAL C 298 -13.16 3.53 -35.06
N GLY C 299 -11.86 3.28 -35.26
CA GLY C 299 -10.80 3.54 -34.30
C GLY C 299 -11.04 4.76 -33.48
N CYS C 300 -10.54 5.89 -33.92
CA CYS C 300 -10.90 7.13 -33.25
C CYS C 300 -12.37 7.41 -33.54
N PHE C 301 -12.65 7.93 -34.73
CA PHE C 301 -13.96 8.47 -35.11
C PHE C 301 -15.15 7.88 -34.39
N GLN C 302 -15.76 6.85 -34.95
CA GLN C 302 -17.05 6.42 -34.45
C GLN C 302 -17.12 6.44 -32.92
N ALA C 303 -16.27 5.64 -32.28
CA ALA C 303 -16.30 5.49 -30.81
C ALA C 303 -16.17 6.82 -30.11
N LEU C 304 -15.12 7.55 -30.44
CA LEU C 304 -14.82 8.84 -29.81
C LEU C 304 -15.91 9.87 -30.06
N ASP C 305 -16.47 9.86 -31.27
CA ASP C 305 -17.50 10.81 -31.67
C ASP C 305 -18.79 10.59 -30.87
N SER C 306 -19.24 9.33 -30.79
CA SER C 306 -20.41 8.97 -29.97
C SER C 306 -20.13 9.18 -28.49
N ILE C 307 -18.90 8.93 -28.08
CA ILE C 307 -18.49 9.21 -26.73
C ILE C 307 -18.26 10.70 -26.52
N LEU C 308 -18.16 11.47 -27.60
CA LEU C 308 -17.95 12.91 -27.52
C LEU C 308 -19.23 13.72 -27.60
N SER C 309 -20.15 13.31 -28.47
CA SER C 309 -21.50 13.86 -28.48
C SER C 309 -22.24 13.28 -27.27
N LEU C 310 -23.51 12.91 -27.42
CA LEU C 310 -24.36 12.64 -26.26
C LEU C 310 -24.60 13.93 -25.55
N LYS C 311 -25.69 14.00 -24.89
CA LYS C 311 -25.93 15.26 -24.33
C LYS C 311 -26.18 15.06 -22.87
N LEU C 312 -25.52 15.89 -22.08
CA LEU C 312 -25.41 15.62 -20.67
C LEU C 312 -26.09 16.67 -19.80
N LEU C 313 -27.18 16.22 -19.17
CA LEU C 313 -27.72 16.95 -18.06
C LEU C 313 -27.23 16.39 -16.77
N SER C 314 -27.36 17.23 -15.77
CA SER C 314 -26.63 17.11 -14.57
C SER C 314 -27.45 17.91 -13.62
N VAL C 315 -27.93 17.26 -12.57
CA VAL C 315 -28.84 17.91 -11.67
C VAL C 315 -28.25 17.80 -10.28
N MET C 316 -27.83 18.94 -9.76
CA MET C 316 -27.43 19.04 -8.39
C MET C 316 -28.56 18.44 -7.60
N ASN C 317 -28.30 18.16 -6.31
CA ASN C 317 -29.36 17.75 -5.39
C ASN C 317 -29.69 18.81 -4.37
N MET C 318 -28.99 18.76 -3.24
CA MET C 318 -29.24 19.63 -2.10
C MET C 318 -29.68 18.78 -0.94
N VAL C 319 -30.42 17.72 -1.21
CA VAL C 319 -30.36 16.58 -0.34
C VAL C 319 -28.91 16.12 -0.54
N SER C 320 -28.05 16.53 0.39
CA SER C 320 -26.57 16.74 0.23
C SER C 320 -25.73 15.90 -0.75
N GLY C 321 -26.37 14.88 -1.32
CA GLY C 321 -25.77 14.05 -2.36
C GLY C 321 -25.34 14.87 -3.57
N ARG C 322 -24.98 16.12 -3.29
CA ARG C 322 -24.50 17.03 -4.30
C ARG C 322 -25.06 16.63 -5.66
N VAL C 323 -24.27 16.03 -6.55
CA VAL C 323 -24.71 15.96 -7.95
C VAL C 323 -25.32 14.65 -8.36
N HIS C 324 -25.83 14.66 -9.60
CA HIS C 324 -26.28 13.50 -10.36
C HIS C 324 -26.17 13.99 -11.78
N THR C 325 -25.83 13.11 -12.72
CA THR C 325 -25.76 13.47 -14.16
C THR C 325 -26.42 12.43 -15.06
N TYR C 326 -27.09 12.88 -16.12
CA TYR C 326 -27.83 11.97 -16.95
C TYR C 326 -27.62 12.26 -18.41
N PRO C 327 -27.51 11.20 -19.21
CA PRO C 327 -27.39 11.22 -20.67
C PRO C 327 -28.75 11.32 -21.33
N VAL C 328 -28.97 12.35 -22.14
CA VAL C 328 -30.33 12.62 -22.62
C VAL C 328 -30.52 12.83 -24.14
N THR C 329 -31.47 12.09 -24.72
CA THR C 329 -31.83 12.26 -26.13
C THR C 329 -32.76 13.46 -26.30
N GLU C 330 -32.70 14.15 -27.44
CA GLU C 330 -33.69 15.19 -27.76
C GLU C 330 -35.02 14.51 -28.11
N ASN C 331 -35.70 14.06 -27.07
CA ASN C 331 -36.75 13.07 -27.17
C ASN C 331 -37.27 12.63 -25.79
N GLU C 332 -36.91 13.38 -24.75
CA GLU C 332 -37.28 13.07 -23.37
C GLU C 332 -37.54 14.41 -22.69
N ASN C 333 -38.40 14.43 -21.68
CA ASN C 333 -38.72 15.68 -20.97
C ASN C 333 -38.68 15.55 -19.44
N LEU C 334 -39.29 16.52 -18.75
CA LEU C 334 -39.25 16.57 -17.29
C LEU C 334 -39.56 15.23 -16.63
N GLN C 335 -40.83 14.86 -16.55
CA GLN C 335 -41.20 13.65 -15.80
C GLN C 335 -40.40 12.40 -16.16
N ASN C 336 -39.71 12.41 -17.29
CA ASN C 336 -38.77 11.34 -17.61
C ASN C 336 -37.77 11.38 -16.48
N LEU C 337 -37.13 12.54 -16.37
CA LEU C 337 -36.11 12.85 -15.35
C LEU C 337 -36.67 12.61 -13.98
N LYS C 338 -37.74 13.32 -13.67
CA LYS C 338 -38.39 13.27 -12.36
C LYS C 338 -38.37 11.86 -11.85
N SER C 339 -38.74 10.91 -12.71
CA SER C 339 -38.73 9.50 -12.36
C SER C 339 -37.31 9.12 -12.05
N TRP C 340 -36.48 9.13 -13.07
CA TRP C 340 -35.15 8.62 -12.83
C TRP C 340 -34.35 9.47 -11.82
N LEU C 341 -34.97 10.55 -11.32
CA LEU C 341 -34.37 11.40 -10.28
C LEU C 341 -34.76 10.91 -8.92
N GLN C 342 -36.00 10.44 -8.82
CA GLN C 342 -36.47 9.79 -7.61
C GLN C 342 -35.85 8.43 -7.62
N GLN C 343 -35.69 7.91 -8.84
CA GLN C 343 -35.13 6.60 -9.03
C GLN C 343 -33.90 6.41 -8.18
N ASP C 344 -33.11 7.48 -8.10
CA ASP C 344 -31.86 7.47 -7.39
C ASP C 344 -32.00 8.12 -6.00
N THR C 345 -32.73 9.23 -5.90
CA THR C 345 -32.91 9.93 -4.61
C THR C 345 -34.08 9.37 -3.84
N GLY C 346 -35.20 9.19 -4.53
CA GLY C 346 -36.38 8.63 -3.94
C GLY C 346 -37.34 9.63 -3.35
N ILE C 347 -36.97 10.92 -3.39
CA ILE C 347 -37.93 11.98 -3.07
C ILE C 347 -38.67 12.28 -4.38
N PRO C 348 -39.87 11.64 -4.59
CA PRO C 348 -40.65 11.56 -5.83
C PRO C 348 -41.33 12.85 -6.28
N GLU C 349 -41.59 12.99 -7.59
CA GLU C 349 -42.07 14.25 -8.24
C GLU C 349 -42.80 15.27 -7.37
N GLU C 350 -43.78 14.82 -6.62
CA GLU C 350 -44.54 15.67 -5.71
C GLU C 350 -43.76 16.01 -4.41
N GLU C 351 -42.59 16.58 -4.64
CA GLU C 351 -41.70 17.16 -3.63
C GLU C 351 -40.39 17.52 -4.35
N GLN C 352 -40.52 17.73 -5.65
CA GLN C 352 -39.38 17.92 -6.51
C GLN C 352 -39.31 19.31 -7.13
N GLU C 353 -38.36 20.07 -6.63
CA GLU C 353 -38.14 21.42 -7.12
C GLU C 353 -36.98 21.52 -8.10
N LEU C 354 -37.32 21.47 -9.37
CA LEU C 354 -36.33 21.53 -10.41
C LEU C 354 -36.21 22.95 -10.92
N LEU C 355 -35.07 23.58 -10.66
CA LEU C 355 -34.92 25.00 -10.90
C LEU C 355 -33.75 25.30 -11.84
N GLN C 356 -34.02 25.20 -13.14
CA GLN C 356 -33.05 25.59 -14.18
C GLN C 356 -32.52 27.00 -13.88
N ALA C 357 -31.20 27.15 -13.92
CA ALA C 357 -30.51 28.33 -13.43
C ALA C 357 -31.02 28.73 -12.05
N SER C 358 -30.97 30.03 -11.77
CA SER C 358 -31.75 30.61 -10.70
C SER C 358 -33.01 31.21 -11.33
N GLY C 359 -32.89 31.62 -12.58
CA GLY C 359 -34.01 32.14 -13.32
C GLY C 359 -34.96 31.02 -13.72
N LEU C 360 -36.08 30.92 -13.00
CA LEU C 360 -37.22 30.07 -13.34
C LEU C 360 -37.46 28.91 -12.42
N ALA C 361 -38.41 28.10 -12.85
CA ALA C 361 -38.54 26.72 -12.52
C ALA C 361 -38.52 25.97 -13.85
N LEU C 362 -38.65 24.65 -13.81
CA LEU C 362 -38.44 23.85 -15.01
C LEU C 362 -39.62 23.76 -15.96
N ASN C 363 -39.53 24.53 -17.03
CA ASN C 363 -40.51 24.54 -18.10
C ASN C 363 -40.54 23.21 -18.87
N SER C 364 -41.20 22.20 -18.30
CA SER C 364 -41.25 20.86 -18.89
C SER C 364 -41.80 20.84 -20.31
N ALA C 365 -41.93 22.04 -20.89
CA ALA C 365 -42.33 22.22 -22.27
C ALA C 365 -41.36 21.52 -23.20
N GLN C 366 -40.22 22.16 -23.42
CA GLN C 366 -39.11 21.67 -24.24
C GLN C 366 -38.62 20.26 -23.86
N PRO C 367 -38.01 19.52 -24.82
CA PRO C 367 -37.27 18.31 -24.44
C PRO C 367 -36.01 18.69 -23.62
N LEU C 368 -35.30 17.69 -23.10
CA LEU C 368 -34.17 17.93 -22.16
C LEU C 368 -32.90 18.53 -22.78
N THR C 369 -32.88 18.61 -24.09
CA THR C 369 -31.72 19.03 -24.83
C THR C 369 -31.67 20.54 -25.05
N GLN C 370 -32.65 21.24 -24.53
CA GLN C 370 -32.59 22.69 -24.53
C GLN C 370 -31.90 23.13 -23.25
N TYR C 371 -31.86 22.20 -22.30
CA TYR C 371 -31.30 22.43 -20.99
C TYR C 371 -29.87 21.92 -20.89
N VAL C 372 -29.34 21.40 -21.99
CA VAL C 372 -27.99 20.80 -22.04
C VAL C 372 -26.84 21.79 -21.80
N ILE C 373 -26.37 22.45 -22.87
CA ILE C 373 -25.16 23.31 -22.90
C ILE C 373 -23.94 22.78 -22.15
N ASP C 374 -22.86 22.55 -22.89
CA ASP C 374 -21.56 22.00 -22.38
C ASP C 374 -20.36 22.46 -23.22
N CYS C 375 -19.18 22.52 -22.61
CA CYS C 375 -17.95 22.46 -23.34
C CYS C 375 -17.26 23.76 -23.74
N THR C 376 -18.00 24.77 -24.15
CA THR C 376 -17.39 25.84 -24.97
C THR C 376 -17.95 27.31 -24.81
N VAL C 377 -17.13 28.24 -24.31
CA VAL C 377 -17.48 29.70 -24.31
C VAL C 377 -16.70 30.39 -25.41
N GLY C 385 -24.66 28.13 -14.54
CA GLY C 385 -25.73 27.44 -15.27
C GLY C 385 -25.84 25.95 -14.97
N ASP C 386 -26.95 25.59 -14.30
CA ASP C 386 -27.28 24.18 -13.99
C ASP C 386 -28.42 23.88 -12.95
N LEU C 387 -29.32 22.99 -13.36
CA LEU C 387 -30.53 22.62 -12.63
C LEU C 387 -30.26 22.14 -11.26
N ILE C 388 -30.19 23.04 -10.29
CA ILE C 388 -30.21 22.67 -8.86
C ILE C 388 -31.61 22.06 -8.62
N PHE C 389 -31.94 21.71 -7.37
CA PHE C 389 -33.06 20.77 -7.18
C PHE C 389 -33.37 20.41 -5.71
N LEU C 390 -34.57 20.74 -5.24
CA LEU C 390 -34.91 20.59 -3.80
C LEU C 390 -36.12 19.72 -3.45
N PHE C 391 -36.38 19.62 -2.15
CA PHE C 391 -37.00 18.44 -1.48
C PHE C 391 -38.39 18.55 -0.86
N ASP C 392 -38.92 19.77 -0.74
CA ASP C 392 -40.18 20.16 -0.04
C ASP C 392 -40.31 19.75 1.45
N ASN C 393 -39.42 20.29 2.29
CA ASN C 393 -39.34 19.97 3.75
C ASN C 393 -38.73 20.99 4.72
N ARG C 394 -38.41 20.54 5.92
CA ARG C 394 -37.70 21.36 6.89
C ARG C 394 -36.23 20.99 6.86
N LYS C 395 -35.40 21.93 6.40
CA LYS C 395 -33.91 21.79 6.16
C LYS C 395 -33.32 20.58 5.37
N ILE C 402 -30.03 19.52 6.42
CA ILE C 402 -29.22 19.27 7.61
C ILE C 402 -27.73 19.19 7.30
N SER C 403 -27.28 20.03 6.40
CA SER C 403 -25.90 19.98 5.84
C SER C 403 -25.44 18.59 5.36
N LEU C 404 -24.13 18.40 5.38
CA LEU C 404 -23.43 17.13 5.10
C LEU C 404 -22.22 17.26 4.12
N PRO C 405 -20.99 17.35 4.70
CA PRO C 405 -19.72 17.12 4.04
C PRO C 405 -19.50 15.66 3.53
N ALA C 406 -19.71 15.45 2.24
CA ALA C 406 -19.37 14.21 1.53
C ALA C 406 -18.12 14.44 0.64
N HIS C 407 -17.07 13.66 0.85
CA HIS C 407 -15.75 13.95 0.25
C HIS C 407 -15.17 12.92 -0.71
N PRO C 408 -14.59 13.41 -1.83
CA PRO C 408 -13.63 12.67 -2.71
C PRO C 408 -12.30 12.22 -1.99
N GLU C 409 -11.28 11.70 -2.70
CA GLU C 409 -9.96 11.38 -2.05
C GLU C 409 -8.61 11.44 -2.83
N SER C 410 -8.18 10.30 -3.38
CA SER C 410 -6.90 10.11 -4.09
C SER C 410 -5.79 9.65 -3.18
N VAL C 411 -5.36 8.40 -3.41
CA VAL C 411 -4.52 7.62 -2.48
C VAL C 411 -3.33 8.42 -1.94
N SER C 412 -2.37 8.72 -2.81
CA SER C 412 -1.16 9.43 -2.43
C SER C 412 -1.46 10.48 -1.35
N ILE C 413 -2.45 11.33 -1.61
CA ILE C 413 -2.80 12.38 -0.70
C ILE C 413 -3.10 11.83 0.67
N VAL C 414 -4.01 10.85 0.72
CA VAL C 414 -4.54 10.33 1.99
C VAL C 414 -3.47 9.64 2.84
N LEU C 415 -2.24 9.58 2.33
CA LEU C 415 -1.13 9.00 3.06
C LEU C 415 -0.27 10.12 3.57
N GLN C 416 -0.12 11.11 2.73
CA GLN C 416 0.69 12.30 3.00
C GLN C 416 0.48 12.88 4.38
N ASP C 417 -0.80 12.97 4.73
CA ASP C 417 -1.23 13.67 5.91
C ASP C 417 -1.17 12.82 7.17
N PRO C 418 -1.64 11.56 7.12
CA PRO C 418 -1.11 10.73 8.18
C PRO C 418 0.36 10.35 7.89
N LYS C 419 1.22 11.36 7.67
CA LYS C 419 2.68 11.19 7.44
C LYS C 419 3.46 12.48 7.21
N ARG C 420 4.64 12.33 6.62
CA ARG C 420 5.55 13.44 6.36
C ARG C 420 7.03 13.09 6.02
N PRO C 421 7.37 11.78 5.84
CA PRO C 421 8.78 11.36 5.84
C PRO C 421 9.48 11.43 4.48
N LEU C 422 9.50 10.30 3.79
CA LEU C 422 10.01 10.20 2.43
C LEU C 422 9.39 11.31 1.63
N THR C 423 10.19 11.97 0.81
CA THR C 423 9.65 13.02 0.00
C THR C 423 10.53 13.24 -1.19
N TYR C 424 10.52 12.24 -2.05
CA TYR C 424 11.34 12.21 -3.22
C TYR C 424 11.10 13.43 -4.10
N THR C 425 12.08 13.71 -4.93
CA THR C 425 11.99 14.63 -6.06
C THR C 425 10.64 15.22 -6.37
N HIS C 426 9.66 14.32 -6.39
CA HIS C 426 8.37 14.54 -6.97
C HIS C 426 7.25 14.70 -6.02
N LEU C 427 7.09 15.94 -5.67
CA LEU C 427 5.98 16.38 -4.98
C LEU C 427 5.21 17.01 -6.08
N ARG C 428 5.93 17.35 -7.15
CA ARG C 428 5.32 17.81 -8.40
C ARG C 428 4.00 17.10 -8.84
N ARG C 429 3.81 15.85 -8.42
CA ARG C 429 2.47 15.30 -8.47
C ARG C 429 1.86 15.75 -7.21
N VAL C 430 2.27 15.08 -6.13
CA VAL C 430 1.51 15.13 -4.89
C VAL C 430 1.12 16.54 -4.49
N TRP C 431 2.07 17.47 -4.59
CA TRP C 431 1.79 18.86 -4.29
C TRP C 431 0.73 19.40 -5.23
N GLY C 432 1.04 19.57 -6.53
CA GLY C 432 0.00 19.78 -7.54
C GLY C 432 -1.37 19.23 -7.13
N GLN C 433 -1.42 17.93 -6.87
CA GLN C 433 -2.63 17.27 -6.38
C GLN C 433 -3.36 17.97 -5.23
N ILE C 434 -2.61 18.29 -4.19
CA ILE C 434 -3.17 18.80 -2.97
C ILE C 434 -3.89 20.09 -3.17
N TRP C 435 -3.34 21.01 -3.97
CA TRP C 435 -4.14 22.23 -4.23
C TRP C 435 -5.31 21.86 -5.12
N GLN C 436 -5.11 20.92 -6.05
CA GLN C 436 -6.20 20.72 -6.98
C GLN C 436 -7.47 20.36 -6.22
N THR C 437 -7.27 19.59 -5.14
CA THR C 437 -8.36 19.22 -4.20
C THR C 437 -8.77 20.37 -3.27
N ILE C 438 -7.82 21.15 -2.85
CA ILE C 438 -8.23 22.40 -2.26
C ILE C 438 -9.10 23.18 -3.22
N ARG C 439 -8.67 23.29 -4.50
CA ARG C 439 -9.44 23.97 -5.58
C ARG C 439 -10.69 23.24 -5.97
N ALA C 440 -10.70 21.92 -5.83
CA ALA C 440 -11.93 21.15 -5.99
C ALA C 440 -12.95 21.39 -4.85
N LEU C 441 -12.56 22.17 -3.87
CA LEU C 441 -13.49 22.41 -2.78
C LEU C 441 -14.19 23.74 -2.94
N LYS C 442 -13.42 24.75 -3.30
CA LYS C 442 -13.96 26.04 -3.68
C LYS C 442 -14.94 25.87 -4.84
N GLU C 443 -14.56 25.07 -5.85
CA GLU C 443 -15.50 24.58 -6.90
C GLU C 443 -16.78 24.01 -6.30
N ASP C 444 -16.63 23.26 -5.23
CA ASP C 444 -17.75 22.61 -4.60
C ASP C 444 -18.59 23.48 -3.66
N CYS C 445 -17.99 24.02 -2.58
CA CYS C 445 -18.67 24.94 -1.66
C CYS C 445 -19.46 26.00 -2.44
N ALA C 446 -18.80 26.78 -3.27
CA ALA C 446 -19.56 27.70 -4.10
C ALA C 446 -20.41 27.00 -5.25
N ARG C 447 -20.93 25.76 -5.24
CA ARG C 447 -22.08 25.23 -6.05
C ARG C 447 -23.26 24.98 -5.13
N LEU C 448 -22.98 24.90 -3.83
CA LEU C 448 -24.04 24.76 -2.83
C LEU C 448 -24.47 26.13 -2.39
N LEU C 449 -23.57 27.08 -2.54
CA LEU C 449 -23.89 28.48 -2.36
C LEU C 449 -24.76 28.87 -3.54
N GLN C 450 -24.66 28.11 -4.62
CA GLN C 450 -25.59 28.27 -5.71
C GLN C 450 -27.00 27.92 -5.28
N GLY C 451 -27.27 26.65 -5.05
CA GLY C 451 -28.55 26.23 -4.50
C GLY C 451 -29.27 27.34 -3.72
N GLN C 452 -28.71 27.71 -2.57
CA GLN C 452 -29.31 28.67 -1.67
C GLN C 452 -29.67 29.92 -2.39
N ARG C 453 -28.68 30.62 -2.88
CA ARG C 453 -28.93 31.89 -3.51
C ARG C 453 -29.54 31.77 -4.92
N THR C 454 -30.33 30.71 -5.11
CA THR C 454 -31.41 30.71 -6.09
C THR C 454 -32.78 30.51 -5.38
N SER C 455 -32.77 29.73 -4.29
CA SER C 455 -34.01 29.35 -3.57
C SER C 455 -34.51 30.41 -2.62
N MET C 456 -33.66 31.41 -2.42
CA MET C 456 -33.95 32.60 -1.64
C MET C 456 -33.77 33.81 -2.53
N VAL C 457 -33.83 33.59 -3.82
CA VAL C 457 -34.08 34.65 -4.79
C VAL C 457 -35.29 34.10 -5.58
N ASN C 458 -36.03 33.27 -4.88
CA ASN C 458 -37.38 32.95 -5.23
C ASN C 458 -38.32 33.39 -4.08
N LEU C 459 -37.77 33.34 -2.87
CA LEU C 459 -38.41 33.91 -1.67
C LEU C 459 -38.47 35.42 -1.79
N LEU C 460 -37.30 36.05 -1.83
CA LEU C 460 -37.15 37.49 -2.02
C LEU C 460 -38.02 38.07 -3.14
N ARG C 461 -38.43 37.19 -4.05
CA ARG C 461 -39.43 37.55 -5.04
C ARG C 461 -40.80 37.53 -4.39
N TYR C 462 -41.35 36.34 -4.22
CA TYR C 462 -42.72 36.20 -3.75
C TYR C 462 -42.91 36.48 -2.28
N ASN C 463 -41.93 37.18 -1.72
CA ASN C 463 -42.12 37.95 -0.52
C ASN C 463 -42.57 39.30 -1.02
N THR C 464 -41.61 40.13 -1.42
CA THR C 464 -41.88 41.49 -1.90
C THR C 464 -43.10 41.60 -2.79
N GLU C 465 -43.12 40.82 -3.87
CA GLU C 465 -44.11 40.94 -4.92
C GLU C 465 -45.56 40.72 -4.48
N LEU C 466 -45.79 39.72 -3.65
CA LEU C 466 -47.12 39.52 -3.11
C LEU C 466 -47.28 40.37 -1.86
N SER C 467 -46.42 40.14 -0.87
CA SER C 467 -46.53 40.82 0.41
C SER C 467 -46.05 42.29 0.44
N LYS C 468 -46.42 43.03 -0.59
CA LYS C 468 -46.42 44.48 -0.52
C LYS C 468 -47.77 44.95 -0.99
N LYS C 469 -48.30 44.29 -2.02
CA LYS C 469 -49.65 44.55 -2.45
C LYS C 469 -50.67 44.23 -1.38
N LYS C 470 -50.36 43.25 -0.53
CA LYS C 470 -51.25 42.93 0.58
C LYS C 470 -51.02 43.89 1.75
N ASN C 471 -50.06 44.79 1.57
CA ASN C 471 -49.92 45.93 2.47
C ASN C 471 -50.45 47.22 1.86
N SER C 472 -51.46 47.02 1.01
CA SER C 472 -52.44 48.03 0.60
C SER C 472 -53.80 47.59 1.14
N MET C 473 -54.05 46.29 1.04
CA MET C 473 -55.22 45.67 1.64
C MET C 473 -55.28 45.95 3.14
N THR C 474 -54.21 46.49 3.67
CA THR C 474 -54.20 46.86 5.07
C THR C 474 -53.75 48.33 5.26
N SER C 475 -53.96 49.12 4.20
CA SER C 475 -54.14 50.56 4.32
C SER C 475 -55.63 50.80 4.23
N GLU C 476 -56.30 49.92 3.49
CA GLU C 476 -57.76 49.87 3.48
C GLU C 476 -58.35 49.74 4.90
N CYS C 477 -57.57 49.27 5.92
CA CYS C 477 -57.98 49.14 7.34
C CYS C 477 -57.88 50.43 8.11
N GLU C 478 -56.84 51.23 7.82
CA GLU C 478 -56.63 52.39 8.67
C GLU C 478 -57.38 53.63 8.18
N GLN C 479 -58.14 53.42 7.09
CA GLN C 479 -59.16 54.37 6.65
C GLN C 479 -60.49 54.00 7.31
N LEU C 480 -60.84 52.73 7.22
CA LEU C 480 -62.11 52.26 7.75
C LEU C 480 -62.11 52.42 9.24
N LYS C 481 -60.93 52.57 9.84
CA LYS C 481 -60.87 52.84 11.29
C LYS C 481 -61.19 54.28 11.66
N ALA C 482 -60.26 55.18 11.35
CA ALA C 482 -60.52 56.61 11.49
C ALA C 482 -61.89 57.05 10.89
N LYS C 483 -62.33 56.39 9.80
CA LYS C 483 -63.66 56.64 9.24
C LYS C 483 -64.75 56.11 10.14
N LEU C 484 -64.65 54.87 10.62
CA LEU C 484 -65.51 54.41 11.69
C LEU C 484 -65.64 55.45 12.85
N ASP C 485 -64.75 56.45 12.89
CA ASP C 485 -64.79 57.42 13.97
C ASP C 485 -65.69 58.64 13.87
N PHE C 486 -65.78 59.27 12.69
CA PHE C 486 -66.83 60.28 12.52
C PHE C 486 -68.08 59.70 13.18
N PHE C 487 -68.15 58.37 13.19
CA PHE C 487 -69.31 57.67 13.65
C PHE C 487 -69.26 57.34 15.12
N ARG C 488 -68.20 57.77 15.77
CA ARG C 488 -68.22 57.81 17.22
C ARG C 488 -68.75 59.16 17.62
N SER C 489 -68.56 60.17 16.79
CA SER C 489 -69.22 61.44 17.04
C SER C 489 -70.71 61.36 16.66
N SER C 490 -71.01 61.31 15.36
CA SER C 490 -72.39 61.11 14.82
C SER C 490 -73.38 60.47 15.79
N ILE C 491 -73.06 59.28 16.31
CA ILE C 491 -73.99 58.57 17.17
C ILE C 491 -73.68 58.71 18.66
N GLN C 492 -72.75 59.59 19.01
CA GLN C 492 -72.74 60.09 20.36
C GLN C 492 -73.37 61.49 20.43
N ILE C 493 -72.87 62.45 19.64
CA ILE C 493 -73.44 63.83 19.56
C ILE C 493 -74.95 63.84 19.47
N ASP C 494 -75.51 62.92 18.71
CA ASP C 494 -76.94 62.70 18.68
C ASP C 494 -77.42 62.28 20.07
N LEU C 495 -76.98 61.10 20.50
CA LEU C 495 -77.34 60.57 21.79
C LEU C 495 -77.01 61.51 22.95
N GLU C 496 -76.38 62.64 22.62
CA GLU C 496 -76.06 63.65 23.63
C GLU C 496 -77.12 64.75 23.62
N LYS C 497 -77.82 64.91 22.50
CA LYS C 497 -78.85 65.92 22.48
C LYS C 497 -80.25 65.35 22.58
N TYR C 498 -80.40 64.03 22.52
CA TYR C 498 -81.70 63.41 22.81
C TYR C 498 -81.88 63.30 24.31
N SER C 499 -80.90 63.82 25.04
CA SER C 499 -81.10 64.14 26.44
C SER C 499 -81.41 65.64 26.62
N GLU C 500 -81.33 66.39 25.54
CA GLU C 500 -81.93 67.73 25.46
C GLU C 500 -83.44 67.63 25.32
N GLN C 501 -83.98 66.43 25.49
CA GLN C 501 -85.41 66.21 25.34
C GLN C 501 -86.09 65.82 26.65
N MET C 502 -86.79 66.81 27.19
CA MET C 502 -87.79 66.66 28.22
C MET C 502 -88.98 67.53 27.81
N GLU C 503 -88.74 68.42 26.86
CA GLU C 503 -89.74 69.33 26.30
C GLU C 503 -90.24 68.82 24.95
N PHE C 504 -90.56 67.52 24.95
CA PHE C 504 -91.21 66.73 23.86
C PHE C 504 -90.30 66.03 22.83
N GLY C 505 -90.98 65.33 21.88
CA GLY C 505 -90.31 64.50 20.90
C GLY C 505 -89.83 63.23 21.55
N ILE C 506 -89.61 63.29 22.85
CA ILE C 506 -88.91 62.28 23.65
C ILE C 506 -89.49 60.88 23.87
N THR C 507 -90.76 60.62 23.58
CA THR C 507 -91.34 59.29 23.90
C THR C 507 -90.46 58.14 23.33
N SER C 508 -91.06 57.04 22.88
CA SER C 508 -90.34 55.84 22.37
C SER C 508 -89.39 55.19 23.38
N GLU C 509 -88.29 55.88 23.71
CA GLU C 509 -87.17 55.36 24.55
C GLU C 509 -86.50 54.11 23.97
N LYS C 510 -87.23 53.42 23.10
CA LYS C 510 -86.74 52.31 22.30
C LYS C 510 -85.74 52.82 21.24
N LEU C 511 -85.92 54.07 20.82
CA LEU C 511 -85.02 54.76 19.89
C LEU C 511 -84.09 55.66 20.70
N LEU C 512 -83.75 55.18 21.89
CA LEU C 512 -82.71 55.71 22.75
C LEU C 512 -82.05 54.53 23.41
N SER C 513 -82.81 53.47 23.60
CA SER C 513 -82.23 52.22 24.06
C SER C 513 -81.58 51.49 22.89
N ALA C 514 -82.20 51.57 21.71
CA ALA C 514 -81.68 50.94 20.48
C ALA C 514 -80.44 51.67 19.96
N TRP C 515 -80.32 52.94 20.36
CA TRP C 515 -79.12 53.69 20.17
C TRP C 515 -78.11 53.21 21.18
N ARG C 516 -78.53 53.08 22.44
CA ARG C 516 -77.63 52.59 23.51
C ARG C 516 -76.96 51.27 23.20
N GLU C 517 -77.72 50.39 22.57
CA GLU C 517 -77.29 49.04 22.25
C GLU C 517 -76.39 49.02 21.02
N MET C 518 -76.55 50.05 20.18
CA MET C 518 -75.74 50.20 18.99
C MET C 518 -74.79 51.39 19.11
N GLU C 519 -74.95 52.16 20.18
CA GLU C 519 -73.87 52.99 20.64
C GLU C 519 -72.68 52.06 20.61
N GLN C 520 -72.78 50.99 21.42
CA GLN C 520 -71.67 50.10 21.76
C GLN C 520 -71.64 48.75 21.07
N ALA C 521 -72.60 48.48 20.20
CA ALA C 521 -72.47 47.35 19.30
C ALA C 521 -71.35 47.67 18.34
N VAL C 522 -71.34 48.89 17.80
CA VAL C 522 -70.34 49.35 16.85
C VAL C 522 -69.12 49.98 17.50
N GLU C 523 -69.27 50.45 18.75
CA GLU C 523 -68.21 51.14 19.51
C GLU C 523 -66.92 50.33 19.60
N LEU C 524 -67.03 49.04 19.28
CA LEU C 524 -65.92 48.11 19.34
C LEU C 524 -66.08 47.05 18.25
N CYS C 525 -66.18 47.52 17.00
CA CYS C 525 -66.50 46.73 15.82
C CYS C 525 -65.33 46.64 14.86
N GLY C 526 -64.57 47.71 14.82
CA GLY C 526 -63.45 47.82 13.92
C GLY C 526 -62.34 46.85 14.27
N ARG C 527 -62.29 45.73 13.56
CA ARG C 527 -61.22 44.74 13.74
C ARG C 527 -59.94 45.26 13.07
N GLU C 528 -59.14 45.96 13.86
CA GLU C 528 -57.97 46.65 13.35
C GLU C 528 -56.71 46.00 13.83
N ARG C 529 -56.74 45.69 15.12
CA ARG C 529 -55.62 45.14 15.88
C ARG C 529 -54.81 44.05 15.13
N GLU C 530 -55.28 43.67 13.95
CA GLU C 530 -54.49 42.93 12.98
C GLU C 530 -53.26 43.71 12.59
N VAL C 531 -53.31 45.02 12.79
CA VAL C 531 -52.19 45.95 12.55
C VAL C 531 -50.78 45.49 12.98
N GLN C 532 -50.71 44.50 13.86
CA GLN C 532 -49.44 43.87 14.25
C GLN C 532 -49.15 42.57 13.43
N ALA C 533 -50.03 41.57 13.51
CA ALA C 533 -49.94 40.37 12.65
C ALA C 533 -49.95 40.72 11.16
N LEU C 534 -50.25 42.00 10.88
CA LEU C 534 -49.98 42.65 9.61
C LEU C 534 -48.48 43.02 9.66
N VAL C 535 -48.15 44.12 10.32
CA VAL C 535 -46.78 44.67 10.38
C VAL C 535 -45.72 43.73 10.95
N ASP C 536 -45.97 43.18 12.15
CA ASP C 536 -45.04 42.27 12.80
C ASP C 536 -44.54 41.16 11.85
N LYS C 537 -45.47 40.32 11.41
CA LYS C 537 -45.14 39.18 10.57
C LYS C 537 -45.00 39.61 9.11
N MET C 538 -44.92 40.91 8.88
CA MET C 538 -44.53 41.46 7.58
C MET C 538 -43.07 41.83 7.62
N MET C 539 -42.67 42.42 8.75
CA MET C 539 -41.28 42.82 8.98
C MET C 539 -40.42 41.63 9.33
N ALA C 540 -41.05 40.48 9.58
CA ALA C 540 -40.33 39.22 9.74
C ALA C 540 -39.51 38.92 8.47
N LEU C 541 -40.14 39.12 7.32
CA LEU C 541 -39.58 38.65 6.05
C LEU C 541 -39.01 39.71 5.13
N GLN C 542 -39.19 40.99 5.45
CA GLN C 542 -38.50 42.05 4.71
C GLN C 542 -37.30 42.54 5.52
N THR C 543 -36.95 41.74 6.53
CA THR C 543 -35.68 41.86 7.23
C THR C 543 -34.96 40.52 7.22
N ASP C 544 -35.70 39.42 7.22
CA ASP C 544 -35.02 38.13 7.16
C ASP C 544 -34.62 37.72 5.75
N SER C 545 -35.38 38.13 4.75
CA SER C 545 -34.97 37.94 3.36
C SER C 545 -33.96 38.99 2.92
N VAL C 546 -33.53 39.84 3.86
CA VAL C 546 -32.49 40.82 3.60
C VAL C 546 -31.17 40.41 4.27
N ASP C 547 -31.22 39.43 5.17
CA ASP C 547 -30.02 38.90 5.78
C ASP C 547 -29.33 37.96 4.83
N LEU C 548 -30.14 37.30 4.04
CA LEU C 548 -29.66 36.24 3.18
C LEU C 548 -29.39 36.76 1.77
N GLN C 549 -30.10 37.81 1.35
CA GLN C 549 -29.80 38.44 0.06
C GLN C 549 -28.43 39.12 0.09
N ARG C 550 -27.88 39.30 1.30
CA ARG C 550 -26.51 39.81 1.48
C ARG C 550 -25.46 38.72 1.29
N ASN C 551 -24.91 38.18 2.38
CA ASN C 551 -24.15 36.92 2.33
C ASN C 551 -22.62 36.87 2.23
N PRO C 552 -21.97 36.17 3.19
CA PRO C 552 -20.63 35.64 2.96
C PRO C 552 -20.70 34.29 2.25
N THR C 560 -11.93 32.67 3.99
CA THR C 560 -10.57 32.27 3.76
C THR C 560 -10.50 30.85 3.29
N LEU C 561 -11.54 30.32 2.66
CA LEU C 561 -11.26 29.15 1.83
C LEU C 561 -10.49 29.70 0.65
N ASP C 562 -11.05 30.73 0.01
CA ASP C 562 -10.48 31.25 -1.23
C ASP C 562 -9.11 31.87 -1.08
N ASP C 563 -8.86 32.41 0.10
CA ASP C 563 -7.53 32.86 0.49
C ASP C 563 -6.52 31.71 0.66
N LEU C 564 -7.00 30.57 1.17
CA LEU C 564 -6.15 29.43 1.43
C LEU C 564 -5.72 28.78 0.13
N GLU C 565 -6.60 28.74 -0.84
CA GLU C 565 -6.22 28.19 -2.14
C GLU C 565 -5.38 29.12 -3.00
N GLU C 566 -5.41 30.40 -2.69
CA GLU C 566 -4.43 31.32 -3.27
C GLU C 566 -3.06 31.17 -2.59
N GLN C 567 -3.04 30.54 -1.43
CA GLN C 567 -1.83 30.36 -0.65
C GLN C 567 -1.25 28.95 -0.86
N ALA C 568 -2.13 28.03 -1.18
CA ALA C 568 -1.73 26.76 -1.71
C ALA C 568 -1.46 26.94 -3.19
N ARG C 569 -1.81 28.10 -3.74
CA ARG C 569 -1.42 28.42 -5.12
C ARG C 569 0.09 28.51 -5.27
N ASP C 570 0.71 29.28 -4.38
CA ASP C 570 2.11 29.59 -4.50
C ASP C 570 2.95 28.45 -4.02
N LEU C 571 2.59 27.86 -2.89
CA LEU C 571 3.41 26.78 -2.40
C LEU C 571 3.55 25.70 -3.45
N TYR C 572 2.46 25.40 -4.15
CA TYR C 572 2.46 24.35 -5.18
C TYR C 572 2.88 24.92 -6.54
N ARG C 573 3.33 26.18 -6.49
CA ARG C 573 3.96 26.90 -7.59
C ARG C 573 5.43 27.18 -7.30
N ARG C 574 5.71 27.73 -6.12
CA ARG C 574 7.08 28.02 -5.69
C ARG C 574 7.96 26.77 -5.63
N LEU C 575 7.34 25.60 -5.62
CA LEU C 575 8.06 24.32 -5.61
C LEU C 575 8.54 23.99 -7.00
N ARG C 576 7.71 24.33 -8.00
CA ARG C 576 8.05 24.16 -9.39
C ARG C 576 8.84 25.36 -9.89
N GLU C 577 8.82 26.43 -9.11
CA GLU C 577 9.67 27.57 -9.41
C GLU C 577 11.05 27.43 -8.75
N ARG C 578 11.18 26.54 -7.76
CA ARG C 578 12.45 26.27 -7.03
C ARG C 578 13.55 25.88 -8.02
N PRO C 579 14.37 26.86 -8.44
CA PRO C 579 15.13 26.73 -9.69
C PRO C 579 16.20 25.67 -9.63
N ARG C 580 16.19 24.78 -10.61
CA ARG C 580 17.16 23.71 -10.76
C ARG C 580 17.47 22.98 -9.43
N ASP C 581 18.73 22.68 -9.17
CA ASP C 581 19.12 21.79 -8.07
C ASP C 581 18.75 22.23 -6.65
N GLN C 582 17.69 21.61 -6.10
CA GLN C 582 17.50 21.53 -4.63
C GLN C 582 16.68 20.29 -4.39
N ARG C 583 15.86 19.98 -5.40
CA ARG C 583 14.81 19.01 -5.30
C ARG C 583 14.81 18.21 -3.98
N THR C 584 15.35 17.00 -3.99
CA THR C 584 15.19 16.01 -2.89
C THR C 584 14.63 16.39 -1.53
N PRO C 585 15.36 17.21 -0.75
CA PRO C 585 14.99 17.50 0.65
C PRO C 585 13.50 17.30 0.94
N GLY C 586 13.16 16.07 1.34
CA GLY C 586 11.77 15.59 1.31
C GLY C 586 10.80 15.94 2.44
N ASP C 587 10.06 17.00 2.28
CA ASP C 587 9.08 17.39 3.27
C ASP C 587 7.63 17.32 2.76
N SER C 588 6.89 16.30 3.22
CA SER C 588 5.46 16.19 2.93
C SER C 588 4.85 17.50 3.33
N ASN C 589 4.66 17.66 4.64
CA ASN C 589 4.76 18.96 5.27
C ASN C 589 3.51 19.80 5.40
N ASP C 590 3.74 21.11 5.47
CA ASP C 590 2.73 22.14 5.57
C ASP C 590 1.87 22.21 4.34
N MET C 591 2.15 21.30 3.42
CA MET C 591 1.29 21.12 2.29
C MET C 591 0.20 20.18 2.64
N VAL C 592 0.25 19.82 3.93
CA VAL C 592 -0.81 19.16 4.59
C VAL C 592 -1.49 20.21 5.50
N ARG C 593 -0.72 21.10 6.09
CA ARG C 593 -1.34 22.21 6.80
C ARG C 593 -2.42 22.83 5.91
N LEU C 594 -2.00 23.34 4.75
CA LEU C 594 -2.91 24.05 3.85
C LEU C 594 -4.01 23.18 3.31
N LEU C 595 -4.01 21.90 3.67
CA LEU C 595 -5.11 21.03 3.31
C LEU C 595 -6.02 20.86 4.49
N ILE C 596 -5.46 20.54 5.66
CA ILE C 596 -6.26 20.39 6.86
C ILE C 596 -7.19 21.60 7.00
N LEU C 597 -6.63 22.80 6.89
CA LEU C 597 -7.41 24.01 7.04
C LEU C 597 -8.48 24.10 5.97
N ALA C 598 -8.05 23.93 4.73
CA ALA C 598 -8.96 23.88 3.58
C ALA C 598 -9.91 22.65 3.56
N ILE C 599 -10.05 22.00 4.72
CA ILE C 599 -11.18 21.12 4.96
C ILE C 599 -12.12 21.89 5.87
N GLN C 600 -11.64 22.30 7.03
CA GLN C 600 -12.48 23.00 8.02
C GLN C 600 -13.19 24.18 7.46
N SER C 601 -12.44 25.06 6.81
CA SER C 601 -13.05 26.22 6.17
C SER C 601 -13.90 25.88 4.95
N PHE C 602 -13.80 24.64 4.44
CA PHE C 602 -14.83 24.12 3.51
C PHE C 602 -16.01 23.57 4.29
N GLU C 603 -15.72 22.58 5.13
CA GLU C 603 -16.67 21.96 6.03
C GLU C 603 -17.63 22.98 6.68
N LYS C 604 -17.05 24.05 7.20
CA LYS C 604 -17.78 25.09 7.91
C LYS C 604 -18.53 26.04 7.01
N ARG C 605 -17.99 26.30 5.83
CA ARG C 605 -18.75 27.01 4.81
C ARG C 605 -19.81 26.14 4.17
N VAL C 606 -20.03 24.95 4.73
CA VAL C 606 -21.12 24.11 4.25
C VAL C 606 -22.15 23.84 5.34
N ILE C 607 -21.81 24.09 6.61
CA ILE C 607 -22.91 24.26 7.56
C ILE C 607 -23.55 25.59 7.28
N LEU C 608 -22.75 26.66 7.29
CA LEU C 608 -23.32 27.97 7.20
C LEU C 608 -24.25 28.02 6.02
N ILE C 609 -23.78 27.52 4.88
CA ILE C 609 -24.67 27.37 3.74
C ILE C 609 -25.96 26.64 4.08
N TYR C 610 -25.86 25.41 4.58
CA TYR C 610 -27.06 24.61 4.82
C TYR C 610 -28.03 25.18 5.87
N ASP C 611 -27.45 25.77 6.91
CA ASP C 611 -28.16 26.47 7.95
C ASP C 611 -29.01 27.47 7.25
N GLN C 612 -28.31 28.05 6.27
CA GLN C 612 -28.86 29.24 5.71
C GLN C 612 -29.62 28.93 4.39
N LEU C 613 -29.74 27.65 4.04
CA LEU C 613 -30.72 27.24 3.04
C LEU C 613 -32.00 27.05 3.80
N SER C 614 -31.91 26.25 4.85
CA SER C 614 -33.02 26.05 5.79
C SER C 614 -33.76 27.36 6.07
N LYS C 615 -33.00 28.36 6.46
CA LYS C 615 -33.59 29.60 6.88
C LYS C 615 -34.49 30.13 5.81
N THR C 616 -34.10 29.93 4.55
CA THR C 616 -34.91 30.42 3.40
C THR C 616 -35.90 29.39 2.85
N VAL C 617 -36.26 28.43 3.67
CA VAL C 617 -37.54 27.71 3.53
C VAL C 617 -38.42 28.01 4.78
N VAL C 618 -37.80 28.31 5.92
CA VAL C 618 -38.49 28.87 7.09
C VAL C 618 -39.42 29.96 6.58
N CYS C 619 -38.87 30.84 5.75
CA CYS C 619 -39.54 32.03 5.34
C CYS C 619 -40.55 31.77 4.27
N LYS C 620 -40.21 30.95 3.29
CA LYS C 620 -41.19 30.46 2.31
C LYS C 620 -42.54 30.04 2.91
N ARG C 621 -42.49 29.20 3.96
CA ARG C 621 -43.71 28.71 4.62
C ARG C 621 -44.48 29.86 5.28
N LYS C 622 -43.79 30.60 6.15
CA LYS C 622 -44.38 31.70 6.83
C LYS C 622 -45.00 32.67 5.85
N ALA C 623 -44.32 32.97 4.75
CA ALA C 623 -44.90 33.81 3.68
C ALA C 623 -45.93 33.12 2.79
N LEU C 624 -46.37 31.92 3.17
CA LEU C 624 -47.52 31.31 2.53
C LEU C 624 -48.69 31.13 3.48
N GLU C 625 -48.42 31.34 4.78
CA GLU C 625 -49.45 31.35 5.83
C GLU C 625 -49.81 32.77 6.16
N LEU C 626 -48.81 33.60 6.39
CA LEU C 626 -49.05 34.99 6.71
C LEU C 626 -49.47 35.73 5.48
N SER C 627 -49.85 35.01 4.43
CA SER C 627 -50.57 35.67 3.33
C SER C 627 -52.10 35.52 3.47
N PRO C 628 -52.65 34.31 3.27
CA PRO C 628 -54.10 34.28 3.11
C PRO C 628 -54.89 34.72 4.35
N LYS C 629 -54.22 34.79 5.51
CA LYS C 629 -54.80 35.43 6.70
C LYS C 629 -55.03 36.88 6.36
N VAL C 630 -53.94 37.61 6.24
CA VAL C 630 -54.01 39.04 5.99
C VAL C 630 -54.34 39.33 4.50
N LYS C 631 -55.07 38.40 3.89
CA LYS C 631 -55.74 38.63 2.63
C LYS C 631 -57.24 38.49 2.85
N GLU C 632 -57.65 37.27 3.18
CA GLU C 632 -59.04 36.92 3.41
C GLU C 632 -59.57 37.54 4.71
N VAL C 633 -58.82 37.41 5.80
CA VAL C 633 -59.26 37.96 7.09
C VAL C 633 -59.49 39.50 6.95
N MET C 634 -58.92 40.10 5.91
CA MET C 634 -59.09 41.53 5.67
C MET C 634 -60.03 41.85 4.52
N ASN C 635 -60.58 40.79 3.97
CA ASN C 635 -61.79 40.83 3.21
C ASN C 635 -62.92 41.12 4.21
N LEU C 636 -62.99 40.28 5.25
CA LEU C 636 -64.00 40.39 6.29
C LEU C 636 -63.94 41.73 6.98
N MET C 637 -62.74 42.11 7.42
CA MET C 637 -62.50 43.45 7.94
C MET C 637 -63.29 44.50 7.18
N ARG C 638 -63.18 44.48 5.84
CA ARG C 638 -63.80 45.52 5.02
C ARG C 638 -65.31 45.60 5.12
N GLU C 639 -65.99 44.55 4.73
CA GLU C 639 -67.42 44.65 4.58
C GLU C 639 -68.09 44.61 5.96
N ASP C 640 -67.54 43.79 6.85
CA ASP C 640 -68.01 43.70 8.23
C ASP C 640 -67.29 44.70 9.13
N GLU C 641 -67.11 45.84 8.49
CA GLU C 641 -67.03 47.13 9.11
C GLU C 641 -67.86 48.03 8.18
N LYS C 642 -67.75 47.82 6.87
CA LYS C 642 -68.44 48.69 5.94
C LYS C 642 -69.97 48.57 5.97
N ILE C 643 -70.52 47.36 6.07
CA ILE C 643 -71.98 47.24 6.30
C ILE C 643 -72.31 47.75 7.71
N VAL C 644 -71.44 47.40 8.65
CA VAL C 644 -71.55 47.91 10.01
C VAL C 644 -71.10 49.40 10.08
N VAL C 645 -71.34 50.11 8.97
CA VAL C 645 -71.43 51.57 8.89
C VAL C 645 -72.26 51.94 7.63
N ARG C 646 -73.13 51.03 7.25
CA ARG C 646 -74.19 51.35 6.31
C ARG C 646 -75.47 51.44 7.12
N ARG C 647 -75.45 50.94 8.34
CA ARG C 647 -76.62 51.00 9.18
C ARG C 647 -76.67 52.30 10.02
N GLN C 648 -75.87 53.30 9.67
CA GLN C 648 -75.78 54.52 10.48
C GLN C 648 -76.50 55.58 9.80
N GLU C 649 -76.67 55.37 8.50
CA GLU C 649 -77.47 56.22 7.65
C GLU C 649 -78.92 55.95 8.01
N LYS C 650 -79.21 54.68 8.30
CA LYS C 650 -80.55 54.31 8.75
C LYS C 650 -80.77 54.42 10.25
N ARG C 651 -79.84 55.09 10.94
CA ARG C 651 -79.98 55.39 12.36
C ARG C 651 -80.12 56.88 12.62
N GLN C 652 -79.80 57.67 11.61
CA GLN C 652 -80.28 59.02 11.49
C GLN C 652 -81.62 58.92 10.77
N GLN C 653 -81.77 57.87 9.96
CA GLN C 653 -83.02 57.70 9.25
C GLN C 653 -84.11 57.89 10.25
N GLU C 654 -83.90 57.31 11.42
CA GLU C 654 -84.94 57.29 12.41
C GLU C 654 -84.87 58.34 13.52
N LEU C 655 -83.88 59.23 13.48
CA LEU C 655 -83.98 60.53 14.19
C LEU C 655 -84.71 61.47 13.27
N TRP C 656 -84.39 61.33 11.99
CA TRP C 656 -84.96 62.10 10.93
C TRP C 656 -86.43 61.73 10.66
N ASN C 657 -86.79 60.48 11.00
CA ASN C 657 -88.18 59.99 11.01
C ASN C 657 -88.91 60.34 12.31
N LEU C 658 -88.22 60.25 13.44
CA LEU C 658 -88.65 60.87 14.70
C LEU C 658 -89.06 62.38 14.60
N LEU C 659 -88.60 63.09 13.57
CA LEU C 659 -89.07 64.46 13.33
C LEU C 659 -90.44 64.45 12.70
N LYS C 660 -90.61 63.67 11.65
CA LYS C 660 -91.93 63.49 11.03
C LYS C 660 -92.92 62.63 11.85
N ILE C 661 -92.80 62.73 13.17
CA ILE C 661 -93.77 62.23 14.16
C ILE C 661 -94.23 63.42 15.02
N ALA C 662 -93.33 63.91 15.88
CA ALA C 662 -93.56 65.13 16.65
C ALA C 662 -93.85 66.33 15.71
N CYS C 663 -94.32 66.02 14.49
CA CYS C 663 -94.68 67.02 13.47
C CYS C 663 -95.98 66.72 12.72
N SER C 664 -96.24 65.44 12.45
CA SER C 664 -97.55 65.05 11.95
C SER C 664 -98.57 65.12 13.10
N LYS C 665 -98.07 65.10 14.34
CA LYS C 665 -98.91 65.21 15.52
C LYS C 665 -98.94 66.65 16.05
N VAL C 666 -99.21 67.58 15.14
CA VAL C 666 -99.47 68.99 15.45
C VAL C 666 -100.31 69.55 14.33
N ARG C 667 -100.02 69.11 13.11
CA ARG C 667 -100.83 69.44 11.96
C ARG C 667 -102.19 68.74 12.06
N GLU D 17 21.92 25.60 30.80
CA GLU D 17 22.64 26.09 29.59
C GLU D 17 21.86 27.13 28.76
N MET D 18 22.17 27.23 27.45
CA MET D 18 21.71 28.34 26.56
C MET D 18 21.44 27.98 25.06
N LYS D 19 21.07 28.97 24.23
CA LYS D 19 20.43 28.72 22.91
C LYS D 19 21.22 28.92 21.59
N GLU D 20 21.07 30.09 20.94
CA GLU D 20 21.54 30.29 19.55
C GLU D 20 22.31 31.59 19.23
N ARG D 21 22.29 32.01 17.96
CA ARG D 21 23.18 33.08 17.45
C ARG D 21 22.51 34.22 16.70
N LEU D 22 23.22 35.35 16.60
CA LEU D 22 22.78 36.53 15.85
C LEU D 22 23.81 36.94 14.78
N GLY D 23 24.12 38.24 14.67
CA GLY D 23 25.08 38.81 13.69
C GLY D 23 26.49 39.07 14.22
N THR D 24 27.39 39.62 13.38
CA THR D 24 28.84 39.73 13.69
C THR D 24 29.49 41.09 13.42
N GLY D 25 30.19 41.64 14.42
CA GLY D 25 30.94 42.87 14.24
C GLY D 25 31.40 43.52 15.53
N GLY D 26 32.28 44.50 15.39
CA GLY D 26 32.85 45.22 16.54
C GLY D 26 34.07 44.52 17.08
N PHE D 27 33.85 43.75 18.12
CA PHE D 27 34.86 42.83 18.62
C PHE D 27 34.30 41.41 18.70
N GLY D 28 33.47 41.04 17.73
CA GLY D 28 33.02 39.65 17.62
C GLY D 28 31.53 39.41 17.54
N TYR D 29 31.05 38.54 18.42
CA TYR D 29 29.75 37.92 18.24
C TYR D 29 28.58 38.51 19.01
N VAL D 30 27.40 38.35 18.42
CA VAL D 30 26.12 38.63 19.06
C VAL D 30 25.38 37.28 19.09
N LEU D 31 24.80 36.95 20.25
CA LEU D 31 24.24 35.61 20.46
C LEU D 31 22.90 35.65 21.21
N ARG D 32 21.94 34.87 20.72
CA ARG D 32 20.60 34.78 21.33
C ARG D 32 20.46 33.60 22.29
N TRP D 33 21.38 33.51 23.25
CA TRP D 33 21.36 32.44 24.26
C TRP D 33 20.13 32.61 25.16
N ILE D 34 19.68 31.51 25.76
CA ILE D 34 18.50 31.49 26.65
C ILE D 34 18.64 30.48 27.80
N HIS D 35 18.21 30.86 29.00
CA HIS D 35 17.82 29.88 29.99
C HIS D 35 16.50 29.21 29.46
N GLN D 36 16.66 28.09 28.75
CA GLN D 36 15.65 27.50 27.84
C GLN D 36 14.40 26.97 28.54
N ASP D 37 13.67 27.89 29.13
CA ASP D 37 12.63 27.60 30.12
C ASP D 37 12.22 28.97 30.65
N THR D 38 11.02 29.43 30.29
CA THR D 38 10.57 30.83 30.49
C THR D 38 11.05 31.73 29.35
N GLY D 39 12.07 31.27 28.62
CA GLY D 39 12.59 31.97 27.44
C GLY D 39 13.26 33.29 27.73
N GLU D 40 14.43 33.24 28.36
CA GLU D 40 15.21 34.44 28.69
C GLU D 40 16.04 34.90 27.49
N GLN D 41 15.44 35.75 26.64
CA GLN D 41 16.08 36.18 25.39
C GLN D 41 17.22 37.22 25.56
N VAL D 42 18.40 36.75 25.95
CA VAL D 42 19.57 37.64 26.15
C VAL D 42 20.51 37.68 24.95
N ALA D 43 21.11 38.85 24.72
CA ALA D 43 22.11 39.05 23.67
C ALA D 43 23.51 38.94 24.27
N ILE D 44 24.44 38.34 23.53
CA ILE D 44 25.79 38.12 24.06
C ILE D 44 26.89 38.58 23.11
N LYS D 45 27.51 39.72 23.44
CA LYS D 45 28.66 40.21 22.70
C LYS D 45 29.93 39.79 23.44
N GLN D 46 30.59 38.76 22.93
CA GLN D 46 31.85 38.29 23.48
C GLN D 46 33.02 38.99 22.82
N CYS D 47 34.22 38.47 23.03
CA CYS D 47 35.44 39.14 22.58
C CYS D 47 36.17 38.41 21.46
N ARG D 48 37.17 39.09 20.89
CA ARG D 48 37.88 38.60 19.71
C ARG D 48 39.37 38.45 19.99
N GLN D 49 39.81 37.18 20.09
CA GLN D 49 41.22 36.78 20.07
C GLN D 49 42.29 37.80 20.50
N GLU D 50 42.12 38.41 21.69
CA GLU D 50 43.08 39.37 22.24
C GLU D 50 43.31 40.62 21.39
N LEU D 51 43.69 41.69 22.06
CA LEU D 51 44.05 42.95 21.41
C LEU D 51 45.13 43.63 22.24
N SER D 52 45.59 44.78 21.79
CA SER D 52 46.48 45.64 22.57
C SER D 52 45.80 45.90 23.93
N PRO D 53 46.60 46.06 25.02
CA PRO D 53 46.00 46.30 26.33
C PRO D 53 44.97 47.43 26.32
N LYS D 54 45.29 48.55 25.65
CA LYS D 54 44.35 49.67 25.55
C LYS D 54 43.18 49.41 24.59
N ASN D 55 43.29 48.36 23.78
CA ASN D 55 42.22 47.95 22.88
C ASN D 55 41.28 46.86 23.43
N ARG D 56 41.78 46.02 24.34
CA ARG D 56 40.93 45.08 25.09
C ARG D 56 40.33 45.70 26.35
N GLU D 57 41.00 46.74 26.87
CA GLU D 57 40.48 47.53 27.99
C GLU D 57 39.37 48.48 27.51
N ARG D 58 39.47 48.91 26.26
CA ARG D 58 38.40 49.68 25.58
C ARG D 58 37.11 48.88 25.42
N TRP D 59 37.23 47.57 25.22
CA TRP D 59 36.10 46.65 25.21
C TRP D 59 35.35 46.72 26.53
N CYS D 60 36.10 46.82 27.62
CA CYS D 60 35.52 46.90 28.94
C CYS D 60 34.87 48.26 29.25
N LEU D 61 35.34 49.31 28.56
CA LEU D 61 34.73 50.63 28.65
C LEU D 61 33.38 50.66 27.94
N GLU D 62 33.26 49.91 26.85
CA GLU D 62 32.01 49.71 26.14
C GLU D 62 30.97 49.08 27.08
N ILE D 63 31.33 47.95 27.69
CA ILE D 63 30.43 47.15 28.57
C ILE D 63 29.80 47.97 29.68
N GLN D 64 30.62 48.73 30.37
CA GLN D 64 30.18 49.65 31.39
C GLN D 64 29.25 50.72 30.80
N ILE D 65 29.53 51.16 29.57
CA ILE D 65 28.77 52.24 28.92
C ILE D 65 27.37 51.85 28.40
N MET D 66 27.26 50.74 27.68
CA MET D 66 25.96 50.20 27.21
C MET D 66 25.14 49.60 28.38
N LYS D 67 25.72 49.61 29.58
CA LYS D 67 25.03 49.24 30.81
C LYS D 67 24.79 50.49 31.63
N LYS D 68 25.73 51.43 31.50
CA LYS D 68 25.65 52.75 32.13
C LYS D 68 24.41 53.51 31.66
N LEU D 69 23.86 53.05 30.55
CA LEU D 69 22.75 53.74 29.90
C LEU D 69 21.49 52.88 29.66
N ASN D 70 20.36 53.58 29.64
CA ASN D 70 19.06 53.00 29.36
C ASN D 70 18.14 54.08 28.81
N HIS D 71 17.64 53.83 27.61
CA HIS D 71 16.73 54.73 26.95
C HIS D 71 15.88 53.81 26.10
N PRO D 72 14.56 53.93 26.18
CA PRO D 72 13.81 53.16 25.22
C PRO D 72 14.22 53.66 23.84
N ASN D 73 14.20 52.78 22.83
CA ASN D 73 14.83 53.04 21.53
C ASN D 73 16.24 52.50 21.44
N VAL D 74 16.92 52.36 22.59
CA VAL D 74 18.29 51.82 22.63
C VAL D 74 18.55 50.83 23.78
N VAL D 75 18.62 49.55 23.40
CA VAL D 75 18.76 48.44 24.31
C VAL D 75 19.58 48.72 25.55
N SER D 76 19.22 48.09 26.67
CA SER D 76 20.09 48.05 27.86
C SER D 76 20.49 46.62 28.29
N ALA D 77 21.63 46.51 28.98
CA ALA D 77 22.22 45.22 29.34
C ALA D 77 21.50 44.55 30.51
N ARG D 78 21.37 43.23 30.43
CA ARG D 78 20.81 42.42 31.53
C ARG D 78 21.87 41.96 32.55
N GLU D 79 23.06 42.58 32.46
CA GLU D 79 24.27 42.20 33.22
C GLU D 79 24.88 40.87 32.71
N VAL D 80 24.70 39.78 33.45
CA VAL D 80 25.17 38.47 33.06
C VAL D 80 24.18 37.46 33.57
N PRO D 81 23.80 36.47 32.73
CA PRO D 81 22.96 35.37 33.23
C PRO D 81 23.79 34.50 34.18
N ASP D 82 23.40 34.51 35.45
CA ASP D 82 24.12 33.79 36.53
C ASP D 82 24.18 32.29 36.29
N GLY D 83 23.16 31.78 35.59
CA GLY D 83 23.12 30.41 35.11
C GLY D 83 23.99 30.22 33.87
N LEU D 84 24.88 29.24 33.95
CA LEU D 84 25.92 28.91 32.94
C LEU D 84 27.11 29.88 32.86
N GLN D 85 26.84 31.19 32.91
CA GLN D 85 27.88 32.24 33.04
C GLN D 85 29.06 32.08 32.09
N LYS D 86 30.26 32.18 32.64
CA LYS D 86 31.49 32.09 31.88
C LYS D 86 31.68 30.75 31.18
N LEU D 87 31.08 30.62 29.99
CA LEU D 87 31.57 29.68 28.98
C LEU D 87 32.54 30.47 28.09
N ALA D 88 33.00 31.61 28.63
CA ALA D 88 33.88 32.56 27.95
C ALA D 88 35.36 32.23 28.18
N PRO D 89 36.07 31.76 27.12
CA PRO D 89 37.51 31.48 27.24
C PRO D 89 38.34 32.78 27.18
N ASN D 90 38.01 33.73 28.05
CA ASN D 90 38.59 35.08 28.04
C ASN D 90 39.28 35.52 29.35
N ASP D 91 38.65 35.22 30.49
CA ASP D 91 38.94 35.91 31.76
C ASP D 91 38.54 37.40 31.67
N LEU D 92 38.13 37.81 30.46
CA LEU D 92 37.47 39.08 30.19
C LEU D 92 35.95 38.85 30.28
N PRO D 93 35.17 39.92 30.62
CA PRO D 93 33.72 39.76 30.72
C PRO D 93 33.03 39.40 29.39
N LEU D 94 31.72 39.24 29.44
CA LEU D 94 30.88 39.22 28.23
C LEU D 94 29.83 40.36 28.36
N LEU D 95 28.88 40.44 27.41
CA LEU D 95 27.79 41.41 27.52
C LEU D 95 26.44 40.79 27.17
N ALA D 96 25.47 40.99 28.06
CA ALA D 96 24.13 40.46 27.87
C ALA D 96 23.12 41.58 27.75
N MET D 97 22.44 41.61 26.60
CA MET D 97 21.45 42.65 26.30
C MET D 97 20.06 42.06 26.19
N GLU D 98 19.06 42.92 26.22
CA GLU D 98 17.68 42.52 25.96
C GLU D 98 17.43 42.37 24.46
N TYR D 99 17.51 41.14 23.96
CA TYR D 99 17.31 40.85 22.54
C TYR D 99 15.89 41.16 22.12
N CYS D 100 15.73 41.88 21.01
CA CYS D 100 14.42 42.29 20.52
C CYS D 100 14.00 41.43 19.32
N GLU D 101 12.70 41.17 19.17
CA GLU D 101 12.18 40.26 18.13
C GLU D 101 12.22 40.78 16.69
N GLY D 102 12.39 39.82 15.73
CA GLY D 102 12.63 40.04 14.27
C GLY D 102 12.47 41.41 13.61
N GLY D 103 13.36 42.34 13.93
CA GLY D 103 13.26 43.73 13.44
C GLY D 103 14.49 44.41 12.86
N ASP D 104 15.55 43.66 12.64
CA ASP D 104 16.76 44.15 11.95
C ASP D 104 16.34 45.12 10.86
N LEU D 105 16.42 46.42 11.16
CA LEU D 105 15.86 47.47 10.30
C LEU D 105 16.02 47.16 8.82
N ARG D 106 17.13 46.52 8.50
CA ARG D 106 17.33 46.06 7.16
C ARG D 106 16.15 45.19 6.85
N LYS D 107 16.20 43.94 7.32
CA LYS D 107 15.10 43.01 7.07
C LYS D 107 13.97 43.62 6.21
N TYR D 108 13.23 44.60 6.77
CA TYR D 108 12.15 45.25 6.04
C TYR D 108 12.64 46.11 4.87
N LEU D 109 13.69 46.90 5.07
CA LEU D 109 14.16 47.77 3.99
C LEU D 109 14.37 47.01 2.69
N ASN D 110 14.72 45.74 2.83
CA ASN D 110 14.73 44.84 1.68
C ASN D 110 13.29 44.44 1.43
N GLN D 111 12.54 44.33 2.52
CA GLN D 111 11.26 43.62 2.61
C GLN D 111 10.77 43.21 1.28
N PHE D 112 10.48 44.17 0.41
CA PHE D 112 10.14 43.78 -0.93
C PHE D 112 9.34 44.76 -1.73
N GLU D 113 8.59 45.59 -1.04
CA GLU D 113 7.66 46.41 -1.77
C GLU D 113 7.83 47.69 -1.07
N ASN D 114 8.92 47.75 -0.33
CA ASN D 114 9.41 49.01 0.10
C ASN D 114 10.40 49.52 -0.94
N CYS D 115 10.70 48.68 -1.91
CA CYS D 115 11.37 49.16 -3.08
C CYS D 115 10.50 50.26 -3.62
N CYS D 116 11.06 51.46 -3.65
CA CYS D 116 10.38 52.73 -4.04
C CYS D 116 9.95 53.50 -2.81
N GLY D 117 10.32 52.97 -1.65
CA GLY D 117 10.13 53.63 -0.39
C GLY D 117 9.40 52.80 0.64
N LEU D 118 9.50 53.26 1.87
CA LEU D 118 8.82 52.63 2.96
C LEU D 118 7.95 53.74 3.60
N LYS D 119 7.12 54.44 2.79
CA LYS D 119 6.28 55.55 3.34
C LYS D 119 5.17 55.16 4.32
N GLU D 120 5.54 55.24 5.59
CA GLU D 120 4.62 54.86 6.60
C GLU D 120 4.42 56.10 7.46
N GLY D 121 5.45 56.53 8.14
CA GLY D 121 5.19 57.16 9.39
C GLY D 121 5.89 56.22 10.38
N PRO D 122 5.76 54.87 10.21
CA PRO D 122 6.99 54.07 10.47
C PRO D 122 8.25 54.66 9.84
N ILE D 123 8.08 55.70 9.00
CA ILE D 123 9.11 56.69 8.78
C ILE D 123 9.11 57.63 9.99
N ARG D 124 7.91 58.16 10.32
CA ARG D 124 7.64 59.12 11.45
C ARG D 124 7.99 58.51 12.83
N THR D 125 7.84 57.19 12.96
CA THR D 125 8.34 56.51 14.14
C THR D 125 9.86 56.57 14.05
N LEU D 126 10.44 55.83 13.11
CA LEU D 126 11.87 55.74 12.97
C LEU D 126 12.53 57.10 13.00
N LEU D 127 12.11 58.00 12.12
CA LEU D 127 12.62 59.36 12.16
C LEU D 127 12.55 59.96 13.57
N SER D 128 11.53 59.60 14.34
CA SER D 128 11.42 60.04 15.74
C SER D 128 12.27 59.21 16.73
N ASP D 129 11.94 57.91 16.85
CA ASP D 129 12.60 56.99 17.76
C ASP D 129 14.11 57.26 17.83
N ILE D 130 14.76 57.10 16.68
CA ILE D 130 16.19 57.29 16.57
C ILE D 130 16.55 58.67 17.01
N SER D 131 15.84 59.67 16.46
CA SER D 131 16.12 61.06 16.81
C SER D 131 16.17 61.25 18.33
N SER D 132 15.41 60.43 19.05
CA SER D 132 15.43 60.48 20.50
C SER D 132 16.38 59.47 21.16
N ALA D 133 16.87 58.51 20.37
CA ALA D 133 17.96 57.62 20.82
C ALA D 133 19.30 58.36 20.71
N LEU D 134 19.54 59.00 19.57
CA LEU D 134 20.75 59.82 19.35
C LEU D 134 20.77 60.90 20.39
N ARG D 135 19.64 61.58 20.53
CA ARG D 135 19.35 62.44 21.67
C ARG D 135 20.26 62.08 22.83
N TYR D 136 19.85 60.99 23.48
CA TYR D 136 20.41 60.48 24.71
C TYR D 136 21.92 60.27 24.64
N LEU D 137 22.44 60.15 23.42
CA LEU D 137 23.84 59.84 23.21
C LEU D 137 24.69 61.08 23.05
N HIS D 138 24.08 62.18 22.61
CA HIS D 138 24.78 63.45 22.60
C HIS D 138 24.59 64.10 23.97
N GLU D 139 23.87 63.38 24.82
CA GLU D 139 23.64 63.80 26.20
C GLU D 139 24.77 63.33 27.06
N ASN D 140 25.24 62.13 26.74
CA ASN D 140 26.35 61.54 27.46
C ASN D 140 27.62 61.66 26.64
N ARG D 141 27.56 62.56 25.65
CA ARG D 141 28.61 62.83 24.66
C ARG D 141 29.23 61.55 24.09
N ILE D 142 28.35 60.64 23.68
CA ILE D 142 28.74 59.35 23.11
C ILE D 142 28.27 59.29 21.65
N ILE D 143 29.09 59.78 20.74
CA ILE D 143 28.83 59.70 19.31
C ILE D 143 28.82 58.23 18.90
N HIS D 144 27.73 57.77 18.29
CA HIS D 144 27.59 56.37 17.89
C HIS D 144 28.57 56.01 16.79
N ARG D 145 29.00 57.08 16.10
CA ARG D 145 29.84 57.03 14.90
C ARG D 145 29.15 56.38 13.72
N ASP D 146 29.14 55.04 13.64
CA ASP D 146 28.42 54.38 12.57
C ASP D 146 26.91 54.39 12.83
N LEU D 147 26.17 54.01 11.80
CA LEU D 147 24.71 53.94 11.81
C LEU D 147 24.35 53.41 10.44
N LYS D 148 23.50 52.40 10.47
CA LYS D 148 23.33 51.49 9.36
C LYS D 148 21.88 51.07 9.46
N PRO D 149 21.40 50.26 8.53
CA PRO D 149 20.14 49.65 8.90
C PRO D 149 20.33 48.52 9.93
N GLU D 150 21.48 47.85 9.92
CA GLU D 150 21.61 46.56 10.62
C GLU D 150 22.04 46.66 12.06
N ASN D 151 21.81 47.83 12.66
CA ASN D 151 22.00 47.99 14.09
C ASN D 151 20.67 48.30 14.77
N ILE D 152 19.61 48.48 13.96
CA ILE D 152 18.31 48.88 14.47
C ILE D 152 17.27 47.80 14.27
N VAL D 153 16.48 47.60 15.32
CA VAL D 153 15.44 46.58 15.34
C VAL D 153 14.02 47.11 15.63
N LEU D 154 13.21 47.19 14.57
CA LEU D 154 11.76 47.41 14.66
C LEU D 154 11.11 46.15 15.26
N GLN D 155 10.86 46.21 16.56
CA GLN D 155 10.24 45.11 17.29
C GLN D 155 8.81 45.51 17.75
N PRO D 156 7.84 44.57 17.63
CA PRO D 156 6.45 44.82 18.05
C PRO D 156 6.30 45.48 19.44
N GLY D 157 5.49 46.55 19.50
CA GLY D 157 5.35 47.34 20.73
C GLY D 157 3.97 47.28 21.38
N PRO D 158 3.91 47.54 22.70
CA PRO D 158 2.64 47.58 23.44
C PRO D 158 1.61 48.52 22.81
N GLN D 159 2.05 49.39 21.89
CA GLN D 159 1.11 50.25 21.17
C GLN D 159 1.42 50.31 19.68
N ARG D 160 2.58 50.87 19.32
CA ARG D 160 2.91 51.22 17.92
C ARG D 160 4.37 51.03 17.48
N LEU D 161 4.81 49.76 17.36
CA LEU D 161 6.16 49.40 16.88
C LEU D 161 7.30 50.21 17.51
N ILE D 162 7.85 49.70 18.61
CA ILE D 162 9.05 50.31 19.20
C ILE D 162 10.23 49.74 18.45
N HIS D 163 11.14 50.62 18.00
CA HIS D 163 12.41 50.14 17.45
C HIS D 163 13.68 50.56 18.20
N LYS D 164 14.55 49.57 18.32
CA LYS D 164 15.72 49.66 19.20
C LYS D 164 17.04 49.48 18.44
N ILE D 165 18.01 50.31 18.80
CA ILE D 165 19.35 50.30 18.25
C ILE D 165 20.30 49.41 19.08
N ILE D 166 20.52 48.20 18.58
CA ILE D 166 21.27 47.11 19.25
C ILE D 166 22.79 47.24 18.99
N ASP D 167 23.52 46.13 19.21
CA ASP D 167 24.94 45.81 18.75
C ASP D 167 26.08 46.87 18.88
N LEU D 168 25.79 48.16 18.67
CA LEU D 168 26.89 49.04 18.32
C LEU D 168 27.40 49.98 19.41
N GLY D 169 28.71 50.06 19.45
CA GLY D 169 29.45 50.95 20.32
C GLY D 169 30.84 51.09 19.73
N TYR D 170 30.92 51.69 18.54
CA TYR D 170 32.20 52.11 17.96
C TYR D 170 32.34 53.54 18.38
N ALA D 171 32.20 53.75 19.67
CA ALA D 171 31.55 54.96 20.17
C ALA D 171 32.43 55.99 20.85
N LYS D 172 33.42 56.49 20.11
CA LYS D 172 34.15 57.76 20.39
C LYS D 172 33.63 58.60 21.58
N GLU D 173 33.41 57.94 22.72
CA GLU D 173 32.90 58.62 23.91
C GLU D 173 33.86 59.67 24.41
N LEU D 174 33.50 60.93 24.20
CA LEU D 174 34.33 62.03 24.66
C LEU D 174 34.86 61.73 26.06
N ASP D 175 36.12 62.13 26.26
CA ASP D 175 36.83 62.02 27.55
C ASP D 175 37.47 60.66 27.76
N GLN D 176 36.72 59.59 27.54
CA GLN D 176 37.32 58.28 27.62
C GLN D 176 37.65 57.70 26.23
N GLY D 177 38.31 58.53 25.42
CA GLY D 177 38.80 58.14 24.09
C GLY D 177 37.77 57.53 23.15
N GLU D 178 38.24 56.90 22.08
CA GLU D 178 37.38 56.15 21.20
C GLU D 178 37.25 54.74 21.72
N LEU D 179 36.32 53.99 21.14
CA LEU D 179 36.36 52.53 21.22
C LEU D 179 36.86 52.06 19.86
N CYS D 180 37.47 50.88 19.82
CA CYS D 180 37.94 50.22 18.57
C CYS D 180 38.53 51.04 17.38
N THR D 181 37.67 51.52 16.45
CA THR D 181 38.06 51.92 15.08
C THR D 181 38.30 50.62 14.31
N GLU D 182 37.47 49.63 14.65
CA GLU D 182 37.47 48.31 14.01
C GLU D 182 37.07 48.35 12.52
N PHE D 183 36.28 49.35 12.12
CA PHE D 183 35.97 49.59 10.70
C PHE D 183 35.09 48.49 10.04
N VAL D 184 34.50 47.58 10.82
CA VAL D 184 34.17 46.22 10.29
C VAL D 184 33.26 46.00 9.03
N GLY D 185 32.01 45.60 9.22
CA GLY D 185 31.17 44.97 8.18
C GLY D 185 30.85 45.71 6.90
N THR D 186 29.67 46.35 6.84
CA THR D 186 29.24 47.12 5.66
C THR D 186 29.50 48.59 5.87
N LEU D 187 30.55 49.04 5.22
CA LEU D 187 30.97 50.42 5.29
C LEU D 187 29.98 51.31 4.56
N GLN D 188 29.30 50.67 3.60
CA GLN D 188 28.54 51.33 2.53
C GLN D 188 27.87 52.70 2.88
N TYR D 189 27.80 53.05 4.20
CA TYR D 189 27.01 54.21 4.80
C TYR D 189 27.75 55.42 5.35
N LEU D 190 28.76 55.23 6.21
CA LEU D 190 29.28 56.35 7.06
C LEU D 190 29.77 57.68 6.37
N ALA D 191 30.31 58.62 7.16
CA ALA D 191 30.57 59.96 6.64
C ALA D 191 32.05 60.34 6.66
N PRO D 192 32.55 61.11 5.63
CA PRO D 192 33.95 61.46 5.53
C PRO D 192 34.93 60.81 6.53
N GLU D 193 34.95 59.47 6.44
CA GLU D 193 35.97 58.58 6.97
C GLU D 193 36.68 58.07 5.77
N LEU D 194 37.15 59.02 4.95
CA LEU D 194 38.32 58.80 4.13
C LEU D 194 39.26 58.47 5.32
N LEU D 195 39.48 57.16 5.52
CA LEU D 195 39.93 56.55 6.80
C LEU D 195 40.56 57.57 7.78
N GLU D 196 39.77 57.95 8.77
CA GLU D 196 40.15 58.88 9.86
C GLU D 196 39.79 60.34 9.58
N GLN D 197 40.77 61.24 9.53
CA GLN D 197 40.52 62.70 9.68
C GLN D 197 40.11 63.04 11.10
N LYS D 198 40.15 64.34 11.40
CA LYS D 198 40.06 64.83 12.76
C LYS D 198 38.62 65.17 13.12
N LYS D 199 37.78 65.21 12.09
CA LYS D 199 36.41 65.69 12.26
C LYS D 199 35.47 64.60 12.80
N TYR D 200 35.93 63.77 13.75
CA TYR D 200 35.04 62.85 14.47
C TYR D 200 34.15 63.66 15.38
N THR D 201 33.70 64.82 14.90
CA THR D 201 32.76 65.68 15.60
C THR D 201 31.36 65.07 15.62
N VAL D 202 30.62 65.36 16.67
CA VAL D 202 29.22 65.01 16.72
C VAL D 202 28.66 64.73 15.31
N THR D 203 28.78 65.74 14.45
CA THR D 203 28.36 65.79 13.03
C THR D 203 28.14 64.50 12.26
N VAL D 204 28.94 63.52 12.56
CA VAL D 204 29.05 62.33 11.72
C VAL D 204 27.92 61.33 12.01
N ASP D 205 27.24 61.50 13.13
CA ASP D 205 25.99 60.80 13.34
C ASP D 205 24.97 61.40 12.36
N TYR D 206 24.86 62.74 12.40
CA TYR D 206 23.80 63.45 11.64
C TYR D 206 23.79 63.02 10.18
N TRP D 207 25.00 62.86 9.63
CA TRP D 207 25.14 62.37 8.28
C TRP D 207 24.51 60.97 8.11
N SER D 208 24.94 60.00 8.91
CA SER D 208 24.54 58.58 8.67
C SER D 208 23.03 58.44 8.78
N PHE D 209 22.51 58.99 9.88
CA PHE D 209 21.07 59.09 10.15
C PHE D 209 20.34 59.61 8.92
N GLY D 210 20.82 60.77 8.43
CA GLY D 210 20.27 61.44 7.26
C GLY D 210 20.06 60.49 6.09
N THR D 211 21.15 59.89 5.61
CA THR D 211 20.99 58.92 4.53
C THR D 211 20.10 57.76 5.00
N LEU D 212 20.47 57.14 6.10
CA LEU D 212 19.63 56.12 6.73
C LEU D 212 18.15 56.49 6.56
N ALA D 213 17.87 57.73 6.89
CA ALA D 213 16.55 58.27 6.73
C ALA D 213 16.22 58.28 5.25
N PHE D 214 16.98 59.06 4.47
CA PHE D 214 16.75 59.12 3.03
C PHE D 214 16.34 57.72 2.56
N GLU D 215 17.34 56.87 2.41
CA GLU D 215 17.15 55.47 2.20
C GLU D 215 15.77 54.95 2.62
N CYS D 216 15.38 55.31 3.82
CA CYS D 216 14.13 54.78 4.32
C CYS D 216 12.97 55.39 3.60
N ILE D 217 13.08 56.70 3.26
CA ILE D 217 11.98 57.38 2.55
C ILE D 217 11.76 56.70 1.17
N THR D 218 12.88 56.42 0.52
CA THR D 218 12.88 56.19 -0.88
C THR D 218 13.41 54.82 -1.16
N GLY D 219 14.76 54.73 -1.22
CA GLY D 219 15.52 53.50 -1.44
C GLY D 219 16.98 53.69 -1.79
N PHE D 220 17.59 54.87 -1.61
CA PHE D 220 19.05 55.07 -1.93
C PHE D 220 19.89 55.79 -0.86
N ARG D 221 20.57 56.86 -1.28
CA ARG D 221 21.38 57.78 -0.48
C ARG D 221 22.08 58.61 -1.55
N PRO D 222 23.07 59.51 -1.19
CA PRO D 222 23.76 60.39 -2.21
C PRO D 222 24.26 59.53 -3.37
N PHE D 223 24.68 58.30 -3.01
CA PHE D 223 24.34 57.05 -3.76
C PHE D 223 25.18 55.77 -3.47
N LEU D 224 24.54 54.61 -3.55
CA LEU D 224 25.31 53.38 -3.36
C LEU D 224 25.10 52.20 -4.34
N PRO D 225 24.72 52.50 -5.60
CA PRO D 225 25.51 51.68 -6.55
C PRO D 225 26.77 52.60 -6.66
N ASN D 226 27.86 52.14 -7.29
CA ASN D 226 29.24 52.65 -7.05
C ASN D 226 29.51 52.14 -5.63
N TRP D 227 30.38 52.85 -4.90
CA TRP D 227 30.83 52.37 -3.61
C TRP D 227 31.38 53.48 -2.69
N GLN D 228 32.21 53.08 -1.74
CA GLN D 228 32.81 54.01 -0.81
C GLN D 228 33.95 54.88 -1.43
N PRO D 229 35.20 54.35 -1.59
CA PRO D 229 36.21 55.25 -2.16
C PRO D 229 35.88 55.54 -3.60
N VAL D 230 34.83 54.86 -4.08
CA VAL D 230 34.28 55.11 -5.39
C VAL D 230 33.49 56.46 -5.38
N GLN D 231 32.90 56.83 -4.23
CA GLN D 231 32.30 58.15 -4.04
C GLN D 231 33.34 59.24 -3.91
N TRP D 232 33.79 59.56 -2.70
CA TRP D 232 34.54 60.82 -2.49
C TRP D 232 34.41 61.84 -3.61
N HIS D 233 33.96 61.41 -4.79
CA HIS D 233 33.56 62.31 -5.88
C HIS D 233 32.07 62.45 -5.84
N GLY D 234 31.42 61.45 -5.27
CA GLY D 234 30.12 61.62 -4.66
C GLY D 234 30.06 63.04 -4.10
N LYS D 235 31.01 63.38 -3.22
CA LYS D 235 31.11 64.72 -2.61
C LYS D 235 31.47 65.80 -3.62
N VAL D 236 30.91 65.62 -4.82
CA VAL D 236 30.69 66.61 -5.87
C VAL D 236 31.87 67.53 -6.16
N ARG D 237 32.19 67.64 -7.45
CA ARG D 237 33.09 68.68 -8.00
C ARG D 237 32.31 69.88 -8.58
N ILE D 244 27.57 69.94 -4.85
CA ILE D 244 27.82 69.25 -3.59
C ILE D 244 26.49 69.14 -2.86
N VAL D 245 25.90 70.30 -2.55
CA VAL D 245 24.50 70.45 -2.15
C VAL D 245 23.70 70.58 -3.46
N VAL D 246 23.65 69.48 -4.25
CA VAL D 246 22.99 69.42 -5.61
C VAL D 246 22.33 68.03 -5.75
N TYR D 247 22.06 67.59 -7.01
CA TYR D 247 21.89 66.15 -7.39
C TYR D 247 22.50 65.81 -8.81
N ASP D 248 22.71 64.52 -9.11
CA ASP D 248 23.78 64.15 -10.05
C ASP D 248 23.55 63.37 -11.35
N ASP D 249 24.55 62.56 -11.67
CA ASP D 249 24.90 62.23 -13.04
C ASP D 249 24.61 60.82 -13.44
N LEU D 250 24.66 60.56 -14.76
CA LEU D 250 24.25 59.29 -15.37
C LEU D 250 25.34 58.61 -16.19
N THR D 251 24.83 57.95 -17.22
CA THR D 251 25.53 57.30 -18.32
C THR D 251 24.35 56.93 -19.25
N GLY D 252 23.97 55.66 -19.29
CA GLY D 252 22.63 55.29 -19.75
C GLY D 252 21.74 55.96 -18.72
N ALA D 253 20.81 55.23 -18.15
CA ALA D 253 20.06 55.78 -17.01
C ALA D 253 20.74 55.27 -15.74
N VAL D 254 21.35 56.18 -14.97
CA VAL D 254 21.86 55.92 -13.59
C VAL D 254 21.98 57.28 -12.96
N LYS D 255 21.82 57.45 -11.65
CA LYS D 255 21.66 58.82 -11.00
C LYS D 255 21.92 58.92 -9.47
N PHE D 256 22.49 60.01 -8.98
CA PHE D 256 23.10 59.87 -7.67
C PHE D 256 23.11 61.11 -6.78
N SER D 257 22.11 61.16 -5.88
CA SER D 257 21.20 62.36 -5.72
C SER D 257 20.66 62.93 -4.38
N SER D 258 20.65 64.24 -4.33
CA SER D 258 20.07 64.96 -3.23
C SER D 258 19.85 66.45 -3.57
N VAL D 259 18.85 66.68 -4.49
CA VAL D 259 17.92 67.90 -4.56
C VAL D 259 16.42 67.51 -4.64
N LEU D 260 16.09 66.58 -5.53
CA LEU D 260 14.70 66.23 -5.81
C LEU D 260 14.35 64.75 -5.49
N PRO D 261 13.90 64.47 -4.23
CA PRO D 261 13.79 63.12 -3.61
C PRO D 261 12.84 62.09 -4.21
N THR D 262 12.70 62.03 -5.55
CA THR D 262 12.40 60.76 -6.30
C THR D 262 10.86 60.29 -6.46
N PRO D 263 10.52 59.16 -7.15
CA PRO D 263 9.13 58.58 -7.11
C PRO D 263 8.75 57.56 -5.99
N ASN D 264 8.79 58.09 -4.76
CA ASN D 264 8.56 57.43 -3.44
C ASN D 264 7.08 57.32 -3.11
N HIS D 265 6.72 57.00 -1.85
CA HIS D 265 5.28 57.18 -1.48
C HIS D 265 4.93 57.99 -0.24
N LEU D 266 5.54 59.17 -0.08
CA LEU D 266 5.32 60.05 1.10
C LEU D 266 4.11 61.00 1.04
N SER D 267 3.92 61.77 2.11
CA SER D 267 2.94 62.87 2.11
C SER D 267 3.31 63.93 1.07
N GLY D 268 2.30 64.42 0.33
CA GLY D 268 2.46 65.59 -0.53
C GLY D 268 3.31 66.66 0.15
N ILE D 269 2.95 67.04 1.37
CA ILE D 269 3.71 68.08 2.07
C ILE D 269 4.96 67.59 2.88
N LEU D 270 5.37 66.34 2.71
CA LEU D 270 6.65 65.93 3.28
C LEU D 270 7.91 65.95 2.33
N ALA D 271 7.69 66.01 1.01
CA ALA D 271 8.67 66.64 0.18
C ALA D 271 9.05 67.91 0.97
N GLY D 272 8.06 68.55 1.60
CA GLY D 272 8.21 69.71 2.50
C GLY D 272 9.32 69.66 3.56
N LYS D 273 9.36 68.60 4.37
CA LYS D 273 10.58 68.27 5.10
C LYS D 273 11.70 67.93 4.14
N LEU D 274 11.60 66.73 3.54
CA LEU D 274 12.72 66.05 2.90
C LEU D 274 13.75 67.01 2.37
N GLU D 275 13.46 67.50 1.17
CA GLU D 275 14.36 68.26 0.34
C GLU D 275 15.02 69.40 1.09
N ARG D 276 14.38 69.82 2.17
CA ARG D 276 14.92 70.88 2.99
C ARG D 276 15.38 70.39 4.37
N TRP D 277 14.96 69.20 4.77
CA TRP D 277 15.63 68.67 5.92
C TRP D 277 16.88 68.06 5.40
N LEU D 278 16.74 66.88 4.79
CA LEU D 278 17.87 66.13 4.32
C LEU D 278 18.96 66.96 3.62
N GLN D 279 18.59 68.03 2.90
CA GLN D 279 19.56 68.96 2.26
C GLN D 279 20.50 69.60 3.29
N CYS D 280 20.29 69.24 4.54
CA CYS D 280 20.98 69.85 5.64
C CYS D 280 21.56 68.80 6.54
N MET D 281 20.88 67.68 6.59
CA MET D 281 21.33 66.55 7.35
C MET D 281 22.36 65.72 6.61
N LEU D 282 22.58 66.05 5.34
CA LEU D 282 23.51 65.30 4.47
C LEU D 282 24.71 66.13 4.08
N MET D 283 25.54 66.42 5.07
CA MET D 283 26.79 67.18 4.88
C MET D 283 27.97 66.86 5.87
N TRP D 284 29.01 67.71 5.74
CA TRP D 284 30.40 67.48 6.16
C TRP D 284 30.97 68.56 7.09
N HIS D 285 31.90 68.16 8.00
CA HIS D 285 32.61 69.10 8.91
C HIS D 285 31.74 69.51 10.10
N GLN D 286 30.81 70.45 9.83
CA GLN D 286 29.89 71.04 10.81
C GLN D 286 28.40 71.04 10.35
N ARG D 287 27.88 69.85 10.05
CA ARG D 287 26.46 69.61 9.76
C ARG D 287 25.86 68.52 10.63
N THR D 291 23.13 74.22 11.75
CA THR D 291 23.23 73.79 10.36
C THR D 291 22.37 74.61 9.37
N ASP D 292 21.04 74.65 9.53
CA ASP D 292 20.15 75.42 8.63
C ASP D 292 20.33 76.94 8.79
N PRO D 293 20.97 77.60 7.79
CA PRO D 293 21.66 78.89 7.96
C PRO D 293 20.75 80.14 8.08
N GLN D 294 19.47 79.92 8.38
CA GLN D 294 18.56 81.00 8.71
C GLN D 294 18.58 81.26 10.21
N ASN D 295 19.25 80.39 10.96
CA ASN D 295 19.11 80.37 12.41
C ASN D 295 20.11 79.44 13.07
N PRO D 296 20.34 79.62 14.38
CA PRO D 296 20.87 78.54 15.20
C PRO D 296 19.74 77.77 15.93
N ASN D 297 19.19 76.74 15.29
CA ASN D 297 18.15 75.88 15.87
C ASN D 297 18.73 74.68 16.66
N VAL D 298 18.16 73.48 16.46
CA VAL D 298 18.81 72.19 16.84
C VAL D 298 18.89 71.22 15.63
N GLY D 299 20.11 70.70 15.40
CA GLY D 299 20.42 69.81 14.29
C GLY D 299 19.29 68.88 13.91
N CYS D 300 19.25 67.69 14.50
CA CYS D 300 18.08 66.85 14.33
C CYS D 300 16.91 67.49 15.07
N PHE D 301 16.89 67.33 16.39
CA PHE D 301 15.74 67.69 17.24
C PHE D 301 14.84 68.79 16.73
N GLN D 302 15.11 70.02 17.13
CA GLN D 302 14.16 71.09 16.89
C GLN D 302 13.51 71.01 15.50
N ALA D 303 14.33 71.13 14.46
CA ALA D 303 13.84 71.14 13.08
C ALA D 303 12.98 69.94 12.75
N LEU D 304 13.54 68.75 12.98
CA LEU D 304 12.87 67.49 12.65
C LEU D 304 11.60 67.31 13.46
N ASP D 305 11.64 67.72 14.73
CA ASP D 305 10.51 67.58 15.65
C ASP D 305 9.33 68.44 15.21
N SER D 306 9.60 69.71 14.90
CA SER D 306 8.59 70.63 14.36
C SER D 306 8.12 70.18 12.97
N ILE D 307 9.05 69.64 12.20
CA ILE D 307 8.74 69.08 10.91
C ILE D 307 8.07 67.70 11.07
N LEU D 308 8.17 67.11 12.25
CA LEU D 308 7.53 65.80 12.51
C LEU D 308 6.14 65.91 13.14
N SER D 309 5.98 66.85 14.07
CA SER D 309 4.66 67.19 14.61
C SER D 309 3.95 67.99 13.54
N LEU D 310 3.22 69.04 13.92
CA LEU D 310 2.24 69.66 13.01
C LEU D 310 1.06 68.68 12.87
N LYS D 311 -0.13 69.12 13.27
CA LYS D 311 -1.23 68.23 13.11
C LYS D 311 -1.84 68.49 11.78
N LEU D 312 -2.04 67.41 11.04
CA LEU D 312 -2.35 67.55 9.63
C LEU D 312 -3.73 67.06 9.21
N LEU D 313 -4.55 68.03 8.85
CA LEU D 313 -5.75 67.72 8.14
C LEU D 313 -5.54 67.85 6.68
N SER D 314 -6.46 67.23 5.97
CA SER D 314 -6.27 66.88 4.63
C SER D 314 -7.67 66.68 4.14
N VAL D 315 -8.07 67.44 3.16
CA VAL D 315 -9.42 67.39 2.72
C VAL D 315 -9.40 67.11 1.26
N MET D 316 -9.85 65.92 0.91
CA MET D 316 -10.13 65.62 -0.47
C MET D 316 -11.00 66.75 -1.04
N ASN D 317 -11.11 66.80 -2.36
CA ASN D 317 -12.02 67.72 -3.02
C ASN D 317 -13.15 66.99 -3.66
N MET D 318 -12.99 66.58 -4.92
CA MET D 318 -14.06 66.01 -5.74
C MET D 318 -14.37 66.94 -6.89
N VAL D 319 -14.29 68.24 -6.66
CA VAL D 319 -13.96 69.13 -7.76
C VAL D 319 -12.53 68.71 -8.08
N SER D 320 -12.41 67.86 -9.11
CA SER D 320 -11.31 66.82 -9.31
C SER D 320 -9.87 67.07 -8.81
N GLY D 321 -9.62 68.30 -8.33
CA GLY D 321 -8.36 68.67 -7.70
C GLY D 321 -8.03 67.79 -6.52
N ARG D 322 -8.49 66.54 -6.61
CA ARG D 322 -8.22 65.55 -5.61
C ARG D 322 -7.96 66.23 -4.26
N VAL D 323 -6.72 66.28 -3.78
CA VAL D 323 -6.54 66.62 -2.37
C VAL D 323 -6.21 68.05 -2.09
N HIS D 324 -6.12 68.35 -0.80
CA HIS D 324 -5.59 69.58 -0.23
C HIS D 324 -5.24 69.15 1.16
N THR D 325 -4.22 69.74 1.77
CA THR D 325 -3.85 69.41 3.15
C THR D 325 -3.51 70.66 3.94
N TYR D 326 -3.86 70.67 5.23
CA TYR D 326 -3.65 71.86 6.05
C TYR D 326 -3.10 71.53 7.42
N PRO D 327 -2.16 72.36 7.90
CA PRO D 327 -1.55 72.32 9.23
C PRO D 327 -2.43 73.03 10.25
N VAL D 328 -2.86 72.31 11.30
CA VAL D 328 -3.90 72.86 12.19
C VAL D 328 -3.60 72.81 13.71
N THR D 329 -3.71 73.98 14.35
CA THR D 329 -3.59 74.08 15.82
C THR D 329 -4.89 73.61 16.50
N GLU D 330 -4.79 73.04 17.70
CA GLU D 330 -6.00 72.75 18.49
C GLU D 330 -6.54 74.06 19.07
N ASN D 331 -7.23 74.80 18.18
CA ASN D 331 -7.48 76.22 18.35
C ASN D 331 -8.14 76.86 17.13
N GLU D 332 -8.61 76.01 16.22
CA GLU D 332 -9.23 76.44 14.96
C GLU D 332 -10.38 75.47 14.71
N ASN D 333 -11.42 75.92 14.02
CA ASN D 333 -12.57 75.06 13.70
C ASN D 333 -13.03 75.11 12.24
N LEU D 334 -14.24 74.63 11.98
CA LEU D 334 -14.76 74.54 10.61
C LEU D 334 -14.55 75.80 9.79
N GLN D 335 -15.38 76.81 9.98
CA GLN D 335 -15.29 78.00 9.12
C GLN D 335 -13.87 78.61 8.97
N ASN D 336 -12.94 78.25 9.86
CA ASN D 336 -11.54 78.60 9.64
C ASN D 336 -11.18 77.97 8.30
N LEU D 337 -11.30 76.65 8.27
CA LEU D 337 -11.06 75.79 7.09
C LEU D 337 -11.88 76.28 5.92
N LYS D 338 -13.21 76.28 6.10
CA LYS D 338 -14.14 76.67 5.06
C LYS D 338 -13.58 77.81 4.26
N SER D 339 -13.07 78.82 4.96
CA SER D 339 -12.45 79.97 4.32
C SER D 339 -11.25 79.49 3.53
N TRP D 340 -10.23 79.00 4.24
CA TRP D 340 -9.03 78.65 3.55
C TRP D 340 -9.22 77.46 2.59
N LEU D 341 -10.43 76.90 2.53
CA LEU D 341 -10.77 75.87 1.55
C LEU D 341 -11.32 76.48 0.26
N GLN D 342 -12.11 77.54 0.39
CA GLN D 342 -12.57 78.33 -0.73
C GLN D 342 -11.36 79.12 -1.19
N GLN D 343 -10.53 79.50 -0.22
CA GLN D 343 -9.33 80.27 -0.47
C GLN D 343 -8.58 79.69 -1.65
N ASP D 344 -8.56 78.36 -1.71
CA ASP D 344 -7.83 77.64 -2.72
C ASP D 344 -8.78 77.14 -3.83
N THR D 345 -9.97 76.64 -3.47
CA THR D 345 -10.93 76.14 -4.47
C THR D 345 -11.82 77.26 -4.98
N GLY D 346 -12.36 78.04 -4.04
CA GLY D 346 -13.18 79.17 -4.38
C GLY D 346 -14.67 78.87 -4.45
N ILE D 347 -15.05 77.60 -4.23
CA ILE D 347 -16.45 77.27 -4.06
C ILE D 347 -16.71 77.47 -2.55
N PRO D 348 -17.22 78.67 -2.17
CA PRO D 348 -17.34 79.21 -0.78
C PRO D 348 -18.40 78.53 0.11
N GLU D 349 -18.19 78.58 1.44
CA GLU D 349 -18.97 77.84 2.46
C GLU D 349 -20.38 77.39 2.07
N GLU D 350 -21.17 78.33 1.54
CA GLU D 350 -22.54 78.03 1.09
C GLU D 350 -22.57 77.28 -0.26
N GLU D 351 -21.89 76.14 -0.26
CA GLU D 351 -21.87 75.14 -1.32
C GLU D 351 -20.77 74.12 -0.94
N GLN D 352 -20.51 74.04 0.37
CA GLN D 352 -19.41 73.27 0.88
C GLN D 352 -19.86 72.11 1.74
N GLU D 353 -19.71 70.91 1.17
CA GLU D 353 -20.08 69.69 1.86
C GLU D 353 -18.89 68.97 2.46
N LEU D 354 -18.65 69.25 3.73
CA LEU D 354 -17.55 68.65 4.46
C LEU D 354 -18.02 67.42 5.22
N LEU D 355 -17.57 66.24 4.79
CA LEU D 355 -18.11 64.99 5.28
C LEU D 355 -17.03 64.10 5.90
N GLN D 356 -16.72 64.35 7.17
CA GLN D 356 -15.80 63.51 7.94
C GLN D 356 -16.22 62.06 7.83
N ALA D 357 -15.26 61.20 7.53
CA ALA D 357 -15.52 59.82 7.12
C ALA D 357 -16.62 59.74 6.04
N SER D 358 -17.34 58.64 6.05
CA SER D 358 -18.66 58.59 5.40
C SER D 358 -19.73 58.82 6.48
N GLY D 359 -19.38 58.45 7.72
CA GLY D 359 -20.25 58.67 8.85
C GLY D 359 -20.27 60.14 9.24
N LEU D 360 -21.35 60.82 8.87
CA LEU D 360 -21.68 62.18 9.33
C LEU D 360 -21.60 63.25 8.27
N ALA D 361 -21.74 64.47 8.78
CA ALA D 361 -21.24 65.68 8.19
C ALA D 361 -20.34 66.31 9.26
N LEU D 362 -19.77 67.46 8.96
CA LEU D 362 -18.76 68.03 9.85
C LEU D 362 -19.29 68.80 11.04
N ASN D 363 -19.22 68.13 12.19
CA ASN D 363 -19.61 68.70 13.47
C ASN D 363 -18.66 69.83 13.91
N SER D 364 -18.85 71.02 13.35
CA SER D 364 -17.98 72.16 13.61
C SER D 364 -17.87 72.52 15.10
N ALA D 365 -18.40 71.62 15.94
CA ALA D 365 -18.31 71.72 17.38
C ALA D 365 -16.86 71.78 17.82
N GLN D 366 -16.24 70.61 17.84
CA GLN D 366 -14.83 70.41 18.19
C GLN D 366 -13.86 71.30 17.38
N PRO D 367 -12.66 71.58 17.95
CA PRO D 367 -11.58 72.14 17.11
C PRO D 367 -11.08 71.10 16.06
N LEU D 368 -10.18 71.51 15.15
CA LEU D 368 -9.80 70.65 14.01
C LEU D 368 -8.90 69.45 14.37
N THR D 369 -8.46 69.42 15.61
CA THR D 369 -7.51 68.43 16.07
C THR D 369 -8.19 67.16 16.59
N GLN D 370 -9.50 67.11 16.54
CA GLN D 370 -10.22 65.88 16.84
C GLN D 370 -10.36 65.10 15.53
N TYR D 371 -10.19 65.84 14.44
CA TYR D 371 -10.34 65.29 13.10
C TYR D 371 -9.00 64.90 12.48
N VAL D 372 -7.93 65.04 13.25
CA VAL D 372 -6.54 64.78 12.80
C VAL D 372 -6.28 63.30 12.45
N ILE D 373 -5.86 62.52 13.46
CA ILE D 373 -5.36 61.12 13.33
C ILE D 373 -4.40 60.86 12.17
N ASP D 374 -3.18 60.44 12.51
CA ASP D 374 -2.11 60.17 11.52
C ASP D 374 -1.12 59.12 12.08
N CYS D 375 -0.46 58.38 11.19
CA CYS D 375 0.83 57.75 11.50
C CYS D 375 0.81 56.28 11.96
N THR D 376 -0.15 55.88 12.77
CA THR D 376 0.06 54.69 13.61
C THR D 376 -1.18 53.80 13.93
N VAL D 377 -1.22 52.56 13.43
CA VAL D 377 -2.24 51.55 13.85
C VAL D 377 -1.60 50.56 14.84
N GLY D 385 -10.48 56.68 6.42
CA GLY D 385 -10.70 57.86 7.26
C GLY D 385 -10.12 59.16 6.70
N ASP D 386 -11.02 60.08 6.30
CA ASP D 386 -10.65 61.43 5.80
C ASP D 386 -11.73 62.28 5.11
N LEU D 387 -11.83 63.53 5.56
CA LEU D 387 -12.83 64.51 5.11
C LEU D 387 -12.87 64.73 3.63
N ILE D 388 -13.65 63.91 2.93
CA ILE D 388 -13.99 64.20 1.53
C ILE D 388 -14.85 65.50 1.57
N PHE D 389 -15.37 65.95 0.43
CA PHE D 389 -15.80 67.34 0.34
C PHE D 389 -16.37 67.79 -1.03
N LEU D 390 -17.64 68.21 -1.06
CA LEU D 390 -18.33 68.48 -2.34
C LEU D 390 -18.94 69.88 -2.50
N PHE D 391 -19.58 70.06 -3.66
CA PHE D 391 -19.68 71.37 -4.39
C PHE D 391 -21.04 72.07 -4.55
N ASP D 392 -22.12 71.35 -4.23
CA ASP D 392 -23.52 71.74 -4.45
C ASP D 392 -23.94 72.11 -5.89
N ASN D 393 -23.84 71.14 -6.81
CA ASN D 393 -24.15 71.34 -8.24
C ASN D 393 -24.56 70.12 -9.09
N ARG D 394 -24.51 70.28 -10.41
CA ARG D 394 -24.72 69.18 -11.34
C ARG D 394 -23.37 68.66 -11.82
N LYS D 395 -23.05 67.42 -11.41
CA LYS D 395 -21.74 66.71 -11.64
C LYS D 395 -20.40 67.41 -11.35
N ILE D 402 -17.60 66.91 -12.89
CA ILE D 402 -17.29 66.62 -14.30
C ILE D 402 -16.01 65.78 -14.50
N SER D 403 -15.80 64.82 -13.60
CA SER D 403 -14.55 64.05 -13.50
C SER D 403 -13.27 64.88 -13.52
N LEU D 404 -12.20 64.24 -13.97
CA LEU D 404 -10.87 64.83 -14.22
C LEU D 404 -9.68 64.01 -13.64
N PRO D 405 -9.04 63.21 -14.53
CA PRO D 405 -7.71 62.62 -14.36
C PRO D 405 -6.55 63.65 -14.29
N ALA D 406 -6.10 63.95 -13.07
CA ALA D 406 -4.87 64.74 -12.78
C ALA D 406 -3.75 63.81 -12.29
N HIS D 407 -2.62 63.80 -12.98
CA HIS D 407 -1.58 62.78 -12.76
C HIS D 407 -0.21 63.26 -12.28
N PRO D 408 0.37 62.52 -11.30
CA PRO D 408 1.82 62.52 -10.95
C PRO D 408 2.79 62.09 -12.13
N GLU D 409 4.10 61.90 -11.90
CA GLU D 409 5.01 61.37 -12.98
C GLU D 409 6.28 60.51 -12.63
N SER D 410 7.44 61.17 -12.51
CA SER D 410 8.76 60.54 -12.29
C SER D 410 9.49 60.26 -13.59
N VAL D 411 10.59 60.99 -13.77
CA VAL D 411 11.30 61.12 -15.06
C VAL D 411 11.54 59.77 -15.76
N SER D 412 12.41 58.95 -15.17
CA SER D 412 12.76 57.66 -15.74
C SER D 412 11.56 56.98 -16.41
N ILE D 413 10.45 56.91 -15.67
CA ILE D 413 9.25 56.27 -16.17
C ILE D 413 8.80 56.90 -17.48
N VAL D 414 8.66 58.22 -17.48
CA VAL D 414 8.08 58.98 -18.60
C VAL D 414 8.93 58.90 -19.89
N LEU D 415 10.07 58.20 -19.80
CA LEU D 415 10.95 57.99 -20.94
C LEU D 415 10.77 56.58 -21.42
N GLN D 416 10.66 55.69 -20.46
CA GLN D 416 10.48 54.26 -20.68
C GLN D 416 9.48 53.91 -21.75
N ASP D 417 8.36 54.60 -21.66
CA ASP D 417 7.19 54.31 -22.47
C ASP D 417 7.24 54.96 -23.86
N PRO D 418 7.60 56.26 -23.96
CA PRO D 418 8.05 56.60 -25.30
C PRO D 418 9.47 56.02 -25.56
N LYS D 419 9.63 54.70 -25.38
CA LYS D 419 10.89 53.97 -25.64
C LYS D 419 10.83 52.46 -25.37
N ARG D 420 12.02 51.87 -25.19
CA ARG D 420 12.18 50.43 -24.99
C ARG D 420 13.61 49.83 -25.22
N PRO D 421 14.64 50.69 -25.46
CA PRO D 421 15.92 50.16 -25.99
C PRO D 421 16.92 49.69 -24.93
N LEU D 422 17.83 50.59 -24.53
CA LEU D 422 18.77 50.38 -23.43
C LEU D 422 18.01 49.84 -22.25
N THR D 423 18.53 48.82 -21.61
CA THR D 423 17.85 48.30 -20.44
C THR D 423 18.84 47.59 -19.57
N TYR D 424 19.70 48.41 -18.99
CA TYR D 424 20.77 47.95 -18.16
C TYR D 424 20.25 47.11 -17.00
N THR D 425 21.14 46.30 -16.46
CA THR D 425 20.99 45.61 -15.18
C THR D 425 19.77 45.95 -14.34
N HIS D 426 19.56 47.25 -14.24
CA HIS D 426 18.70 47.84 -13.26
C HIS D 426 17.43 48.40 -13.77
N LEU D 427 16.49 47.49 -13.75
CA LEU D 427 15.14 47.79 -13.97
C LEU D 427 14.64 47.76 -12.56
N ARG D 428 15.39 47.09 -11.71
CA ARG D 428 15.16 47.08 -10.28
C ARG D 428 14.75 48.42 -9.65
N ARG D 429 15.15 49.53 -10.25
CA ARG D 429 14.48 50.77 -9.92
C ARG D 429 13.30 50.79 -10.80
N VAL D 430 13.57 51.09 -12.07
CA VAL D 430 12.51 51.50 -12.96
C VAL D 430 11.29 50.60 -12.90
N TRP D 431 11.51 49.28 -12.90
CA TRP D 431 10.42 48.32 -12.78
C TRP D 431 9.68 48.53 -11.46
N GLY D 432 10.30 48.20 -10.33
CA GLY D 432 9.79 48.65 -9.02
C GLY D 432 8.94 49.92 -9.09
N GLN D 433 9.53 51.00 -9.63
CA GLN D 433 8.82 52.27 -9.85
C GLN D 433 7.45 52.15 -10.55
N ILE D 434 7.44 51.45 -11.68
CA ILE D 434 6.27 51.36 -12.50
C ILE D 434 5.09 50.76 -11.80
N TRP D 435 5.26 49.68 -11.05
CA TRP D 435 4.09 49.21 -10.29
C TRP D 435 3.80 50.19 -9.18
N GLN D 436 4.82 50.80 -8.59
CA GLN D 436 4.47 51.61 -7.45
C GLN D 436 3.44 52.65 -7.85
N THR D 437 3.62 53.19 -9.06
CA THR D 437 2.68 54.16 -9.68
C THR D 437 1.38 53.49 -10.16
N ILE D 438 1.46 52.27 -10.69
CA ILE D 438 0.25 51.48 -10.85
C ILE D 438 -0.48 51.37 -9.50
N ARG D 439 0.26 51.05 -8.42
CA ARG D 439 -0.27 50.98 -7.03
C ARG D 439 -0.64 52.31 -6.44
N ALA D 440 0.04 53.37 -6.87
CA ALA D 440 -0.39 54.73 -6.51
C ALA D 440 -1.70 55.16 -7.18
N LEU D 441 -2.21 54.33 -8.10
CA LEU D 441 -3.45 54.66 -8.77
C LEU D 441 -4.65 54.00 -8.10
N LYS D 442 -4.51 52.71 -7.79
CA LYS D 442 -5.48 52.01 -6.96
C LYS D 442 -5.67 52.72 -5.61
N GLU D 443 -4.56 53.12 -4.97
CA GLU D 443 -4.58 54.09 -3.83
C GLU D 443 -5.44 55.32 -4.13
N ASP D 444 -5.32 55.84 -5.35
CA ASP D 444 -6.04 57.04 -5.75
C ASP D 444 -7.50 56.85 -6.16
N CYS D 445 -7.76 56.03 -7.18
CA CYS D 445 -9.12 55.73 -7.63
C CYS D 445 -9.98 55.35 -6.45
N ALA D 446 -9.60 54.32 -5.69
CA ALA D 446 -10.37 53.98 -4.52
C ALA D 446 -10.19 55.08 -3.44
N ARG D 447 -10.04 56.33 -3.98
CA ARG D 447 -10.23 57.50 -3.13
C ARG D 447 -11.30 58.42 -3.65
N LEU D 448 -11.58 58.36 -4.95
CA LEU D 448 -12.66 59.16 -5.55
C LEU D 448 -13.94 58.36 -5.53
N LEU D 449 -13.78 57.04 -5.49
CA LEU D 449 -14.88 56.13 -5.20
C LEU D 449 -15.24 56.29 -3.74
N GLN D 450 -14.30 56.77 -2.96
CA GLN D 450 -14.61 57.19 -1.62
C GLN D 450 -15.59 58.35 -1.61
N GLY D 451 -15.16 59.54 -2.00
CA GLY D 451 -16.06 60.68 -2.14
C GLY D 451 -17.52 60.28 -2.36
N GLN D 452 -17.80 59.69 -3.53
CA GLN D 452 -19.14 59.32 -3.91
C GLN D 452 -19.85 58.50 -2.88
N ARG D 453 -19.33 57.32 -2.64
CA ARG D 453 -19.98 56.43 -1.70
C ARG D 453 -19.78 56.85 -0.23
N THR D 454 -19.64 58.16 -0.01
CA THR D 454 -20.02 58.78 1.28
C THR D 454 -21.16 59.80 1.05
N SER D 455 -21.16 60.47 -0.11
CA SER D 455 -22.11 61.56 -0.42
C SER D 455 -23.47 61.06 -0.91
N MET D 456 -23.51 59.75 -1.18
CA MET D 456 -24.71 59.03 -1.53
C MET D 456 -24.94 57.90 -0.52
N VAL D 457 -24.31 58.05 0.65
CA VAL D 457 -24.71 57.32 1.85
C VAL D 457 -24.93 58.46 2.87
N ASN D 458 -25.28 59.60 2.30
CA ASN D 458 -25.90 60.67 3.03
C ASN D 458 -27.27 60.95 2.38
N LEU D 459 -27.35 60.71 1.07
CA LEU D 459 -28.62 60.70 0.34
C LEU D 459 -29.48 59.52 0.81
N LEU D 460 -28.99 58.30 0.59
CA LEU D 460 -29.64 57.06 1.00
C LEU D 460 -30.15 57.09 2.43
N ARG D 461 -29.57 57.98 3.22
CA ARG D 461 -30.07 58.27 4.54
C ARG D 461 -31.31 59.15 4.41
N TYR D 462 -31.09 60.43 4.21
CA TYR D 462 -32.18 61.41 4.22
C TYR D 462 -33.06 61.37 2.99
N ASN D 463 -32.97 60.24 2.30
CA ASN D 463 -34.04 59.79 1.44
C ASN D 463 -34.94 58.95 2.33
N THR D 464 -34.56 57.70 2.57
CA THR D 464 -35.34 56.76 3.37
C THR D 464 -35.92 57.39 4.62
N GLU D 465 -35.05 57.97 5.45
CA GLU D 465 -35.40 58.44 6.79
C GLU D 465 -36.49 59.53 6.86
N LEU D 466 -36.41 60.51 5.96
CA LEU D 466 -37.47 61.48 5.88
C LEU D 466 -38.59 60.95 4.96
N SER D 467 -38.25 60.64 3.71
CA SER D 467 -39.24 60.24 2.72
C SER D 467 -39.74 58.81 2.83
N LYS D 468 -40.01 58.39 4.06
CA LYS D 468 -40.86 57.24 4.31
C LYS D 468 -41.92 57.66 5.30
N LYS D 469 -41.49 58.46 6.28
CA LYS D 469 -42.42 59.05 7.21
C LYS D 469 -43.41 59.97 6.51
N LYS D 470 -42.97 60.60 5.42
CA LYS D 470 -43.87 61.44 4.65
C LYS D 470 -44.72 60.60 3.71
N ASN D 471 -44.48 59.29 3.74
CA ASN D 471 -45.39 58.35 3.11
C ASN D 471 -46.27 57.62 4.12
N SER D 472 -46.54 58.36 5.20
CA SER D 472 -47.64 58.13 6.14
C SER D 472 -48.57 59.31 6.02
N MET D 473 -47.96 60.50 5.92
CA MET D 473 -48.69 61.74 5.65
C MET D 473 -49.49 61.61 4.36
N THR D 474 -49.25 60.54 3.62
CA THR D 474 -50.03 60.32 2.42
C THR D 474 -50.63 58.89 2.40
N SER D 475 -50.80 58.35 3.61
CA SER D 475 -51.79 57.32 3.89
C SER D 475 -52.96 58.04 4.53
N GLU D 476 -52.64 59.10 5.25
CA GLU D 476 -53.65 60.03 5.79
C GLU D 476 -54.53 60.61 4.72
N CYS D 477 -53.93 61.07 3.64
CA CYS D 477 -54.77 61.59 2.61
C CYS D 477 -55.83 60.56 2.25
N GLU D 478 -55.49 59.29 2.25
CA GLU D 478 -56.45 58.34 1.75
C GLU D 478 -57.41 57.80 2.81
N GLN D 479 -57.23 58.33 4.02
CA GLN D 479 -58.19 58.18 5.11
C GLN D 479 -59.18 59.34 5.07
N LEU D 480 -58.63 60.55 4.97
CA LEU D 480 -59.44 61.74 4.96
C LEU D 480 -60.29 61.75 3.71
N LYS D 481 -59.91 60.96 2.71
CA LYS D 481 -60.76 60.84 1.53
C LYS D 481 -61.96 59.95 1.73
N ALA D 482 -61.72 58.65 1.82
CA ALA D 482 -62.77 57.72 2.16
C ALA D 482 -63.61 58.16 3.40
N LYS D 483 -62.97 58.86 4.35
CA LYS D 483 -63.68 59.43 5.49
C LYS D 483 -64.54 60.60 5.07
N LEU D 484 -64.01 61.54 4.29
CA LEU D 484 -64.88 62.54 3.65
C LEU D 484 -66.13 61.91 2.98
N ASP D 485 -66.15 60.60 2.81
CA ASP D 485 -67.27 59.95 2.13
C ASP D 485 -68.48 59.55 2.94
N PHE D 486 -68.32 59.00 4.15
CA PHE D 486 -69.48 58.85 5.04
C PHE D 486 -70.28 60.16 4.88
N PHE D 487 -69.56 61.22 4.58
CA PHE D 487 -70.16 62.51 4.52
C PHE D 487 -70.72 62.86 3.15
N ARG D 488 -70.60 61.94 2.21
CA ARG D 488 -71.35 62.06 0.99
C ARG D 488 -72.67 61.39 1.24
N SER D 489 -72.70 60.41 2.11
CA SER D 489 -73.98 59.84 2.52
C SER D 489 -74.71 60.79 3.50
N SER D 490 -74.22 60.91 4.73
CA SER D 490 -74.71 61.84 5.75
C SER D 490 -75.49 63.03 5.19
N ILE D 491 -74.86 63.82 4.31
CA ILE D 491 -75.49 65.03 3.81
C ILE D 491 -76.13 64.87 2.42
N GLN D 492 -76.20 63.63 1.93
CA GLN D 492 -77.17 63.35 0.88
C GLN D 492 -78.41 62.65 1.48
N ILE D 493 -78.23 61.51 2.17
CA ILE D 493 -79.34 60.78 2.86
C ILE D 493 -80.27 61.71 3.62
N ASP D 494 -79.71 62.72 4.28
CA ASP D 494 -80.49 63.79 4.89
C ASP D 494 -81.28 64.53 3.82
N LEU D 495 -80.55 65.20 2.93
CA LEU D 495 -81.13 65.95 1.84
C LEU D 495 -82.04 65.11 0.94
N GLU D 496 -82.12 63.82 1.22
CA GLU D 496 -83.00 62.93 0.50
C GLU D 496 -84.29 62.73 1.27
N LYS D 497 -84.26 62.92 2.57
CA LYS D 497 -85.50 62.76 3.30
C LYS D 497 -86.13 64.10 3.71
N TYR D 498 -85.44 65.22 3.49
CA TYR D 498 -86.07 66.55 3.67
C TYR D 498 -86.92 66.88 2.43
N SER D 499 -86.95 65.93 1.50
CA SER D 499 -87.94 65.92 0.46
C SER D 499 -89.09 64.96 0.83
N GLU D 500 -88.92 64.22 1.93
CA GLU D 500 -90.04 63.56 2.59
C GLU D 500 -90.89 64.55 3.37
N GLN D 501 -90.64 65.84 3.16
CA GLN D 501 -91.36 66.88 3.86
C GLN D 501 -92.24 67.72 2.93
N MET D 502 -93.53 67.43 3.04
CA MET D 502 -94.62 68.28 2.58
C MET D 502 -95.69 68.30 3.67
N GLU D 503 -95.56 67.36 4.60
CA GLU D 503 -96.43 67.21 5.78
C GLU D 503 -95.78 67.80 7.04
N PHE D 504 -95.23 69.02 6.84
CA PHE D 504 -94.65 69.93 7.86
C PHE D 504 -93.13 69.80 8.15
N GLY D 505 -92.65 70.68 9.03
CA GLY D 505 -91.24 70.78 9.32
C GLY D 505 -90.56 71.56 8.23
N ILE D 506 -91.12 71.49 7.03
CA ILE D 506 -90.50 71.92 5.76
C ILE D 506 -90.18 73.38 5.48
N THR D 507 -90.71 74.33 6.25
CA THR D 507 -90.49 75.78 5.90
C THR D 507 -88.97 76.08 5.69
N SER D 508 -88.52 77.27 6.08
CA SER D 508 -87.13 77.72 5.89
C SER D 508 -86.67 77.75 4.41
N GLU D 509 -86.52 76.56 3.81
CA GLU D 509 -85.92 76.35 2.45
C GLU D 509 -84.48 76.87 2.32
N LYS D 510 -84.11 77.79 3.22
CA LYS D 510 -82.73 78.28 3.41
C LYS D 510 -81.84 77.17 3.99
N LEU D 511 -82.44 76.25 4.75
CA LEU D 511 -81.77 75.08 5.32
C LEU D 511 -82.09 73.86 4.42
N LEU D 512 -82.22 74.16 3.13
CA LEU D 512 -82.30 73.17 2.06
C LEU D 512 -81.54 73.76 0.90
N SER D 513 -81.53 75.07 0.81
CA SER D 513 -80.68 75.75 -0.15
C SER D 513 -79.26 75.81 0.37
N ALA D 514 -79.11 76.02 1.69
CA ALA D 514 -77.78 76.08 2.34
C ALA D 514 -77.12 74.70 2.41
N TRP D 515 -77.96 73.68 2.33
CA TRP D 515 -77.51 72.32 2.11
C TRP D 515 -77.12 72.16 0.68
N ARG D 516 -77.95 72.63 -0.25
CA ARG D 516 -77.65 72.58 -1.68
C ARG D 516 -76.31 73.17 -2.05
N GLU D 517 -75.99 74.29 -1.40
CA GLU D 517 -74.77 75.04 -1.66
C GLU D 517 -73.55 74.39 -1.02
N MET D 518 -73.80 73.61 0.04
CA MET D 518 -72.76 72.88 0.73
C MET D 518 -72.87 71.36 0.49
N GLU D 519 -73.95 70.96 -0.18
CA GLU D 519 -73.97 69.68 -0.85
C GLU D 519 -72.66 69.69 -1.60
N GLN D 520 -72.53 70.66 -2.50
CA GLN D 520 -71.49 70.69 -3.51
C GLN D 520 -70.35 71.67 -3.28
N ALA D 521 -70.38 72.41 -2.18
CA ALA D 521 -69.18 73.13 -1.74
C ALA D 521 -68.13 72.10 -1.36
N VAL D 522 -68.56 71.10 -0.59
CA VAL D 522 -67.68 70.02 -0.10
C VAL D 522 -67.60 68.83 -1.07
N GLU D 523 -68.60 68.69 -1.95
CA GLU D 523 -68.69 67.56 -2.90
C GLU D 523 -67.45 67.41 -3.77
N LEU D 524 -66.62 68.46 -3.77
CA LEU D 524 -65.40 68.52 -4.58
C LEU D 524 -64.34 69.36 -3.83
N CYS D 525 -64.05 68.92 -2.61
CA CYS D 525 -63.19 69.63 -1.63
C CYS D 525 -61.89 68.90 -1.37
N GLY D 526 -61.98 67.58 -1.41
CA GLY D 526 -60.86 66.72 -1.12
C GLY D 526 -59.79 66.84 -2.17
N ARG D 527 -58.75 67.62 -1.87
CA ARG D 527 -57.59 67.75 -2.75
C ARG D 527 -56.71 66.50 -2.64
N GLU D 528 -56.98 65.55 -3.50
CA GLU D 528 -56.37 64.23 -3.44
C GLU D 528 -55.41 64.06 -4.60
N ARG D 529 -55.77 64.57 -5.79
CA ARG D 529 -55.00 64.38 -7.05
C ARG D 529 -53.48 64.65 -6.93
N GLU D 530 -53.08 65.13 -5.75
CA GLU D 530 -51.68 65.12 -5.34
C GLU D 530 -51.14 63.71 -5.31
N VAL D 531 -52.04 62.74 -5.21
CA VAL D 531 -51.73 61.31 -5.22
C VAL D 531 -50.68 60.83 -6.23
N GLN D 532 -50.42 61.64 -7.26
CA GLN D 532 -49.34 61.37 -8.22
C GLN D 532 -48.03 62.11 -7.86
N ALA D 533 -48.06 63.45 -7.77
CA ALA D 533 -46.92 64.25 -7.29
C ALA D 533 -46.50 63.85 -5.87
N LEU D 534 -47.35 63.03 -5.25
CA LEU D 534 -47.01 62.23 -4.09
C LEU D 534 -46.24 61.01 -4.62
N VAL D 535 -46.96 60.00 -5.13
CA VAL D 535 -46.37 58.73 -5.60
C VAL D 535 -45.34 58.86 -6.70
N ASP D 536 -45.69 59.54 -7.79
CA ASP D 536 -44.78 59.73 -8.93
C ASP D 536 -43.38 60.20 -8.49
N LYS D 537 -43.32 61.39 -7.90
CA LYS D 537 -42.06 61.99 -7.49
C LYS D 537 -41.59 61.44 -6.14
N MET D 538 -42.21 60.35 -5.69
CA MET D 538 -41.74 59.56 -4.58
C MET D 538 -40.97 58.37 -5.11
N MET D 539 -41.52 57.76 -6.16
CA MET D 539 -40.91 56.61 -6.81
C MET D 539 -39.76 57.02 -7.70
N ALA D 540 -39.62 58.33 -7.92
CA ALA D 540 -38.43 58.87 -8.60
C ALA D 540 -37.17 58.49 -7.83
N LEU D 541 -37.22 58.62 -6.50
CA LEU D 541 -36.03 58.52 -5.67
C LEU D 541 -35.87 57.25 -4.83
N GLN D 542 -36.91 56.41 -4.79
CA GLN D 542 -36.77 55.08 -4.18
C GLN D 542 -36.58 54.02 -5.27
N THR D 543 -36.30 54.51 -6.48
CA THR D 543 -35.79 53.70 -7.58
C THR D 543 -34.49 54.28 -8.11
N ASP D 544 -34.33 55.60 -8.05
CA ASP D 544 -33.08 56.18 -8.51
C ASP D 544 -31.97 56.13 -7.48
N SER D 545 -32.32 56.19 -6.20
CA SER D 545 -31.33 55.96 -5.14
C SER D 545 -31.09 54.46 -4.93
N VAL D 546 -31.69 53.62 -5.77
CA VAL D 546 -31.46 52.17 -5.74
C VAL D 546 -30.61 51.72 -6.93
N ASP D 547 -30.44 52.60 -7.91
CA ASP D 547 -29.54 52.33 -9.04
C ASP D 547 -28.11 52.54 -8.64
N LEU D 548 -27.93 53.50 -7.74
CA LEU D 548 -26.61 53.94 -7.36
C LEU D 548 -26.15 53.25 -6.08
N GLN D 549 -27.08 52.84 -5.22
CA GLN D 549 -26.71 52.04 -4.05
C GLN D 549 -26.18 50.66 -4.48
N ARG D 550 -26.42 50.27 -5.74
CA ARG D 550 -25.89 49.03 -6.30
C ARG D 550 -24.43 49.21 -6.73
N ASN D 551 -24.20 49.39 -8.04
CA ASN D 551 -22.90 49.91 -8.56
C ASN D 551 -21.79 48.97 -9.07
N PRO D 552 -21.34 49.19 -10.33
CA PRO D 552 -20.01 48.74 -10.74
C PRO D 552 -18.95 49.77 -10.35
N THR D 560 -10.41 45.47 -12.75
CA THR D 560 -9.08 44.97 -13.04
C THR D 560 -8.05 46.06 -12.97
N LEU D 561 -8.28 47.13 -12.20
CA LEU D 561 -7.11 47.91 -11.80
C LEU D 561 -6.40 47.02 -10.80
N ASP D 562 -7.13 46.54 -9.80
CA ASP D 562 -6.52 45.80 -8.70
C ASP D 562 -5.90 44.48 -9.11
N ASP D 563 -6.47 43.88 -10.13
CA ASP D 563 -5.90 42.71 -10.78
C ASP D 563 -4.59 43.03 -11.53
N LEU D 564 -4.51 44.21 -12.14
CA LEU D 564 -3.35 44.57 -12.93
C LEU D 564 -2.17 44.86 -12.00
N GLU D 565 -2.43 45.44 -10.83
CA GLU D 565 -1.34 45.68 -9.90
C GLU D 565 -0.89 44.43 -9.14
N GLU D 566 -1.74 43.42 -9.10
CA GLU D 566 -1.31 42.11 -8.64
C GLU D 566 -0.47 41.39 -9.71
N GLN D 567 -0.56 41.88 -10.95
CA GLN D 567 0.13 41.26 -12.08
C GLN D 567 1.41 42.03 -12.41
N ALA D 568 1.39 43.31 -12.08
CA ALA D 568 2.61 44.10 -12.01
C ALA D 568 3.28 43.83 -10.67
N ARG D 569 2.61 43.10 -9.77
CA ARG D 569 3.25 42.63 -8.55
C ARG D 569 4.36 41.65 -8.83
N ASP D 570 4.05 40.65 -9.64
CA ASP D 570 4.96 39.55 -9.88
C ASP D 570 6.02 39.95 -10.88
N LEU D 571 5.65 40.62 -11.95
CA LEU D 571 6.65 40.98 -12.93
C LEU D 571 7.77 41.78 -12.28
N TYR D 572 7.41 42.70 -11.39
CA TYR D 572 8.39 43.55 -10.69
C TYR D 572 8.91 42.84 -9.41
N ARG D 573 8.53 41.57 -9.28
CA ARG D 573 9.03 40.64 -8.27
C ARG D 573 9.83 39.51 -8.92
N ARG D 574 9.27 38.89 -9.97
CA ARG D 574 9.95 37.82 -10.72
C ARG D 574 11.26 38.28 -11.34
N LEU D 575 11.44 39.59 -11.46
CA LEU D 575 12.68 40.16 -11.97
C LEU D 575 13.77 40.16 -10.91
N ARG D 576 13.36 40.41 -9.67
CA ARG D 576 14.24 40.36 -8.53
C ARG D 576 14.36 38.93 -8.04
N GLU D 577 13.46 38.08 -8.50
CA GLU D 577 13.56 36.67 -8.20
C GLU D 577 14.41 35.93 -9.23
N ARG D 578 14.61 36.57 -10.41
CA ARG D 578 15.39 35.98 -11.51
C ARG D 578 16.80 35.64 -11.05
N PRO D 579 17.03 34.36 -10.65
CA PRO D 579 18.15 34.03 -9.77
C PRO D 579 19.51 34.22 -10.42
N ARG D 580 20.37 34.95 -9.72
CA ARG D 580 21.74 35.22 -10.16
C ARG D 580 21.85 35.59 -11.64
N ASP D 581 22.85 35.07 -12.33
CA ASP D 581 23.18 35.53 -13.68
C ASP D 581 22.11 35.39 -14.77
N GLN D 582 21.46 36.50 -15.11
CA GLN D 582 20.80 36.67 -16.42
C GLN D 582 20.78 38.14 -16.70
N ARG D 583 20.76 38.90 -15.62
CA ARG D 583 20.47 40.32 -15.63
C ARG D 583 20.40 40.93 -17.03
N THR D 584 21.48 41.58 -17.48
CA THR D 584 21.47 42.45 -18.69
C THR D 584 20.34 42.47 -19.68
N PRO D 585 20.09 41.35 -20.42
CA PRO D 585 19.12 41.33 -21.52
C PRO D 585 18.02 42.39 -21.38
N GLY D 586 18.30 43.56 -21.94
CA GLY D 586 17.57 44.79 -21.62
C GLY D 586 16.21 45.07 -22.21
N ASP D 587 15.19 44.76 -21.42
CA ASP D 587 13.86 45.03 -21.88
C ASP D 587 13.00 45.94 -20.99
N SER D 588 12.88 47.21 -21.37
CA SER D 588 11.99 48.15 -20.70
C SER D 588 10.65 47.46 -20.68
N ASN D 589 9.96 47.50 -21.83
CA ASN D 589 9.08 46.42 -22.23
C ASN D 589 7.62 46.50 -21.82
N ASP D 590 7.03 45.33 -21.72
CA ASP D 590 5.64 45.11 -21.37
C ASP D 590 5.36 45.56 -19.94
N MET D 591 6.41 46.06 -19.32
CA MET D 591 6.26 46.67 -18.03
C MET D 591 5.87 48.10 -18.20
N VAL D 592 5.67 48.40 -19.48
CA VAL D 592 5.04 49.61 -19.90
C VAL D 592 3.63 49.22 -20.37
N ARG D 593 3.49 48.07 -21.03
CA ARG D 593 2.14 47.56 -21.31
C ARG D 593 1.28 47.66 -20.03
N LEU D 594 1.70 46.95 -18.97
CA LEU D 594 0.93 46.90 -17.74
C LEU D 594 0.79 48.24 -17.06
N LEU D 595 1.41 49.29 -17.62
CA LEU D 595 1.20 50.63 -17.11
C LEU D 595 0.21 51.35 -17.97
N ILE D 596 0.42 51.33 -19.28
CA ILE D 596 -0.52 51.96 -20.23
C ILE D 596 -1.94 51.57 -19.87
N LEU D 597 -2.17 50.27 -19.74
CA LEU D 597 -3.50 49.77 -19.44
C LEU D 597 -3.97 50.30 -18.08
N ALA D 598 -3.13 50.13 -17.06
CA ALA D 598 -3.40 50.65 -15.73
C ALA D 598 -3.40 52.19 -15.66
N ILE D 599 -3.51 52.84 -16.80
CA ILE D 599 -3.93 54.24 -16.85
C ILE D 599 -5.40 54.23 -17.28
N GLN D 600 -5.66 53.67 -18.47
CA GLN D 600 -7.00 53.66 -19.03
C GLN D 600 -8.04 53.13 -18.07
N SER D 601 -7.77 51.95 -17.52
CA SER D 601 -8.68 51.34 -16.55
C SER D 601 -8.67 52.07 -15.20
N PHE D 602 -7.72 52.98 -14.96
CA PHE D 602 -7.87 53.96 -13.87
C PHE D 602 -8.70 55.15 -14.34
N GLU D 603 -8.22 55.79 -15.41
CA GLU D 603 -8.86 56.91 -16.09
C GLU D 603 -10.38 56.71 -16.25
N LYS D 604 -10.74 55.52 -16.75
CA LYS D 604 -12.13 55.15 -17.01
C LYS D 604 -12.95 54.79 -15.77
N ARG D 605 -12.29 54.22 -14.76
CA ARG D 605 -12.91 54.06 -13.45
C ARG D 605 -12.98 55.38 -12.70
N VAL D 606 -12.64 56.48 -13.36
CA VAL D 606 -12.80 57.78 -12.75
C VAL D 606 -13.77 58.67 -13.51
N ILE D 607 -14.10 58.31 -14.74
CA ILE D 607 -15.35 58.86 -15.29
C ILE D 607 -16.53 58.17 -14.61
N LEU D 608 -16.55 56.85 -14.67
CA LEU D 608 -17.69 56.13 -14.21
C LEU D 608 -18.00 56.59 -12.82
N ILE D 609 -17.00 56.63 -11.96
CA ILE D 609 -17.17 57.26 -10.65
C ILE D 609 -17.83 58.65 -10.71
N TYR D 610 -17.23 59.59 -11.42
CA TYR D 610 -17.71 60.97 -11.41
C TYR D 610 -19.11 61.15 -12.03
N ASP D 611 -19.36 60.36 -13.08
CA ASP D 611 -20.68 60.25 -13.71
C ASP D 611 -21.76 59.91 -12.67
N GLN D 612 -21.56 58.75 -12.02
CA GLN D 612 -22.43 58.24 -11.00
C GLN D 612 -22.20 59.01 -9.65
N LEU D 613 -21.41 60.08 -9.69
CA LEU D 613 -21.42 61.05 -8.59
C LEU D 613 -22.57 62.00 -8.91
N SER D 614 -22.56 62.52 -10.13
CA SER D 614 -23.66 63.33 -10.66
C SER D 614 -25.03 62.78 -10.25
N LYS D 615 -25.23 61.50 -10.54
CA LYS D 615 -26.50 60.87 -10.30
C LYS D 615 -26.93 61.07 -8.87
N THR D 616 -25.97 61.02 -7.95
CA THR D 616 -26.26 61.21 -6.50
C THR D 616 -26.14 62.67 -6.01
N VAL D 617 -26.25 63.61 -6.95
CA VAL D 617 -26.68 64.98 -6.62
C VAL D 617 -28.02 65.27 -7.34
N VAL D 618 -28.27 64.58 -8.46
CA VAL D 618 -29.62 64.50 -9.08
C VAL D 618 -30.66 64.28 -7.97
N CYS D 619 -30.39 63.26 -7.15
CA CYS D 619 -31.29 62.78 -6.17
C CYS D 619 -31.36 63.68 -4.96
N LYS D 620 -30.22 64.13 -4.46
CA LYS D 620 -30.18 65.17 -3.42
C LYS D 620 -31.18 66.31 -3.66
N ARG D 621 -31.18 66.88 -4.88
CA ARG D 621 -32.07 68.01 -5.19
C ARG D 621 -33.53 67.59 -5.14
N LYS D 622 -33.84 66.55 -5.92
CA LYS D 622 -35.19 66.02 -5.98
C LYS D 622 -35.70 65.69 -4.59
N ALA D 623 -34.87 65.08 -3.74
CA ALA D 623 -35.25 64.84 -2.33
C ALA D 623 -35.19 66.08 -1.40
N LEU D 624 -34.99 67.26 -1.98
CA LEU D 624 -35.17 68.50 -1.24
C LEU D 624 -36.35 69.34 -1.76
N GLU D 625 -36.88 68.94 -2.92
CA GLU D 625 -38.10 69.54 -3.49
C GLU D 625 -39.29 68.66 -3.22
N LEU D 626 -39.14 67.37 -3.51
CA LEU D 626 -40.20 66.43 -3.25
C LEU D 626 -40.34 66.15 -1.76
N SER D 627 -39.73 66.99 -0.93
CA SER D 627 -40.08 66.96 0.48
C SER D 627 -41.12 68.03 0.81
N PRO D 628 -40.76 69.33 0.78
CA PRO D 628 -41.69 70.28 1.42
C PRO D 628 -43.07 70.40 0.73
N LYS D 629 -43.18 69.88 -0.51
CA LYS D 629 -44.46 69.69 -1.17
C LYS D 629 -45.25 68.72 -0.33
N VAL D 630 -44.83 67.46 -0.37
CA VAL D 630 -45.54 66.40 0.33
C VAL D 630 -45.26 66.44 1.86
N LYS D 631 -44.99 67.65 2.36
CA LYS D 631 -44.99 67.96 3.80
C LYS D 631 -46.07 69.00 4.05
N GLU D 632 -45.84 70.19 3.51
CA GLU D 632 -46.74 71.33 3.65
C GLU D 632 -48.04 71.12 2.87
N VAL D 633 -47.95 70.69 1.61
CA VAL D 633 -49.17 70.50 0.79
C VAL D 633 -50.07 69.46 1.48
N MET D 634 -49.51 68.68 2.40
CA MET D 634 -50.30 67.68 3.12
C MET D 634 -50.60 68.07 4.56
N ASN D 635 -50.15 69.26 4.90
CA ASN D 635 -50.69 70.03 6.00
C ASN D 635 -52.11 70.49 5.58
N LEU D 636 -52.19 71.14 4.42
CA LEU D 636 -53.44 71.64 3.86
C LEU D 636 -54.42 70.52 3.66
N MET D 637 -53.99 69.45 3.00
CA MET D 637 -54.80 68.24 2.87
C MET D 637 -55.56 67.95 4.15
N ARG D 638 -54.86 67.94 5.29
CA ARG D 638 -55.48 67.51 6.55
C ARG D 638 -56.60 68.39 6.93
N GLU D 639 -56.26 69.64 6.88
CA GLU D 639 -57.13 70.49 7.59
C GLU D 639 -58.29 70.88 6.69
N ASP D 640 -57.97 71.11 5.41
CA ASP D 640 -58.99 71.44 4.41
C ASP D 640 -59.51 70.19 3.73
N GLU D 641 -59.65 69.23 4.63
CA GLU D 641 -60.61 68.15 4.55
C GLU D 641 -61.12 68.01 5.98
N LYS D 642 -60.24 68.15 6.97
CA LYS D 642 -60.64 67.96 8.36
C LYS D 642 -61.59 69.03 8.91
N ILE D 643 -61.38 70.31 8.59
CA ILE D 643 -62.40 71.31 8.93
C ILE D 643 -63.65 71.10 8.08
N VAL D 644 -63.41 70.78 6.82
CA VAL D 644 -64.48 70.41 5.88
C VAL D 644 -65.01 68.98 6.19
N VAL D 645 -64.94 68.63 7.48
CA VAL D 645 -65.71 67.55 8.14
C VAL D 645 -65.77 67.86 9.67
N ARG D 646 -65.66 69.13 10.00
CA ARG D 646 -66.00 69.59 11.32
C ARG D 646 -67.33 70.30 11.21
N ARG D 647 -67.71 70.63 9.99
CA ARG D 647 -68.97 71.30 9.76
C ARG D 647 -70.14 70.32 9.59
N GLN D 648 -69.95 69.05 9.92
CA GLN D 648 -70.95 68.03 9.64
C GLN D 648 -71.62 67.69 10.90
N GLU D 649 -70.92 68.01 11.98
CA GLU D 649 -71.42 67.90 13.32
C GLU D 649 -72.43 69.01 13.51
N LYS D 650 -72.12 70.17 12.92
CA LYS D 650 -73.05 71.30 12.94
C LYS D 650 -74.07 71.31 11.79
N ARG D 651 -74.19 70.18 11.08
CA ARG D 651 -75.21 69.99 10.04
C ARG D 651 -76.21 68.94 10.43
N GLN D 652 -75.91 68.24 11.52
CA GLN D 652 -76.92 67.47 12.20
C GLN D 652 -77.36 68.29 13.37
N GLN D 653 -76.45 69.12 13.88
CA GLN D 653 -76.79 69.96 15.02
C GLN D 653 -78.13 70.57 14.69
N GLU D 654 -78.25 71.00 13.45
CA GLU D 654 -79.40 71.77 13.06
C GLU D 654 -80.53 71.03 12.31
N LEU D 655 -80.38 69.72 12.13
CA LEU D 655 -81.53 68.83 11.88
C LEU D 655 -82.08 68.45 13.23
N TRP D 656 -81.16 68.24 14.15
CA TRP D 656 -81.44 67.85 15.51
C TRP D 656 -82.03 69.02 16.31
N ASN D 657 -81.72 70.25 15.88
CA ASN D 657 -82.35 71.50 16.38
C ASN D 657 -83.71 71.79 15.68
N LEU D 658 -83.77 71.57 14.38
CA LEU D 658 -85.03 71.48 13.64
C LEU D 658 -86.08 70.56 14.27
N LEU D 659 -85.68 69.61 15.12
CA LEU D 659 -86.66 68.79 15.84
C LEU D 659 -87.23 69.57 17.00
N LYS D 660 -86.36 70.19 17.78
CA LYS D 660 -86.80 71.04 18.87
C LYS D 660 -87.37 72.41 18.41
N ILE D 661 -88.02 72.39 17.24
CA ILE D 661 -88.85 73.48 16.70
C ILE D 661 -90.24 72.93 16.47
N ALA D 662 -90.37 72.09 15.46
CA ALA D 662 -91.60 71.35 15.20
C ALA D 662 -92.01 70.48 16.41
N CYS D 663 -91.53 70.89 17.60
CA CYS D 663 -91.83 70.22 18.86
C CYS D 663 -92.13 71.17 20.02
N SER D 664 -91.43 72.30 20.07
CA SER D 664 -91.82 73.36 20.99
C SER D 664 -93.10 74.05 20.49
N LYS D 665 -93.38 73.89 19.19
CA LYS D 665 -94.59 74.44 18.58
C LYS D 665 -95.69 73.40 18.48
N VAL D 666 -95.96 72.74 19.61
CA VAL D 666 -97.08 71.81 19.80
C VAL D 666 -97.39 71.76 21.27
N ARG D 667 -96.33 71.80 22.08
CA ARG D 667 -96.46 71.93 23.50
C ARG D 667 -97.00 73.32 23.87
N GLU E 17 -51.55 -45.67 -12.01
CA GLU E 17 -51.33 -44.50 -11.13
C GLU E 17 -49.98 -43.79 -11.36
N MET E 18 -49.48 -43.09 -10.33
CA MET E 18 -48.34 -42.13 -10.42
C MET E 18 -47.38 -42.02 -9.18
N LYS E 19 -46.37 -41.14 -9.25
CA LYS E 19 -45.19 -41.18 -8.32
C LYS E 19 -45.04 -40.15 -7.18
N GLU E 20 -44.25 -39.08 -7.40
CA GLU E 20 -43.80 -38.19 -6.31
C GLU E 20 -43.89 -36.66 -6.55
N ARG E 21 -43.06 -35.88 -5.82
CA ARG E 21 -43.19 -34.41 -5.74
C ARG E 21 -41.96 -33.60 -6.06
N LEU E 22 -42.17 -32.32 -6.38
CA LEU E 22 -41.09 -31.35 -6.64
C LEU E 22 -41.20 -30.12 -5.70
N GLY E 23 -41.04 -28.91 -6.25
CA GLY E 23 -41.11 -27.63 -5.51
C GLY E 23 -42.45 -26.90 -5.57
N THR E 24 -42.55 -25.71 -4.95
CA THR E 24 -43.85 -24.99 -4.76
C THR E 24 -43.86 -23.49 -5.11
N GLY E 25 -44.81 -23.06 -5.93
CA GLY E 25 -44.98 -21.64 -6.24
C GLY E 25 -45.88 -21.37 -7.43
N GLY E 26 -46.24 -20.10 -7.60
CA GLY E 26 -47.11 -19.65 -8.68
C GLY E 26 -48.56 -19.76 -8.27
N PHE E 27 -49.18 -20.86 -8.69
CA PHE E 27 -50.49 -21.23 -8.20
C PHE E 27 -50.48 -22.67 -7.65
N GLY E 28 -49.38 -23.03 -6.98
CA GLY E 28 -49.33 -24.30 -6.29
C GLY E 28 -48.16 -25.23 -6.59
N TYR E 29 -48.51 -26.47 -6.93
CA TYR E 29 -47.54 -27.56 -6.87
C TYR E 29 -46.90 -27.98 -8.18
N VAL E 30 -45.69 -28.50 -8.04
CA VAL E 30 -44.94 -29.16 -9.10
C VAL E 30 -44.74 -30.60 -8.62
N LEU E 31 -45.00 -31.56 -9.51
CA LEU E 31 -45.02 -32.96 -9.11
C LEU E 31 -44.37 -33.89 -10.13
N ARG E 32 -43.55 -34.82 -9.65
CA ARG E 32 -42.86 -35.79 -10.51
C ARG E 32 -43.59 -37.14 -10.62
N TRP E 33 -44.87 -37.08 -10.98
CA TRP E 33 -45.68 -38.28 -11.14
C TRP E 33 -45.17 -39.10 -12.32
N ILE E 34 -45.43 -40.41 -12.31
CA ILE E 34 -45.00 -41.34 -13.37
C ILE E 34 -46.02 -42.47 -13.62
N HIS E 35 -46.24 -42.83 -14.88
CA HIS E 35 -46.74 -44.15 -15.20
C HIS E 35 -45.58 -45.14 -14.87
N GLN E 36 -45.62 -45.68 -13.64
CA GLN E 36 -44.47 -46.35 -12.97
C GLN E 36 -44.00 -47.65 -13.61
N ASP E 37 -43.50 -47.52 -14.83
CA ASP E 37 -43.30 -48.63 -15.74
C ASP E 37 -42.92 -47.97 -17.07
N THR E 38 -41.65 -48.09 -17.46
CA THR E 38 -41.04 -47.29 -18.56
C THR E 38 -40.55 -45.92 -18.04
N GLY E 39 -41.06 -45.51 -16.89
CA GLY E 39 -40.65 -44.27 -16.22
C GLY E 39 -40.98 -42.99 -16.95
N GLU E 40 -42.26 -42.67 -17.01
CA GLU E 40 -42.74 -41.45 -17.67
C GLU E 40 -42.61 -40.23 -16.74
N GLN E 41 -41.45 -39.57 -16.78
CA GLN E 41 -41.15 -38.46 -15.87
C GLN E 41 -41.87 -37.13 -16.21
N VAL E 42 -43.15 -37.03 -15.84
CA VAL E 42 -43.94 -35.82 -16.10
C VAL E 42 -44.02 -34.86 -14.90
N ALA E 43 -44.05 -33.57 -15.19
CA ALA E 43 -44.22 -32.52 -14.17
C ALA E 43 -45.68 -32.10 -14.09
N ILE E 44 -46.17 -31.83 -12.88
CA ILE E 44 -47.58 -31.50 -12.69
C ILE E 44 -47.79 -30.23 -11.87
N LYS E 45 -48.16 -29.16 -12.55
CA LYS E 45 -48.54 -27.92 -11.89
C LYS E 45 -50.06 -27.86 -11.78
N GLN E 46 -50.57 -28.14 -10.59
CA GLN E 46 -52.01 -28.07 -10.33
C GLN E 46 -52.39 -26.68 -9.83
N CYS E 47 -53.60 -26.55 -9.28
CA CYS E 47 -54.12 -25.24 -8.91
C CYS E 47 -54.27 -25.03 -7.41
N ARG E 48 -54.55 -23.79 -7.02
CA ARG E 48 -54.61 -23.40 -5.63
C ARG E 48 -55.98 -22.85 -5.26
N GLN E 49 -56.72 -23.65 -4.49
CA GLN E 49 -57.94 -23.23 -3.75
C GLN E 49 -58.73 -22.03 -4.29
N GLU E 50 -59.09 -22.07 -5.58
CA GLU E 50 -59.91 -21.02 -6.21
C GLU E 50 -59.30 -19.62 -6.21
N LEU E 51 -59.68 -18.83 -7.19
CA LEU E 51 -59.27 -17.45 -7.29
C LEU E 51 -60.40 -16.67 -7.94
N SER E 52 -60.21 -15.36 -8.08
CA SER E 52 -61.12 -14.51 -8.85
C SER E 52 -61.27 -15.14 -10.25
N PRO E 53 -62.45 -14.99 -10.89
CA PRO E 53 -62.63 -15.58 -12.22
C PRO E 53 -61.52 -15.21 -13.20
N LYS E 54 -61.11 -13.94 -13.22
CA LYS E 54 -60.00 -13.51 -14.10
C LYS E 54 -58.62 -13.98 -13.62
N ASN E 55 -58.55 -14.45 -12.38
CA ASN E 55 -57.31 -15.01 -11.82
C ASN E 55 -57.16 -16.52 -11.93
N ARG E 56 -58.28 -17.25 -11.98
CA ARG E 56 -58.26 -18.69 -12.29
C ARG E 56 -58.33 -18.96 -13.80
N GLU E 57 -58.85 -17.99 -14.56
CA GLU E 57 -58.87 -18.03 -16.03
C GLU E 57 -57.48 -17.69 -16.58
N ARG E 58 -56.74 -16.86 -15.84
CA ARG E 58 -55.33 -16.56 -16.12
C ARG E 58 -54.43 -17.80 -15.99
N TRP E 59 -54.77 -18.68 -15.06
CA TRP E 59 -54.10 -19.97 -14.91
C TRP E 59 -54.22 -20.78 -16.21
N CYS E 60 -55.38 -20.70 -16.84
CA CYS E 60 -55.63 -21.40 -18.07
C CYS E 60 -54.93 -20.77 -19.28
N LEU E 61 -54.66 -19.48 -19.19
CA LEU E 61 -53.87 -18.78 -20.21
C LEU E 61 -52.40 -19.20 -20.15
N GLU E 62 -51.91 -19.47 -18.95
CA GLU E 62 -50.57 -20.01 -18.73
C GLU E 62 -50.43 -21.37 -19.43
N ILE E 63 -51.35 -22.29 -19.12
CA ILE E 63 -51.34 -23.68 -19.63
C ILE E 63 -51.23 -23.76 -21.15
N GLN E 64 -52.07 -22.98 -21.82
CA GLN E 64 -52.03 -22.87 -23.26
C GLN E 64 -50.69 -22.29 -23.73
N ILE E 65 -50.11 -21.37 -22.94
CA ILE E 65 -48.87 -20.67 -23.32
C ILE E 65 -47.59 -21.52 -23.19
N MET E 66 -47.39 -22.18 -22.05
CA MET E 66 -46.24 -23.11 -21.85
C MET E 66 -46.40 -24.40 -22.66
N LYS E 67 -47.52 -24.52 -23.38
CA LYS E 67 -47.75 -25.61 -24.32
C LYS E 67 -47.70 -25.04 -25.73
N LYS E 68 -48.10 -23.78 -25.84
CA LYS E 68 -48.05 -23.03 -27.09
C LYS E 68 -46.61 -22.91 -27.57
N LEU E 69 -45.67 -23.14 -26.66
CA LEU E 69 -44.25 -22.95 -26.94
C LEU E 69 -43.36 -24.16 -26.71
N ASN E 70 -42.27 -24.19 -27.46
CA ASN E 70 -41.23 -25.21 -27.36
C ASN E 70 -39.92 -24.65 -27.88
N HIS E 71 -38.93 -24.66 -27.00
CA HIS E 71 -37.61 -24.19 -27.32
C HIS E 71 -36.72 -25.03 -26.44
N PRO E 72 -35.67 -25.65 -27.01
CA PRO E 72 -34.75 -26.30 -26.11
C PRO E 72 -34.18 -25.21 -25.21
N ASN E 73 -33.85 -25.54 -23.97
CA ASN E 73 -33.57 -24.56 -22.90
C ASN E 73 -34.79 -24.22 -22.06
N VAL E 74 -35.99 -24.39 -22.61
CA VAL E 74 -37.22 -24.13 -21.85
C VAL E 74 -38.32 -25.15 -22.08
N VAL E 75 -38.50 -25.99 -21.06
CA VAL E 75 -39.42 -27.13 -21.06
C VAL E 75 -40.70 -26.93 -21.89
N SER E 76 -41.20 -28.02 -22.50
CA SER E 76 -42.55 -28.02 -23.09
C SER E 76 -43.48 -29.08 -22.46
N ALA E 77 -44.78 -28.84 -22.54
CA ALA E 77 -45.79 -29.67 -21.89
C ALA E 77 -46.04 -30.98 -22.63
N ARG E 78 -46.26 -32.05 -21.88
CA ARG E 78 -46.63 -33.36 -22.43
C ARG E 78 -48.13 -33.53 -22.59
N GLU E 79 -48.86 -32.41 -22.47
CA GLU E 79 -50.34 -32.37 -22.41
C GLU E 79 -50.92 -32.90 -21.09
N VAL E 80 -51.46 -34.12 -21.09
CA VAL E 80 -51.96 -34.76 -19.88
C VAL E 80 -51.73 -36.25 -20.02
N PRO E 81 -51.23 -36.91 -18.96
CA PRO E 81 -51.14 -38.37 -19.01
C PRO E 81 -52.54 -38.96 -18.96
N ASP E 82 -52.95 -39.63 -20.05
CA ASP E 82 -54.30 -40.19 -20.21
C ASP E 82 -54.60 -41.25 -19.16
N GLY E 83 -53.55 -41.91 -18.70
CA GLY E 83 -53.62 -42.83 -17.56
C GLY E 83 -53.67 -42.08 -16.24
N LEU E 84 -54.68 -42.42 -15.44
CA LEU E 84 -55.02 -41.80 -14.14
C LEU E 84 -55.65 -40.40 -14.22
N GLN E 85 -55.12 -39.54 -15.09
CA GLN E 85 -55.75 -38.24 -15.43
C GLN E 85 -56.20 -37.42 -14.23
N LYS E 86 -57.43 -36.92 -14.30
CA LYS E 86 -58.00 -36.09 -13.27
C LYS E 86 -58.12 -36.78 -11.91
N LEU E 87 -57.03 -36.77 -11.15
CA LEU E 87 -57.10 -36.90 -9.69
C LEU E 87 -57.17 -35.47 -9.15
N ALA E 88 -57.52 -34.54 -10.04
CA ALA E 88 -57.60 -33.11 -9.76
C ALA E 88 -58.99 -32.68 -9.25
N PRO E 89 -59.08 -32.31 -7.95
CA PRO E 89 -60.36 -31.82 -7.40
C PRO E 89 -60.64 -30.37 -7.81
N ASN E 90 -60.62 -30.11 -9.11
CA ASN E 90 -60.69 -28.76 -9.68
C ASN E 90 -61.84 -28.52 -10.68
N ASP E 91 -62.05 -29.48 -11.58
CA ASP E 91 -62.80 -29.25 -12.82
C ASP E 91 -62.03 -28.26 -13.72
N LEU E 92 -60.95 -27.72 -13.18
CA LEU E 92 -59.94 -26.97 -13.92
C LEU E 92 -58.85 -27.95 -14.38
N PRO E 93 -58.15 -27.64 -15.49
CA PRO E 93 -57.09 -28.54 -15.97
C PRO E 93 -55.90 -28.69 -15.00
N LEU E 94 -54.93 -29.51 -15.38
CA LEU E 94 -53.61 -29.52 -14.75
C LEU E 94 -52.55 -29.21 -15.83
N LEU E 95 -51.26 -29.28 -15.48
CA LEU E 95 -50.20 -29.14 -16.48
C LEU E 95 -49.10 -30.18 -16.32
N ALA E 96 -48.77 -30.85 -17.43
CA ALA E 96 -47.75 -31.88 -17.44
C ALA E 96 -46.58 -31.48 -18.33
N MET E 97 -45.40 -31.39 -17.70
CA MET E 97 -44.19 -30.98 -18.40
C MET E 97 -43.18 -32.12 -18.45
N GLU E 98 -42.18 -31.97 -19.31
CA GLU E 98 -41.05 -32.90 -19.35
C GLU E 98 -40.05 -32.60 -18.22
N TYR E 99 -40.17 -33.36 -17.12
CA TYR E 99 -39.31 -33.18 -15.96
C TYR E 99 -37.87 -33.53 -16.29
N CYS E 100 -36.95 -32.64 -15.92
CA CYS E 100 -35.54 -32.82 -16.23
C CYS E 100 -34.76 -33.27 -14.98
N GLU E 101 -33.71 -34.07 -15.17
CA GLU E 101 -32.97 -34.68 -14.03
C GLU E 101 -32.04 -33.72 -13.26
N GLY E 102 -31.71 -34.08 -12.02
CA GLY E 102 -31.02 -33.24 -11.00
C GLY E 102 -30.18 -32.01 -11.30
N GLY E 103 -30.81 -30.94 -11.77
CA GLY E 103 -30.09 -29.73 -12.20
C GLY E 103 -30.57 -28.36 -11.72
N ASP E 104 -31.51 -28.35 -10.79
CA ASP E 104 -31.93 -27.12 -10.12
C ASP E 104 -30.73 -26.17 -9.97
N LEU E 105 -30.63 -25.20 -10.89
CA LEU E 105 -29.43 -24.37 -11.00
C LEU E 105 -28.84 -24.01 -9.65
N ARG E 106 -29.71 -23.86 -8.68
CA ARG E 106 -29.26 -23.62 -7.36
C ARG E 106 -28.41 -24.79 -7.04
N LYS E 107 -29.02 -25.92 -6.71
CA LYS E 107 -28.26 -27.12 -6.37
C LYS E 107 -26.73 -26.91 -6.43
N TYR E 108 -26.20 -26.71 -7.63
CA TYR E 108 -24.74 -26.49 -7.79
C TYR E 108 -24.27 -25.15 -7.20
N LEU E 109 -25.01 -24.08 -7.41
CA LEU E 109 -24.56 -22.76 -6.94
C LEU E 109 -24.23 -22.80 -5.46
N ASN E 110 -24.91 -23.67 -4.73
CA ASN E 110 -24.53 -23.98 -3.36
C ASN E 110 -23.39 -24.93 -3.42
N GLN E 111 -23.41 -25.78 -4.46
CA GLN E 111 -22.62 -27.02 -4.57
C GLN E 111 -21.62 -27.14 -3.49
N PHE E 112 -20.66 -26.21 -3.45
CA PHE E 112 -19.74 -26.21 -2.32
C PHE E 112 -18.41 -25.57 -2.55
N GLU E 113 -17.96 -25.54 -3.77
CA GLU E 113 -16.63 -25.12 -3.99
C GLU E 113 -16.79 -24.26 -5.18
N ASN E 114 -18.04 -23.91 -5.40
CA ASN E 114 -18.32 -22.83 -6.27
C ASN E 114 -18.41 -21.57 -5.45
N CYS E 115 -18.35 -21.75 -4.13
CA CYS E 115 -18.12 -20.61 -3.28
C CYS E 115 -16.85 -19.96 -3.76
N CYS E 116 -16.97 -18.72 -4.22
CA CYS E 116 -15.87 -17.96 -4.87
C CYS E 116 -15.99 -18.02 -6.37
N GLY E 117 -17.05 -18.68 -6.82
CA GLY E 117 -17.39 -18.69 -8.22
C GLY E 117 -17.60 -20.06 -8.80
N LEU E 118 -18.23 -20.09 -9.95
CA LEU E 118 -18.44 -21.32 -10.65
C LEU E 118 -17.84 -21.11 -12.05
N LYS E 119 -16.55 -20.72 -12.10
CA LYS E 119 -15.87 -20.44 -13.43
C LYS E 119 -15.62 -21.64 -14.34
N GLU E 120 -16.58 -21.83 -15.22
CA GLU E 120 -16.50 -22.92 -16.07
C GLU E 120 -16.48 -22.34 -17.47
N GLY E 121 -17.57 -21.73 -17.88
CA GLY E 121 -17.89 -21.80 -19.26
C GLY E 121 -19.22 -22.55 -19.28
N PRO E 122 -19.37 -23.62 -18.45
CA PRO E 122 -20.69 -23.71 -17.80
C PRO E 122 -21.19 -22.37 -17.19
N ILE E 123 -20.33 -21.36 -17.19
CA ILE E 123 -20.77 -19.99 -17.24
C ILE E 123 -21.17 -19.69 -18.70
N ARG E 124 -20.25 -19.95 -19.65
CA ARG E 124 -20.41 -19.77 -21.12
C ARG E 124 -21.60 -20.55 -21.71
N THR E 125 -21.91 -21.69 -21.11
CA THR E 125 -23.12 -22.38 -21.48
C THR E 125 -24.27 -21.53 -20.94
N LEU E 126 -24.41 -21.50 -19.63
CA LEU E 126 -25.50 -20.80 -18.98
C LEU E 126 -25.66 -19.41 -19.55
N LEU E 127 -24.60 -18.61 -19.52
CA LEU E 127 -24.68 -17.30 -20.14
C LEU E 127 -25.24 -17.36 -21.55
N SER E 128 -24.98 -18.44 -22.27
CA SER E 128 -25.53 -18.63 -23.62
C SER E 128 -26.93 -19.20 -23.65
N ASP E 129 -27.07 -20.42 -23.13
CA ASP E 129 -28.36 -21.11 -23.08
C ASP E 129 -29.55 -20.17 -22.77
N ILE E 130 -29.49 -19.56 -21.59
CA ILE E 130 -30.50 -18.65 -21.13
C ILE E 130 -30.64 -17.54 -22.13
N SER E 131 -29.53 -16.91 -22.47
CA SER E 131 -29.57 -15.80 -23.42
C SER E 131 -30.37 -16.17 -24.65
N SER E 132 -30.37 -17.46 -25.00
CA SER E 132 -31.16 -17.91 -26.13
C SER E 132 -32.54 -18.45 -25.75
N ALA E 133 -32.78 -18.66 -24.45
CA ALA E 133 -34.12 -18.97 -23.95
C ALA E 133 -34.92 -17.67 -23.81
N LEU E 134 -34.32 -16.66 -23.23
CA LEU E 134 -34.93 -15.35 -23.11
C LEU E 134 -35.24 -14.85 -24.49
N ARG E 135 -34.24 -14.94 -25.35
CA ARG E 135 -34.42 -14.81 -26.80
C ARG E 135 -35.86 -15.04 -27.18
N TYR E 136 -36.19 -16.32 -27.20
CA TYR E 136 -37.44 -16.87 -27.67
C TYR E 136 -38.65 -16.24 -27.00
N LEU E 137 -38.42 -15.65 -25.84
CA LEU E 137 -39.51 -15.12 -25.04
C LEU E 137 -39.76 -13.65 -25.32
N HIS E 138 -38.74 -12.93 -25.79
CA HIS E 138 -38.96 -11.57 -26.25
C HIS E 138 -39.38 -11.62 -27.71
N GLU E 139 -39.48 -12.86 -28.20
CA GLU E 139 -39.93 -13.13 -29.57
C GLU E 139 -41.42 -13.23 -29.58
N ASN E 140 -41.95 -13.81 -28.51
CA ASN E 140 -43.38 -13.99 -28.36
C ASN E 140 -43.92 -12.95 -27.36
N ARG E 141 -43.09 -11.95 -27.12
CA ARG E 141 -43.30 -10.86 -26.17
C ARG E 141 -43.82 -11.36 -24.82
N ILE E 142 -43.14 -12.37 -24.31
CA ILE E 142 -43.48 -12.97 -23.03
C ILE E 142 -42.34 -12.76 -22.03
N ILE E 143 -42.36 -11.63 -21.35
CA ILE E 143 -41.40 -11.33 -20.30
C ILE E 143 -41.55 -12.34 -19.18
N HIS E 144 -40.46 -13.03 -18.81
CA HIS E 144 -40.51 -14.06 -17.78
C HIS E 144 -40.78 -13.47 -16.43
N ARG E 145 -40.47 -12.18 -16.34
CA ARG E 145 -40.49 -11.38 -15.13
C ARG E 145 -39.47 -11.83 -14.09
N ASP E 146 -39.77 -12.86 -13.31
CA ASP E 146 -38.81 -13.34 -12.36
C ASP E 146 -37.75 -14.18 -13.06
N LEU E 147 -36.69 -14.50 -12.32
CA LEU E 147 -35.55 -15.29 -12.77
C LEU E 147 -34.65 -15.41 -11.56
N LYS E 148 -34.26 -16.66 -11.32
CA LYS E 148 -33.78 -17.08 -10.03
C LYS E 148 -32.80 -18.18 -10.36
N PRO E 149 -32.12 -18.75 -9.36
CA PRO E 149 -31.49 -19.99 -9.72
C PRO E 149 -32.49 -21.13 -9.82
N GLU E 150 -33.58 -21.08 -9.06
CA GLU E 150 -34.40 -22.27 -8.83
C GLU E 150 -35.50 -22.48 -9.83
N ASN E 151 -35.35 -21.89 -11.01
CA ASN E 151 -36.24 -22.18 -12.14
C ASN E 151 -35.48 -22.84 -13.28
N ILE E 152 -34.16 -22.94 -13.12
CA ILE E 152 -33.28 -23.48 -14.15
C ILE E 152 -32.62 -24.80 -13.78
N VAL E 153 -32.62 -25.72 -14.74
CA VAL E 153 -32.08 -27.03 -14.50
C VAL E 153 -30.99 -27.44 -15.48
N LEU E 154 -29.74 -27.43 -15.01
CA LEU E 154 -28.57 -28.02 -15.69
C LEU E 154 -28.73 -29.53 -15.66
N GLN E 155 -29.22 -30.08 -16.76
CA GLN E 155 -29.42 -31.52 -16.92
C GLN E 155 -28.44 -32.09 -17.95
N PRO E 156 -27.85 -33.27 -17.69
CA PRO E 156 -26.90 -33.94 -18.61
C PRO E 156 -27.37 -33.99 -20.08
N GLY E 157 -26.47 -33.58 -20.99
CA GLY E 157 -26.80 -33.45 -22.41
C GLY E 157 -26.08 -34.43 -23.33
N PRO E 158 -26.69 -34.71 -24.51
CA PRO E 158 -26.08 -35.58 -25.52
C PRO E 158 -24.67 -35.14 -25.91
N GLN E 159 -24.28 -33.92 -25.55
CA GLN E 159 -22.92 -33.45 -25.78
C GLN E 159 -22.33 -32.72 -24.58
N ARG E 160 -22.91 -31.56 -24.24
CA ARG E 160 -22.31 -30.65 -23.26
C ARG E 160 -23.29 -29.90 -22.32
N LEU E 161 -23.91 -30.63 -21.38
CA LEU E 161 -24.82 -30.06 -20.35
C LEU E 161 -25.85 -29.08 -20.90
N ILE E 162 -27.03 -29.58 -21.26
CA ILE E 162 -28.13 -28.70 -21.65
C ILE E 162 -28.80 -28.27 -20.37
N HIS E 163 -29.04 -26.97 -20.21
CA HIS E 163 -29.88 -26.52 -19.11
C HIS E 163 -31.19 -25.81 -19.47
N LYS E 164 -32.23 -26.18 -18.72
CA LYS E 164 -33.58 -25.83 -19.04
C LYS E 164 -34.26 -25.04 -17.93
N ILE E 165 -35.01 -24.01 -18.34
CA ILE E 165 -35.78 -23.14 -17.46
C ILE E 165 -37.23 -23.67 -17.30
N ILE E 166 -37.47 -24.32 -16.16
CA ILE E 166 -38.71 -25.04 -15.81
C ILE E 166 -39.75 -24.07 -15.16
N ASP E 167 -40.75 -24.66 -14.47
CA ASP E 167 -41.71 -24.03 -13.47
C ASP E 167 -42.39 -22.66 -13.79
N LEU E 168 -41.71 -21.74 -14.45
CA LEU E 168 -42.15 -20.36 -14.30
C LEU E 168 -42.89 -19.76 -15.48
N GLY E 169 -43.94 -19.03 -15.12
CA GLY E 169 -44.77 -18.25 -16.01
C GLY E 169 -45.51 -17.22 -15.17
N TYR E 170 -44.77 -16.29 -14.58
CA TYR E 170 -45.35 -15.11 -13.94
C TYR E 170 -45.30 -14.07 -15.00
N ALA E 171 -45.83 -14.43 -16.15
CA ALA E 171 -45.28 -13.99 -17.40
C ALA E 171 -46.08 -12.96 -18.20
N LYS E 172 -46.32 -11.79 -17.59
CA LYS E 172 -46.72 -10.54 -18.26
C LYS E 172 -46.73 -10.57 -19.80
N GLU E 173 -47.35 -11.59 -20.38
CA GLU E 173 -47.41 -11.73 -21.82
C GLU E 173 -48.17 -10.58 -22.45
N LEU E 174 -47.43 -9.69 -23.12
CA LEU E 174 -48.06 -8.58 -23.80
C LEU E 174 -49.31 -9.04 -24.54
N ASP E 175 -50.31 -8.16 -24.50
CA ASP E 175 -51.60 -8.34 -25.17
C ASP E 175 -52.60 -9.15 -24.36
N GLN E 176 -52.17 -10.30 -23.87
CA GLN E 176 -53.03 -11.06 -22.97
C GLN E 176 -52.70 -10.86 -21.49
N GLY E 177 -52.56 -9.59 -21.10
CA GLY E 177 -52.34 -9.17 -19.71
C GLY E 177 -51.18 -9.85 -19.00
N GLU E 178 -51.15 -9.74 -17.68
CA GLU E 178 -50.17 -10.46 -16.90
C GLU E 178 -50.71 -11.82 -16.56
N LEU E 179 -49.86 -12.66 -16.01
CA LEU E 179 -50.31 -13.82 -15.25
C LEU E 179 -50.10 -13.45 -13.77
N CYS E 180 -50.88 -14.05 -12.88
CA CYS E 180 -50.73 -13.91 -11.41
C CYS E 180 -50.33 -12.55 -10.77
N THR E 181 -49.03 -12.30 -10.62
CA THR E 181 -48.48 -11.30 -9.66
C THR E 181 -48.61 -11.94 -8.28
N GLU E 182 -48.40 -13.25 -8.26
CA GLU E 182 -48.42 -14.04 -7.04
C GLU E 182 -47.28 -13.70 -6.07
N PHE E 183 -46.15 -13.19 -6.57
CA PHE E 183 -45.06 -12.65 -5.71
C PHE E 183 -44.30 -13.73 -4.92
N VAL E 184 -44.48 -15.02 -5.20
CA VAL E 184 -44.30 -16.07 -4.16
C VAL E 184 -42.97 -16.26 -3.38
N GLY E 185 -42.17 -17.28 -3.72
CA GLY E 185 -41.11 -17.82 -2.85
C GLY E 185 -39.95 -16.96 -2.39
N THR E 186 -38.83 -17.03 -3.11
CA THR E 186 -37.63 -16.23 -2.79
C THR E 186 -37.54 -15.02 -3.68
N LEU E 187 -37.90 -13.90 -3.09
CA LEU E 187 -37.90 -12.63 -3.77
C LEU E 187 -36.49 -12.19 -4.05
N GLN E 188 -35.59 -12.70 -3.20
CA GLN E 188 -34.22 -12.18 -2.99
C GLN E 188 -33.49 -11.58 -4.25
N TYR E 189 -34.08 -11.79 -5.46
CA TYR E 189 -33.49 -11.47 -6.82
C TYR E 189 -34.07 -10.33 -7.68
N LEU E 190 -35.39 -10.27 -7.89
CA LEU E 190 -35.94 -9.43 -8.98
C LEU E 190 -35.63 -7.90 -9.01
N ALA E 191 -36.23 -7.15 -9.94
CA ALA E 191 -35.79 -5.78 -10.21
C ALA E 191 -36.85 -4.75 -9.95
N PRO E 192 -36.49 -3.55 -9.44
CA PRO E 192 -37.45 -2.52 -9.10
C PRO E 192 -38.95 -2.88 -9.16
N GLU E 193 -39.27 -3.88 -8.32
CA GLU E 193 -40.61 -4.26 -7.87
C GLU E 193 -40.65 -3.88 -6.46
N LEU E 194 -40.34 -2.61 -6.20
CA LEU E 194 -40.88 -1.90 -5.07
C LEU E 194 -42.34 -2.10 -5.48
N LEU E 195 -42.99 -3.09 -4.83
CA LEU E 195 -44.22 -3.78 -5.31
C LEU E 195 -44.97 -3.00 -6.40
N GLU E 196 -44.78 -3.44 -7.64
CA GLU E 196 -45.43 -2.90 -8.85
C GLU E 196 -44.59 -1.84 -9.57
N GLN E 197 -45.09 -0.62 -9.70
CA GLN E 197 -44.59 0.35 -10.70
C GLN E 197 -44.93 -0.09 -12.12
N LYS E 198 -44.78 0.85 -13.05
CA LYS E 198 -45.33 0.72 -14.40
C LYS E 198 -44.31 0.14 -15.33
N LYS E 199 -43.07 0.10 -14.86
CA LYS E 199 -41.96 -0.28 -15.72
C LYS E 199 -41.79 -1.81 -15.86
N TYR E 200 -42.91 -2.56 -15.96
CA TYR E 200 -42.82 -4.00 -16.27
C TYR E 200 -42.40 -4.13 -17.68
N THR E 201 -41.42 -3.35 -18.02
CA THR E 201 -40.84 -3.42 -19.35
C THR E 201 -39.91 -4.63 -19.49
N VAL E 202 -39.83 -5.17 -20.69
CA VAL E 202 -38.86 -6.19 -21.01
C VAL E 202 -37.71 -6.21 -19.99
N THR E 203 -37.06 -5.04 -19.86
CA THR E 203 -35.93 -4.72 -18.98
C THR E 203 -35.67 -5.58 -17.75
N VAL E 204 -36.74 -6.04 -17.14
CA VAL E 204 -36.68 -6.60 -15.81
C VAL E 204 -36.21 -8.07 -15.84
N ASP E 205 -36.24 -8.66 -17.03
CA ASP E 205 -35.57 -9.92 -17.21
C ASP E 205 -34.08 -9.64 -17.16
N TYR E 206 -33.64 -8.67 -17.98
CA TYR E 206 -32.20 -8.40 -18.17
C TYR E 206 -31.52 -8.21 -16.83
N TRP E 207 -32.19 -7.53 -15.91
CA TRP E 207 -31.68 -7.36 -14.57
C TRP E 207 -31.47 -8.71 -13.84
N SER E 208 -32.50 -9.54 -13.75
CA SER E 208 -32.41 -10.75 -12.92
C SER E 208 -31.29 -11.67 -13.44
N PHE E 209 -31.35 -11.92 -14.76
CA PHE E 209 -30.35 -12.68 -15.53
C PHE E 209 -28.96 -12.22 -15.13
N GLY E 210 -28.76 -10.92 -15.24
CA GLY E 210 -27.51 -10.25 -14.92
C GLY E 210 -26.96 -10.68 -13.59
N THR E 211 -27.71 -10.44 -12.53
CA THR E 211 -27.23 -10.87 -11.23
C THR E 211 -27.12 -12.41 -11.21
N LEU E 212 -28.21 -13.09 -11.57
CA LEU E 212 -28.15 -14.54 -11.74
C LEU E 212 -26.78 -14.95 -12.30
N ALA E 213 -26.38 -14.23 -13.36
CA ALA E 213 -25.11 -14.44 -14.02
C ALA E 213 -24.05 -14.06 -13.06
N PHE E 214 -24.01 -12.80 -12.65
CA PHE E 214 -23.00 -12.38 -11.68
C PHE E 214 -22.80 -13.49 -10.68
N GLU E 215 -23.74 -13.60 -9.74
CA GLU E 215 -23.86 -14.71 -8.84
C GLU E 215 -23.15 -16.00 -9.32
N CYS E 216 -23.40 -16.38 -10.57
CA CYS E 216 -22.81 -17.60 -11.09
C CYS E 216 -21.31 -17.42 -11.29
N ILE E 217 -20.86 -16.24 -11.73
CA ILE E 217 -19.43 -16.01 -11.94
C ILE E 217 -18.69 -16.18 -10.61
N THR E 218 -19.26 -15.60 -9.57
CA THR E 218 -18.54 -15.28 -8.38
C THR E 218 -19.18 -15.96 -7.23
N GLY E 219 -20.25 -15.34 -6.70
CA GLY E 219 -21.08 -15.85 -5.58
C GLY E 219 -22.00 -14.83 -4.93
N PHE E 220 -22.23 -13.66 -5.51
CA PHE E 220 -23.14 -12.62 -4.86
C PHE E 220 -24.19 -11.98 -5.77
N ARG E 221 -24.22 -10.63 -5.79
CA ARG E 221 -25.06 -9.80 -6.65
C ARG E 221 -24.79 -8.43 -6.09
N PRO E 222 -25.54 -7.32 -6.53
CA PRO E 222 -25.28 -5.92 -6.04
C PRO E 222 -25.24 -5.92 -4.53
N PHE E 223 -26.08 -6.80 -3.94
CA PHE E 223 -25.74 -7.69 -2.78
C PHE E 223 -26.88 -8.35 -1.98
N LEU E 224 -26.64 -9.56 -1.48
CA LEU E 224 -27.69 -10.20 -0.67
C LEU E 224 -27.31 -10.88 0.66
N PRO E 225 -26.24 -10.39 1.29
CA PRO E 225 -26.55 -10.30 2.72
C PRO E 225 -27.23 -8.92 2.72
N ASN E 226 -27.84 -8.47 3.83
CA ASN E 226 -28.93 -7.45 3.84
C ASN E 226 -30.06 -8.21 3.14
N TRP E 227 -30.96 -7.47 2.48
CA TRP E 227 -32.18 -8.07 1.94
C TRP E 227 -32.82 -7.25 0.80
N GLN E 228 -34.11 -7.47 0.58
CA GLN E 228 -34.85 -6.74 -0.42
C GLN E 228 -35.19 -5.27 -0.06
N PRO E 229 -36.21 -4.98 0.80
CA PRO E 229 -36.45 -3.56 1.07
C PRO E 229 -35.31 -3.00 1.88
N VAL E 230 -34.40 -3.89 2.28
CA VAL E 230 -33.16 -3.51 2.92
C VAL E 230 -32.17 -2.86 1.87
N GLN E 231 -32.23 -3.29 0.60
CA GLN E 231 -31.51 -2.65 -0.48
C GLN E 231 -32.12 -1.31 -0.83
N TRP E 232 -33.08 -1.24 -1.76
CA TRP E 232 -33.45 0.05 -2.41
C TRP E 232 -32.44 1.18 -2.19
N HIS E 233 -31.55 1.03 -1.21
CA HIS E 233 -30.40 1.93 -1.04
C HIS E 233 -29.19 1.25 -1.65
N GLY E 234 -29.29 -0.07 -1.73
CA GLY E 234 -28.53 -0.82 -2.72
C GLY E 234 -28.43 0.06 -3.94
N LYS E 235 -29.58 0.50 -4.48
CA LYS E 235 -29.64 1.40 -5.66
C LYS E 235 -29.07 2.78 -5.40
N VAL E 236 -28.02 2.77 -4.57
CA VAL E 236 -27.02 3.80 -4.42
C VAL E 236 -27.53 5.21 -4.33
N ARG E 237 -27.02 5.92 -3.31
CA ARG E 237 -27.16 7.38 -3.18
C ARG E 237 -25.90 8.13 -3.69
N ILE E 244 -24.22 4.44 -8.16
CA ILE E 244 -25.30 3.58 -8.62
C ILE E 244 -24.71 2.55 -9.56
N VAL E 245 -24.12 3.06 -10.65
CA VAL E 245 -23.20 2.32 -11.51
C VAL E 245 -21.80 2.46 -10.88
N VAL E 246 -21.59 1.85 -9.69
CA VAL E 246 -20.35 1.93 -8.85
C VAL E 246 -20.12 0.57 -8.19
N TYR E 247 -19.36 0.53 -7.07
CA TYR E 247 -19.36 -0.56 -6.02
C TYR E 247 -19.14 -0.02 -4.56
N ASP E 248 -19.49 -0.81 -3.54
CA ASP E 248 -19.90 -0.22 -2.27
C ASP E 248 -19.19 -0.49 -0.93
N ASP E 249 -20.01 -0.51 0.12
CA ASP E 249 -19.63 -0.07 1.45
C ASP E 249 -19.57 -1.22 2.45
N LEU E 250 -18.95 -0.92 3.61
CA LEU E 250 -18.60 -1.92 4.65
C LEU E 250 -19.18 -1.58 6.01
N THR E 251 -18.39 -1.99 6.99
CA THR E 251 -18.49 -1.75 8.42
C THR E 251 -17.14 -2.31 8.91
N GLY E 252 -17.16 -3.51 9.51
CA GLY E 252 -15.96 -4.32 9.62
C GLY E 252 -15.66 -4.61 8.17
N ALA E 253 -15.43 -5.87 7.84
CA ALA E 253 -15.33 -6.21 6.44
C ALA E 253 -16.72 -6.72 6.00
N VAL E 254 -17.38 -5.95 5.12
CA VAL E 254 -18.62 -6.39 4.38
C VAL E 254 -18.69 -5.48 3.18
N LYS E 255 -19.27 -5.89 2.04
CA LYS E 255 -19.14 -5.12 0.75
C LYS E 255 -20.16 -5.44 -0.35
N PHE E 256 -20.59 -4.46 -1.14
CA PHE E 256 -21.83 -4.73 -1.87
C PHE E 256 -22.01 -4.07 -3.24
N SER E 257 -21.72 -4.87 -4.29
CA SER E 257 -20.77 -4.47 -5.41
C SER E 257 -20.92 -4.78 -6.90
N SER E 258 -20.61 -3.77 -7.67
CA SER E 258 -20.57 -3.88 -9.11
C SER E 258 -19.81 -2.71 -9.77
N VAL E 259 -18.46 -2.71 -9.57
CA VAL E 259 -17.33 -2.24 -10.50
C VAL E 259 -16.20 -3.29 -10.74
N LEU E 260 -15.69 -3.87 -9.65
CA LEU E 260 -14.56 -4.77 -9.74
C LEU E 260 -14.86 -6.21 -9.26
N PRO E 261 -15.26 -7.09 -10.20
CA PRO E 261 -15.88 -8.41 -9.93
C PRO E 261 -15.09 -9.50 -9.22
N THR E 262 -14.28 -9.13 -8.22
CA THR E 262 -13.97 -10.03 -7.05
C THR E 262 -12.77 -11.16 -7.18
N PRO E 263 -12.44 -11.99 -6.14
CA PRO E 263 -11.51 -13.15 -6.31
C PRO E 263 -12.12 -14.53 -6.73
N ASN E 264 -12.66 -14.55 -7.95
CA ASN E 264 -13.38 -15.64 -8.65
C ASN E 264 -12.47 -16.62 -9.32
N HIS E 265 -12.97 -17.50 -10.20
CA HIS E 265 -12.00 -18.20 -11.08
C HIS E 265 -12.20 -18.20 -12.58
N LEU E 266 -12.45 -17.02 -13.16
CA LEU E 266 -12.69 -16.84 -14.63
C LEU E 266 -11.45 -16.70 -15.53
N SER E 267 -11.69 -16.58 -16.83
CA SER E 267 -10.63 -16.21 -17.78
C SER E 267 -10.07 -14.82 -17.49
N GLY E 268 -8.76 -14.68 -17.58
CA GLY E 268 -8.10 -13.41 -17.49
C GLY E 268 -8.84 -12.38 -18.31
N ILE E 269 -9.14 -12.71 -19.57
CA ILE E 269 -9.84 -11.77 -20.43
C ILE E 269 -11.38 -11.76 -20.32
N LEU E 270 -11.95 -12.46 -19.34
CA LEU E 270 -13.38 -12.33 -19.12
C LEU E 270 -13.83 -11.36 -18.00
N ALA E 271 -12.92 -10.97 -17.13
CA ALA E 271 -13.08 -9.66 -16.53
C ALA E 271 -13.50 -8.73 -17.71
N GLY E 272 -12.90 -8.97 -18.87
CA GLY E 272 -13.20 -8.29 -20.14
C GLY E 272 -14.65 -8.14 -20.53
N LYS E 273 -15.41 -9.23 -20.52
CA LYS E 273 -16.86 -9.11 -20.48
C LYS E 273 -17.29 -8.47 -19.18
N LEU E 274 -17.19 -9.24 -18.10
CA LEU E 274 -17.90 -8.98 -16.84
C LEU E 274 -18.16 -7.51 -16.64
N GLU E 275 -17.14 -6.88 -16.10
CA GLU E 275 -17.19 -5.52 -15.59
C GLU E 275 -17.84 -4.56 -16.59
N ARG E 276 -17.83 -4.94 -17.86
CA ARG E 276 -18.41 -4.12 -18.89
C ARG E 276 -19.66 -4.77 -19.49
N TRP E 277 -19.88 -6.04 -19.24
CA TRP E 277 -21.17 -6.49 -19.58
C TRP E 277 -22.03 -6.16 -18.43
N LEU E 278 -21.91 -6.95 -17.38
CA LEU E 278 -22.74 -6.78 -16.19
C LEU E 278 -22.98 -5.31 -15.77
N GLN E 279 -22.01 -4.43 -15.93
CA GLN E 279 -22.16 -2.99 -15.66
C GLN E 279 -23.30 -2.37 -16.49
N CYS E 280 -23.91 -3.20 -17.30
CA CYS E 280 -24.89 -2.75 -18.25
C CYS E 280 -26.14 -3.58 -18.14
N MET E 281 -25.95 -4.83 -17.76
CA MET E 281 -27.05 -5.75 -17.52
C MET E 281 -27.64 -5.61 -16.14
N LEU E 282 -27.02 -4.80 -15.30
CA LEU E 282 -27.47 -4.58 -13.94
C LEU E 282 -27.95 -3.16 -13.71
N MET E 283 -29.09 -2.85 -14.33
CA MET E 283 -29.76 -1.55 -14.17
C MET E 283 -31.33 -1.56 -14.32
N TRP E 284 -31.84 -0.31 -14.33
CA TRP E 284 -33.25 0.08 -14.07
C TRP E 284 -33.95 0.91 -15.19
N HIS E 285 -35.28 0.75 -15.34
CA HIS E 285 -36.09 1.52 -16.30
C HIS E 285 -35.95 0.98 -17.71
N GLN E 286 -34.83 1.32 -18.35
CA GLN E 286 -34.50 0.97 -19.73
C GLN E 286 -33.06 0.37 -19.89
N ARG E 287 -32.80 -0.73 -19.18
CA ARG E 287 -31.57 -1.53 -19.32
C ARG E 287 -31.90 -2.99 -19.56
N THR E 291 -28.87 -0.36 -24.53
CA THR E 291 -28.29 -0.15 -23.22
C THR E 291 -26.84 0.41 -23.25
N ASP E 292 -25.87 -0.31 -23.84
CA ASP E 292 -24.44 0.15 -23.91
C ASP E 292 -24.27 1.37 -24.82
N PRO E 293 -24.07 2.56 -24.22
CA PRO E 293 -24.37 3.86 -24.85
C PRO E 293 -23.38 4.33 -25.95
N GLN E 294 -22.59 3.40 -26.49
CA GLN E 294 -21.76 3.67 -27.65
C GLN E 294 -22.54 3.36 -28.91
N ASN E 295 -23.73 2.78 -28.75
CA ASN E 295 -24.43 2.15 -29.87
C ASN E 295 -25.83 1.72 -29.50
N PRO E 296 -26.70 1.51 -30.52
CA PRO E 296 -27.85 0.63 -30.35
C PRO E 296 -27.59 -0.80 -30.84
N ASN E 297 -27.07 -1.66 -29.96
CA ASN E 297 -26.80 -3.08 -30.27
C ASN E 297 -28.00 -3.99 -29.98
N VAL E 298 -27.75 -5.14 -29.34
CA VAL E 298 -28.81 -5.95 -28.69
C VAL E 298 -28.46 -6.24 -27.22
N GLY E 299 -29.42 -5.95 -26.33
CA GLY E 299 -29.30 -6.10 -24.89
C GLY E 299 -28.46 -7.27 -24.49
N CYS E 300 -29.08 -8.42 -24.27
CA CYS E 300 -28.29 -9.61 -24.07
C CYS E 300 -27.61 -9.98 -25.37
N PHE E 301 -28.36 -10.59 -26.27
CA PHE E 301 -27.83 -11.20 -27.50
C PHE E 301 -26.55 -10.63 -28.06
N GLN E 302 -26.66 -9.66 -28.96
CA GLN E 302 -25.50 -9.23 -29.71
C GLN E 302 -24.24 -9.15 -28.83
N ALA E 303 -24.27 -8.27 -27.83
CA ALA E 303 -23.12 -8.01 -26.98
C ALA E 303 -22.59 -9.29 -26.35
N LEU E 304 -23.47 -10.01 -25.66
CA LEU E 304 -23.10 -11.22 -24.93
C LEU E 304 -22.59 -12.31 -25.86
N ASP E 305 -23.22 -12.40 -27.03
CA ASP E 305 -22.87 -13.41 -28.04
C ASP E 305 -21.45 -13.19 -28.60
N SER E 306 -21.16 -11.95 -29.00
CA SER E 306 -19.82 -11.56 -29.45
C SER E 306 -18.81 -11.67 -28.32
N ILE E 307 -19.25 -11.34 -27.12
CA ILE E 307 -18.43 -11.50 -25.93
C ILE E 307 -18.35 -12.97 -25.51
N LEU E 308 -19.25 -13.81 -26.02
CA LEU E 308 -19.24 -15.23 -25.70
C LEU E 308 -18.48 -16.09 -26.70
N SER E 309 -18.63 -15.77 -28.00
CA SER E 309 -17.80 -16.38 -29.04
C SER E 309 -16.42 -15.72 -28.94
N LEU E 310 -15.78 -15.42 -30.06
CA LEU E 310 -14.34 -15.12 -30.06
C LEU E 310 -13.57 -16.37 -29.69
N LYS E 311 -12.34 -16.39 -30.05
CA LYS E 311 -11.70 -17.61 -29.77
C LYS E 311 -10.40 -17.31 -29.09
N LEU E 312 -10.14 -18.06 -28.04
CA LEU E 312 -9.09 -17.66 -27.14
C LEU E 312 -7.95 -18.66 -27.08
N LEU E 313 -6.82 -18.21 -27.60
CA LEU E 313 -5.56 -18.87 -27.31
C LEU E 313 -4.85 -18.20 -26.18
N SER E 314 -3.94 -18.98 -25.64
CA SER E 314 -3.43 -18.75 -24.34
C SER E 314 -2.13 -19.51 -24.39
N VAL E 315 -1.05 -18.79 -24.18
CA VAL E 315 0.24 -19.41 -24.30
C VAL E 315 0.96 -19.18 -23.01
N MET E 316 1.16 -20.26 -22.28
CA MET E 316 2.04 -20.22 -21.13
C MET E 316 3.36 -19.60 -21.59
N ASN E 317 4.20 -19.22 -20.63
CA ASN E 317 5.55 -18.78 -20.95
C ASN E 317 6.58 -19.77 -20.53
N MET E 318 7.08 -19.61 -19.30
CA MET E 318 8.19 -20.40 -18.72
C MET E 318 9.33 -19.49 -18.43
N VAL E 319 9.53 -18.48 -19.26
CA VAL E 319 10.15 -17.28 -18.78
C VAL E 319 9.08 -16.78 -17.80
N SER E 320 9.32 -17.09 -16.51
CA SER E 320 8.29 -17.26 -15.42
C SER E 320 6.99 -16.45 -15.41
N GLY E 321 6.89 -15.48 -16.32
CA GLY E 321 5.66 -14.71 -16.55
C GLY E 321 4.45 -15.59 -16.87
N ARG E 322 4.50 -16.81 -16.32
CA ARG E 322 3.44 -17.78 -16.47
C ARG E 322 2.68 -17.51 -17.78
N VAL E 323 1.47 -16.95 -17.74
CA VAL E 323 0.63 -17.01 -18.91
C VAL E 323 0.63 -15.76 -19.75
N HIS E 324 -0.06 -15.87 -20.89
CA HIS E 324 -0.43 -14.80 -21.80
C HIS E 324 -1.61 -15.38 -22.53
N THR E 325 -2.59 -14.56 -22.90
CA THR E 325 -3.77 -15.03 -23.67
C THR E 325 -4.11 -14.10 -24.80
N TYR E 326 -4.54 -14.65 -25.93
CA TYR E 326 -4.79 -13.84 -27.10
C TYR E 326 -6.07 -14.23 -27.81
N PRO E 327 -6.81 -13.23 -28.28
CA PRO E 327 -8.04 -13.35 -29.05
C PRO E 327 -7.74 -13.57 -30.53
N VAL E 328 -8.21 -14.66 -31.10
CA VAL E 328 -7.76 -15.01 -32.45
C VAL E 328 -8.85 -15.35 -33.49
N THR E 329 -8.78 -14.70 -34.66
CA THR E 329 -9.67 -14.98 -35.78
C THR E 329 -9.19 -16.23 -36.53
N GLU E 330 -10.11 -17.01 -37.11
CA GLU E 330 -9.72 -18.11 -38.01
C GLU E 330 -9.24 -17.51 -39.33
N ASN E 331 -8.01 -17.01 -39.29
CA ASN E 331 -7.49 -16.06 -40.27
C ASN E 331 -6.11 -15.53 -39.89
N GLU E 332 -5.47 -16.18 -38.91
CA GLU E 332 -4.16 -15.80 -38.39
C GLU E 332 -3.41 -17.10 -38.08
N ASN E 333 -2.08 -17.08 -38.18
CA ASN E 333 -1.27 -18.27 -37.91
C ASN E 333 -0.08 -18.03 -36.96
N LEU E 334 0.87 -18.97 -36.95
CA LEU E 334 2.01 -18.90 -36.03
C LEU E 334 2.68 -17.54 -36.00
N GLN E 335 3.51 -17.22 -36.98
CA GLN E 335 4.27 -15.98 -36.92
C GLN E 335 3.45 -14.70 -36.60
N ASN E 336 2.12 -14.77 -36.76
CA ASN E 336 1.26 -13.69 -36.26
C ASN E 336 1.56 -13.61 -34.79
N LEU E 337 1.30 -14.73 -34.11
CA LEU E 337 1.52 -14.94 -32.68
C LEU E 337 2.95 -14.60 -32.33
N LYS E 338 3.86 -15.32 -32.96
CA LYS E 338 5.29 -15.21 -32.69
C LYS E 338 5.61 -13.76 -32.46
N SER E 339 5.10 -12.90 -33.33
CA SER E 339 5.34 -11.47 -33.22
C SER E 339 4.73 -10.99 -31.93
N TRP E 340 3.42 -11.08 -31.86
CA TRP E 340 2.79 -10.50 -30.72
C TRP E 340 3.14 -11.24 -29.43
N LEU E 341 3.94 -12.30 -29.53
CA LEU E 341 4.44 -13.04 -28.36
C LEU E 341 5.75 -12.45 -27.88
N GLN E 342 6.56 -12.01 -28.83
CA GLN E 342 7.79 -11.30 -28.54
C GLN E 342 7.35 -9.92 -28.17
N GLN E 343 6.27 -9.49 -28.81
CA GLN E 343 5.73 -8.17 -28.59
C GLN E 343 5.66 -7.87 -27.11
N ASP E 344 5.28 -8.90 -26.36
CA ASP E 344 5.08 -8.80 -24.92
C ASP E 344 6.30 -9.36 -24.14
N THR E 345 6.86 -10.48 -24.58
CA THR E 345 8.01 -11.08 -23.90
C THR E 345 9.32 -10.51 -24.42
N GLY E 346 9.45 -10.45 -25.74
CA GLY E 346 10.62 -9.87 -26.38
C GLY E 346 11.69 -10.88 -26.70
N ILE E 347 11.49 -12.14 -26.34
CA ILE E 347 12.36 -13.18 -26.82
C ILE E 347 11.77 -13.60 -28.17
N PRO E 348 12.31 -13.04 -29.28
CA PRO E 348 11.79 -13.10 -30.67
C PRO E 348 11.89 -14.45 -31.39
N GLU E 349 11.01 -14.69 -32.36
CA GLU E 349 10.83 -16.01 -33.02
C GLU E 349 12.01 -16.99 -32.98
N GLU E 350 13.18 -16.51 -33.37
CA GLU E 350 14.39 -17.33 -33.37
C GLU E 350 14.96 -17.54 -31.95
N GLU E 351 14.10 -18.09 -31.10
CA GLU E 351 14.38 -18.56 -29.75
C GLU E 351 13.03 -18.90 -29.12
N GLN E 352 12.08 -19.22 -30.00
CA GLN E 352 10.70 -19.43 -29.59
C GLN E 352 10.22 -20.85 -29.78
N GLU E 353 10.06 -21.54 -28.66
CA GLU E 353 9.62 -22.92 -28.68
C GLU E 353 8.14 -23.05 -28.34
N LEU E 354 7.33 -23.11 -29.37
CA LEU E 354 5.90 -23.22 -29.20
C LEU E 354 5.48 -24.67 -29.31
N LEU E 355 5.02 -25.22 -28.21
CA LEU E 355 4.79 -26.65 -28.12
C LEU E 355 3.34 -26.99 -27.73
N GLN E 356 2.46 -27.00 -28.74
CA GLN E 356 1.06 -27.42 -28.56
C GLN E 356 1.02 -28.77 -27.85
N ALA E 357 0.19 -28.86 -26.82
CA ALA E 357 0.22 -29.99 -25.88
C ALA E 357 1.66 -30.30 -25.40
N SER E 358 1.89 -31.55 -25.10
CA SER E 358 3.23 -32.07 -25.05
C SER E 358 3.52 -32.78 -26.37
N GLY E 359 2.46 -33.27 -27.00
CA GLY E 359 2.56 -33.90 -28.30
C GLY E 359 2.78 -32.86 -29.38
N LEU E 360 4.03 -32.75 -29.84
CA LEU E 360 4.42 -31.98 -31.02
C LEU E 360 5.26 -30.76 -30.75
N ALA E 361 5.46 -30.03 -31.84
CA ALA E 361 5.76 -28.62 -31.85
C ALA E 361 4.65 -27.98 -32.69
N LEU E 362 4.73 -26.67 -32.86
CA LEU E 362 3.61 -25.95 -33.47
C LEU E 362 3.57 -25.98 -34.99
N ASN E 363 2.68 -26.83 -35.50
CA ASN E 363 2.42 -26.95 -36.92
C ASN E 363 1.77 -25.69 -37.50
N SER E 364 2.58 -24.66 -37.77
CA SER E 364 2.10 -23.37 -38.27
C SER E 364 1.30 -23.49 -39.55
N ALA E 365 0.98 -24.73 -39.92
CA ALA E 365 0.12 -25.04 -41.05
C ALA E 365 -1.24 -24.37 -40.89
N GLN E 366 -2.10 -24.99 -40.08
CA GLN E 366 -3.43 -24.52 -39.71
C GLN E 366 -3.48 -23.06 -39.21
N PRO E 367 -4.63 -22.36 -39.37
CA PRO E 367 -4.82 -21.10 -38.64
C PRO E 367 -4.92 -21.36 -37.11
N LEU E 368 -4.97 -20.30 -36.30
CA LEU E 368 -4.88 -20.43 -34.82
C LEU E 368 -6.12 -21.03 -34.15
N THR E 369 -7.17 -21.20 -34.93
CA THR E 369 -8.46 -21.62 -34.40
C THR E 369 -8.60 -23.14 -34.38
N GLN E 370 -7.57 -23.85 -34.79
CA GLN E 370 -7.55 -25.28 -34.64
C GLN E 370 -6.94 -25.59 -33.28
N TYR E 371 -6.24 -24.59 -32.77
CA TYR E 371 -5.53 -24.70 -31.51
C TYR E 371 -6.34 -24.14 -30.34
N VAL E 372 -7.55 -23.68 -30.63
CA VAL E 372 -8.43 -23.04 -29.63
C VAL E 372 -8.89 -23.98 -28.48
N ILE E 373 -10.01 -24.68 -28.69
CA ILE E 373 -10.74 -25.49 -27.68
C ILE E 373 -10.90 -24.85 -26.30
N ASP E 374 -12.15 -24.64 -25.91
CA ASP E 374 -12.52 -24.01 -24.61
C ASP E 374 -13.90 -24.48 -24.14
N CYS E 375 -14.12 -24.45 -22.81
CA CYS E 375 -15.47 -24.39 -22.27
C CYS E 375 -16.15 -25.70 -21.85
N THR E 376 -16.00 -26.76 -22.61
CA THR E 376 -16.98 -27.87 -22.55
C THR E 376 -16.45 -29.33 -22.78
N VAL E 377 -16.51 -30.18 -21.75
CA VAL E 377 -16.25 -31.64 -21.90
C VAL E 377 -17.58 -32.39 -21.91
N GLY E 385 -4.19 -29.63 -21.89
CA GLY E 385 -4.16 -29.05 -23.22
C GLY E 385 -3.90 -27.56 -23.25
N ASP E 386 -2.72 -27.17 -23.75
CA ASP E 386 -2.31 -25.76 -23.94
C ASP E 386 -0.84 -25.43 -24.24
N LEU E 387 -0.64 -24.61 -25.28
CA LEU E 387 0.65 -24.22 -25.83
C LEU E 387 1.58 -23.62 -24.81
N ILE E 388 2.34 -24.47 -24.12
CA ILE E 388 3.47 -23.98 -23.33
C ILE E 388 4.50 -23.40 -24.33
N PHE E 389 5.66 -22.96 -23.88
CA PHE E 389 6.47 -22.08 -24.73
C PHE E 389 7.82 -21.62 -24.13
N LEU E 390 8.94 -21.96 -24.79
CA LEU E 390 10.26 -21.72 -24.20
C LEU E 390 11.25 -20.88 -25.02
N PHE E 391 12.46 -20.70 -24.46
CA PHE E 391 13.31 -19.48 -24.61
C PHE E 391 14.67 -19.59 -25.33
N ASP E 392 15.11 -20.83 -25.59
CA ASP E 392 16.43 -21.20 -26.15
C ASP E 392 17.67 -20.69 -25.39
N ASN E 393 17.84 -21.13 -24.12
CA ASN E 393 18.94 -20.70 -23.24
C ASN E 393 19.37 -21.64 -22.08
N ARG E 394 20.11 -21.07 -21.13
CA ARG E 394 20.48 -21.77 -19.91
C ARG E 394 19.56 -21.35 -18.79
N LYS E 395 18.73 -22.30 -18.34
CA LYS E 395 17.65 -22.12 -17.31
C LYS E 395 16.64 -20.93 -17.42
N ILE E 402 15.09 -19.44 -14.77
CA ILE E 402 15.55 -19.07 -13.43
C ILE E 402 14.42 -18.97 -12.43
N SER E 403 13.46 -19.88 -12.52
CA SER E 403 12.18 -19.83 -11.75
C SER E 403 11.46 -18.47 -11.76
N LEU E 404 10.69 -18.22 -10.70
CA LEU E 404 9.99 -16.95 -10.40
C LEU E 404 8.50 -17.12 -10.01
N PRO E 405 8.23 -17.12 -8.68
CA PRO E 405 6.93 -16.91 -8.06
C PRO E 405 6.33 -15.49 -8.30
N ALA E 406 5.41 -15.39 -9.26
CA ALA E 406 4.58 -14.19 -9.48
C ALA E 406 3.14 -14.45 -8.99
N HIS E 407 2.64 -13.62 -8.08
CA HIS E 407 1.40 -13.92 -7.36
C HIS E 407 0.23 -12.96 -7.53
N PRO E 408 -0.99 -13.53 -7.71
CA PRO E 408 -2.30 -12.83 -7.49
C PRO E 408 -2.54 -12.28 -6.02
N GLU E 409 -3.74 -11.78 -5.68
CA GLU E 409 -4.02 -11.36 -4.26
C GLU E 409 -5.45 -11.43 -3.65
N SER E 410 -6.20 -10.32 -3.69
CA SER E 410 -7.54 -10.15 -3.09
C SER E 410 -7.49 -9.58 -1.70
N VAL E 411 -8.00 -8.36 -1.59
CA VAL E 411 -7.78 -7.48 -0.44
C VAL E 411 -8.01 -8.18 0.90
N SER E 412 -9.26 -8.52 1.17
CA SER E 412 -9.64 -9.13 2.44
C SER E 412 -8.56 -10.10 2.92
N ILE E 413 -8.14 -10.99 2.04
CA ILE E 413 -7.15 -11.98 2.38
C ILE E 413 -5.87 -11.34 2.90
N VAL E 414 -5.34 -10.40 2.13
CA VAL E 414 -4.03 -9.79 2.40
C VAL E 414 -4.02 -8.98 3.71
N LEU E 415 -5.16 -8.93 4.38
CA LEU E 415 -5.28 -8.25 5.67
C LEU E 415 -5.32 -9.30 6.74
N GLN E 416 -6.04 -10.35 6.45
CA GLN E 416 -6.24 -11.49 7.35
C GLN E 416 -5.00 -11.96 8.03
N ASP E 417 -3.96 -12.07 7.23
CA ASP E 417 -2.71 -12.68 7.62
C ASP E 417 -1.78 -11.71 8.36
N PRO E 418 -1.58 -10.47 7.84
CA PRO E 418 -1.08 -9.55 8.85
C PRO E 418 -2.21 -9.14 9.83
N LYS E 419 -2.85 -10.13 10.47
CA LYS E 419 -3.92 -9.93 11.48
C LYS E 419 -4.50 -11.22 12.07
N ARG E 420 -5.69 -11.08 12.64
CA ARG E 420 -6.38 -12.17 13.32
C ARG E 420 -7.56 -11.79 14.29
N PRO E 421 -7.96 -10.49 14.35
CA PRO E 421 -8.80 -10.03 15.46
C PRO E 421 -10.32 -10.18 15.23
N LEU E 422 -10.94 -9.11 14.75
CA LEU E 422 -12.36 -9.11 14.33
C LEU E 422 -12.57 -10.31 13.46
N THR E 423 -13.68 -11.01 13.69
CA THR E 423 -13.95 -12.13 12.85
C THR E 423 -15.43 -12.43 12.87
N TYR E 424 -16.15 -11.52 12.25
CA TYR E 424 -17.59 -11.54 12.22
C TYR E 424 -18.08 -12.83 11.61
N THR E 425 -19.32 -13.15 11.93
CA THR E 425 -20.13 -14.17 11.26
C THR E 425 -19.56 -14.83 10.04
N HIS E 426 -19.02 -13.96 9.17
CA HIS E 426 -18.72 -14.28 7.80
C HIS E 426 -17.28 -14.38 7.47
N LEU E 427 -16.86 -15.61 7.64
CA LEU E 427 -15.61 -16.02 7.21
C LEU E 427 -16.02 -16.77 5.99
N ARG E 428 -17.28 -17.16 5.96
CA ARG E 428 -17.90 -17.74 4.76
C ARG E 428 -17.49 -17.11 3.40
N ARG E 429 -17.10 -15.84 3.38
CA ARG E 429 -16.38 -15.34 2.24
C ARG E 429 -14.99 -15.70 2.53
N VAL E 430 -14.39 -14.92 3.44
CA VAL E 430 -12.96 -14.93 3.57
C VAL E 430 -12.33 -16.31 3.61
N TRP E 431 -12.91 -17.22 4.38
CA TRP E 431 -12.45 -18.57 4.46
C TRP E 431 -12.56 -19.21 3.09
N GLY E 432 -13.77 -19.47 2.58
CA GLY E 432 -13.98 -19.83 1.14
C GLY E 432 -12.85 -19.29 0.22
N GLN E 433 -12.66 -17.97 0.25
CA GLN E 433 -11.59 -17.30 -0.49
C GLN E 433 -10.20 -17.93 -0.33
N ILE E 434 -9.80 -18.14 0.92
CA ILE E 434 -8.44 -18.58 1.22
C ILE E 434 -8.11 -19.92 0.62
N TRP E 435 -9.03 -20.89 0.69
CA TRP E 435 -8.70 -22.15 -0.03
C TRP E 435 -8.78 -21.90 -1.53
N GLN E 436 -9.71 -21.06 -1.99
CA GLN E 436 -9.78 -20.95 -3.44
C GLN E 436 -8.42 -20.55 -4.04
N THR E 437 -7.70 -19.70 -3.30
CA THR E 437 -6.34 -19.28 -3.65
C THR E 437 -5.31 -20.37 -3.34
N ILE E 438 -5.48 -21.09 -2.26
CA ILE E 438 -4.70 -22.29 -2.13
C ILE E 438 -4.92 -23.18 -3.35
N ARG E 439 -6.18 -23.41 -3.75
CA ARG E 439 -6.56 -24.19 -4.95
C ARG E 439 -6.17 -23.52 -6.26
N ALA E 440 -6.13 -22.19 -6.29
CA ALA E 440 -5.58 -21.48 -7.45
C ALA E 440 -4.04 -21.67 -7.58
N LEU E 441 -3.41 -22.29 -6.59
CA LEU E 441 -1.98 -22.50 -6.68
C LEU E 441 -1.64 -23.88 -7.22
N LYS E 442 -2.32 -24.90 -6.71
CA LYS E 442 -2.27 -26.23 -7.30
C LYS E 442 -2.62 -26.20 -8.80
N GLU E 443 -3.71 -25.48 -9.15
CA GLU E 443 -4.02 -25.10 -10.54
C GLU E 443 -2.79 -24.53 -11.26
N ASP E 444 -2.05 -23.68 -10.56
CA ASP E 444 -0.91 -23.01 -11.16
C ASP E 444 0.38 -23.84 -11.22
N CYS E 445 0.89 -24.27 -10.06
CA CYS E 445 2.09 -25.13 -9.99
C CYS E 445 2.00 -26.28 -10.99
N ALA E 446 0.96 -27.10 -10.90
CA ALA E 446 0.80 -28.12 -11.90
C ALA E 446 0.39 -27.52 -13.31
N ARG E 447 0.84 -26.30 -13.76
CA ARG E 447 0.97 -25.77 -15.16
C ARG E 447 2.43 -25.54 -15.53
N LEU E 448 3.27 -25.40 -14.52
CA LEU E 448 4.72 -25.32 -14.72
C LEU E 448 5.34 -26.72 -14.72
N LEU E 449 4.66 -27.64 -14.07
CA LEU E 449 4.98 -29.04 -14.19
C LEU E 449 4.58 -29.49 -15.58
N GLN E 450 3.67 -28.74 -16.19
CA GLN E 450 3.39 -28.95 -17.58
C GLN E 450 4.59 -28.66 -18.43
N GLY E 451 4.96 -27.38 -18.54
CA GLY E 451 6.21 -27.00 -19.24
C GLY E 451 7.25 -28.12 -19.30
N GLN E 452 7.80 -28.44 -18.14
CA GLN E 452 8.84 -29.42 -18.02
C GLN E 452 8.50 -30.71 -18.68
N ARG E 453 7.48 -31.36 -18.17
CA ARG E 453 7.15 -32.65 -18.70
C ARG E 453 6.43 -32.57 -20.05
N THR E 454 6.76 -31.54 -20.84
CA THR E 454 6.66 -31.61 -22.30
C THR E 454 8.04 -31.44 -22.95
N SER E 455 8.91 -30.65 -22.33
CA SER E 455 10.24 -30.30 -22.86
C SER E 455 11.30 -31.37 -22.60
N MET E 456 10.92 -32.34 -21.77
CA MET E 456 11.71 -33.52 -21.47
C MET E 456 10.89 -34.76 -21.82
N VAL E 457 9.91 -34.55 -22.69
CA VAL E 457 9.30 -35.65 -23.44
C VAL E 457 9.43 -35.16 -24.89
N ASN E 458 10.45 -34.35 -25.08
CA ASN E 458 10.99 -34.08 -26.37
C ASN E 458 12.46 -34.52 -26.38
N LEU E 459 13.09 -34.44 -25.21
CA LEU E 459 14.42 -35.00 -24.95
C LEU E 459 14.35 -36.51 -25.01
N LEU E 460 13.57 -37.10 -24.10
CA LEU E 460 13.32 -38.55 -24.02
C LEU E 460 12.98 -39.15 -25.36
N ARG E 461 12.53 -38.32 -26.28
CA ARG E 461 12.37 -38.73 -27.66
C ARG E 461 13.72 -38.76 -28.34
N TYR E 462 14.20 -37.58 -28.74
CA TYR E 462 15.42 -37.49 -29.53
C TYR E 462 16.69 -37.75 -28.75
N ASN E 463 16.51 -38.41 -27.61
CA ASN E 463 17.57 -39.15 -26.99
C ASN E 463 17.45 -40.53 -27.59
N THR E 464 16.51 -41.32 -27.07
CA THR E 464 16.31 -42.70 -27.51
C THR E 464 16.37 -42.88 -29.01
N GLU E 465 15.54 -42.13 -29.71
CA GLU E 465 15.31 -42.30 -31.16
C GLU E 465 16.54 -42.12 -32.05
N LEU E 466 17.34 -41.09 -31.77
CA LEU E 466 18.60 -40.95 -32.48
C LEU E 466 19.68 -41.80 -31.80
N SER E 467 19.93 -41.52 -30.51
CA SER E 467 21.00 -42.18 -29.77
C SER E 467 20.71 -43.62 -29.30
N LYS E 468 20.11 -44.40 -30.20
CA LYS E 468 20.16 -45.84 -30.11
C LYS E 468 20.63 -46.37 -31.44
N LYS E 469 20.14 -45.75 -32.51
CA LYS E 469 20.63 -46.06 -33.85
C LYS E 469 22.12 -45.76 -33.99
N LYS E 470 22.61 -44.75 -33.27
CA LYS E 470 24.02 -44.45 -33.30
C LYS E 470 24.77 -45.39 -32.36
N ASN E 471 24.04 -46.26 -31.67
CA ASN E 471 24.67 -47.37 -30.97
C ASN E 471 24.52 -48.69 -31.69
N SER E 472 24.47 -48.54 -33.02
CA SER E 472 24.73 -49.59 -34.00
C SER E 472 25.99 -49.19 -34.75
N MET E 473 26.08 -47.89 -35.07
CA MET E 473 27.28 -47.31 -35.65
C MET E 473 28.49 -47.57 -34.76
N THR E 474 28.25 -48.08 -33.56
CA THR E 474 29.35 -48.42 -32.69
C THR E 474 29.20 -49.87 -32.15
N SER E 475 28.51 -50.67 -32.94
CA SER E 475 28.68 -52.12 -32.95
C SER E 475 29.53 -52.41 -34.16
N GLU E 476 29.38 -51.58 -35.18
CA GLU E 476 30.25 -51.59 -36.36
C GLU E 476 31.71 -51.43 -35.99
N CYS E 477 32.02 -50.63 -34.98
CA CYS E 477 33.36 -50.44 -34.53
C CYS E 477 33.92 -51.71 -33.89
N GLU E 478 33.08 -52.48 -33.22
CA GLU E 478 33.63 -53.60 -32.45
C GLU E 478 33.74 -54.86 -33.25
N GLN E 479 33.34 -54.76 -34.51
CA GLN E 479 33.62 -55.76 -35.53
C GLN E 479 34.96 -55.43 -36.21
N LEU E 480 35.08 -54.16 -36.62
CA LEU E 480 36.25 -53.72 -37.33
C LEU E 480 37.42 -53.80 -36.39
N LYS E 481 37.17 -53.88 -35.09
CA LYS E 481 38.27 -54.07 -34.14
C LYS E 481 38.79 -55.50 -34.07
N ALA E 482 37.99 -56.36 -33.49
CA ALA E 482 38.29 -57.78 -33.51
C ALA E 482 38.66 -58.32 -34.93
N LYS E 483 38.07 -57.74 -35.98
CA LYS E 483 38.45 -58.07 -37.34
C LYS E 483 39.86 -57.54 -37.69
N LEU E 484 40.15 -56.29 -37.39
CA LEU E 484 41.51 -55.82 -37.46
C LEU E 484 42.48 -56.79 -36.80
N ASP E 485 41.98 -57.74 -36.01
CA ASP E 485 42.88 -58.66 -35.30
C ASP E 485 43.38 -59.91 -35.98
N PHE E 486 42.54 -60.60 -36.73
CA PHE E 486 43.05 -61.66 -37.62
C PHE E 486 44.34 -61.09 -38.24
N PHE E 487 44.36 -59.77 -38.37
CA PHE E 487 45.43 -59.11 -39.04
C PHE E 487 46.56 -58.71 -38.13
N ARG E 488 46.43 -59.05 -36.86
CA ARG E 488 47.56 -59.00 -35.99
C ARG E 488 48.25 -60.35 -36.09
N SER E 489 47.48 -61.39 -36.38
CA SER E 489 48.11 -62.68 -36.64
C SER E 489 48.73 -62.67 -38.05
N SER E 490 47.87 -62.70 -39.09
CA SER E 490 48.29 -62.58 -40.51
C SER E 490 49.67 -61.94 -40.73
N ILE E 491 49.86 -60.72 -40.24
CA ILE E 491 51.10 -60.00 -40.52
C ILE E 491 52.08 -60.04 -39.34
N GLN E 492 51.78 -60.86 -38.34
CA GLN E 492 52.86 -61.30 -37.45
C GLN E 492 53.34 -62.73 -37.81
N ILE E 493 52.42 -63.72 -37.84
CA ILE E 493 52.72 -65.10 -38.26
C ILE E 493 53.60 -65.17 -39.51
N ASP E 494 53.32 -64.31 -40.48
CA ASP E 494 54.17 -64.15 -41.65
C ASP E 494 55.54 -63.69 -41.22
N LEU E 495 55.60 -62.49 -40.67
CA LEU E 495 56.83 -61.91 -40.19
C LEU E 495 57.54 -62.78 -39.15
N GLU E 496 56.92 -63.89 -38.76
CA GLU E 496 57.53 -64.82 -37.85
C GLU E 496 58.19 -65.96 -38.61
N LYS E 497 57.73 -66.21 -39.83
CA LYS E 497 58.36 -67.26 -40.61
C LYS E 497 59.31 -66.73 -41.71
N TYR E 498 59.35 -65.42 -41.94
CA TYR E 498 60.35 -64.85 -42.83
C TYR E 498 61.65 -64.69 -42.04
N SER E 499 61.62 -65.13 -40.79
CA SER E 499 62.86 -65.38 -40.06
C SER E 499 63.22 -66.87 -40.09
N GLU E 500 62.33 -67.68 -40.65
CA GLU E 500 62.68 -69.03 -41.08
C GLU E 500 63.48 -69.00 -42.37
N GLN E 501 63.93 -67.82 -42.77
CA GLN E 501 64.69 -67.66 -44.00
C GLN E 501 66.12 -67.24 -43.75
N MET E 502 66.99 -68.23 -43.91
CA MET E 502 68.43 -68.06 -44.08
C MET E 502 68.85 -69.00 -45.22
N GLU E 503 67.96 -69.92 -45.56
CA GLU E 503 68.15 -70.91 -46.63
C GLU E 503 67.39 -70.47 -47.89
N PHE E 504 67.57 -69.19 -48.22
CA PHE E 504 67.09 -68.50 -49.44
C PHE E 504 65.68 -67.83 -49.38
N GLY E 505 65.23 -67.32 -50.53
CA GLY E 505 64.00 -66.55 -50.61
C GLY E 505 64.19 -65.22 -49.94
N ILE E 506 65.10 -65.17 -48.97
CA ILE E 506 65.30 -64.07 -48.01
C ILE E 506 65.78 -62.69 -48.46
N THR E 507 66.30 -62.51 -49.69
CA THR E 507 66.86 -61.19 -50.08
C THR E 507 65.84 -60.05 -49.81
N SER E 508 65.80 -59.03 -50.66
CA SER E 508 64.93 -57.83 -50.48
C SER E 508 65.15 -57.04 -49.16
N GLU E 509 64.77 -57.65 -48.02
CA GLU E 509 64.76 -57.02 -46.68
C GLU E 509 63.87 -55.79 -46.60
N LYS E 510 63.61 -55.20 -47.76
CA LYS E 510 62.61 -54.12 -47.94
C LYS E 510 61.19 -54.65 -47.74
N LEU E 511 61.00 -55.94 -48.03
CA LEU E 511 59.72 -56.65 -47.80
C LEU E 511 59.84 -57.45 -46.50
N LEU E 512 60.59 -56.87 -45.55
CA LEU E 512 60.66 -57.29 -44.16
C LEU E 512 60.76 -56.03 -43.33
N SER E 513 61.33 -54.99 -43.91
CA SER E 513 61.31 -53.67 -43.30
C SER E 513 59.97 -53.00 -43.55
N ALA E 514 59.41 -53.19 -44.73
CA ALA E 514 58.10 -52.63 -45.10
C ALA E 514 56.98 -53.34 -44.36
N TRP E 515 57.26 -54.56 -43.92
CA TRP E 515 56.41 -55.26 -42.99
C TRP E 515 56.60 -54.68 -41.62
N ARG E 516 57.84 -54.47 -41.23
CA ARG E 516 58.15 -53.86 -39.92
C ARG E 516 57.46 -52.55 -39.68
N GLU E 517 57.38 -51.75 -40.73
CA GLU E 517 56.82 -50.40 -40.68
C GLU E 517 55.30 -50.43 -40.71
N MET E 518 54.75 -51.52 -41.25
CA MET E 518 53.32 -51.72 -41.30
C MET E 518 52.88 -52.84 -40.36
N GLU E 519 53.86 -53.53 -39.78
CA GLU E 519 53.60 -54.29 -38.58
C GLU E 519 52.84 -53.29 -37.73
N GLN E 520 53.51 -52.18 -37.41
CA GLN E 520 53.09 -51.23 -36.40
C GLN E 520 52.48 -49.93 -36.91
N ALA E 521 52.36 -49.76 -38.22
CA ALA E 521 51.53 -48.70 -38.75
C ALA E 521 50.09 -49.03 -38.39
N VAL E 522 49.70 -50.28 -38.61
CA VAL E 522 48.35 -50.76 -38.33
C VAL E 522 48.15 -51.30 -36.90
N GLU E 523 49.26 -51.67 -36.25
CA GLU E 523 49.24 -52.24 -34.89
C GLU E 523 48.52 -51.36 -33.88
N LEU E 524 48.29 -50.12 -34.27
CA LEU E 524 47.66 -49.13 -33.42
C LEU E 524 46.85 -48.15 -34.29
N CYS E 525 45.94 -48.72 -35.07
CA CYS E 525 45.14 -48.03 -36.10
C CYS E 525 43.68 -47.94 -35.76
N GLY E 526 43.21 -48.98 -35.07
CA GLY E 526 41.82 -49.10 -34.70
C GLY E 526 41.42 -48.04 -33.68
N ARG E 527 40.79 -46.98 -34.17
CA ARG E 527 40.26 -45.94 -33.29
C ARG E 527 38.98 -46.44 -32.63
N GLU E 528 39.14 -47.03 -31.45
CA GLU E 528 38.06 -47.71 -30.76
C GLU E 528 37.73 -46.94 -29.54
N ARG E 529 38.85 -46.45 -28.93
CA ARG E 529 38.87 -45.70 -27.67
C ARG E 529 37.76 -44.66 -27.59
N GLU E 530 37.05 -44.48 -28.70
CA GLU E 530 35.75 -43.81 -28.69
C GLU E 530 34.77 -44.51 -27.78
N VAL E 531 35.03 -45.79 -27.50
CA VAL E 531 34.26 -46.64 -26.60
C VAL E 531 33.77 -46.00 -25.29
N GLN E 532 34.40 -44.90 -24.89
CA GLN E 532 33.96 -44.09 -23.74
C GLN E 532 33.05 -42.91 -24.15
N ALA E 533 33.55 -42.00 -24.98
CA ALA E 533 32.73 -40.91 -25.57
C ALA E 533 31.54 -41.47 -26.36
N LEU E 534 31.56 -42.78 -26.57
CA LEU E 534 30.40 -43.56 -26.94
C LEU E 534 29.61 -43.79 -25.63
N VAL E 535 30.03 -44.76 -24.81
CA VAL E 535 29.32 -45.16 -23.59
C VAL E 535 29.13 -44.07 -22.55
N ASP E 536 30.21 -43.40 -22.18
CA ASP E 536 30.17 -42.33 -21.18
C ASP E 536 29.04 -41.31 -21.48
N LYS E 537 29.15 -40.64 -22.62
CA LYS E 537 28.21 -39.59 -23.00
C LYS E 537 26.95 -40.19 -23.63
N MET E 538 26.80 -41.49 -23.51
CA MET E 538 25.55 -42.17 -23.82
C MET E 538 24.78 -42.39 -22.53
N MET E 539 25.51 -42.79 -21.48
CA MET E 539 24.92 -43.03 -20.17
C MET E 539 24.65 -41.72 -19.44
N ALA E 540 25.15 -40.62 -19.99
CA ALA E 540 24.78 -39.29 -19.50
C ALA E 540 23.27 -39.09 -19.60
N LEU E 541 22.69 -39.49 -20.73
CA LEU E 541 21.31 -39.14 -21.05
C LEU E 541 20.28 -40.27 -20.94
N GLN E 542 20.73 -41.50 -20.71
CA GLN E 542 19.80 -42.59 -20.40
C GLN E 542 19.80 -42.85 -18.90
N THR E 543 20.38 -41.90 -18.16
CA THR E 543 20.23 -41.81 -16.72
C THR E 543 19.74 -40.42 -16.34
N ASP E 544 20.08 -39.40 -17.10
CA ASP E 544 19.57 -38.07 -16.79
C ASP E 544 18.18 -37.81 -17.32
N SER E 545 17.82 -38.43 -18.44
CA SER E 545 16.42 -38.39 -18.90
C SER E 545 15.54 -39.39 -18.16
N VAL E 546 16.11 -40.05 -17.14
CA VAL E 546 15.37 -40.97 -16.29
C VAL E 546 15.16 -40.37 -14.91
N ASP E 547 15.86 -39.29 -14.61
CA ASP E 547 15.64 -38.57 -13.37
C ASP E 547 14.41 -37.71 -13.47
N LEU E 548 14.19 -37.23 -14.68
CA LEU E 548 13.15 -36.26 -14.93
C LEU E 548 11.87 -36.94 -15.41
N GLN E 549 12.00 -38.09 -16.07
CA GLN E 549 10.81 -38.85 -16.45
C GLN E 549 10.09 -39.40 -15.20
N ARG E 550 10.77 -39.36 -14.04
CA ARG E 550 10.17 -39.72 -12.75
C ARG E 550 9.33 -38.58 -12.19
N ASN E 551 9.88 -37.85 -11.21
CA ASN E 551 9.34 -36.53 -10.80
C ASN E 551 8.38 -36.37 -9.61
N PRO E 552 8.75 -35.49 -8.66
CA PRO E 552 7.76 -34.87 -7.77
C PRO E 552 7.15 -33.63 -8.42
N THR E 560 3.08 -32.38 -0.07
CA THR E 560 2.04 -31.93 0.83
C THR E 560 1.56 -30.53 0.47
N LEU E 561 1.70 -30.09 -0.78
CA LEU E 561 0.84 -28.97 -1.16
C LEU E 561 -0.54 -29.59 -1.24
N ASP E 562 -0.65 -30.68 -1.99
CA ASP E 562 -1.96 -31.27 -2.26
C ASP E 562 -2.68 -31.82 -1.03
N ASP E 563 -1.88 -32.25 -0.07
CA ASP E 563 -2.37 -32.62 1.24
C ASP E 563 -2.90 -31.40 2.03
N LEU E 564 -2.24 -30.26 1.89
CA LEU E 564 -2.61 -29.07 2.64
C LEU E 564 -3.92 -28.50 2.13
N GLU E 565 -4.15 -28.59 0.82
CA GLU E 565 -5.42 -28.11 0.27
C GLU E 565 -6.59 -29.06 0.49
N GLU E 566 -6.28 -30.33 0.75
CA GLU E 566 -7.30 -31.25 1.25
C GLU E 566 -7.63 -30.98 2.73
N GLN E 567 -6.75 -30.26 3.42
CA GLN E 567 -6.89 -29.97 4.84
C GLN E 567 -7.45 -28.57 5.05
N ALA E 568 -7.16 -27.70 4.10
CA ALA E 568 -7.89 -26.46 3.98
C ALA E 568 -9.24 -26.74 3.27
N ARG E 569 -9.42 -27.97 2.77
CA ARG E 569 -10.73 -28.36 2.25
C ARG E 569 -11.77 -28.40 3.35
N ASP E 570 -11.43 -29.07 4.43
CA ASP E 570 -12.39 -29.34 5.50
C ASP E 570 -12.54 -28.13 6.37
N LEU E 571 -11.45 -27.47 6.73
CA LEU E 571 -11.60 -26.32 7.59
C LEU E 571 -12.54 -25.32 6.97
N TYR E 572 -12.43 -25.11 5.65
CA TYR E 572 -13.29 -24.15 4.91
C TYR E 572 -14.62 -24.79 4.47
N ARG E 573 -14.81 -26.03 4.96
CA ARG E 573 -16.05 -26.79 4.84
C ARG E 573 -16.71 -26.98 6.21
N ARG E 574 -15.92 -27.42 7.19
CA ARG E 574 -16.41 -27.63 8.56
C ARG E 574 -16.95 -26.35 9.19
N LEU E 575 -16.61 -25.21 8.62
CA LEU E 575 -17.09 -23.93 9.08
C LEU E 575 -18.50 -23.68 8.56
N ARG E 576 -18.75 -24.13 7.34
CA ARG E 576 -20.07 -24.05 6.72
C ARG E 576 -20.90 -25.22 7.14
N GLU E 577 -20.24 -26.23 7.69
CA GLU E 577 -20.94 -27.37 8.29
C GLU E 577 -21.30 -27.13 9.76
N ARG E 578 -20.62 -26.17 10.40
CA ARG E 578 -20.85 -25.79 11.80
C ARG E 578 -22.31 -25.41 12.04
N PRO E 579 -23.13 -26.39 12.50
CA PRO E 579 -24.58 -26.33 12.31
C PRO E 579 -25.23 -25.22 13.11
N ARG E 580 -26.02 -24.41 12.42
CA ARG E 580 -26.77 -23.31 13.02
C ARG E 580 -25.94 -22.48 14.03
N ASP E 581 -26.52 -22.09 15.15
CA ASP E 581 -25.93 -21.10 16.06
C ASP E 581 -24.57 -21.44 16.67
N GLN E 582 -23.51 -20.85 16.14
CA GLN E 582 -22.24 -20.66 16.86
C GLN E 582 -21.58 -19.44 16.26
N ARG E 583 -21.86 -19.25 14.98
CA ARG E 583 -21.17 -18.31 14.13
C ARG E 583 -20.18 -17.41 14.88
N THR E 584 -20.56 -16.18 15.21
CA THR E 584 -19.62 -15.11 15.66
C THR E 584 -18.20 -15.41 16.09
N PRO E 585 -18.00 -16.14 17.22
CA PRO E 585 -16.67 -16.34 17.81
C PRO E 585 -15.53 -16.19 16.79
N GLY E 586 -15.05 -14.95 16.66
CA GLY E 586 -14.24 -14.53 15.53
C GLY E 586 -12.76 -14.86 15.44
N ASP E 587 -12.40 -15.91 14.69
CA ASP E 587 -11.01 -16.30 14.51
C ASP E 587 -10.54 -16.34 13.04
N SER E 588 -9.80 -15.30 12.63
CA SER E 588 -9.16 -15.28 11.32
C SER E 588 -8.39 -16.59 11.20
N ASN E 589 -7.23 -16.62 11.85
CA ASN E 589 -6.71 -17.84 12.44
C ASN E 589 -5.80 -18.71 11.60
N ASP E 590 -5.82 -19.99 11.95
CA ASP E 590 -5.05 -21.05 11.33
C ASP E 590 -5.50 -21.27 9.90
N MET E 591 -6.46 -20.46 9.49
CA MET E 591 -6.84 -20.44 8.12
C MET E 591 -5.95 -19.51 7.36
N VAL E 592 -5.00 -19.01 8.13
CA VAL E 592 -3.86 -18.32 7.62
C VAL E 592 -2.67 -19.30 7.72
N ARG E 593 -2.59 -20.09 8.80
CA ARG E 593 -1.58 -21.16 8.84
C ARG E 593 -1.62 -21.93 7.51
N LEU E 594 -2.77 -22.53 7.19
CA LEU E 594 -2.88 -23.35 6.01
C LEU E 594 -2.69 -22.58 4.71
N LEU E 595 -2.50 -21.27 4.79
CA LEU E 595 -2.17 -20.52 3.61
C LEU E 595 -0.69 -20.27 3.59
N ILE E 596 -0.12 -19.78 4.70
CA ILE E 596 1.33 -19.56 4.79
C ILE E 596 2.09 -20.79 4.23
N LEU E 597 1.73 -21.97 4.74
CA LEU E 597 2.40 -23.18 4.34
C LEU E 597 2.19 -23.42 2.87
N ALA E 598 0.93 -23.36 2.43
CA ALA E 598 0.58 -23.48 1.03
C ALA E 598 1.08 -22.29 0.15
N ILE E 599 2.03 -21.53 0.67
CA ILE E 599 2.84 -20.69 -0.17
C ILE E 599 4.18 -21.40 -0.31
N GLN E 600 4.84 -21.66 0.83
CA GLN E 600 6.18 -22.29 0.83
C GLN E 600 6.24 -23.56 0.02
N SER E 601 5.31 -24.46 0.31
CA SER E 601 5.25 -25.70 -0.44
C SER E 601 4.79 -25.51 -1.90
N PHE E 602 4.25 -24.33 -2.24
CA PHE E 602 4.10 -23.97 -3.65
C PHE E 602 5.39 -23.39 -4.17
N GLU E 603 5.82 -22.32 -3.53
CA GLU E 603 7.08 -21.62 -3.80
C GLU E 603 8.25 -22.61 -4.08
N LYS E 604 8.37 -23.61 -3.21
CA LYS E 604 9.45 -24.60 -3.26
C LYS E 604 9.24 -25.68 -4.30
N ARG E 605 7.99 -26.03 -4.57
CA ARG E 605 7.68 -26.88 -5.69
C ARG E 605 7.79 -26.12 -7.01
N VAL E 606 8.30 -24.90 -6.95
CA VAL E 606 8.52 -24.15 -8.18
C VAL E 606 9.98 -23.82 -8.38
N ILE E 607 10.79 -23.93 -7.32
CA ILE E 607 12.21 -24.04 -7.60
C ILE E 607 12.47 -25.42 -8.17
N LEU E 608 12.03 -26.42 -7.44
CA LEU E 608 12.39 -27.77 -7.80
C LEU E 608 12.04 -27.99 -9.23
N ILE E 609 10.82 -27.58 -9.60
CA ILE E 609 10.45 -27.60 -11.01
C ILE E 609 11.45 -26.90 -11.91
N TYR E 610 11.70 -25.62 -11.65
CA TYR E 610 12.58 -24.84 -12.53
C TYR E 610 14.05 -25.33 -12.61
N ASP E 611 14.56 -25.77 -11.46
CA ASP E 611 15.85 -26.41 -11.32
C ASP E 611 15.92 -27.52 -12.34
N GLN E 612 14.79 -28.17 -12.44
CA GLN E 612 14.80 -29.41 -13.12
C GLN E 612 14.12 -29.29 -14.50
N LEU E 613 13.80 -28.06 -14.92
CA LEU E 613 13.52 -27.80 -16.34
C LEU E 613 14.86 -27.57 -17.00
N SER E 614 15.62 -26.63 -16.44
CA SER E 614 17.02 -26.38 -16.82
C SER E 614 17.76 -27.68 -17.15
N LYS E 615 17.72 -28.62 -16.22
CA LYS E 615 18.46 -29.86 -16.33
C LYS E 615 18.13 -30.55 -17.64
N THR E 616 16.86 -30.47 -18.05
CA THR E 616 16.41 -31.09 -19.29
C THR E 616 16.47 -30.17 -20.51
N VAL E 617 17.28 -29.13 -20.44
CA VAL E 617 17.82 -28.47 -21.63
C VAL E 617 19.36 -28.66 -21.64
N VAL E 618 19.97 -28.80 -20.45
CA VAL E 618 21.37 -29.28 -20.33
C VAL E 618 21.58 -30.47 -21.29
N CYS E 619 20.64 -31.41 -21.19
CA CYS E 619 20.75 -32.67 -21.87
C CYS E 619 20.42 -32.56 -23.34
N LYS E 620 19.36 -31.83 -23.68
CA LYS E 620 19.07 -31.49 -25.07
C LYS E 620 20.31 -31.06 -25.87
N ARG E 621 21.08 -30.13 -25.33
CA ARG E 621 22.28 -29.62 -26.02
C ARG E 621 23.31 -30.71 -26.18
N LYS E 622 23.68 -31.31 -25.05
CA LYS E 622 24.67 -32.37 -25.06
C LYS E 622 24.28 -33.47 -26.01
N ALA E 623 23.01 -33.85 -26.04
CA ALA E 623 22.51 -34.81 -27.04
C ALA E 623 22.32 -34.26 -28.46
N LEU E 624 22.77 -33.04 -28.71
CA LEU E 624 22.87 -32.56 -30.08
C LEU E 624 24.31 -32.32 -30.53
N GLU E 625 25.24 -32.37 -29.57
CA GLU E 625 26.69 -32.33 -29.83
C GLU E 625 27.28 -33.73 -29.81
N LEU E 626 26.96 -34.49 -28.77
CA LEU E 626 27.44 -35.85 -28.67
C LEU E 626 26.71 -36.75 -29.62
N SER E 627 26.00 -36.17 -30.59
CA SER E 627 25.56 -36.95 -31.72
C SER E 627 26.52 -36.83 -32.92
N PRO E 628 26.58 -35.67 -33.61
CA PRO E 628 27.28 -35.73 -34.90
C PRO E 628 28.78 -36.06 -34.82
N LYS E 629 29.36 -35.98 -33.62
CA LYS E 629 30.71 -36.51 -33.36
C LYS E 629 30.65 -38.01 -33.60
N VAL E 630 29.98 -38.70 -32.69
CA VAL E 630 29.92 -40.14 -32.76
C VAL E 630 28.92 -40.63 -33.84
N LYS E 631 28.77 -39.80 -34.88
CA LYS E 631 28.10 -40.17 -36.12
C LYS E 631 29.12 -40.07 -37.24
N GLU E 632 29.53 -38.83 -37.52
CA GLU E 632 30.49 -38.53 -38.57
C GLU E 632 31.89 -39.02 -38.21
N VAL E 633 32.37 -38.76 -36.98
CA VAL E 633 33.72 -39.18 -36.58
C VAL E 633 33.82 -40.71 -36.69
N MET E 634 32.68 -41.40 -36.76
CA MET E 634 32.67 -42.86 -36.89
C MET E 634 32.27 -43.33 -38.26
N ASN E 635 32.06 -42.36 -39.13
CA ASN E 635 32.14 -42.54 -40.56
C ASN E 635 33.63 -42.76 -40.91
N LEU E 636 34.46 -41.81 -40.48
CA LEU E 636 35.89 -41.86 -40.71
C LEU E 636 36.50 -43.12 -40.14
N MET E 637 36.23 -43.39 -38.87
CA MET E 637 36.62 -44.66 -38.25
C MET E 637 36.49 -45.81 -39.24
N ARG E 638 35.34 -45.94 -39.90
CA ARG E 638 35.08 -47.07 -40.78
C ARG E 638 36.09 -47.25 -41.94
N GLU E 639 36.46 -46.26 -42.73
CA GLU E 639 37.30 -46.46 -43.93
C GLU E 639 38.79 -46.46 -43.57
N ASP E 640 39.15 -45.63 -42.59
CA ASP E 640 40.51 -45.58 -42.07
C ASP E 640 40.69 -46.56 -40.90
N GLU E 641 40.06 -47.68 -41.14
CA GLU E 641 40.44 -48.96 -40.65
C GLU E 641 40.24 -49.90 -41.85
N LYS E 642 39.17 -49.68 -42.61
CA LYS E 642 38.87 -50.54 -43.75
C LYS E 642 39.89 -50.49 -44.90
N ILE E 643 40.36 -49.30 -45.29
CA ILE E 643 41.47 -49.25 -46.26
C ILE E 643 42.74 -49.78 -45.59
N VAL E 644 42.92 -49.41 -44.33
CA VAL E 644 44.01 -49.93 -43.50
C VAL E 644 43.73 -51.40 -43.07
N VAL E 645 43.02 -52.12 -43.96
CA VAL E 645 42.94 -53.59 -44.05
C VAL E 645 42.50 -53.98 -45.49
N ARG E 646 42.81 -53.10 -46.43
CA ARG E 646 42.78 -53.44 -47.84
C ARG E 646 44.20 -53.60 -48.30
N ARG E 647 45.15 -53.09 -47.51
CA ARG E 647 46.55 -53.23 -47.83
C ARG E 647 47.19 -54.52 -47.31
N GLN E 648 46.36 -55.50 -46.90
CA GLN E 648 46.88 -56.72 -46.27
C GLN E 648 46.78 -57.81 -47.24
N GLU E 649 45.91 -57.58 -48.20
CA GLU E 649 45.76 -58.45 -49.35
C GLU E 649 46.97 -58.25 -50.23
N LYS E 650 47.44 -57.00 -50.30
CA LYS E 650 48.63 -56.69 -51.04
C LYS E 650 49.93 -56.82 -50.23
N ARG E 651 49.84 -57.43 -49.05
CA ARG E 651 51.03 -57.75 -48.23
C ARG E 651 51.25 -59.22 -48.15
N GLN E 652 50.27 -59.90 -48.73
CA GLN E 652 50.44 -61.27 -49.12
C GLN E 652 50.71 -61.27 -50.61
N GLN E 653 50.19 -60.26 -51.32
CA GLN E 653 50.41 -60.18 -52.75
C GLN E 653 51.87 -60.41 -52.97
N GLU E 654 52.67 -59.78 -52.11
CA GLU E 654 54.08 -59.78 -52.29
C GLU E 654 54.92 -60.79 -51.46
N LEU E 655 54.26 -61.62 -50.64
CA LEU E 655 54.84 -62.89 -50.17
C LEU E 655 54.58 -63.91 -51.24
N TRP E 656 53.38 -63.81 -51.80
CA TRP E 656 52.90 -64.66 -52.86
C TRP E 656 53.61 -64.37 -54.20
N ASN E 657 54.10 -63.13 -54.38
CA ASN E 657 54.98 -62.74 -55.49
C ASN E 657 56.46 -63.11 -55.22
N LEU E 658 56.92 -62.91 -53.97
CA LEU E 658 58.17 -63.50 -53.47
C LEU E 658 58.32 -65.02 -53.75
N LEU E 659 57.22 -65.75 -53.97
CA LEU E 659 57.32 -67.15 -54.37
C LEU E 659 57.69 -67.26 -55.82
N LYS E 660 56.99 -66.51 -56.67
CA LYS E 660 57.32 -66.46 -58.11
C LYS E 660 58.59 -65.63 -58.45
N ILE E 661 59.54 -65.65 -57.50
CA ILE E 661 60.94 -65.19 -57.67
C ILE E 661 61.90 -66.37 -57.41
N ALA E 662 62.00 -66.78 -56.14
CA ALA E 662 62.74 -67.99 -55.75
C ALA E 662 62.17 -69.24 -56.46
N CYS E 663 61.51 -69.02 -57.60
CA CYS E 663 60.93 -70.06 -58.44
C CYS E 663 61.16 -69.88 -59.94
N SER E 664 61.11 -68.64 -60.42
CA SER E 664 61.56 -68.34 -61.78
C SER E 664 63.10 -68.42 -61.87
N LYS E 665 63.76 -68.31 -60.71
CA LYS E 665 65.21 -68.45 -60.61
C LYS E 665 65.63 -69.87 -60.20
N VAL E 666 65.08 -70.86 -60.90
CA VAL E 666 65.45 -72.27 -60.79
C VAL E 666 65.11 -72.93 -62.10
N ARG E 667 63.98 -72.53 -62.66
CA ARG E 667 63.58 -72.94 -64.00
C ARG E 667 64.52 -72.33 -65.03
N GLU F 17 5.35 -18.58 37.48
CA GLU F 17 3.99 -19.20 37.54
C GLU F 17 3.80 -20.41 36.60
N MET F 18 2.53 -20.69 36.21
CA MET F 18 2.13 -21.93 35.53
C MET F 18 0.96 -21.82 34.49
N LYS F 19 0.55 -22.95 33.88
CA LYS F 19 -0.28 -22.96 32.62
C LYS F 19 -1.79 -23.31 32.66
N GLU F 20 -2.14 -24.57 32.36
CA GLU F 20 -3.54 -24.95 32.08
C GLU F 20 -4.08 -26.24 32.76
N ARG F 21 -5.12 -26.84 32.16
CA ARG F 21 -5.91 -27.92 32.80
C ARG F 21 -6.07 -29.22 32.00
N LEU F 22 -6.42 -30.29 32.72
CA LEU F 22 -6.72 -31.60 32.12
C LEU F 22 -8.13 -32.10 32.49
N GLY F 23 -8.24 -33.38 32.89
CA GLY F 23 -9.52 -34.02 33.29
C GLY F 23 -9.79 -34.09 34.80
N THR F 24 -10.92 -34.70 35.21
CA THR F 24 -11.39 -34.68 36.62
C THR F 24 -11.83 -36.03 37.22
N GLY F 25 -11.27 -36.37 38.38
CA GLY F 25 -11.71 -37.56 39.10
C GLY F 25 -10.80 -37.98 40.22
N GLY F 26 -11.27 -38.91 41.05
CA GLY F 26 -10.52 -39.42 42.20
C GLY F 26 -10.77 -38.56 43.43
N PHE F 27 -9.84 -37.64 43.67
CA PHE F 27 -10.03 -36.59 44.66
C PHE F 27 -9.81 -35.21 44.03
N GLY F 28 -10.23 -35.05 42.78
CA GLY F 28 -10.23 -33.73 42.15
C GLY F 28 -9.54 -33.61 40.81
N TYR F 29 -8.64 -32.65 40.74
CA TYR F 29 -8.19 -32.15 39.45
C TYR F 29 -6.86 -32.68 38.92
N VAL F 30 -6.76 -32.68 37.59
CA VAL F 30 -5.53 -32.95 36.87
C VAL F 30 -5.25 -31.66 36.07
N LEU F 31 -4.01 -31.20 36.12
CA LEU F 31 -3.65 -29.89 35.58
C LEU F 31 -2.31 -29.89 34.82
N ARG F 32 -2.31 -29.27 33.64
CA ARG F 32 -1.11 -29.17 32.80
C ARG F 32 -0.34 -27.86 33.01
N TRP F 33 0.00 -27.58 34.27
CA TRP F 33 0.77 -26.38 34.61
C TRP F 33 2.19 -26.47 34.05
N ILE F 34 2.82 -25.32 33.82
CA ILE F 34 4.19 -25.25 33.25
C ILE F 34 4.98 -24.07 33.83
N HIS F 35 6.26 -24.29 34.11
CA HIS F 35 7.22 -23.19 34.14
C HIS F 35 7.37 -22.70 32.67
N GLN F 36 6.57 -21.69 32.30
CA GLN F 36 6.29 -21.31 30.89
C GLN F 36 7.47 -20.75 30.11
N ASP F 37 8.46 -21.62 29.90
CA ASP F 37 9.79 -21.25 29.47
C ASP F 37 10.60 -22.53 29.58
N THR F 38 10.95 -23.13 28.44
CA THR F 38 11.49 -24.51 28.36
C THR F 38 10.36 -25.55 28.30
N GLY F 39 9.16 -25.14 28.73
CA GLY F 39 7.95 -25.98 28.67
C GLY F 39 7.99 -27.20 29.57
N GLU F 40 7.92 -26.97 30.89
CA GLU F 40 7.91 -28.06 31.87
C GLU F 40 6.50 -28.65 32.04
N GLN F 41 6.17 -29.64 31.22
CA GLN F 41 4.82 -30.22 31.17
C GLN F 41 4.48 -31.14 32.37
N VAL F 42 4.15 -30.54 33.52
CA VAL F 42 3.80 -31.31 34.73
C VAL F 42 2.29 -31.47 34.94
N ALA F 43 1.91 -32.64 35.48
CA ALA F 43 0.51 -32.93 35.84
C ALA F 43 0.28 -32.63 37.31
N ILE F 44 -0.89 -32.09 37.65
CA ILE F 44 -1.17 -31.70 39.03
C ILE F 44 -2.50 -32.24 39.55
N LYS F 45 -2.43 -33.28 40.39
CA LYS F 45 -3.60 -33.80 41.09
C LYS F 45 -3.67 -33.18 42.49
N GLN F 46 -4.55 -32.20 42.65
CA GLN F 46 -4.77 -31.57 43.94
C GLN F 46 -5.88 -32.28 44.70
N CYS F 47 -6.38 -31.65 45.76
CA CYS F 47 -7.33 -32.31 46.67
C CYS F 47 -8.73 -31.71 46.62
N ARG F 48 -9.67 -32.41 47.26
CA ARG F 48 -11.09 -32.07 47.22
C ARG F 48 -11.64 -31.78 48.62
N GLN F 49 -11.88 -30.50 48.87
CA GLN F 49 -12.68 -29.99 50.00
C GLN F 49 -12.78 -30.88 51.27
N GLU F 50 -11.63 -31.29 51.80
CA GLU F 50 -11.57 -32.11 53.03
C GLU F 50 -12.28 -33.45 52.96
N LEU F 51 -11.79 -34.37 53.77
CA LEU F 51 -12.42 -35.68 53.91
C LEU F 51 -12.20 -36.16 55.34
N SER F 52 -12.73 -37.33 55.67
CA SER F 52 -12.43 -38.00 56.94
C SER F 52 -10.90 -38.09 57.09
N PRO F 53 -10.38 -38.04 58.34
CA PRO F 53 -8.93 -38.12 58.51
C PRO F 53 -8.30 -39.31 57.80
N LYS F 54 -8.92 -40.49 57.88
CA LYS F 54 -8.41 -41.68 57.17
C LYS F 54 -8.63 -41.64 55.66
N ASN F 55 -9.49 -40.72 55.20
CA ASN F 55 -9.73 -40.51 53.77
C ASN F 55 -8.89 -39.41 53.09
N ARG F 56 -8.46 -38.41 53.87
CA ARG F 56 -7.48 -37.41 53.39
C ARG F 56 -6.02 -37.88 53.61
N GLU F 57 -5.82 -38.79 54.58
CA GLU F 57 -4.53 -39.43 54.82
C GLU F 57 -4.27 -40.52 53.76
N ARG F 58 -5.34 -41.13 53.26
CA ARG F 58 -5.29 -42.06 52.12
C ARG F 58 -4.84 -41.38 50.82
N TRP F 59 -5.21 -40.10 50.65
CA TRP F 59 -4.71 -39.27 49.55
C TRP F 59 -3.19 -39.18 49.59
N CYS F 60 -2.64 -39.08 50.79
CA CYS F 60 -1.20 -38.98 50.98
C CYS F 60 -0.49 -40.33 50.77
N LEU F 61 -1.20 -41.43 50.97
CA LEU F 61 -0.69 -42.78 50.68
C LEU F 61 -0.58 -43.00 49.17
N GLU F 62 -1.53 -42.43 48.41
CA GLU F 62 -1.49 -42.41 46.95
C GLU F 62 -0.22 -41.72 46.44
N ILE F 63 0.01 -40.47 46.90
CA ILE F 63 1.14 -39.61 46.49
C ILE F 63 2.49 -40.30 46.62
N GLN F 64 2.72 -40.90 47.78
CA GLN F 64 3.92 -41.68 48.03
C GLN F 64 4.00 -42.88 47.08
N ILE F 65 2.85 -43.49 46.76
CA ILE F 65 2.79 -44.70 45.95
C ILE F 65 3.05 -44.48 44.44
N MET F 66 2.37 -43.50 43.82
CA MET F 66 2.61 -43.13 42.41
C MET F 66 3.96 -42.42 42.22
N LYS F 67 4.67 -42.20 43.32
CA LYS F 67 6.05 -41.68 43.32
C LYS F 67 6.99 -42.81 43.70
N LYS F 68 6.49 -43.70 44.56
CA LYS F 68 7.19 -44.91 44.99
C LYS F 68 7.51 -45.80 43.79
N LEU F 69 6.80 -45.56 42.69
CA LEU F 69 6.89 -46.42 41.50
C LEU F 69 7.27 -45.68 40.21
N ASN F 70 7.90 -46.45 39.32
CA ASN F 70 8.30 -46.00 37.98
C ASN F 70 8.42 -47.22 37.07
N HIS F 71 7.62 -47.19 36.01
CA HIS F 71 7.63 -48.24 35.02
C HIS F 71 7.25 -47.51 33.75
N PRO F 72 8.02 -47.70 32.67
CA PRO F 72 7.52 -47.13 31.43
C PRO F 72 6.18 -47.82 31.16
N ASN F 73 5.26 -47.10 30.51
CA ASN F 73 3.83 -47.51 30.43
C ASN F 73 2.97 -46.91 31.54
N VAL F 74 3.58 -46.55 32.67
CA VAL F 74 2.84 -45.92 33.77
C VAL F 74 3.59 -44.76 34.44
N VAL F 75 3.13 -43.56 34.12
CA VAL F 75 3.71 -42.30 34.57
C VAL F 75 4.37 -42.33 35.95
N SER F 76 5.44 -41.56 36.12
CA SER F 76 5.99 -41.28 37.46
C SER F 76 6.00 -39.78 37.81
N ALA F 77 6.00 -39.50 39.12
CA ALA F 77 5.87 -38.13 39.63
C ALA F 77 7.16 -37.34 39.51
N ARG F 78 7.04 -36.06 39.19
CA ARG F 78 8.18 -35.12 39.16
C ARG F 78 8.45 -34.46 40.50
N GLU F 79 7.82 -35.00 41.55
CA GLU F 79 7.80 -34.42 42.92
C GLU F 79 6.93 -33.17 43.02
N VAL F 80 7.55 -31.99 43.09
CA VAL F 80 6.83 -30.72 43.11
C VAL F 80 7.69 -29.69 42.38
N PRO F 81 7.07 -28.88 41.51
CA PRO F 81 7.83 -27.78 40.90
C PRO F 81 8.12 -26.73 41.97
N ASP F 82 9.41 -26.56 42.29
CA ASP F 82 9.88 -25.65 43.37
C ASP F 82 9.49 -24.20 43.09
N GLY F 83 9.37 -23.87 41.79
CA GLY F 83 8.85 -22.59 41.32
C GLY F 83 7.34 -22.54 41.41
N LEU F 84 6.84 -21.50 42.08
CA LEU F 84 5.41 -21.26 42.40
C LEU F 84 4.82 -22.16 43.51
N GLN F 85 5.14 -23.46 43.48
CA GLN F 85 4.81 -24.40 44.57
C GLN F 85 3.37 -24.32 45.08
N LYS F 86 3.23 -24.25 46.40
CA LYS F 86 1.93 -24.20 47.05
C LYS F 86 1.10 -22.97 46.67
N LEU F 87 0.39 -23.06 45.55
CA LEU F 87 -0.80 -22.26 45.33
C LEU F 87 -1.97 -23.10 45.81
N ALA F 88 -1.66 -24.12 46.61
CA ALA F 88 -2.60 -25.10 47.17
C ALA F 88 -3.21 -24.65 48.50
N PRO F 89 -4.52 -24.30 48.51
CA PRO F 89 -5.19 -23.92 49.76
C PRO F 89 -5.55 -25.15 50.61
N ASN F 90 -4.53 -25.97 50.89
CA ASN F 90 -4.71 -27.27 51.56
C ASN F 90 -3.92 -27.47 52.86
N ASP F 91 -2.66 -27.04 52.86
CA ASP F 91 -1.67 -27.50 53.84
C ASP F 91 -1.40 -29.01 53.65
N LEU F 92 -2.17 -29.62 52.76
CA LEU F 92 -1.93 -30.97 52.22
C LEU F 92 -1.08 -30.82 50.95
N PRO F 93 -0.28 -31.86 50.61
CA PRO F 93 0.55 -31.79 49.39
C PRO F 93 -0.27 -31.69 48.08
N LEU F 94 0.44 -31.62 46.96
CA LEU F 94 -0.16 -31.83 45.63
C LEU F 94 0.60 -32.99 44.96
N LEU F 95 0.31 -33.29 43.69
CA LEU F 95 1.06 -34.29 42.93
C LEU F 95 1.41 -33.83 41.53
N ALA F 96 2.68 -33.95 41.18
CA ALA F 96 3.17 -33.53 39.88
C ALA F 96 3.70 -34.73 39.10
N MET F 97 3.07 -34.99 37.94
CA MET F 97 3.44 -36.13 37.09
C MET F 97 4.01 -35.64 35.77
N GLU F 98 4.64 -36.56 35.04
CA GLU F 98 5.10 -36.29 33.69
C GLU F 98 3.93 -36.39 32.69
N TYR F 99 3.35 -35.25 32.36
CA TYR F 99 2.22 -35.19 31.42
C TYR F 99 2.64 -35.65 30.03
N CYS F 100 1.84 -36.54 29.44
CA CYS F 100 2.14 -37.09 28.13
C CYS F 100 1.26 -36.45 27.05
N GLU F 101 1.77 -36.30 25.83
CA GLU F 101 1.07 -35.60 24.75
C GLU F 101 -0.10 -36.37 24.10
N GLY F 102 -1.04 -35.63 23.50
CA GLY F 102 -2.38 -36.07 22.98
C GLY F 102 -2.73 -37.53 22.68
N GLY F 103 -2.84 -38.34 23.74
CA GLY F 103 -3.09 -39.79 23.58
C GLY F 103 -4.17 -40.46 24.42
N ASP F 104 -4.97 -39.66 25.13
CA ASP F 104 -6.15 -40.15 25.84
C ASP F 104 -6.79 -41.32 25.05
N LEU F 105 -6.46 -42.54 25.46
CA LEU F 105 -6.80 -43.74 24.67
C LEU F 105 -8.17 -43.62 24.01
N ARG F 106 -9.08 -42.95 24.70
CA ARG F 106 -10.35 -42.69 24.13
C ARG F 106 -10.07 -41.95 22.87
N LYS F 107 -9.77 -40.65 22.96
CA LYS F 107 -9.50 -39.85 21.79
C LYS F 107 -9.58 -40.65 20.47
N TYR F 108 -8.64 -41.58 20.25
CA TYR F 108 -8.64 -42.41 19.04
C TYR F 108 -9.82 -43.40 18.98
N LEU F 109 -10.15 -44.07 20.08
CA LEU F 109 -11.24 -45.05 20.05
C LEU F 109 -12.50 -44.46 19.46
N ASN F 110 -12.67 -43.15 19.65
CA ASN F 110 -13.72 -42.44 18.95
C ASN F 110 -13.22 -42.18 17.56
N GLN F 111 -11.91 -41.98 17.47
CA GLN F 111 -11.22 -41.37 16.32
C GLN F 111 -12.11 -41.18 15.15
N PHE F 112 -12.61 -42.27 14.59
CA PHE F 112 -13.62 -42.10 13.58
C PHE F 112 -13.79 -43.23 12.62
N GLU F 113 -12.75 -44.01 12.44
CA GLU F 113 -12.82 -44.98 11.40
C GLU F 113 -12.20 -46.14 12.06
N ASN F 114 -12.13 -46.01 13.38
CA ASN F 114 -11.93 -47.16 14.22
C ASN F 114 -13.29 -47.76 14.61
N CYS F 115 -14.34 -47.04 14.25
CA CYS F 115 -15.66 -47.61 14.26
C CYS F 115 -15.57 -48.86 13.38
N CYS F 116 -15.79 -50.01 14.00
CA CYS F 116 -15.63 -51.35 13.38
C CYS F 116 -14.30 -51.98 13.75
N GLY F 117 -13.55 -51.24 14.57
CA GLY F 117 -12.32 -51.73 15.17
C GLY F 117 -11.14 -50.82 14.97
N LEU F 118 -10.11 -51.08 15.77
CA LEU F 118 -8.88 -50.38 15.66
C LEU F 118 -7.80 -51.45 15.41
N LYS F 119 -7.99 -52.30 14.38
CA LYS F 119 -6.99 -53.38 14.09
C LYS F 119 -5.58 -52.94 13.59
N GLU F 120 -4.70 -52.82 14.56
CA GLU F 120 -3.44 -52.37 14.24
C GLU F 120 -2.53 -53.49 14.69
N GLY F 121 -2.45 -53.73 15.98
CA GLY F 121 -1.19 -54.18 16.50
C GLY F 121 -0.75 -53.06 17.45
N PRO F 122 -0.94 -51.78 17.08
CA PRO F 122 -1.43 -50.88 18.13
C PRO F 122 -2.59 -51.46 18.97
N ILE F 123 -3.13 -52.60 18.53
CA ILE F 123 -3.78 -53.55 19.42
C ILE F 123 -2.68 -54.31 20.19
N ARG F 124 -1.74 -54.88 19.40
CA ARG F 124 -0.55 -55.65 19.87
C ARG F 124 0.39 -54.84 20.81
N THR F 125 0.46 -53.53 20.58
CA THR F 125 1.17 -52.66 21.51
C THR F 125 0.30 -52.63 22.75
N LEU F 126 -0.87 -52.00 22.64
CA LEU F 126 -1.75 -51.81 23.79
C LEU F 126 -1.99 -53.11 24.55
N LEU F 127 -2.42 -54.16 23.85
CA LEU F 127 -2.54 -55.45 24.49
C LEU F 127 -1.27 -55.84 25.25
N SER F 128 -0.11 -55.44 24.73
CA SER F 128 1.18 -55.68 25.42
C SER F 128 1.51 -54.66 26.52
N ASP F 129 1.68 -53.41 26.12
CA ASP F 129 2.02 -52.33 27.04
C ASP F 129 1.31 -52.45 28.39
N ILE F 130 -0.01 -52.41 28.33
CA ILE F 130 -0.84 -52.52 29.51
C ILE F 130 -0.55 -53.82 30.22
N SER F 131 -0.59 -54.93 29.49
CA SER F 131 -0.32 -56.23 30.09
C SER F 131 0.96 -56.18 30.92
N SER F 132 1.90 -55.34 30.52
CA SER F 132 3.13 -55.16 31.30
C SER F 132 3.10 -54.00 32.32
N ALA F 133 2.11 -53.12 32.21
CA ALA F 133 1.86 -52.11 33.23
C ALA F 133 1.11 -52.75 34.41
N LEU F 134 0.07 -53.54 34.11
CA LEU F 134 -0.68 -54.29 35.12
C LEU F 134 0.27 -55.22 35.82
N ARG F 135 1.03 -55.96 35.02
CA ARG F 135 2.23 -56.66 35.49
C ARG F 135 2.71 -56.08 36.81
N TYR F 136 3.38 -54.93 36.66
CA TYR F 136 4.10 -54.21 37.70
C TYR F 136 3.22 -53.90 38.92
N LEU F 137 1.92 -53.90 38.70
CA LEU F 137 0.96 -53.54 39.74
C LEU F 137 0.47 -54.73 40.55
N HIS F 138 0.50 -55.93 39.96
CA HIS F 138 0.25 -57.14 40.71
C HIS F 138 1.56 -57.62 41.34
N GLU F 139 2.60 -56.83 41.07
CA GLU F 139 3.92 -57.06 41.65
C GLU F 139 4.02 -56.39 42.99
N ASN F 140 3.39 -55.22 43.07
CA ASN F 140 3.39 -54.45 44.28
C ASN F 140 2.02 -54.59 44.96
N ARG F 141 1.30 -55.62 44.52
CA ARG F 141 -0.08 -55.95 44.93
C ARG F 141 -0.99 -54.71 44.99
N ILE F 142 -0.95 -53.93 43.91
CA ILE F 142 -1.74 -52.73 43.78
C ILE F 142 -2.73 -52.89 42.61
N ILE F 143 -3.90 -53.45 42.92
CA ILE F 143 -4.98 -53.59 41.97
C ILE F 143 -5.43 -52.20 41.55
N HIS F 144 -5.41 -51.91 40.24
CA HIS F 144 -5.80 -50.60 39.73
C HIS F 144 -7.28 -50.33 39.94
N ARG F 145 -8.01 -51.44 40.09
CA ARG F 145 -9.46 -51.52 40.19
C ARG F 145 -10.15 -51.10 38.90
N ASP F 146 -10.30 -49.79 38.67
CA ASP F 146 -10.91 -49.35 37.42
C ASP F 146 -9.90 -49.42 36.28
N LEU F 147 -10.42 -49.24 35.07
CA LEU F 147 -9.65 -49.28 33.84
C LEU F 147 -10.67 -48.97 32.76
N LYS F 148 -10.27 -48.01 31.93
CA LYS F 148 -11.19 -47.29 31.10
C LYS F 148 -10.37 -46.97 29.85
N PRO F 149 -10.97 -46.34 28.83
CA PRO F 149 -10.05 -45.78 27.86
C PRO F 149 -9.39 -44.51 28.40
N GLU F 150 -10.06 -43.77 29.28
CA GLU F 150 -9.64 -42.39 29.61
C GLU F 150 -8.62 -42.25 30.73
N ASN F 151 -7.90 -43.31 30.99
CA ASN F 151 -6.76 -43.28 31.90
C ASN F 151 -5.45 -43.58 31.16
N ILE F 152 -5.57 -43.94 29.89
CA ILE F 152 -4.43 -44.36 29.11
C ILE F 152 -4.14 -43.40 27.96
N VAL F 153 -2.85 -43.12 27.80
CA VAL F 153 -2.39 -42.18 26.79
C VAL F 153 -1.36 -42.76 25.80
N LEU F 154 -1.82 -43.05 24.58
CA LEU F 154 -0.96 -43.36 23.43
C LEU F 154 -0.22 -42.08 23.01
N GLN F 155 1.03 -41.96 23.48
CA GLN F 155 1.88 -40.83 23.18
C GLN F 155 3.04 -41.25 22.26
N PRO F 156 3.38 -40.41 21.25
CA PRO F 156 4.48 -40.70 20.32
C PRO F 156 5.80 -41.16 20.98
N GLY F 157 6.36 -42.27 20.49
CA GLY F 157 7.54 -42.90 21.10
C GLY F 157 8.81 -42.83 20.26
N PRO F 158 9.99 -42.90 20.91
CA PRO F 158 11.28 -42.93 20.23
C PRO F 158 11.37 -44.03 19.16
N GLN F 159 10.43 -44.97 19.18
CA GLN F 159 10.37 -46.00 18.14
C GLN F 159 8.95 -46.27 17.64
N ARG F 160 8.08 -46.78 18.52
CA ARG F 160 6.77 -47.30 18.11
C ARG F 160 5.61 -47.07 19.12
N LEU F 161 5.18 -45.81 19.25
CA LEU F 161 4.03 -45.41 20.10
C LEU F 161 4.03 -46.04 21.50
N ILE F 162 4.64 -45.33 22.46
CA ILE F 162 4.54 -45.76 23.84
C ILE F 162 3.24 -45.23 24.40
N HIS F 163 2.46 -46.09 25.06
CA HIS F 163 1.29 -45.59 25.79
C HIS F 163 1.29 -45.81 27.29
N LYS F 164 0.86 -44.76 27.99
CA LYS F 164 0.98 -44.65 29.42
C LYS F 164 -0.36 -44.48 30.13
N ILE F 165 -0.50 -45.20 31.24
CA ILE F 165 -1.69 -45.16 32.10
C ILE F 165 -1.53 -44.10 33.21
N ILE F 166 -2.18 -42.96 32.98
CA ILE F 166 -2.10 -41.73 33.81
C ILE F 166 -3.12 -41.79 35.00
N ASP F 167 -3.41 -40.60 35.58
CA ASP F 167 -4.57 -40.26 36.49
C ASP F 167 -4.96 -41.20 37.66
N LEU F 168 -4.87 -42.51 37.47
CA LEU F 168 -5.67 -43.35 38.35
C LEU F 168 -4.92 -44.08 39.47
N GLY F 169 -5.57 -44.07 40.62
CA GLY F 169 -5.17 -44.79 41.83
C GLY F 169 -6.39 -44.90 42.73
N TYR F 170 -7.39 -45.65 42.27
CA TYR F 170 -8.52 -46.07 43.09
C TYR F 170 -8.12 -47.41 43.62
N ALA F 171 -6.93 -47.43 44.19
CA ALA F 171 -6.07 -48.59 44.05
C ALA F 171 -5.89 -49.44 45.31
N LYS F 172 -7.00 -49.98 45.83
CA LYS F 172 -7.03 -51.14 46.75
C LYS F 172 -5.67 -51.85 47.04
N GLU F 173 -4.64 -51.05 47.35
CA GLU F 173 -3.30 -51.59 47.60
C GLU F 173 -3.31 -52.50 48.82
N LEU F 174 -3.20 -53.79 48.58
CA LEU F 174 -3.14 -54.75 49.67
C LEU F 174 -2.26 -54.22 50.81
N ASP F 175 -2.71 -54.50 52.03
CA ASP F 175 -2.01 -54.15 53.28
C ASP F 175 -2.29 -52.74 53.75
N GLN F 176 -2.16 -51.76 52.86
CA GLN F 176 -2.53 -50.40 53.22
C GLN F 176 -3.91 -50.00 52.71
N GLY F 177 -4.88 -50.88 52.97
CA GLY F 177 -6.30 -50.66 52.66
C GLY F 177 -6.61 -50.27 51.23
N GLU F 178 -7.82 -49.77 51.01
CA GLU F 178 -8.16 -49.22 49.70
C GLU F 178 -7.76 -47.75 49.65
N LEU F 179 -7.83 -47.16 48.46
CA LEU F 179 -7.90 -45.71 48.34
C LEU F 179 -9.38 -45.40 48.01
N CYS F 180 -9.83 -44.20 48.36
CA CYS F 180 -11.19 -43.68 48.01
C CYS F 180 -12.42 -44.63 48.02
N THR F 181 -12.71 -45.28 46.89
CA THR F 181 -14.05 -45.84 46.56
C THR F 181 -14.93 -44.66 46.19
N GLU F 182 -14.29 -43.70 45.52
CA GLU F 182 -14.94 -42.49 45.03
C GLU F 182 -15.99 -42.76 43.93
N PHE F 183 -15.84 -43.86 43.18
CA PHE F 183 -16.87 -44.32 42.22
C PHE F 183 -17.06 -43.40 40.99
N VAL F 184 -16.16 -42.44 40.75
CA VAL F 184 -16.55 -41.18 40.03
C VAL F 184 -17.15 -41.20 38.59
N GLY F 185 -16.36 -40.88 37.57
CA GLY F 185 -16.87 -40.45 36.24
C GLY F 185 -17.73 -41.39 35.40
N THR F 186 -17.09 -42.11 34.46
CA THR F 186 -17.79 -43.08 33.59
C THR F 186 -17.62 -44.48 34.12
N LEU F 187 -18.70 -44.95 34.75
CA LEU F 187 -18.72 -46.26 35.31
C LEU F 187 -18.76 -47.30 34.21
N GLN F 188 -19.29 -46.87 33.07
CA GLN F 188 -19.73 -47.73 31.97
C GLN F 188 -18.96 -49.09 31.75
N TYR F 189 -17.78 -49.25 32.40
CA TYR F 189 -16.77 -50.38 32.22
C TYR F 189 -16.57 -51.44 33.31
N LEU F 190 -16.40 -51.06 34.58
CA LEU F 190 -15.86 -52.00 35.59
C LEU F 190 -16.59 -53.37 35.84
N ALA F 191 -16.15 -54.15 36.82
CA ALA F 191 -16.59 -55.54 36.95
C ALA F 191 -17.32 -55.79 38.27
N PRO F 192 -18.38 -56.66 38.28
CA PRO F 192 -19.20 -56.92 39.46
C PRO F 192 -18.92 -56.06 40.72
N GLU F 193 -19.12 -54.74 40.51
CA GLU F 193 -19.27 -53.72 41.53
C GLU F 193 -20.70 -53.35 41.44
N LEU F 194 -21.56 -54.37 41.54
CA LEU F 194 -22.88 -54.18 42.08
C LEU F 194 -22.40 -53.61 43.44
N LEU F 195 -22.47 -52.27 43.56
CA LEU F 195 -21.66 -51.46 44.52
C LEU F 195 -21.08 -52.28 45.70
N GLU F 196 -19.79 -52.58 45.60
CA GLU F 196 -18.99 -53.31 46.61
C GLU F 196 -18.92 -54.83 46.34
N GLN F 197 -19.40 -55.66 47.27
CA GLN F 197 -19.03 -57.09 47.33
C GLN F 197 -17.57 -57.25 47.76
N LYS F 198 -17.24 -58.49 48.12
CA LYS F 198 -16.00 -58.78 48.81
C LYS F 198 -14.91 -59.17 47.82
N LYS F 199 -15.33 -59.44 46.58
CA LYS F 199 -14.43 -59.97 45.57
C LYS F 199 -13.57 -58.88 44.89
N TYR F 200 -13.09 -57.90 45.66
CA TYR F 200 -12.08 -56.96 45.15
C TYR F 200 -10.76 -57.72 44.95
N THR F 201 -10.75 -58.95 44.38
CA THR F 201 -9.55 -59.78 44.03
C THR F 201 -8.85 -59.27 42.77
N VAL F 202 -7.53 -59.43 42.72
CA VAL F 202 -6.77 -59.15 41.51
C VAL F 202 -7.69 -59.11 40.27
N THR F 203 -8.39 -60.24 40.06
CA THR F 203 -9.36 -60.54 38.98
C THR F 203 -10.01 -59.40 38.22
N VAL F 204 -10.28 -58.33 38.95
CA VAL F 204 -11.17 -57.29 38.46
C VAL F 204 -10.43 -56.32 37.52
N ASP F 205 -9.11 -56.37 37.55
CA ASP F 205 -8.34 -55.72 36.51
C ASP F 205 -8.56 -56.51 35.22
N TYR F 206 -8.33 -57.82 35.30
CA TYR F 206 -8.34 -58.70 34.11
C TYR F 206 -9.62 -58.53 33.31
N TRP F 207 -10.74 -58.39 34.02
CA TRP F 207 -12.00 -58.09 33.37
C TRP F 207 -11.97 -56.76 32.57
N SER F 208 -11.62 -55.65 33.22
CA SER F 208 -11.74 -54.33 32.57
C SER F 208 -10.86 -54.25 31.32
N PHE F 209 -9.58 -54.62 31.51
CA PHE F 209 -8.59 -54.79 30.44
C PHE F 209 -9.19 -55.53 29.27
N GLY F 210 -9.75 -56.69 29.55
CA GLY F 210 -10.36 -57.58 28.58
C GLY F 210 -11.34 -56.86 27.69
N THR F 211 -12.36 -56.27 28.29
CA THR F 211 -13.30 -55.51 27.46
C THR F 211 -12.55 -54.33 26.81
N LEU F 212 -11.90 -53.51 27.63
CA LEU F 212 -11.01 -52.46 27.09
C LEU F 212 -10.34 -52.92 25.78
N ALA F 213 -9.77 -54.11 25.87
CA ALA F 213 -9.15 -54.74 24.75
C ALA F 213 -10.21 -55.01 23.73
N PHE F 214 -11.21 -55.84 24.07
CA PHE F 214 -12.30 -56.14 23.13
C PHE F 214 -12.63 -54.87 22.35
N GLU F 215 -13.40 -54.01 22.99
CA GLU F 215 -13.62 -52.65 22.56
C GLU F 215 -12.56 -52.16 21.57
N CYS F 216 -11.29 -52.36 21.86
CA CYS F 216 -10.25 -51.84 21.01
C CYS F 216 -10.18 -52.62 19.77
N ILE F 217 -10.38 -53.93 19.87
CA ILE F 217 -10.35 -54.76 18.64
C ILE F 217 -11.47 -54.32 17.61
N THR F 218 -12.63 -54.08 18.17
CA THR F 218 -13.84 -54.06 17.45
C THR F 218 -14.48 -52.72 17.63
N GLY F 219 -15.25 -52.56 18.70
CA GLY F 219 -15.93 -51.35 19.07
C GLY F 219 -17.01 -51.51 20.13
N PHE F 220 -17.08 -52.63 20.87
CA PHE F 220 -18.10 -52.80 21.98
C PHE F 220 -17.56 -53.31 23.35
N ARG F 221 -18.19 -54.39 23.85
CA ARG F 221 -17.82 -55.10 25.05
C ARG F 221 -19.01 -56.07 25.19
N PRO F 222 -19.13 -56.86 26.35
CA PRO F 222 -20.28 -57.83 26.52
C PRO F 222 -21.63 -57.13 26.22
N PHE F 223 -21.68 -55.83 26.59
CA PHE F 223 -22.26 -54.72 25.77
C PHE F 223 -22.60 -53.39 26.46
N LEU F 224 -22.45 -52.28 25.74
CA LEU F 224 -22.82 -50.99 26.34
C LEU F 224 -23.65 -49.99 25.50
N PRO F 225 -24.46 -50.51 24.56
CA PRO F 225 -25.74 -49.80 24.64
C PRO F 225 -26.42 -50.64 25.75
N ASN F 226 -27.60 -50.24 26.27
CA ASN F 226 -28.07 -50.61 27.64
C ASN F 226 -27.07 -49.88 28.55
N TRP F 227 -26.85 -50.42 29.75
CA TRP F 227 -26.03 -49.74 30.75
C TRP F 227 -25.43 -50.64 31.83
N GLN F 228 -25.09 -50.06 32.96
CA GLN F 228 -24.54 -50.81 34.07
C GLN F 228 -25.58 -51.72 34.83
N PRO F 229 -26.45 -51.15 35.74
CA PRO F 229 -27.38 -52.05 36.42
C PRO F 229 -28.38 -52.58 35.42
N VAL F 230 -28.29 -52.05 34.21
CA VAL F 230 -29.07 -52.54 33.09
C VAL F 230 -28.51 -53.91 32.60
N GLN F 231 -27.21 -54.11 32.73
CA GLN F 231 -26.58 -55.41 32.49
C GLN F 231 -26.92 -56.42 33.57
N TRP F 232 -26.09 -56.53 34.63
CA TRP F 232 -26.17 -57.69 35.54
C TRP F 232 -26.95 -58.90 34.98
N HIS F 233 -27.76 -58.67 33.94
CA HIS F 233 -28.39 -59.75 33.16
C HIS F 233 -27.56 -59.97 31.93
N GLY F 234 -26.83 -58.91 31.56
CA GLY F 234 -25.61 -59.06 30.78
C GLY F 234 -24.96 -60.38 31.21
N LYS F 235 -24.67 -60.52 32.52
CA LYS F 235 -24.09 -61.75 33.09
C LYS F 235 -25.01 -62.97 33.01
N VAL F 236 -25.76 -62.99 31.89
CA VAL F 236 -26.42 -64.15 31.28
C VAL F 236 -27.19 -65.02 32.24
N ARG F 237 -28.43 -65.31 31.85
CA ARG F 237 -29.26 -66.37 32.47
C ARG F 237 -29.22 -67.69 31.67
N ILE F 244 -23.57 -67.46 29.60
CA ILE F 244 -22.70 -66.58 30.38
C ILE F 244 -21.38 -66.42 29.63
N VAL F 245 -20.69 -67.55 29.45
CA VAL F 245 -19.61 -67.70 28.49
C VAL F 245 -20.29 -68.08 27.14
N VAL F 246 -21.04 -67.12 26.55
CA VAL F 246 -21.84 -67.29 25.29
C VAL F 246 -21.74 -65.98 24.47
N TYR F 247 -22.70 -65.76 23.54
CA TYR F 247 -23.08 -64.40 23.00
C TYR F 247 -24.62 -64.26 22.73
N ASP F 248 -25.11 -63.01 22.60
CA ASP F 248 -26.51 -62.73 22.96
C ASP F 248 -27.56 -62.20 21.98
N ASP F 249 -28.45 -61.39 22.56
CA ASP F 249 -29.83 -61.25 22.11
C ASP F 249 -30.15 -59.91 21.48
N LEU F 250 -31.32 -59.86 20.82
CA LEU F 250 -31.74 -58.73 19.98
C LEU F 250 -33.07 -58.13 20.39
N THR F 251 -33.75 -57.67 19.35
CA THR F 251 -35.10 -57.16 19.28
C THR F 251 -35.31 -57.01 17.77
N GLY F 252 -35.25 -55.78 17.26
CA GLY F 252 -34.97 -55.55 15.85
C GLY F 252 -33.56 -56.12 15.71
N ALA F 253 -32.66 -55.35 15.11
CA ALA F 253 -31.28 -55.76 15.14
C ALA F 253 -30.60 -55.03 16.32
N VAL F 254 -30.19 -55.78 17.35
CA VAL F 254 -29.33 -55.28 18.44
C VAL F 254 -28.71 -56.52 19.02
N LYS F 255 -27.51 -56.49 19.61
CA LYS F 255 -26.74 -57.75 19.99
C LYS F 255 -25.58 -57.59 21.00
N PHE F 256 -25.35 -58.56 21.89
CA PHE F 256 -24.59 -58.20 23.07
C PHE F 256 -23.73 -59.29 23.68
N SER F 257 -22.43 -59.24 23.32
CA SER F 257 -21.69 -60.44 22.78
C SER F 257 -20.22 -60.82 23.10
N SER F 258 -20.04 -62.12 23.27
CA SER F 258 -18.73 -62.71 23.46
C SER F 258 -18.75 -64.24 23.28
N VAL F 259 -18.97 -64.66 22.00
CA VAL F 259 -18.42 -65.93 21.33
C VAL F 259 -17.72 -65.64 19.96
N LEU F 260 -18.40 -64.87 19.09
CA LEU F 260 -17.93 -64.64 17.72
C LEU F 260 -17.62 -63.15 17.41
N PRO F 261 -16.36 -62.71 17.66
CA PRO F 261 -15.92 -61.29 17.71
C PRO F 261 -16.02 -60.42 16.46
N THR F 262 -17.08 -60.58 15.63
CA THR F 262 -17.67 -59.46 14.83
C THR F 262 -17.06 -59.09 13.40
N PRO F 263 -17.57 -58.10 12.60
CA PRO F 263 -16.85 -57.61 11.38
C PRO F 263 -15.81 -56.45 11.50
N ASN F 264 -14.72 -56.78 12.24
CA ASN F 264 -13.57 -55.93 12.64
C ASN F 264 -12.51 -55.85 11.54
N HIS F 265 -11.30 -55.35 11.83
CA HIS F 265 -10.22 -55.56 10.83
C HIS F 265 -8.91 -56.21 11.28
N LEU F 266 -8.97 -57.31 12.03
CA LEU F 266 -7.77 -58.01 12.58
C LEU F 266 -7.07 -59.01 11.65
N SER F 267 -5.99 -59.61 12.14
CA SER F 267 -5.37 -60.76 11.47
C SER F 267 -6.33 -61.96 11.38
N GLY F 268 -6.33 -62.62 10.22
CA GLY F 268 -7.05 -63.89 10.04
C GLY F 268 -6.84 -64.79 11.23
N ILE F 269 -5.58 -64.97 11.60
CA ILE F 269 -5.28 -65.83 12.75
C ILE F 269 -5.34 -65.18 14.18
N LEU F 270 -5.83 -63.95 14.27
CA LEU F 270 -6.05 -63.41 15.59
C LEU F 270 -7.51 -63.48 16.15
N ALA F 271 -8.48 -63.74 15.30
CA ALA F 271 -9.65 -64.44 15.80
C ALA F 271 -9.05 -65.56 16.71
N GLY F 272 -7.93 -66.15 16.26
CA GLY F 272 -7.14 -67.16 17.00
C GLY F 272 -6.85 -66.89 18.47
N LYS F 273 -6.29 -65.72 18.78
CA LYS F 273 -6.35 -65.20 20.16
C LYS F 273 -7.79 -64.94 20.57
N LEU F 274 -8.35 -63.87 20.01
CA LEU F 274 -9.56 -63.23 20.53
C LEU F 274 -10.47 -64.20 21.26
N GLU F 275 -11.29 -64.87 20.46
CA GLU F 275 -12.38 -65.70 20.89
C GLU F 275 -11.97 -66.68 21.98
N ARG F 276 -10.68 -66.96 22.06
CA ARG F 276 -10.17 -67.85 23.08
C ARG F 276 -9.30 -67.14 24.11
N TRP F 277 -8.87 -65.92 23.82
CA TRP F 277 -8.31 -65.19 24.90
C TRP F 277 -9.45 -64.58 25.63
N LEU F 278 -10.00 -63.52 25.03
CA LEU F 278 -11.09 -62.80 25.66
C LEU F 278 -12.18 -63.68 26.32
N GLN F 279 -12.48 -64.85 25.75
CA GLN F 279 -13.43 -65.83 26.36
C GLN F 279 -12.99 -66.24 27.77
N CYS F 280 -11.85 -65.69 28.20
CA CYS F 280 -11.23 -66.10 29.43
C CYS F 280 -10.89 -64.90 30.25
N MET F 281 -10.60 -63.81 29.56
CA MET F 281 -10.32 -62.54 30.19
C MET F 281 -11.58 -61.77 30.58
N LEU F 282 -12.73 -62.28 30.15
CA LEU F 282 -14.02 -61.64 30.41
C LEU F 282 -14.90 -62.47 31.31
N MET F 283 -14.48 -62.56 32.58
CA MET F 283 -15.23 -63.26 33.62
C MET F 283 -15.06 -62.73 35.09
N TRP F 284 -15.64 -63.52 36.00
CA TRP F 284 -16.03 -63.15 37.37
C TRP F 284 -15.44 -64.05 38.49
N HIS F 285 -15.21 -63.48 39.68
CA HIS F 285 -14.73 -64.22 40.88
C HIS F 285 -13.24 -64.47 40.80
N GLN F 286 -12.88 -65.48 40.00
CA GLN F 286 -11.51 -65.98 39.80
C GLN F 286 -11.11 -66.13 38.30
N ARG F 287 -11.21 -65.02 37.57
CA ARG F 287 -10.72 -64.92 36.18
C ARG F 287 -9.79 -63.75 35.98
N THR F 291 -6.81 -69.33 34.99
CA THR F 291 -8.07 -69.13 34.29
C THR F 291 -8.38 -70.14 33.16
N ASP F 292 -7.54 -70.23 32.12
CA ASP F 292 -7.73 -71.18 30.99
C ASP F 292 -7.53 -72.65 31.42
N PRO F 293 -8.65 -73.41 31.54
CA PRO F 293 -8.73 -74.62 32.39
C PRO F 293 -8.02 -75.87 31.84
N GLN F 294 -7.11 -75.68 30.89
CA GLN F 294 -6.24 -76.76 30.41
C GLN F 294 -4.96 -76.79 31.24
N ASN F 295 -4.78 -75.77 32.09
CA ASN F 295 -3.49 -75.53 32.72
C ASN F 295 -3.56 -74.45 33.79
N PRO F 296 -2.56 -74.42 34.68
CA PRO F 296 -2.26 -73.19 35.41
C PRO F 296 -1.13 -72.38 34.74
N ASN F 297 -1.48 -71.49 33.80
CA ASN F 297 -0.52 -70.62 33.11
C ASN F 297 -0.29 -69.30 33.85
N VAL F 298 -0.30 -68.17 33.11
CA VAL F 298 -0.46 -66.81 33.70
C VAL F 298 -1.59 -66.04 33.02
N GLY F 299 -2.47 -65.48 33.86
CA GLY F 299 -3.67 -64.76 33.44
C GLY F 299 -3.48 -63.96 32.17
N CYS F 300 -3.10 -62.69 32.29
CA CYS F 300 -2.71 -61.97 31.10
C CYS F 300 -1.40 -62.54 30.57
N PHE F 301 -0.30 -62.18 31.21
CA PHE F 301 1.07 -62.47 30.73
C PHE F 301 1.24 -63.68 29.83
N GLN F 302 1.57 -64.82 30.43
CA GLN F 302 1.98 -65.97 29.64
C GLN F 302 1.13 -66.13 28.37
N ALA F 303 -0.17 -66.36 28.54
CA ALA F 303 -1.08 -66.63 27.42
C ALA F 303 -1.02 -65.53 26.37
N LEU F 304 -1.26 -64.30 26.80
CA LEU F 304 -1.29 -63.14 25.91
C LEU F 304 0.05 -62.90 25.23
N ASP F 305 1.13 -63.12 25.97
CA ASP F 305 2.49 -62.90 25.47
C ASP F 305 2.84 -63.87 24.34
N SER F 306 2.57 -65.17 24.58
CA SER F 306 2.74 -66.21 23.56
C SER F 306 1.77 -66.02 22.39
N ILE F 307 0.56 -65.55 22.71
CA ILE F 307 -0.41 -65.21 21.70
C ILE F 307 -0.06 -63.86 21.03
N LEU F 308 0.83 -63.07 21.66
CA LEU F 308 1.25 -61.80 21.09
C LEU F 308 2.53 -61.88 20.26
N SER F 309 3.51 -62.65 20.74
CA SER F 309 4.69 -62.98 19.93
C SER F 309 4.24 -64.00 18.85
N LEU F 310 5.06 -65.01 18.56
CA LEU F 310 4.88 -65.83 17.35
C LEU F 310 5.20 -64.99 16.13
N LYS F 311 5.71 -65.63 15.07
CA LYS F 311 6.07 -64.84 13.93
C LYS F 311 5.31 -65.29 12.71
N LEU F 312 4.74 -64.32 12.02
CA LEU F 312 3.73 -64.64 11.04
C LEU F 312 4.11 -64.28 9.63
N LEU F 313 4.32 -65.33 8.85
CA LEU F 313 4.35 -65.16 7.42
C LEU F 313 3.04 -65.47 6.81
N SER F 314 2.90 -64.98 5.60
CA SER F 314 1.63 -64.78 5.01
C SER F 314 1.98 -64.71 3.55
N VAL F 315 1.42 -65.63 2.79
CA VAL F 315 1.78 -65.67 1.42
C VAL F 315 0.52 -65.57 0.60
N MET F 316 0.39 -64.45 -0.11
CA MET F 316 -0.65 -64.33 -1.10
C MET F 316 -0.57 -65.53 -2.01
N ASN F 317 -1.61 -65.75 -2.82
CA ASN F 317 -1.58 -66.80 -3.81
C ASN F 317 -1.55 -66.20 -5.17
N MET F 318 -2.72 -65.95 -5.74
CA MET F 318 -2.87 -65.55 -7.15
C MET F 318 -3.60 -66.62 -7.92
N VAL F 319 -3.35 -67.87 -7.60
CA VAL F 319 -4.35 -68.86 -7.81
C VAL F 319 -5.44 -68.38 -6.83
N SER F 320 -6.42 -67.64 -7.38
CA SER F 320 -7.28 -66.62 -6.68
C SER F 320 -7.63 -66.73 -5.19
N GLY F 321 -7.28 -67.87 -4.60
CA GLY F 321 -7.39 -68.11 -3.16
C GLY F 321 -6.66 -67.06 -2.35
N ARG F 322 -6.58 -65.86 -2.91
CA ARG F 322 -5.97 -64.75 -2.26
C ARG F 322 -4.93 -65.25 -1.25
N VAL F 323 -5.19 -65.18 0.05
CA VAL F 323 -4.09 -65.34 1.00
C VAL F 323 -3.94 -66.72 1.60
N HIS F 324 -2.89 -66.86 2.40
CA HIS F 324 -2.63 -67.99 3.27
C HIS F 324 -1.65 -67.38 4.27
N THR F 325 -1.68 -67.83 5.53
CA THR F 325 -0.73 -67.32 6.54
C THR F 325 -0.16 -68.45 7.37
N TYR F 326 1.10 -68.34 7.76
CA TYR F 326 1.75 -69.42 8.50
C TYR F 326 2.59 -68.89 9.65
N PRO F 327 2.54 -69.60 10.77
CA PRO F 327 3.31 -69.35 12.00
C PRO F 327 4.70 -69.98 11.88
N VAL F 328 5.75 -69.17 12.02
CA VAL F 328 7.10 -69.67 11.69
C VAL F 328 8.20 -69.43 12.74
N THR F 329 8.88 -70.51 13.11
CA THR F 329 10.05 -70.43 14.00
C THR F 329 11.30 -69.95 13.22
N GLU F 330 12.21 -69.23 13.89
CA GLU F 330 13.51 -68.90 13.28
C GLU F 330 14.36 -70.18 13.27
N ASN F 331 14.04 -71.04 12.31
CA ASN F 331 14.44 -72.45 12.35
C ASN F 331 13.81 -73.26 11.19
N GLU F 332 13.25 -72.55 10.23
CA GLU F 332 12.58 -73.17 9.10
C GLU F 332 12.92 -72.30 7.89
N ASN F 333 12.94 -72.89 6.69
CA ASN F 333 13.24 -72.11 5.47
C ASN F 333 12.27 -72.35 4.30
N LEU F 334 12.67 -71.98 3.08
CA LEU F 334 11.81 -72.08 1.91
C LEU F 334 11.11 -73.42 1.78
N GLN F 335 11.79 -74.44 1.31
CA GLN F 335 11.11 -75.71 1.05
C GLN F 335 10.25 -76.27 2.22
N ASN F 336 10.47 -75.78 3.44
CA ASN F 336 9.54 -76.07 4.53
C ASN F 336 8.18 -75.58 4.06
N LEU F 337 8.12 -74.26 3.80
CA LEU F 337 6.95 -73.53 3.26
C LEU F 337 6.44 -74.20 2.01
N LYS F 338 7.30 -74.25 0.99
CA LYS F 338 6.97 -74.82 -0.32
C LYS F 338 6.09 -76.02 -0.17
N SER F 339 6.48 -76.91 0.74
CA SER F 339 5.69 -78.10 1.07
C SER F 339 4.33 -77.66 1.61
N TRP F 340 4.34 -77.03 2.79
CA TRP F 340 3.08 -76.71 3.38
C TRP F 340 2.30 -75.67 2.58
N LEU F 341 2.87 -75.18 1.48
CA LEU F 341 2.18 -74.28 0.54
C LEU F 341 1.44 -75.07 -0.53
N GLN F 342 2.06 -76.15 -0.99
CA GLN F 342 1.42 -77.08 -1.90
C GLN F 342 0.43 -77.84 -1.06
N GLN F 343 0.81 -78.04 0.21
CA GLN F 343 0.00 -78.77 1.16
C GLN F 343 -1.42 -78.31 1.08
N ASP F 344 -1.57 -77.01 0.94
CA ASP F 344 -2.87 -76.37 0.92
C ASP F 344 -3.33 -76.06 -0.53
N THR F 345 -2.42 -75.58 -1.37
CA THR F 345 -2.77 -75.26 -2.78
C THR F 345 -2.63 -76.46 -3.68
N GLY F 346 -1.51 -77.17 -3.54
CA GLY F 346 -1.27 -78.37 -4.29
C GLY F 346 -0.53 -78.16 -5.60
N ILE F 347 -0.23 -76.90 -5.93
CA ILE F 347 0.68 -76.62 -7.06
C ILE F 347 2.08 -76.64 -6.44
N PRO F 348 2.76 -77.82 -6.53
CA PRO F 348 4.02 -78.19 -5.84
C PRO F 348 5.29 -77.48 -6.33
N GLU F 349 6.30 -77.38 -5.44
CA GLU F 349 7.52 -76.54 -5.64
C GLU F 349 7.93 -76.23 -7.07
N GLU F 350 7.97 -77.25 -7.90
CA GLU F 350 8.32 -77.07 -9.30
C GLU F 350 7.16 -76.50 -10.13
N GLU F 351 6.70 -75.34 -9.69
CA GLU F 351 5.73 -74.46 -10.35
C GLU F 351 5.39 -73.35 -9.35
N GLN F 352 6.35 -73.10 -8.46
CA GLN F 352 6.13 -72.21 -7.33
C GLN F 352 7.01 -70.98 -7.37
N GLU F 353 6.36 -69.86 -7.65
CA GLU F 353 7.04 -68.58 -7.74
C GLU F 353 6.84 -67.73 -6.49
N LEU F 354 7.80 -67.83 -5.58
CA LEU F 354 7.74 -67.10 -4.34
C LEU F 354 8.53 -65.83 -4.46
N LEU F 355 7.85 -64.70 -4.45
CA LEU F 355 8.47 -63.42 -4.77
C LEU F 355 8.35 -62.41 -3.63
N GLN F 356 9.26 -62.51 -2.66
CA GLN F 356 9.34 -61.53 -1.57
C GLN F 356 9.37 -60.11 -2.13
N ALA F 357 8.53 -59.25 -1.58
CA ALA F 357 8.22 -57.92 -2.16
C ALA F 357 7.92 -58.04 -3.66
N SER F 358 8.25 -56.99 -4.40
CA SER F 358 8.42 -57.09 -5.84
C SER F 358 9.92 -57.23 -6.15
N GLY F 359 10.73 -56.69 -5.25
CA GLY F 359 12.17 -56.83 -5.34
C GLY F 359 12.61 -58.22 -4.99
N LEU F 360 12.94 -59.01 -6.02
CA LEU F 360 13.60 -60.31 -5.89
C LEU F 360 12.75 -61.51 -6.29
N ALA F 361 13.35 -62.66 -6.01
CA ALA F 361 12.67 -63.91 -5.76
C ALA F 361 13.12 -64.36 -4.36
N LEU F 362 12.66 -65.52 -3.92
CA LEU F 362 12.88 -65.91 -2.54
C LEU F 362 14.22 -66.55 -2.26
N ASN F 363 15.08 -65.74 -1.66
CA ASN F 363 16.40 -66.18 -1.24
C ASN F 363 16.34 -67.20 -0.09
N SER F 364 16.05 -68.46 -0.42
CA SER F 364 15.88 -69.53 0.58
C SER F 364 17.10 -69.69 1.49
N ALA F 365 18.03 -68.73 1.40
CA ALA F 365 19.20 -68.66 2.27
C ALA F 365 18.77 -68.60 3.72
N GLN F 366 18.37 -67.39 4.12
CA GLN F 366 17.87 -67.08 5.47
C GLN F 366 16.74 -68.00 5.95
N PRO F 367 16.58 -68.15 7.30
CA PRO F 367 15.34 -68.76 7.81
C PRO F 367 14.12 -67.84 7.53
N LEU F 368 12.90 -68.30 7.83
CA LEU F 368 11.66 -67.57 7.48
C LEU F 368 11.38 -66.29 8.29
N THR F 369 12.16 -66.08 9.34
CA THR F 369 11.97 -64.99 10.26
C THR F 369 12.69 -63.70 9.84
N GLN F 370 13.36 -63.73 8.70
CA GLN F 370 13.91 -62.51 8.12
C GLN F 370 12.85 -61.91 7.23
N TYR F 371 11.89 -62.76 6.86
CA TYR F 371 10.82 -62.38 5.94
C TYR F 371 9.53 -62.00 6.69
N VAL F 372 9.62 -61.99 8.03
CA VAL F 372 8.47 -61.72 8.92
C VAL F 372 7.93 -60.28 8.80
N ILE F 373 8.49 -59.36 9.61
CA ILE F 373 8.01 -57.96 9.81
C ILE F 373 6.49 -57.80 9.96
N ASP F 374 6.08 -57.29 11.13
CA ASP F 374 4.65 -57.07 11.48
C ASP F 374 4.50 -55.92 12.49
N CYS F 375 3.33 -55.27 12.47
CA CYS F 375 2.85 -54.53 13.65
C CYS F 375 3.14 -53.03 13.74
N THR F 376 4.31 -52.58 13.33
CA THR F 376 4.81 -51.27 13.81
C THR F 376 5.71 -50.43 12.84
N VAL F 377 5.21 -49.25 12.40
CA VAL F 377 6.04 -48.25 11.67
C VAL F 377 6.45 -47.12 12.61
N GLY F 385 4.67 -54.66 1.31
CA GLY F 385 5.58 -55.72 1.74
C GLY F 385 4.88 -57.06 2.07
N ASP F 386 5.11 -58.06 1.19
CA ASP F 386 4.59 -59.45 1.37
C ASP F 386 4.65 -60.43 0.16
N LEU F 387 5.16 -61.62 0.47
CA LEU F 387 5.42 -62.68 -0.49
C LEU F 387 4.21 -63.07 -1.27
N ILE F 388 3.97 -62.37 -2.38
CA ILE F 388 3.01 -62.86 -3.38
C ILE F 388 3.60 -64.19 -3.96
N PHE F 389 2.98 -64.80 -4.97
CA PHE F 389 3.27 -66.23 -5.23
C PHE F 389 2.47 -66.85 -6.39
N LEU F 390 3.17 -67.34 -7.41
CA LEU F 390 2.47 -67.79 -8.63
C LEU F 390 2.75 -69.23 -9.08
N PHE F 391 2.14 -69.59 -10.21
CA PHE F 391 1.71 -70.98 -10.56
C PHE F 391 2.36 -71.76 -11.71
N ASP F 392 3.16 -71.05 -12.52
CA ASP F 392 3.79 -71.54 -13.78
C ASP F 392 2.83 -72.08 -14.88
N ASN F 393 1.94 -71.23 -15.40
CA ASN F 393 0.91 -71.62 -16.39
C ASN F 393 0.33 -70.53 -17.31
N ARG F 394 -0.79 -70.86 -17.95
CA ARG F 394 -1.53 -69.89 -18.75
C ARG F 394 -2.70 -69.35 -17.92
N LYS F 395 -2.61 -68.07 -17.57
CA LYS F 395 -3.57 -67.32 -16.68
C LYS F 395 -4.01 -67.91 -15.33
N ILE F 402 -6.91 -66.86 -13.96
CA ILE F 402 -8.28 -66.73 -14.48
C ILE F 402 -9.18 -65.90 -13.57
N SER F 403 -8.62 -64.83 -13.00
CA SER F 403 -9.28 -64.03 -11.94
C SER F 403 -9.91 -64.85 -10.79
N LEU F 404 -10.94 -64.26 -10.18
CA LEU F 404 -11.80 -64.86 -9.14
C LEU F 404 -12.03 -63.96 -7.90
N PRO F 405 -13.18 -63.24 -7.89
CA PRO F 405 -13.80 -62.62 -6.71
C PRO F 405 -14.28 -63.62 -5.62
N ALA F 406 -13.47 -63.78 -4.57
CA ALA F 406 -13.81 -64.51 -3.34
C ALA F 406 -14.07 -63.52 -2.19
N HIS F 407 -15.27 -63.57 -1.60
CA HIS F 407 -15.73 -62.51 -0.69
C HIS F 407 -16.01 -62.91 0.76
N PRO F 408 -15.56 -62.06 1.72
CA PRO F 408 -16.04 -62.00 3.15
C PRO F 408 -17.59 -61.69 3.31
N GLU F 409 -18.11 -61.46 4.52
CA GLU F 409 -19.54 -61.04 4.67
C GLU F 409 -20.02 -60.13 5.85
N SER F 410 -20.49 -60.75 6.94
CA SER F 410 -21.06 -60.09 8.13
C SER F 410 -22.56 -59.95 8.05
N VAL F 411 -23.24 -60.67 8.93
CA VAL F 411 -24.70 -60.93 8.85
C VAL F 411 -25.52 -59.69 8.59
N SER F 412 -25.56 -58.78 9.58
CA SER F 412 -26.35 -57.56 9.48
C SER F 412 -26.34 -56.99 8.06
N ILE F 413 -25.14 -56.84 7.51
CA ILE F 413 -24.97 -56.30 6.18
C ILE F 413 -25.78 -57.07 5.15
N VAL F 414 -25.56 -58.39 5.12
CA VAL F 414 -26.13 -59.27 4.10
C VAL F 414 -27.68 -59.31 4.13
N LEU F 415 -28.27 -58.60 5.09
CA LEU F 415 -29.72 -58.53 5.21
C LEU F 415 -30.16 -57.19 4.70
N GLN F 416 -29.37 -56.18 5.04
CA GLN F 416 -29.59 -54.78 4.68
C GLN F 416 -29.98 -54.59 3.24
N ASP F 417 -29.25 -55.28 2.39
CA ASP F 417 -29.34 -55.10 0.96
C ASP F 417 -30.47 -55.90 0.33
N PRO F 418 -30.63 -57.19 0.68
CA PRO F 418 -31.96 -57.68 0.36
C PRO F 418 -32.99 -57.11 1.37
N LYS F 419 -33.05 -55.78 1.50
CA LYS F 419 -34.01 -55.07 2.37
C LYS F 419 -33.89 -53.55 2.36
N ARG F 420 -34.44 -52.92 3.41
CA ARG F 420 -34.47 -51.47 3.55
C ARG F 420 -35.47 -50.88 4.59
N PRO F 421 -36.15 -51.74 5.40
CA PRO F 421 -37.32 -51.27 6.16
C PRO F 421 -37.00 -50.66 7.54
N LEU F 422 -37.08 -51.49 8.59
CA LEU F 422 -36.69 -51.12 9.95
C LEU F 422 -35.33 -50.46 9.87
N THR F 423 -35.17 -49.38 10.59
CA THR F 423 -33.88 -48.74 10.58
C THR F 423 -33.72 -47.93 11.83
N TYR F 424 -33.61 -48.66 12.93
CA TYR F 424 -33.55 -48.09 14.25
C TYR F 424 -32.37 -47.14 14.35
N THR F 425 -32.47 -46.26 15.33
CA THR F 425 -31.38 -45.42 15.84
C THR F 425 -30.00 -45.68 15.28
N HIS F 426 -29.68 -46.97 15.26
CA HIS F 426 -28.32 -47.45 15.09
C HIS F 426 -28.01 -48.07 13.78
N LEU F 427 -27.58 -47.18 12.93
CA LEU F 427 -27.03 -47.54 11.70
C LEU F 427 -25.59 -47.35 12.02
N ARG F 428 -25.34 -46.57 13.06
CA ARG F 428 -24.01 -46.40 13.63
C ARG F 428 -23.12 -47.66 13.71
N ARG F 429 -23.75 -48.83 13.80
CA ARG F 429 -23.00 -50.03 13.51
C ARG F 429 -23.11 -50.15 12.05
N VAL F 430 -24.29 -50.58 11.62
CA VAL F 430 -24.45 -51.10 10.28
C VAL F 430 -23.82 -50.24 9.20
N TRP F 431 -24.06 -48.93 9.31
CA TRP F 431 -23.46 -47.98 8.39
C TRP F 431 -21.93 -48.06 8.46
N GLY F 432 -21.34 -47.58 9.56
CA GLY F 432 -19.92 -47.88 9.86
C GLY F 432 -19.42 -49.17 9.18
N GLN F 433 -20.10 -50.29 9.46
CA GLN F 433 -19.78 -51.60 8.86
C GLN F 433 -19.65 -51.57 7.36
N ILE F 434 -20.66 -50.98 6.71
CA ILE F 434 -20.75 -51.03 5.23
C ILE F 434 -19.57 -50.38 4.52
N TRP F 435 -19.13 -49.21 5.02
CA TRP F 435 -17.90 -48.67 4.42
C TRP F 435 -16.72 -49.52 4.83
N GLN F 436 -16.71 -50.05 6.05
CA GLN F 436 -15.49 -50.72 6.41
C GLN F 436 -15.17 -51.84 5.42
N THR F 437 -16.26 -52.48 4.97
CA THR F 437 -16.21 -53.52 3.89
C THR F 437 -15.97 -52.93 2.48
N ILE F 438 -16.60 -51.80 2.19
CA ILE F 438 -16.12 -51.04 1.04
C ILE F 438 -14.62 -50.80 1.13
N ARG F 439 -14.12 -50.31 2.30
CA ARG F 439 -12.67 -50.10 2.61
C ARG F 439 -11.85 -51.36 2.71
N ALA F 440 -12.47 -52.46 3.17
CA ALA F 440 -11.83 -53.79 3.08
C ALA F 440 -11.67 -54.32 1.62
N LEU F 441 -12.25 -53.60 0.65
CA LEU F 441 -12.09 -54.01 -0.72
C LEU F 441 -10.95 -53.28 -1.45
N LYS F 442 -10.89 -51.98 -1.26
CA LYS F 442 -9.74 -51.20 -1.67
C LYS F 442 -8.43 -51.75 -1.07
N GLU F 443 -8.45 -52.07 0.23
CA GLU F 443 -7.40 -52.89 0.88
C GLU F 443 -7.07 -54.15 0.08
N ASP F 444 -8.12 -54.82 -0.42
CA ASP F 444 -7.97 -56.06 -1.15
C ASP F 444 -7.54 -55.95 -2.62
N CYS F 445 -8.36 -55.29 -3.45
CA CYS F 445 -8.02 -55.03 -4.88
C CYS F 445 -6.57 -54.51 -5.04
N ALA F 446 -6.23 -53.39 -4.39
CA ALA F 446 -4.85 -52.91 -4.42
C ALA F 446 -4.01 -53.84 -3.59
N ARG F 447 -4.58 -55.02 -3.61
CA ARG F 447 -3.81 -56.11 -3.16
C ARG F 447 -3.58 -57.13 -4.22
N LEU F 448 -4.47 -57.18 -5.22
CA LEU F 448 -4.27 -58.08 -6.39
C LEU F 448 -3.47 -57.35 -7.50
N LEU F 449 -3.56 -56.03 -7.47
CA LEU F 449 -2.71 -55.19 -8.25
C LEU F 449 -1.32 -55.29 -7.67
N GLN F 450 -1.25 -55.65 -6.39
CA GLN F 450 0.02 -55.96 -5.80
C GLN F 450 0.65 -57.18 -6.47
N GLY F 451 0.07 -58.36 -6.25
CA GLY F 451 0.51 -59.57 -6.94
C GLY F 451 1.22 -59.30 -8.25
N GLN F 452 0.44 -58.82 -9.23
CA GLN F 452 0.93 -58.57 -10.56
C GLN F 452 2.17 -57.73 -10.58
N ARG F 453 2.03 -56.50 -10.14
CA ARG F 453 3.17 -55.61 -10.18
C ARG F 453 4.22 -55.88 -9.09
N THR F 454 4.35 -57.16 -8.73
CA THR F 454 5.60 -57.72 -8.21
C THR F 454 6.13 -58.84 -9.15
N SER F 455 5.22 -59.58 -9.77
CA SER F 455 5.54 -60.75 -10.62
C SER F 455 5.94 -60.39 -12.04
N MET F 456 5.75 -59.11 -12.35
CA MET F 456 6.19 -58.49 -13.59
C MET F 456 7.12 -57.32 -13.28
N VAL F 457 7.68 -57.35 -12.09
CA VAL F 457 8.87 -56.56 -11.76
C VAL F 457 9.83 -57.63 -11.21
N ASN F 458 9.60 -58.84 -11.71
CA ASN F 458 10.57 -59.89 -11.66
C ASN F 458 10.88 -60.32 -13.10
N LEU F 459 9.89 -60.15 -13.98
CA LEU F 459 10.05 -60.29 -15.43
C LEU F 459 10.92 -59.16 -15.97
N LEU F 460 10.42 -57.93 -15.83
CA LEU F 460 11.13 -56.70 -16.22
C LEU F 460 12.58 -56.67 -15.75
N ARG F 461 12.89 -57.46 -14.72
CA ARG F 461 14.26 -57.69 -14.31
C ARG F 461 14.91 -58.66 -15.28
N TYR F 462 14.64 -59.94 -15.10
CA TYR F 462 15.32 -60.98 -15.88
C TYR F 462 14.84 -61.08 -17.31
N ASN F 463 14.22 -60.01 -17.78
CA ASN F 463 14.18 -59.71 -19.18
C ASN F 463 15.41 -58.88 -19.46
N THR F 464 15.35 -57.59 -19.16
CA THR F 464 16.47 -56.65 -19.37
C THR F 464 17.82 -57.23 -19.01
N GLU F 465 17.97 -57.68 -17.77
CA GLU F 465 19.26 -58.08 -17.19
C GLU F 465 19.98 -59.23 -17.91
N LEU F 466 19.24 -60.26 -18.30
CA LEU F 466 19.82 -61.31 -19.09
C LEU F 466 19.75 -60.93 -20.58
N SER F 467 18.55 -60.69 -21.07
CA SER F 467 18.34 -60.42 -22.49
C SER F 467 18.70 -59.01 -22.97
N LYS F 468 19.84 -58.52 -22.48
CA LYS F 468 20.53 -57.43 -23.12
C LYS F 468 21.96 -57.86 -23.33
N LYS F 469 22.51 -58.55 -22.34
CA LYS F 469 23.82 -59.16 -22.47
C LYS F 469 23.87 -60.19 -23.59
N LYS F 470 22.73 -60.87 -23.82
CA LYS F 470 22.67 -61.81 -24.91
C LYS F 470 22.41 -61.09 -26.23
N ASN F 471 22.26 -59.77 -26.16
CA ASN F 471 22.31 -58.95 -27.35
C ASN F 471 23.64 -58.22 -27.52
N SER F 472 24.68 -58.89 -27.01
CA SER F 472 26.08 -58.67 -27.35
C SER F 472 26.56 -59.94 -28.06
N MET F 473 26.14 -61.08 -27.51
CA MET F 473 26.39 -62.37 -28.13
C MET F 473 25.85 -62.39 -29.55
N THR F 474 25.09 -61.36 -29.91
CA THR F 474 24.59 -61.27 -31.26
C THR F 474 24.90 -59.90 -31.89
N SER F 475 25.96 -59.29 -31.36
CA SER F 475 26.76 -58.32 -32.09
C SER F 475 28.00 -59.06 -32.56
N GLU F 476 28.40 -60.06 -31.77
CA GLU F 476 29.47 -61.00 -32.15
C GLU F 476 29.13 -61.67 -33.41
N CYS F 477 27.85 -61.84 -33.53
CA CYS F 477 27.55 -62.49 -34.73
C CYS F 477 27.91 -61.60 -35.90
N GLU F 478 27.64 -60.30 -35.79
CA GLU F 478 27.82 -59.48 -36.98
C GLU F 478 29.23 -58.91 -37.16
N GLN F 479 30.08 -59.28 -36.21
CA GLN F 479 31.52 -59.12 -36.30
C GLN F 479 32.12 -60.37 -36.94
N LEU F 480 31.76 -61.52 -36.40
CA LEU F 480 32.31 -62.77 -36.87
C LEU F 480 31.85 -62.98 -38.30
N LYS F 481 30.80 -62.27 -38.74
CA LYS F 481 30.39 -62.37 -40.13
C LYS F 481 31.27 -61.58 -41.09
N ALA F 482 31.14 -60.26 -41.02
CA ALA F 482 32.06 -59.38 -41.76
C ALA F 482 33.56 -59.75 -41.58
N LYS F 483 33.93 -60.28 -40.41
CA LYS F 483 35.27 -60.79 -40.18
C LYS F 483 35.52 -62.09 -40.96
N LEU F 484 34.61 -63.04 -40.89
CA LEU F 484 34.67 -64.18 -41.82
C LEU F 484 34.90 -63.74 -43.26
N ASP F 485 34.73 -62.46 -43.57
CA ASP F 485 34.90 -61.99 -44.94
C ASP F 485 36.28 -61.62 -45.46
N PHE F 486 37.10 -60.95 -44.66
CA PHE F 486 38.50 -60.80 -45.04
C PHE F 486 38.92 -62.17 -45.59
N PHE F 487 38.27 -63.19 -45.07
CA PHE F 487 38.65 -64.53 -45.38
C PHE F 487 37.93 -65.08 -46.61
N ARG F 488 37.09 -64.25 -47.21
CA ARG F 488 36.59 -64.57 -48.53
C ARG F 488 37.59 -63.99 -49.52
N SER F 489 38.27 -62.92 -49.12
CA SER F 489 39.37 -62.44 -49.94
C SER F 489 40.60 -63.34 -49.77
N SER F 490 41.27 -63.26 -48.62
CA SER F 490 42.41 -64.14 -48.26
C SER F 490 42.49 -65.46 -49.06
N ILE F 491 41.43 -66.27 -49.02
CA ILE F 491 41.49 -67.58 -49.63
C ILE F 491 40.80 -67.61 -50.99
N GLN F 492 40.41 -66.46 -51.50
CA GLN F 492 40.18 -66.37 -52.94
C GLN F 492 41.39 -65.73 -53.65
N ILE F 493 41.79 -64.52 -53.24
CA ILE F 493 42.99 -63.82 -53.79
C ILE F 493 44.20 -64.75 -53.94
N ASP F 494 44.41 -65.61 -52.94
CA ASP F 494 45.40 -66.67 -53.03
C ASP F 494 45.08 -67.59 -54.19
N LEU F 495 43.95 -68.29 -54.07
CA LEU F 495 43.47 -69.19 -55.08
C LEU F 495 43.32 -68.54 -56.47
N GLU F 496 43.53 -67.23 -56.53
CA GLU F 496 43.48 -66.51 -57.79
C GLU F 496 44.88 -66.34 -58.36
N LYS F 497 45.90 -66.38 -57.51
CA LYS F 497 47.23 -66.27 -58.04
C LYS F 497 47.99 -67.61 -58.11
N TYR F 498 47.42 -68.68 -57.56
CA TYR F 498 48.01 -70.01 -57.75
C TYR F 498 47.57 -70.54 -59.11
N SER F 499 46.82 -69.71 -59.84
CA SER F 499 46.63 -69.91 -61.26
C SER F 499 47.60 -69.02 -62.07
N GLU F 500 48.34 -68.17 -61.37
CA GLU F 500 49.52 -67.53 -61.92
C GLU F 500 50.68 -68.51 -61.96
N GLN F 501 50.40 -69.78 -61.72
CA GLN F 501 51.44 -70.80 -61.69
C GLN F 501 51.29 -71.81 -62.83
N MET F 502 52.18 -71.64 -63.80
CA MET F 502 52.51 -72.62 -64.81
C MET F 502 54.03 -72.61 -64.97
N GLU F 503 54.65 -71.57 -64.42
CA GLU F 503 56.10 -71.36 -64.41
C GLU F 503 56.70 -71.76 -63.04
N PHE F 504 56.25 -72.93 -62.57
CA PHE F 504 56.71 -73.67 -61.37
C PHE F 504 56.00 -73.33 -60.00
N GLY F 505 56.53 -73.79 -58.85
CA GLY F 505 55.90 -73.71 -57.52
C GLY F 505 54.67 -74.58 -57.49
N ILE F 506 54.07 -74.75 -58.67
CA ILE F 506 52.72 -75.32 -58.88
C ILE F 506 52.41 -76.78 -58.54
N THR F 507 53.41 -77.65 -58.33
CA THR F 507 53.12 -79.11 -58.12
C THR F 507 52.04 -79.30 -57.01
N SER F 508 52.16 -80.37 -56.21
CA SER F 508 51.16 -80.73 -55.17
C SER F 508 49.72 -80.95 -55.69
N GLU F 509 49.06 -79.86 -56.15
CA GLU F 509 47.62 -79.82 -56.51
C GLU F 509 46.68 -80.23 -55.39
N LYS F 510 47.21 -80.96 -54.40
CA LYS F 510 46.56 -81.28 -53.14
C LYS F 510 46.38 -80.03 -52.26
N LEU F 511 47.28 -79.07 -52.44
CA LEU F 511 47.22 -77.74 -51.78
C LEU F 511 46.65 -76.71 -52.77
N LEU F 512 45.72 -77.21 -53.60
CA LEU F 512 44.87 -76.42 -54.47
C LEU F 512 43.51 -77.10 -54.48
N SER F 513 43.54 -78.43 -54.30
CA SER F 513 42.30 -79.18 -54.09
C SER F 513 41.83 -79.03 -52.64
N ALA F 514 42.80 -79.02 -51.69
CA ALA F 514 42.50 -78.87 -50.26
C ALA F 514 42.03 -77.43 -49.94
N TRP F 515 42.42 -76.51 -50.82
CA TRP F 515 41.88 -75.16 -50.82
C TRP F 515 40.50 -75.20 -51.40
N ARG F 516 40.32 -75.89 -52.53
CA ARG F 516 39.01 -76.04 -53.16
C ARG F 516 37.94 -76.56 -52.23
N GLU F 517 38.34 -77.51 -51.40
CA GLU F 517 37.44 -78.20 -50.48
C GLU F 517 37.14 -77.34 -49.25
N MET F 518 38.07 -76.44 -48.94
CA MET F 518 37.91 -75.51 -47.84
C MET F 518 37.70 -74.08 -48.32
N GLU F 519 37.81 -73.87 -49.63
CA GLU F 519 37.20 -72.73 -50.26
C GLU F 519 35.80 -72.74 -49.68
N GLN F 520 35.09 -73.83 -49.98
CA GLN F 520 33.65 -73.94 -49.76
C GLN F 520 33.20 -74.77 -48.56
N ALA F 521 34.14 -75.31 -47.80
CA ALA F 521 33.80 -75.86 -46.48
C ALA F 521 33.37 -74.68 -45.60
N VAL F 522 34.17 -73.61 -45.63
CA VAL F 522 33.92 -72.40 -44.83
C VAL F 522 33.02 -71.37 -45.54
N GLU F 523 32.94 -71.46 -46.88
CA GLU F 523 32.17 -70.51 -47.72
C GLU F 523 30.71 -70.39 -47.28
N LEU F 524 30.28 -71.35 -46.46
CA LEU F 524 28.92 -71.42 -45.98
C LEU F 524 28.90 -72.03 -44.57
N CYS F 525 29.65 -71.39 -43.67
CA CYS F 525 29.93 -71.86 -42.31
C CYS F 525 29.28 -70.99 -41.25
N GLY F 526 29.20 -69.71 -41.57
CA GLY F 526 28.68 -68.71 -40.67
C GLY F 526 27.20 -68.89 -40.43
N ARG F 527 26.85 -69.53 -39.31
CA ARG F 527 25.46 -69.69 -38.91
C ARG F 527 24.94 -68.37 -38.35
N GLU F 528 24.37 -67.59 -39.25
CA GLU F 528 23.95 -66.25 -38.94
C GLU F 528 22.43 -66.13 -38.90
N ARG F 529 21.73 -66.77 -39.83
CA ARG F 529 20.28 -66.57 -40.01
C ARG F 529 19.44 -66.69 -38.74
N GLU F 530 20.10 -67.06 -37.63
CA GLU F 530 19.55 -66.90 -36.29
C GLU F 530 19.23 -65.45 -36.00
N VAL F 531 19.87 -64.56 -36.74
CA VAL F 531 19.67 -63.09 -36.66
C VAL F 531 18.23 -62.59 -36.53
N GLN F 532 17.26 -63.44 -36.88
CA GLN F 532 15.82 -63.15 -36.68
C GLN F 532 15.28 -63.76 -35.37
N ALA F 533 15.37 -65.08 -35.20
CA ALA F 533 15.04 -65.76 -33.92
C ALA F 533 15.90 -65.22 -32.75
N LEU F 534 16.92 -64.45 -33.12
CA LEU F 534 17.60 -63.53 -32.21
C LEU F 534 16.70 -62.29 -32.07
N VAL F 535 16.75 -61.39 -33.05
CA VAL F 535 16.01 -60.10 -33.03
C VAL F 535 14.50 -60.21 -32.90
N ASP F 536 13.87 -60.99 -33.78
CA ASP F 536 12.41 -61.18 -33.77
C ASP F 536 11.88 -61.50 -32.37
N LYS F 537 12.31 -62.63 -31.82
CA LYS F 537 11.84 -63.11 -30.52
C LYS F 537 12.60 -62.43 -29.38
N MET F 538 13.33 -61.36 -29.71
CA MET F 538 13.91 -60.46 -28.72
C MET F 538 13.01 -59.25 -28.59
N MET F 539 12.54 -58.77 -29.73
CA MET F 539 11.66 -57.61 -29.80
C MET F 539 10.24 -57.99 -29.41
N ALA F 540 9.97 -59.29 -29.30
CA ALA F 540 8.71 -59.77 -28.75
C ALA F 540 8.51 -59.23 -27.33
N LEU F 541 9.57 -59.30 -26.53
CA LEU F 541 9.47 -59.03 -25.09
C LEU F 541 10.02 -57.69 -24.60
N GLN F 542 10.70 -56.93 -25.46
CA GLN F 542 11.10 -55.55 -25.11
C GLN F 542 10.14 -54.56 -25.75
N THR F 543 9.02 -55.10 -26.24
CA THR F 543 7.85 -54.32 -26.63
C THR F 543 6.60 -54.82 -25.89
N ASP F 544 6.55 -56.12 -25.59
CA ASP F 544 5.41 -56.63 -24.84
C ASP F 544 5.52 -56.40 -23.34
N SER F 545 6.73 -56.43 -22.81
CA SER F 545 6.93 -56.03 -21.41
C SER F 545 6.94 -54.51 -21.25
N VAL F 546 6.65 -53.79 -22.34
CA VAL F 546 6.55 -52.33 -22.30
C VAL F 546 5.09 -51.89 -22.43
N ASP F 547 4.23 -52.81 -22.83
CA ASP F 547 2.78 -52.54 -22.86
C ASP F 547 2.20 -52.60 -21.48
N LEU F 548 2.77 -53.48 -20.67
CA LEU F 548 2.25 -53.78 -19.35
C LEU F 548 2.95 -52.96 -18.28
N GLN F 549 4.21 -52.57 -18.49
CA GLN F 549 4.89 -51.67 -17.56
C GLN F 549 4.24 -50.28 -17.58
N ARG F 550 3.41 -50.02 -18.60
CA ARG F 550 2.62 -48.78 -18.68
C ARG F 550 1.36 -48.85 -17.80
N ASN F 551 0.20 -49.11 -18.41
CA ASN F 551 -1.01 -49.53 -17.68
C ASN F 551 -2.10 -48.54 -17.24
N PRO F 552 -3.37 -48.81 -17.65
CA PRO F 552 -4.51 -48.28 -16.93
C PRO F 552 -4.87 -49.18 -15.74
N THR F 560 -12.63 -45.37 -9.79
CA THR F 560 -13.62 -44.90 -8.85
C THR F 560 -14.03 -45.98 -7.86
N LEU F 561 -13.17 -46.96 -7.57
CA LEU F 561 -13.41 -47.69 -6.33
C LEU F 561 -13.04 -46.69 -5.25
N ASP F 562 -11.84 -46.13 -5.37
CA ASP F 562 -11.30 -45.28 -4.32
C ASP F 562 -12.07 -43.99 -4.09
N ASP F 563 -12.67 -43.52 -5.17
CA ASP F 563 -13.63 -42.42 -5.12
C ASP F 563 -14.93 -42.80 -4.39
N LEU F 564 -15.39 -44.04 -4.57
CA LEU F 564 -16.64 -44.47 -3.98
C LEU F 564 -16.48 -44.64 -2.49
N GLU F 565 -15.31 -45.10 -2.05
CA GLU F 565 -15.09 -45.22 -0.60
C GLU F 565 -14.79 -43.90 0.12
N GLU F 566 -14.38 -42.90 -0.65
CA GLU F 566 -14.34 -41.53 -0.13
C GLU F 566 -15.75 -40.91 -0.05
N GLN F 567 -16.70 -41.50 -0.77
CA GLN F 567 -18.08 -41.02 -0.82
C GLN F 567 -18.98 -41.81 0.15
N ALA F 568 -18.61 -43.06 0.39
CA ALA F 568 -19.14 -43.81 1.50
C ALA F 568 -18.38 -43.39 2.76
N ARG F 569 -17.31 -42.59 2.63
CA ARG F 569 -16.67 -41.99 3.79
C ARG F 569 -17.58 -41.04 4.51
N ASP F 570 -18.19 -40.13 3.74
CA ASP F 570 -18.96 -39.04 4.31
C ASP F 570 -20.34 -39.52 4.70
N LEU F 571 -20.98 -40.31 3.85
CA LEU F 571 -22.32 -40.76 4.19
C LEU F 571 -22.30 -41.47 5.56
N TYR F 572 -21.28 -42.30 5.79
CA TYR F 572 -21.14 -43.06 7.04
C TYR F 572 -20.40 -42.21 8.12
N ARG F 573 -20.21 -40.94 7.79
CA ARG F 573 -19.70 -39.90 8.68
C ARG F 573 -20.77 -38.84 8.93
N ARG F 574 -21.41 -38.35 7.88
CA ARG F 574 -22.48 -37.36 7.97
C ARG F 574 -23.67 -37.84 8.77
N LEU F 575 -23.77 -39.16 8.95
CA LEU F 575 -24.81 -39.77 9.76
C LEU F 575 -24.52 -39.66 11.24
N ARG F 576 -23.23 -39.79 11.57
CA ARG F 576 -22.75 -39.60 12.93
C ARG F 576 -22.50 -38.13 13.21
N GLU F 577 -22.46 -37.34 12.15
CA GLU F 577 -22.39 -35.89 12.29
C GLU F 577 -23.78 -35.26 12.39
N ARG F 578 -24.83 -36.00 11.96
CA ARG F 578 -26.23 -35.54 12.00
C ARG F 578 -26.62 -35.14 13.43
N PRO F 579 -26.53 -33.82 13.75
CA PRO F 579 -26.41 -33.39 15.14
C PRO F 579 -27.66 -33.62 15.95
N ARG F 580 -27.49 -34.28 17.10
CA ARG F 580 -28.55 -34.56 18.04
C ARG F 580 -29.83 -35.08 17.36
N ASP F 581 -30.99 -34.63 17.80
CA ASP F 581 -32.27 -35.22 17.39
C ASP F 581 -32.63 -35.20 15.90
N GLN F 582 -32.48 -36.35 15.25
CA GLN F 582 -33.20 -36.66 14.00
C GLN F 582 -33.31 -38.16 13.94
N ARG F 583 -32.31 -38.81 14.53
CA ARG F 583 -32.05 -40.22 14.39
C ARG F 583 -33.15 -40.97 13.62
N THR F 584 -34.05 -41.64 14.33
CA THR F 584 -34.98 -42.64 13.74
C THR F 584 -35.19 -42.78 12.24
N PRO F 585 -35.78 -41.74 11.57
CA PRO F 585 -36.19 -41.85 10.17
C PRO F 585 -35.40 -42.89 9.38
N GLY F 586 -35.92 -44.12 9.39
CA GLY F 586 -35.14 -45.32 9.03
C GLY F 586 -34.82 -45.64 7.57
N ASP F 587 -33.64 -45.08 7.09
CA ASP F 587 -33.18 -45.38 5.72
C ASP F 587 -31.90 -46.20 5.56
N SER F 588 -32.06 -47.50 5.37
CA SER F 588 -30.93 -48.38 5.07
C SER F 588 -30.22 -47.74 3.90
N ASN F 589 -30.80 -47.92 2.72
CA ASN F 589 -30.73 -46.93 1.66
C ASN F 589 -29.59 -47.01 0.66
N ASP F 590 -29.26 -45.84 0.10
CA ASP F 590 -28.21 -45.63 -0.88
C ASP F 590 -26.85 -45.91 -0.28
N MET F 591 -26.86 -46.30 0.98
CA MET F 591 -25.66 -46.77 1.60
C MET F 591 -25.47 -48.23 1.30
N VAL F 592 -26.40 -48.69 0.48
CA VAL F 592 -26.32 -49.95 -0.17
C VAL F 592 -25.97 -49.66 -1.64
N ARG F 593 -26.52 -48.57 -2.21
CA ARG F 593 -26.06 -48.15 -3.55
C ARG F 593 -24.52 -48.13 -3.56
N LEU F 594 -23.93 -47.31 -2.70
CA LEU F 594 -22.48 -47.14 -2.67
C LEU F 594 -21.73 -48.40 -2.29
N LEU F 595 -22.44 -49.47 -2.01
CA LEU F 595 -21.80 -50.75 -1.78
C LEU F 595 -21.93 -51.60 -3.01
N ILE F 596 -23.13 -51.73 -3.54
CA ILE F 596 -23.35 -52.49 -4.78
C ILE F 596 -22.30 -52.10 -5.83
N LEU F 597 -22.16 -50.80 -6.08
CA LEU F 597 -21.22 -50.31 -7.07
C LEU F 597 -19.81 -50.70 -6.67
N ALA F 598 -19.44 -50.39 -5.42
CA ALA F 598 -18.14 -50.77 -4.86
C ALA F 598 -17.96 -52.29 -4.67
N ILE F 599 -18.80 -53.06 -5.36
CA ILE F 599 -18.50 -54.47 -5.61
C ILE F 599 -18.06 -54.56 -7.07
N GLN F 600 -18.95 -54.13 -7.98
CA GLN F 600 -18.68 -54.22 -9.43
C GLN F 600 -17.36 -53.60 -9.83
N SER F 601 -17.15 -52.36 -9.42
CA SER F 601 -15.88 -51.69 -9.67
C SER F 601 -14.68 -52.26 -8.87
N PHE F 602 -14.94 -53.12 -7.86
CA PHE F 602 -13.87 -53.99 -7.31
C PHE F 602 -13.74 -55.26 -8.15
N GLU F 603 -14.84 -55.99 -8.25
CA GLU F 603 -14.96 -57.19 -9.08
C GLU F 603 -14.27 -57.05 -10.46
N LYS F 604 -14.57 -55.94 -11.15
CA LYS F 604 -14.05 -55.65 -12.48
C LYS F 604 -12.60 -55.19 -12.51
N ARG F 605 -12.17 -54.48 -11.48
CA ARG F 605 -10.75 -54.19 -11.29
C ARG F 605 -9.98 -55.41 -10.82
N VAL F 606 -10.64 -56.56 -10.81
CA VAL F 606 -9.95 -57.79 -10.49
C VAL F 606 -9.98 -58.78 -11.66
N ILE F 607 -10.86 -58.58 -12.62
CA ILE F 607 -10.57 -59.23 -13.90
C ILE F 607 -9.41 -58.51 -14.57
N LEU F 608 -9.55 -57.20 -14.73
CA LEU F 608 -8.60 -56.47 -15.50
C LEU F 608 -7.24 -56.80 -14.96
N ILE F 609 -7.08 -56.74 -13.65
CA ILE F 609 -5.84 -57.19 -13.02
C ILE F 609 -5.40 -58.59 -13.49
N TYR F 610 -6.26 -59.57 -13.30
CA TYR F 610 -5.88 -60.96 -13.60
C TYR F 610 -5.62 -61.25 -15.09
N ASP F 611 -6.41 -60.59 -15.94
CA ASP F 611 -6.21 -60.59 -17.37
C ASP F 611 -4.77 -60.22 -17.74
N GLN F 612 -4.28 -59.11 -17.23
CA GLN F 612 -2.94 -58.62 -17.44
C GLN F 612 -1.96 -59.19 -16.35
N LEU F 613 -2.42 -60.19 -15.60
CA LEU F 613 -1.49 -61.02 -14.85
C LEU F 613 -1.03 -62.09 -15.82
N SER F 614 -2.00 -62.76 -16.45
CA SER F 614 -1.74 -63.72 -17.53
C SER F 614 -0.63 -63.25 -18.47
N LYS F 615 -0.78 -62.04 -18.97
CA LYS F 615 0.14 -61.50 -19.95
C LYS F 615 1.54 -61.58 -19.43
N THR F 616 1.71 -61.34 -18.13
CA THR F 616 3.06 -61.39 -17.48
C THR F 616 3.46 -62.77 -16.91
N VAL F 617 2.81 -63.82 -17.41
CA VAL F 617 3.37 -65.17 -17.38
C VAL F 617 3.59 -65.64 -18.83
N VAL F 618 2.81 -65.11 -19.79
CA VAL F 618 3.11 -65.25 -21.23
C VAL F 618 4.60 -64.98 -21.45
N CYS F 619 5.05 -63.88 -20.88
CA CYS F 619 6.37 -63.36 -21.11
C CYS F 619 7.43 -64.12 -20.32
N LYS F 620 7.17 -64.40 -19.05
CA LYS F 620 8.03 -65.33 -18.27
C LYS F 620 8.47 -66.57 -19.05
N ARG F 621 7.52 -67.27 -19.68
CA ARG F 621 7.82 -68.51 -20.42
C ARG F 621 8.70 -68.20 -21.62
N LYS F 622 8.22 -67.28 -22.47
CA LYS F 622 8.95 -66.89 -23.67
C LYS F 622 10.36 -66.44 -23.31
N ALA F 623 10.53 -65.69 -22.23
CA ALA F 623 11.86 -65.34 -21.74
C ALA F 623 12.62 -66.45 -20.99
N LEU F 624 12.09 -67.66 -21.02
CA LEU F 624 12.85 -68.81 -20.55
C LEU F 624 13.17 -69.79 -21.68
N GLU F 625 12.53 -69.60 -22.82
CA GLU F 625 12.80 -70.36 -24.06
C GLU F 625 13.69 -69.56 -24.97
N LEU F 626 13.33 -68.30 -25.19
CA LEU F 626 14.14 -67.43 -26.03
C LEU F 626 15.38 -67.01 -25.32
N SER F 627 15.73 -67.70 -24.23
CA SER F 627 17.08 -67.55 -23.68
C SER F 627 18.01 -68.67 -24.17
N PRO F 628 17.81 -69.93 -23.73
CA PRO F 628 18.91 -70.88 -23.97
C PRO F 628 19.16 -71.19 -25.46
N LYS F 629 18.22 -70.83 -26.34
CA LYS F 629 18.44 -70.82 -27.78
C LYS F 629 19.56 -69.84 -28.06
N VAL F 630 19.23 -68.56 -27.91
CA VAL F 630 20.18 -67.51 -28.22
C VAL F 630 21.23 -67.36 -27.10
N LYS F 631 21.53 -68.47 -26.42
CA LYS F 631 22.69 -68.61 -25.55
C LYS F 631 23.58 -69.71 -26.12
N GLU F 632 23.05 -70.92 -26.09
CA GLU F 632 23.74 -72.12 -26.57
C GLU F 632 23.87 -72.12 -28.09
N VAL F 633 22.79 -71.83 -28.81
CA VAL F 633 22.84 -71.84 -30.28
C VAL F 633 23.88 -70.81 -30.76
N MET F 634 24.28 -69.90 -29.88
CA MET F 634 25.29 -68.88 -30.22
C MET F 634 26.63 -69.14 -29.56
N ASN F 635 26.69 -70.24 -28.85
CA ASN F 635 27.92 -70.94 -28.54
C ASN F 635 28.45 -71.56 -29.85
N LEU F 636 27.58 -72.35 -30.49
CA LEU F 636 27.89 -73.01 -31.76
C LEU F 636 28.27 -72.01 -32.84
N MET F 637 27.44 -70.99 -33.03
CA MET F 637 27.77 -69.87 -33.90
C MET F 637 29.24 -69.51 -33.81
N ARG F 638 29.75 -69.32 -32.59
CA ARG F 638 31.11 -68.83 -32.40
C ARG F 638 32.15 -69.77 -32.89
N GLU F 639 32.12 -70.90 -32.20
CA GLU F 639 33.25 -71.74 -32.31
C GLU F 639 33.25 -72.30 -33.71
N ASP F 640 32.06 -72.63 -34.21
CA ASP F 640 31.90 -73.12 -35.59
C ASP F 640 31.64 -71.98 -36.57
N GLU F 641 32.39 -70.94 -36.26
CA GLU F 641 32.88 -69.95 -37.18
C GLU F 641 34.32 -69.70 -36.73
N LYS F 642 34.56 -69.67 -35.41
CA LYS F 642 35.90 -69.38 -34.90
C LYS F 642 36.97 -70.46 -35.19
N ILE F 643 36.64 -71.74 -35.06
CA ILE F 643 37.58 -72.76 -35.55
C ILE F 643 37.65 -72.72 -37.08
N VAL F 644 36.49 -72.52 -37.69
CA VAL F 644 36.40 -72.31 -39.13
C VAL F 644 36.90 -70.90 -39.52
N VAL F 645 37.86 -70.40 -38.72
CA VAL F 645 38.80 -69.32 -39.05
C VAL F 645 40.05 -69.47 -38.14
N ARG F 646 40.30 -70.70 -37.71
CA ARG F 646 41.59 -71.05 -37.13
C ARG F 646 42.34 -71.85 -38.16
N ARG F 647 41.63 -72.33 -39.17
CA ARG F 647 42.24 -73.10 -40.22
C ARG F 647 42.77 -72.22 -41.37
N GLN F 648 42.86 -70.91 -41.15
CA GLN F 648 43.23 -69.97 -42.23
C GLN F 648 44.63 -69.56 -42.02
N GLU F 649 45.06 -69.73 -40.78
CA GLU F 649 46.43 -69.52 -40.38
C GLU F 649 47.23 -70.67 -40.93
N LYS F 650 46.62 -71.85 -40.92
CA LYS F 650 47.26 -73.03 -41.51
C LYS F 650 46.99 -73.22 -43.01
N ARG F 651 46.44 -72.19 -43.65
CA ARG F 651 46.22 -72.16 -45.12
C ARG F 651 47.10 -71.16 -45.81
N GLN F 652 47.73 -70.34 -45.01
CA GLN F 652 48.82 -69.59 -45.48
C GLN F 652 50.06 -70.33 -45.01
N GLN F 653 49.94 -71.05 -43.90
CA GLN F 653 51.09 -71.79 -43.37
C GLN F 653 51.69 -72.50 -44.53
N GLU F 654 50.82 -73.07 -45.34
CA GLU F 654 51.24 -73.95 -46.39
C GLU F 654 51.32 -73.35 -47.82
N LEU F 655 51.01 -72.05 -47.97
CA LEU F 655 51.50 -71.27 -49.14
C LEU F 655 52.87 -70.77 -48.80
N TRP F 656 53.02 -70.40 -47.54
CA TRP F 656 54.23 -69.90 -46.96
C TRP F 656 55.28 -71.03 -46.80
N ASN F 657 54.81 -72.28 -46.66
CA ASN F 657 55.65 -73.49 -46.71
C ASN F 657 55.95 -73.96 -48.16
N LEU F 658 54.95 -73.88 -49.06
CA LEU F 658 55.14 -73.95 -50.50
C LEU F 658 56.27 -73.02 -51.05
N LEU F 659 56.62 -71.96 -50.33
CA LEU F 659 57.77 -71.12 -50.73
C LEU F 659 59.06 -71.81 -50.37
N LYS F 660 59.16 -72.28 -49.14
CA LYS F 660 60.34 -73.06 -48.71
C LYS F 660 60.40 -74.50 -49.29
N ILE F 661 59.86 -74.65 -50.50
CA ILE F 661 60.02 -75.84 -51.37
C ILE F 661 60.67 -75.39 -52.68
N ALA F 662 59.91 -74.65 -53.51
CA ALA F 662 60.44 -74.03 -54.72
C ALA F 662 61.59 -73.08 -54.40
N CYS F 663 62.25 -73.31 -53.25
CA CYS F 663 63.41 -72.53 -52.77
C CYS F 663 64.55 -73.36 -52.18
N SER F 664 64.21 -74.43 -51.48
CA SER F 664 65.22 -75.42 -51.09
C SER F 664 65.65 -76.25 -52.32
N LYS F 665 64.80 -76.25 -53.35
CA LYS F 665 65.09 -76.93 -54.61
C LYS F 665 65.64 -75.94 -55.67
N VAL F 666 66.65 -75.19 -55.26
CA VAL F 666 67.45 -74.32 -56.15
C VAL F 666 68.81 -74.14 -55.49
N ARG F 667 68.79 -74.03 -54.16
CA ARG F 667 70.00 -74.01 -53.38
C ARG F 667 70.68 -75.38 -53.42
N GLU G 17 -66.39 -32.66 -0.02
CA GLU G 17 -65.09 -33.21 0.47
C GLU G 17 -64.95 -33.26 2.00
N MET G 18 -63.70 -33.22 2.49
CA MET G 18 -63.36 -33.51 3.92
C MET G 18 -62.15 -32.71 4.53
N LYS G 19 -61.79 -32.99 5.80
CA LYS G 19 -60.93 -32.09 6.61
C LYS G 19 -59.45 -32.45 6.92
N GLU G 20 -59.18 -33.04 8.09
CA GLU G 20 -57.80 -33.18 8.61
C GLU G 20 -57.38 -34.54 9.20
N ARG G 21 -56.37 -34.54 10.08
CA ARG G 21 -55.69 -35.77 10.54
C ARG G 21 -55.58 -35.97 12.06
N LEU G 22 -55.35 -37.23 12.45
CA LEU G 22 -55.13 -37.61 13.86
C LEU G 22 -53.77 -38.32 14.06
N GLY G 23 -53.77 -39.43 14.81
CA GLY G 23 -52.56 -40.24 15.09
C GLY G 23 -52.36 -41.49 14.22
N THR G 24 -51.29 -42.27 14.47
CA THR G 24 -50.87 -43.38 13.57
C THR G 24 -50.57 -44.73 14.24
N GLY G 25 -51.18 -45.80 13.76
CA GLY G 25 -50.86 -47.14 14.25
C GLY G 25 -51.84 -48.21 13.83
N GLY G 26 -51.48 -49.48 14.04
CA GLY G 26 -52.30 -50.63 13.68
C GLY G 26 -52.05 -51.07 12.26
N PHE G 27 -52.91 -50.60 11.37
CA PHE G 27 -52.68 -50.72 9.94
C PHE G 27 -52.77 -49.36 9.27
N GLY G 28 -52.28 -48.31 9.93
CA GLY G 28 -52.17 -46.99 9.31
C GLY G 28 -52.79 -45.82 10.03
N TYR G 29 -53.63 -45.09 9.29
CA TYR G 29 -53.99 -43.74 9.71
C TYR G 29 -55.34 -43.58 10.40
N VAL G 30 -55.38 -42.55 11.26
CA VAL G 30 -56.59 -42.04 11.88
C VAL G 30 -56.75 -40.60 11.37
N LEU G 31 -57.97 -40.25 10.93
CA LEU G 31 -58.20 -38.98 10.24
C LEU G 31 -59.50 -38.29 10.68
N ARG G 32 -59.41 -36.98 10.94
CA ARG G 32 -60.57 -36.18 11.36
C ARG G 32 -61.24 -35.46 10.19
N TRP G 33 -61.60 -36.23 9.15
CA TRP G 33 -62.29 -35.68 7.98
C TRP G 33 -63.69 -35.20 8.37
N ILE G 34 -64.24 -34.25 7.60
CA ILE G 34 -65.57 -33.67 7.85
C ILE G 34 -66.29 -33.31 6.54
N HIS G 35 -67.59 -33.57 6.49
CA HIS G 35 -68.47 -32.82 5.59
C HIS G 35 -68.53 -31.37 6.13
N GLN G 36 -67.65 -30.51 5.60
CA GLN G 36 -67.27 -29.20 6.21
C GLN G 36 -68.38 -28.16 6.24
N ASP G 37 -69.41 -28.47 7.01
CA ASP G 37 -70.71 -27.80 6.94
C ASP G 37 -71.60 -28.63 7.85
N THR G 38 -71.96 -28.09 9.02
CA THR G 38 -72.61 -28.85 10.12
C THR G 38 -71.56 -29.54 10.99
N GLY G 39 -70.35 -29.71 10.44
CA GLY G 39 -69.22 -30.28 11.16
C GLY G 39 -69.37 -31.74 11.54
N GLU G 40 -69.33 -32.63 10.54
CA GLU G 40 -69.43 -34.08 10.76
C GLU G 40 -68.08 -34.68 11.16
N GLN G 41 -67.79 -34.70 12.46
CA GLN G 41 -66.49 -35.14 12.99
C GLN G 41 -66.26 -36.65 12.96
N VAL G 42 -65.93 -37.20 11.78
CA VAL G 42 -65.69 -38.65 11.62
C VAL G 42 -64.21 -39.02 11.68
N ALA G 43 -63.93 -40.20 12.24
CA ALA G 43 -62.58 -40.77 12.29
C ALA G 43 -62.38 -41.75 11.14
N ILE G 44 -61.20 -41.75 10.55
CA ILE G 44 -60.94 -42.61 9.39
C ILE G 44 -59.68 -43.45 9.51
N LYS G 45 -59.86 -44.74 9.79
CA LYS G 45 -58.76 -45.70 9.79
C LYS G 45 -58.69 -46.41 8.45
N GLN G 46 -57.74 -45.98 7.61
CA GLN G 46 -57.51 -46.60 6.31
C GLN G 46 -56.50 -47.72 6.42
N CYS G 47 -56.00 -48.19 5.29
CA CYS G 47 -55.13 -49.38 5.25
C CYS G 47 -53.70 -49.09 4.86
N ARG G 48 -52.84 -50.08 5.04
CA ARG G 48 -51.40 -49.94 4.85
C ARG G 48 -50.88 -50.89 3.77
N GLN G 49 -50.54 -50.30 2.61
CA GLN G 49 -49.75 -50.93 1.55
C GLN G 49 -49.77 -52.46 1.44
N GLU G 50 -50.97 -53.05 1.39
CA GLU G 50 -51.14 -54.51 1.23
C GLU G 50 -50.52 -55.36 2.33
N LEU G 51 -51.10 -56.54 2.52
CA LEU G 51 -50.59 -57.52 3.48
C LEU G 51 -50.90 -58.90 2.94
N SER G 52 -50.49 -59.93 3.68
CA SER G 52 -50.88 -61.30 3.39
C SER G 52 -52.40 -61.37 3.30
N PRO G 53 -52.97 -62.26 2.46
CA PRO G 53 -54.43 -62.32 2.35
C PRO G 53 -55.12 -62.47 3.70
N LYS G 54 -54.59 -63.32 4.59
CA LYS G 54 -55.17 -63.48 5.94
C LYS G 54 -54.88 -62.30 6.87
N ASN G 55 -53.95 -61.43 6.47
CA ASN G 55 -53.62 -60.21 7.22
C ASN G 55 -54.36 -58.94 6.77
N ARG G 56 -54.75 -58.88 5.48
CA ARG G 56 -55.63 -57.82 4.99
C ARG G 56 -57.11 -58.16 5.16
N GLU G 57 -57.42 -59.46 5.25
CA GLU G 57 -58.76 -59.95 5.55
C GLU G 57 -59.08 -59.79 7.04
N ARG G 58 -58.03 -59.86 7.87
CA ARG G 58 -58.11 -59.56 9.31
C ARG G 58 -58.47 -58.10 9.59
N TRP G 59 -57.99 -57.20 8.73
CA TRP G 59 -58.38 -55.78 8.76
C TRP G 59 -59.90 -55.64 8.61
N CYS G 60 -60.48 -56.46 7.75
CA CYS G 60 -61.92 -56.43 7.51
C CYS G 60 -62.71 -57.06 8.65
N LEU G 61 -62.07 -57.96 9.41
CA LEU G 61 -62.67 -58.54 10.61
C LEU G 61 -62.76 -57.49 11.74
N GLU G 62 -61.74 -56.62 11.80
CA GLU G 62 -61.72 -55.49 12.72
C GLU G 62 -62.91 -54.57 12.44
N ILE G 63 -63.05 -54.13 11.20
CA ILE G 63 -64.11 -53.19 10.75
C ILE G 63 -65.51 -53.61 11.15
N GLN G 64 -65.84 -54.87 10.88
CA GLN G 64 -67.09 -55.46 11.27
C GLN G 64 -67.23 -55.47 12.80
N ILE G 65 -66.11 -55.68 13.51
CA ILE G 65 -66.11 -55.81 14.98
C ILE G 65 -66.30 -54.49 15.76
N MET G 66 -65.53 -53.45 15.40
CA MET G 66 -65.68 -52.09 15.99
C MET G 66 -66.97 -51.39 15.51
N LYS G 67 -67.71 -52.06 14.62
CA LYS G 67 -69.04 -51.62 14.18
C LYS G 67 -70.09 -52.56 14.79
N LYS G 68 -69.69 -53.82 14.96
CA LYS G 68 -70.49 -54.85 15.61
C LYS G 68 -70.82 -54.46 17.03
N LEU G 69 -70.05 -53.51 17.57
CA LEU G 69 -70.18 -53.12 18.96
C LEU G 69 -70.45 -51.63 19.20
N ASN G 70 -71.10 -51.37 20.33
CA ASN G 70 -71.39 -50.03 20.82
C ASN G 70 -71.56 -50.07 22.33
N HIS G 71 -70.73 -49.30 23.00
CA HIS G 71 -70.77 -49.19 24.44
C HIS G 71 -70.30 -47.78 24.68
N PRO G 72 -71.05 -47.01 25.49
CA PRO G 72 -70.45 -45.72 25.86
C PRO G 72 -69.15 -46.04 26.60
N ASN G 73 -68.16 -45.16 26.49
CA ASN G 73 -66.79 -45.47 26.90
C ASN G 73 -65.92 -46.01 25.76
N VAL G 74 -66.54 -46.61 24.75
CA VAL G 74 -65.80 -47.13 23.60
C VAL G 74 -66.47 -46.86 22.25
N VAL G 75 -65.91 -45.91 21.52
CA VAL G 75 -66.41 -45.40 20.24
C VAL G 75 -67.12 -46.45 19.38
N SER G 76 -68.13 -46.02 18.63
CA SER G 76 -68.73 -46.84 17.57
C SER G 76 -68.63 -46.18 16.18
N ALA G 77 -68.66 -47.01 15.13
CA ALA G 77 -68.46 -46.56 13.76
C ALA G 77 -69.69 -45.88 13.17
N ARG G 78 -69.45 -44.82 12.39
CA ARG G 78 -70.51 -44.13 11.65
C ARG G 78 -70.78 -44.74 10.27
N GLU G 79 -70.24 -45.94 10.05
CA GLU G 79 -70.23 -46.63 8.74
C GLU G 79 -69.25 -45.98 7.73
N VAL G 80 -69.79 -45.26 6.75
CA VAL G 80 -68.98 -44.54 5.78
C VAL G 80 -69.72 -43.28 5.41
N PRO G 81 -69.02 -42.13 5.35
CA PRO G 81 -69.68 -40.90 4.86
C PRO G 81 -69.94 -41.05 3.36
N ASP G 82 -71.21 -41.09 2.97
CA ASP G 82 -71.66 -41.32 1.58
C ASP G 82 -71.15 -40.22 0.65
N GLY G 83 -70.97 -39.03 1.22
CA GLY G 83 -70.33 -37.90 0.54
C GLY G 83 -68.82 -38.07 0.50
N LEU G 84 -68.27 -37.98 -0.72
CA LEU G 84 -66.84 -38.18 -1.06
C LEU G 84 -66.36 -39.64 -1.04
N GLN G 85 -66.77 -40.40 -0.03
CA GLN G 85 -66.56 -41.86 0.03
C GLN G 85 -65.13 -42.32 -0.31
N LYS G 86 -65.03 -43.31 -1.19
CA LYS G 86 -63.77 -43.89 -1.59
C LYS G 86 -62.83 -42.88 -2.28
N LEU G 87 -62.10 -42.14 -1.47
CA LEU G 87 -60.85 -41.55 -1.92
C LEU G 87 -59.75 -42.53 -1.51
N ALA G 88 -60.19 -43.77 -1.26
CA ALA G 88 -59.34 -44.87 -0.80
C ALA G 88 -58.75 -45.68 -1.99
N PRO G 89 -57.40 -45.58 -2.21
CA PRO G 89 -56.76 -46.36 -3.28
C PRO G 89 -56.52 -47.81 -2.83
N ASN G 90 -57.60 -48.47 -2.42
CA ASN G 90 -57.55 -49.81 -1.83
C ASN G 90 -58.39 -50.89 -2.53
N ASP G 91 -59.63 -50.53 -2.90
CA ASP G 91 -60.70 -51.50 -3.19
C ASP G 91 -61.07 -52.26 -1.91
N LEU G 92 -60.31 -52.01 -0.84
CA LEU G 92 -60.63 -52.42 0.53
C LEU G 92 -61.41 -51.28 1.19
N PRO G 93 -62.26 -51.60 2.19
CA PRO G 93 -63.04 -50.56 2.87
C PRO G 93 -62.18 -49.55 3.64
N LEU G 94 -62.83 -48.57 4.27
CA LEU G 94 -62.21 -47.73 5.29
C LEU G 94 -63.02 -47.87 6.59
N LEU G 95 -62.69 -47.10 7.64
CA LEU G 95 -63.50 -47.08 8.86
C LEU G 95 -63.75 -45.68 9.37
N ALA G 96 -65.03 -45.39 9.63
CA ALA G 96 -65.43 -44.07 10.12
C ALA G 96 -66.02 -44.16 11.53
N MET G 97 -65.38 -43.48 12.48
CA MET G 97 -65.77 -43.52 13.88
C MET G 97 -66.25 -42.14 14.32
N GLU G 98 -66.92 -42.10 15.47
CA GLU G 98 -67.30 -40.84 16.10
C GLU G 98 -66.12 -40.23 16.85
N TYR G 99 -65.45 -39.29 16.19
CA TYR G 99 -64.29 -38.62 16.77
C TYR G 99 -64.68 -37.79 17.98
N CYS G 100 -63.93 -37.95 19.06
CA CYS G 100 -64.22 -37.27 20.33
C CYS G 100 -63.25 -36.11 20.55
N GLU G 101 -63.71 -35.03 21.18
CA GLU G 101 -62.93 -33.80 21.35
C GLU G 101 -61.77 -33.88 22.34
N GLY G 102 -60.72 -33.11 22.00
CA GLY G 102 -59.41 -33.06 22.71
C GLY G 102 -59.18 -33.77 24.04
N GLY G 103 -59.20 -35.10 24.03
CA GLY G 103 -59.10 -35.90 25.26
C GLY G 103 -58.12 -37.07 25.32
N ASP G 104 -57.26 -37.20 24.28
CA ASP G 104 -56.16 -38.17 24.29
C ASP G 104 -55.62 -38.32 25.72
N LEU G 105 -56.07 -39.39 26.40
CA LEU G 105 -55.83 -39.54 27.84
C LEU G 105 -54.44 -39.09 28.24
N ARG G 106 -53.50 -39.28 27.34
CA ARG G 106 -52.18 -38.79 27.57
C ARG G 106 -52.34 -37.33 27.78
N LYS G 107 -52.51 -36.58 26.70
CA LYS G 107 -52.67 -35.13 26.79
C LYS G 107 -52.61 -34.60 28.25
N TYR G 108 -53.64 -34.94 29.05
CA TYR G 108 -53.68 -34.51 30.46
C TYR G 108 -52.59 -35.19 31.33
N LEU G 109 -52.36 -36.49 31.16
CA LEU G 109 -51.38 -37.17 32.00
C LEU G 109 -50.04 -36.46 31.99
N ASN G 110 -49.74 -35.84 30.87
CA ASN G 110 -48.62 -34.92 30.81
C ASN G 110 -49.05 -33.62 31.44
N GLN G 111 -50.33 -33.29 31.27
CA GLN G 111 -50.91 -31.96 31.48
C GLN G 111 -49.97 -31.01 32.11
N PHE G 112 -49.54 -31.30 33.33
CA PHE G 112 -48.49 -30.49 33.90
C PHE G 112 -48.37 -30.47 35.39
N GLU G 113 -49.48 -30.73 36.05
CA GLU G 113 -49.50 -30.52 37.48
C GLU G 113 -50.27 -31.73 37.93
N ASN G 114 -50.36 -32.67 36.99
CA ASN G 114 -50.71 -33.99 37.36
C ASN G 114 -49.45 -34.76 37.63
N CYS G 115 -48.31 -34.14 37.35
CA CYS G 115 -47.04 -34.64 37.89
C CYS G 115 -47.23 -34.71 39.40
N CYS G 116 -47.14 -35.94 39.92
CA CYS G 116 -47.40 -36.30 41.34
C CYS G 116 -48.80 -36.83 41.50
N GLY G 117 -49.52 -36.96 40.38
CA GLY G 117 -50.80 -37.61 40.35
C GLY G 117 -51.88 -36.80 39.68
N LEU G 118 -52.94 -37.47 39.33
CA LEU G 118 -54.09 -36.84 38.77
C LEU G 118 -55.28 -37.20 39.70
N LYS G 119 -55.14 -36.95 41.03
CA LYS G 119 -56.23 -37.32 42.01
C LYS G 119 -57.55 -36.55 41.91
N GLU G 120 -58.46 -37.14 41.14
CA GLU G 120 -59.68 -36.50 40.91
C GLU G 120 -60.72 -37.46 41.44
N GLY G 121 -60.86 -38.61 40.84
CA GLY G 121 -62.17 -39.17 40.79
C GLY G 121 -62.53 -39.19 39.30
N PRO G 122 -62.21 -38.11 38.53
CA PRO G 122 -61.66 -38.41 37.19
C PRO G 122 -60.57 -39.52 37.20
N ILE G 123 -60.13 -39.94 38.38
CA ILE G 123 -59.63 -41.30 38.59
C ILE G 123 -60.82 -42.26 38.65
N ARG G 124 -61.80 -41.92 39.52
CA ARG G 124 -63.07 -42.67 39.78
C ARG G 124 -63.94 -42.79 38.52
N THR G 125 -63.88 -41.79 37.64
CA THR G 125 -64.51 -41.92 36.34
C THR G 125 -63.70 -42.96 35.58
N LEU G 126 -62.48 -42.59 35.20
CA LEU G 126 -61.63 -43.44 34.39
C LEU G 126 -61.58 -44.85 34.94
N LEU G 127 -61.20 -45.00 36.22
CA LEU G 127 -61.23 -46.31 36.83
C LEU G 127 -62.56 -47.02 36.59
N SER G 128 -63.64 -46.25 36.53
CA SER G 128 -64.95 -46.82 36.23
C SER G 128 -65.22 -47.02 34.72
N ASP G 129 -65.24 -45.91 33.97
CA ASP G 129 -65.54 -45.94 32.55
C ASP G 129 -64.92 -47.13 31.85
N ILE G 130 -63.59 -47.18 31.92
CA ILE G 130 -62.81 -48.25 31.31
C ILE G 130 -63.26 -49.57 31.85
N SER G 131 -63.30 -49.70 33.18
CA SER G 131 -63.71 -50.94 33.80
C SER G 131 -65.02 -51.45 33.16
N SER G 132 -65.84 -50.52 32.69
CA SER G 132 -67.07 -50.91 32.02
C SER G 132 -66.97 -50.97 30.49
N ALA G 133 -65.89 -50.44 29.94
CA ALA G 133 -65.57 -50.63 28.52
C ALA G 133 -64.95 -52.02 28.31
N LEU G 134 -63.97 -52.36 29.17
CA LEU G 134 -63.34 -53.69 29.16
C LEU G 134 -64.40 -54.72 29.39
N ARG G 135 -65.20 -54.50 30.42
CA ARG G 135 -66.47 -55.19 30.60
C ARG G 135 -66.93 -55.80 29.29
N TYR G 136 -67.46 -54.92 28.45
CA TYR G 136 -68.16 -55.22 27.22
C TYR G 136 -67.31 -56.07 26.27
N LEU G 137 -66.01 -56.03 26.49
CA LEU G 137 -65.07 -56.68 25.60
C LEU G 137 -64.73 -58.09 26.03
N HIS G 138 -64.86 -58.36 27.33
CA HIS G 138 -64.74 -59.74 27.81
C HIS G 138 -66.10 -60.40 27.70
N GLU G 139 -67.06 -59.61 27.20
CA GLU G 139 -68.42 -60.07 26.95
C GLU G 139 -68.50 -60.70 25.59
N ASN G 140 -67.77 -60.09 24.68
CA ASN G 140 -67.72 -60.56 23.31
C ASN G 140 -66.41 -61.30 23.07
N ARG G 141 -65.77 -61.65 24.19
CA ARG G 141 -64.45 -62.29 24.28
C ARG G 141 -63.43 -61.65 23.33
N ILE G 142 -63.35 -60.33 23.41
CA ILE G 142 -62.43 -59.56 22.58
C ILE G 142 -61.43 -58.85 23.48
N ILE G 143 -60.32 -59.53 23.78
CA ILE G 143 -59.22 -58.96 24.55
C ILE G 143 -58.62 -57.81 23.76
N HIS G 144 -58.56 -56.63 24.35
CA HIS G 144 -58.03 -55.44 23.67
C HIS G 144 -56.56 -55.58 23.41
N ARG G 145 -55.95 -56.45 24.23
CA ARG G 145 -54.50 -56.69 24.30
C ARG G 145 -53.72 -55.51 24.83
N ASP G 146 -53.43 -54.53 23.97
CA ASP G 146 -52.75 -53.33 24.44
C ASP G 146 -53.72 -52.40 25.17
N LEU G 147 -53.15 -51.39 25.81
CA LEU G 147 -53.87 -50.39 26.55
C LEU G 147 -52.79 -49.44 27.04
N LYS G 148 -53.04 -48.16 26.82
CA LYS G 148 -52.02 -47.14 26.84
C LYS G 148 -52.77 -45.90 27.30
N PRO G 149 -52.10 -44.78 27.48
CA PRO G 149 -52.92 -43.61 27.61
C PRO G 149 -53.48 -43.17 26.24
N GLU G 150 -52.78 -43.47 25.15
CA GLU G 150 -53.06 -42.80 23.87
C GLU G 150 -54.10 -43.50 23.00
N ASN G 151 -54.93 -44.31 23.64
CA ASN G 151 -56.09 -44.87 22.95
C ASN G 151 -57.38 -44.37 23.57
N ILE G 152 -57.25 -43.61 24.66
CA ILE G 152 -58.39 -43.15 25.43
C ILE G 152 -58.56 -41.65 25.37
N VAL G 153 -59.81 -41.23 25.18
CA VAL G 153 -60.15 -39.83 25.06
C VAL G 153 -61.20 -39.33 26.08
N LEU G 154 -60.71 -38.60 27.09
CA LEU G 154 -61.55 -37.83 28.00
C LEU G 154 -62.16 -36.64 27.23
N GLN G 155 -63.41 -36.82 26.79
CA GLN G 155 -64.13 -35.80 26.05
C GLN G 155 -65.29 -35.24 26.89
N PRO G 156 -65.51 -33.91 26.86
CA PRO G 156 -66.61 -33.25 27.60
C PRO G 156 -67.99 -33.95 27.46
N GLY G 157 -68.63 -34.20 28.60
CA GLY G 157 -69.89 -34.95 28.64
C GLY G 157 -71.11 -34.15 29.06
N PRO G 158 -72.33 -34.61 28.63
CA PRO G 158 -73.58 -33.98 29.02
C PRO G 158 -73.75 -33.82 30.53
N GLN G 159 -72.91 -34.51 31.31
CA GLN G 159 -72.90 -34.33 32.76
C GLN G 159 -71.49 -34.23 33.36
N ARG G 160 -70.73 -35.31 33.25
CA ARG G 160 -69.45 -35.45 33.99
C ARG G 160 -68.31 -36.17 33.23
N LEU G 161 -67.76 -35.54 32.19
CA LEU G 161 -66.61 -36.06 31.42
C LEU G 161 -66.73 -37.52 31.02
N ILE G 162 -67.29 -37.79 29.85
CA ILE G 162 -67.30 -39.14 29.31
C ILE G 162 -65.96 -39.36 28.62
N HIS G 163 -65.29 -40.47 28.92
CA HIS G 163 -64.11 -40.84 28.15
C HIS G 163 -64.19 -42.14 27.37
N LYS G 164 -63.69 -42.06 26.14
CA LYS G 164 -63.84 -43.10 25.15
C LYS G 164 -62.50 -43.67 24.65
N ILE G 165 -62.47 -44.99 24.51
CA ILE G 165 -61.32 -45.75 24.01
C ILE G 165 -61.42 -45.94 22.48
N ILE G 166 -60.65 -45.11 21.77
CA ILE G 166 -60.63 -44.98 20.30
C ILE G 166 -59.68 -46.02 19.65
N ASP G 167 -59.30 -45.77 18.38
CA ASP G 167 -58.15 -46.38 17.61
C ASP G 167 -57.87 -47.91 17.64
N LEU G 168 -58.09 -48.59 18.76
CA LEU G 168 -57.40 -49.86 18.91
C LEU G 168 -58.25 -51.11 18.75
N GLY G 169 -57.64 -52.06 18.05
CA GLY G 169 -58.17 -53.39 17.82
C GLY G 169 -57.00 -54.28 17.40
N TYR G 170 -56.07 -54.49 18.33
CA TYR G 170 -55.01 -55.49 18.19
C TYR G 170 -55.57 -56.69 18.87
N ALA G 171 -56.78 -57.06 18.47
CA ALA G 171 -57.72 -57.58 19.42
C ALA G 171 -58.04 -59.07 19.30
N LYS G 172 -57.03 -59.90 19.45
CA LYS G 172 -57.14 -61.35 19.78
C LYS G 172 -58.57 -61.88 20.07
N GLU G 173 -59.52 -61.53 19.20
CA GLU G 173 -60.91 -61.96 19.37
C GLU G 173 -61.02 -63.47 19.31
N LEU G 174 -61.26 -64.09 20.46
CA LEU G 174 -61.44 -65.52 20.52
C LEU G 174 -62.31 -65.99 19.36
N ASP G 175 -61.93 -67.15 18.83
CA ASP G 175 -62.64 -67.84 17.74
C ASP G 175 -62.25 -67.35 16.36
N GLN G 176 -62.25 -66.05 16.15
CA GLN G 176 -61.76 -65.51 14.89
C GLN G 176 -60.32 -65.00 14.98
N GLY G 177 -59.45 -65.83 15.55
CA GLY G 177 -58.01 -65.58 15.65
C GLY G 177 -57.62 -64.25 16.26
N GLU G 178 -56.36 -63.86 16.06
CA GLU G 178 -55.91 -62.54 16.48
C GLU G 178 -56.16 -61.57 15.35
N LEU G 179 -55.99 -60.28 15.64
CA LEU G 179 -55.77 -59.29 14.60
C LEU G 179 -54.27 -58.97 14.65
N CYS G 180 -53.71 -58.55 13.52
CA CYS G 180 -52.30 -58.08 13.40
C CYS G 180 -51.17 -58.77 14.20
N THR G 181 -50.90 -58.32 15.44
CA THR G 181 -49.61 -58.54 16.15
C THR G 181 -48.60 -57.59 15.51
N GLU G 182 -49.11 -56.41 15.14
CA GLU G 182 -48.32 -55.33 14.55
C GLU G 182 -47.28 -54.74 15.51
N PHE G 183 -47.50 -54.83 16.83
CA PHE G 183 -46.49 -54.47 17.84
C PHE G 183 -46.17 -52.95 17.90
N VAL G 184 -46.96 -52.10 17.24
CA VAL G 184 -46.44 -50.78 16.75
C VAL G 184 -45.78 -49.73 17.72
N GLY G 185 -46.51 -48.64 18.05
CA GLY G 185 -45.92 -47.41 18.59
C GLY G 185 -45.12 -47.41 19.91
N THR G 186 -45.79 -47.07 21.01
CA THR G 186 -45.15 -47.06 22.34
C THR G 186 -45.48 -48.32 23.09
N LEU G 187 -44.49 -49.19 23.11
CA LEU G 187 -44.59 -50.47 23.79
C LEU G 187 -44.62 -50.26 25.29
N GLN G 188 -44.03 -49.14 25.71
CA GLN G 188 -43.62 -48.86 27.08
C GLN G 188 -44.52 -49.46 28.22
N TYR G 189 -45.74 -49.96 27.88
CA TYR G 189 -46.84 -50.43 28.81
C TYR G 189 -47.18 -51.94 28.96
N LEU G 190 -47.39 -52.66 27.84
CA LEU G 190 -48.05 -53.99 27.91
C LEU G 190 -47.46 -55.11 28.86
N ALA G 191 -48.00 -56.33 28.82
CA ALA G 191 -47.69 -57.34 29.83
C ALA G 191 -47.05 -58.59 29.25
N PRO G 192 -46.08 -59.21 29.98
CA PRO G 192 -45.35 -60.36 29.49
C PRO G 192 -45.59 -60.77 28.04
N GLU G 193 -45.26 -59.82 27.16
CA GLU G 193 -45.02 -59.98 25.72
C GLU G 193 -43.55 -59.81 25.55
N LEU G 194 -42.80 -60.60 26.33
CA LEU G 194 -41.48 -61.03 25.92
C LEU G 194 -41.95 -61.69 24.62
N LEU G 195 -41.79 -60.95 23.50
CA LEU G 195 -42.54 -61.12 22.22
C LEU G 195 -43.23 -62.50 22.08
N GLU G 196 -44.55 -62.49 22.30
CA GLU G 196 -45.43 -63.66 22.20
C GLU G 196 -45.66 -64.40 23.54
N GLN G 197 -45.28 -65.67 23.63
CA GLN G 197 -45.80 -66.58 24.69
C GLN G 197 -47.27 -66.87 24.48
N LYS G 198 -47.74 -67.89 25.19
CA LYS G 198 -49.03 -68.51 24.91
C LYS G 198 -50.11 -67.87 25.77
N LYS G 199 -49.67 -67.11 26.75
CA LYS G 199 -50.59 -66.58 27.77
C LYS G 199 -51.34 -65.31 27.30
N TYR G 200 -51.73 -65.25 26.02
CA TYR G 200 -52.60 -64.17 25.54
C TYR G 200 -53.93 -64.34 26.19
N THR G 201 -53.86 -64.53 27.50
CA THR G 201 -55.08 -64.67 28.29
C THR G 201 -55.67 -63.30 28.62
N VAL G 202 -56.98 -63.25 28.71
CA VAL G 202 -57.66 -62.08 29.22
C VAL G 202 -56.68 -61.17 30.00
N THR G 203 -56.08 -61.78 31.05
CA THR G 203 -55.11 -61.20 32.01
C THR G 203 -54.33 -59.96 31.63
N VAL G 204 -54.00 -59.87 30.35
CA VAL G 204 -53.00 -58.91 29.90
C VAL G 204 -53.61 -57.51 29.70
N ASP G 205 -54.93 -57.46 29.66
CA ASP G 205 -55.58 -56.18 29.77
C ASP G 205 -55.38 -55.70 31.20
N TYR G 206 -55.72 -56.57 32.17
CA TYR G 206 -55.75 -56.20 33.60
C TYR G 206 -54.44 -55.55 34.02
N TRP G 207 -53.34 -56.12 33.53
CA TRP G 207 -52.03 -55.55 33.75
C TRP G 207 -51.91 -54.10 33.23
N SER G 208 -52.18 -53.88 31.94
CA SER G 208 -51.92 -52.56 31.32
C SER G 208 -52.74 -51.47 31.99
N PHE G 209 -54.05 -51.74 32.12
CA PHE G 209 -55.02 -50.94 32.89
C PHE G 209 -54.45 -50.53 34.23
N GLY G 210 -54.01 -51.54 34.99
CA GLY G 210 -53.42 -51.38 36.30
C GLY G 210 -52.34 -50.32 36.36
N THR G 211 -51.28 -50.51 35.60
CA THR G 211 -50.27 -49.47 35.54
C THR G 211 -50.87 -48.14 35.00
N LEU G 212 -51.49 -48.20 33.81
CA LEU G 212 -52.25 -47.06 33.27
C LEU G 212 -52.92 -46.29 34.42
N ALA G 213 -53.60 -47.05 35.28
CA ALA G 213 -54.24 -46.53 36.46
C ALA G 213 -53.15 -45.99 37.36
N PHE G 214 -52.23 -46.86 37.81
CA PHE G 214 -51.16 -46.43 38.69
C PHE G 214 -50.68 -45.06 38.20
N GLU G 215 -49.89 -45.09 37.15
CA GLU G 215 -49.52 -43.92 36.41
C GLU G 215 -50.47 -42.71 36.59
N CYS G 216 -51.77 -42.97 36.51
CA CYS G 216 -52.72 -41.88 36.59
C CYS G 216 -52.81 -41.37 37.98
N ILE G 217 -52.72 -42.28 38.95
CA ILE G 217 -52.77 -41.87 40.38
C ILE G 217 -51.60 -40.91 40.70
N THR G 218 -50.45 -41.32 40.22
CA THR G 218 -49.21 -40.85 40.73
C THR G 218 -48.43 -40.18 39.64
N GLY G 219 -47.69 -40.99 38.87
CA GLY G 219 -46.89 -40.59 37.73
C GLY G 219 -45.91 -41.62 37.18
N PHE G 220 -46.01 -42.91 37.59
CA PHE G 220 -45.03 -43.93 37.08
C PHE G 220 -45.65 -45.25 36.59
N ARG G 221 -45.14 -46.37 37.14
CA ARG G 221 -45.60 -47.76 36.92
C ARG G 221 -44.53 -48.57 37.64
N PRO G 222 -44.53 -49.95 37.52
CA PRO G 222 -43.48 -50.79 38.22
C PRO G 222 -42.09 -50.26 37.94
N PHE G 223 -41.94 -49.75 36.70
CA PHE G 223 -41.23 -48.45 36.39
C PHE G 223 -40.79 -48.18 34.92
N LEU G 224 -40.82 -46.90 34.51
CA LEU G 224 -40.35 -46.61 33.14
C LEU G 224 -39.40 -45.41 32.93
N PRO G 225 -38.60 -45.08 33.96
CA PRO G 225 -37.25 -44.81 33.44
C PRO G 225 -36.70 -46.24 33.41
N ASN G 226 -35.52 -46.50 32.84
CA ASN G 226 -35.15 -47.85 32.28
C ASN G 226 -36.13 -48.01 31.10
N TRP G 227 -36.45 -49.26 30.76
CA TRP G 227 -37.23 -49.53 29.55
C TRP G 227 -37.95 -50.89 29.56
N GLN G 228 -38.27 -51.39 28.38
CA GLN G 228 -38.93 -52.67 28.22
C GLN G 228 -38.00 -53.90 28.49
N PRO G 229 -37.13 -54.33 27.51
CA PRO G 229 -36.31 -55.50 27.83
C PRO G 229 -35.32 -55.15 28.91
N VAL G 230 -35.31 -53.86 29.26
CA VAL G 230 -34.54 -53.37 30.38
C VAL G 230 -35.20 -53.78 31.73
N GLN G 231 -36.54 -53.88 31.75
CA GLN G 231 -37.26 -54.47 32.89
C GLN G 231 -37.06 -55.97 33.00
N TRP G 232 -37.92 -56.79 32.38
CA TRP G 232 -37.99 -58.23 32.72
C TRP G 232 -37.29 -58.61 34.04
N HIS G 233 -36.42 -57.74 34.55
CA HIS G 233 -35.87 -57.87 35.90
C HIS G 233 -36.67 -56.97 36.80
N GLY G 234 -37.29 -55.96 36.18
CA GLY G 234 -38.49 -55.35 36.72
C GLY G 234 -39.27 -56.42 37.46
N LYS G 235 -39.60 -57.51 36.75
CA LYS G 235 -40.31 -58.67 37.33
C LYS G 235 -39.50 -59.45 38.35
N VAL G 236 -38.72 -58.68 39.11
CA VAL G 236 -38.15 -58.98 40.41
C VAL G 236 -37.50 -60.33 40.51
N ARG G 237 -36.27 -60.33 41.03
CA ARG G 237 -35.56 -61.54 41.51
C ARG G 237 -35.68 -61.74 43.04
N ILE G 244 -41.22 -59.48 43.93
CA ILE G 244 -42.02 -59.47 42.70
C ILE G 244 -43.29 -58.66 42.98
N VAL G 245 -44.08 -59.17 43.95
CA VAL G 245 -45.12 -58.42 44.63
C VAL G 245 -44.43 -57.67 45.81
N VAL G 246 -43.59 -56.66 45.48
CA VAL G 246 -42.77 -55.87 46.44
C VAL G 246 -42.72 -54.41 45.95
N TYR G 247 -41.71 -53.63 46.39
CA TYR G 247 -41.17 -52.40 45.69
C TYR G 247 -39.60 -52.22 45.79
N ASP G 248 -38.99 -51.39 44.94
CA ASP G 248 -37.59 -51.65 44.56
C ASP G 248 -36.46 -50.64 44.79
N ASP G 249 -35.54 -50.66 43.84
CA ASP G 249 -34.13 -50.35 44.07
C ASP G 249 -33.66 -49.04 43.46
N LEU G 250 -32.48 -48.60 43.90
CA LEU G 250 -31.93 -47.27 43.56
C LEU G 250 -30.55 -47.34 42.90
N THR G 251 -29.80 -46.29 43.21
CA THR G 251 -28.39 -46.05 42.92
C THR G 251 -28.10 -44.80 43.78
N GLY G 252 -28.04 -43.63 43.14
CA GLY G 252 -28.25 -42.38 43.83
C GLY G 252 -29.70 -42.50 44.29
N ALA G 253 -30.48 -41.48 44.02
CA ALA G 253 -31.91 -41.62 44.26
C ALA G 253 -32.56 -42.01 42.93
N VAL G 254 -33.07 -43.25 42.84
CA VAL G 254 -33.93 -43.72 41.72
C VAL G 254 -34.67 -44.92 42.29
N LYS G 255 -35.92 -45.22 41.86
CA LYS G 255 -36.79 -46.23 42.57
C LYS G 255 -37.98 -46.83 41.76
N PHE G 256 -38.31 -48.11 41.94
CA PHE G 256 -39.09 -48.73 40.88
C PHE G 256 -40.07 -49.82 41.30
N SER G 257 -41.36 -49.39 41.43
CA SER G 257 -42.19 -49.66 42.67
C SER G 257 -43.69 -50.00 42.70
N SER G 258 -43.97 -50.93 43.60
CA SER G 258 -45.34 -51.33 43.88
C SER G 258 -45.44 -52.14 45.19
N VAL G 259 -45.22 -51.42 46.33
CA VAL G 259 -45.87 -51.64 47.68
C VAL G 259 -46.47 -50.33 48.29
N LEU G 260 -45.70 -49.24 48.26
CA LEU G 260 -46.10 -48.02 48.94
C LEU G 260 -46.25 -46.82 47.97
N PRO G 261 -47.49 -46.61 47.43
CA PRO G 261 -47.79 -45.73 46.28
C PRO G 261 -47.55 -44.23 46.39
N THR G 262 -46.46 -43.79 47.06
CA THR G 262 -45.73 -42.53 46.74
C THR G 262 -46.28 -41.10 47.35
N PRO G 263 -45.64 -39.91 47.06
CA PRO G 263 -46.27 -38.57 47.42
C PRO G 263 -47.21 -37.87 46.41
N ASN G 264 -48.35 -38.54 46.16
CA ASN G 264 -49.43 -38.24 45.20
C ASN G 264 -50.44 -37.23 45.77
N HIS G 265 -51.61 -37.04 45.14
CA HIS G 265 -52.66 -36.32 45.89
C HIS G 265 -54.04 -36.94 46.03
N LEU G 266 -54.11 -38.23 46.42
CA LEU G 266 -55.39 -38.99 46.58
C LEU G 266 -56.14 -38.83 47.91
N SER G 267 -57.30 -39.50 48.02
CA SER G 267 -58.00 -39.63 49.31
C SER G 267 -57.14 -40.40 50.35
N GLY G 268 -57.10 -39.89 51.59
CA GLY G 268 -56.50 -40.61 52.70
C GLY G 268 -56.86 -42.08 52.64
N ILE G 269 -58.15 -42.39 52.48
CA ILE G 269 -58.57 -43.78 52.43
C ILE G 269 -58.51 -44.47 51.05
N LEU G 270 -57.93 -43.82 50.06
CA LEU G 270 -57.71 -44.51 48.81
C LEU G 270 -56.31 -45.15 48.56
N ALA G 271 -55.31 -44.74 49.35
CA ALA G 271 -54.23 -45.68 49.63
C ALA G 271 -54.96 -47.03 49.90
N GLY G 272 -56.12 -46.94 50.59
CA GLY G 272 -57.03 -48.06 50.87
C GLY G 272 -57.35 -49.00 49.72
N LYS G 273 -57.79 -48.45 48.59
CA LYS G 273 -57.76 -49.21 47.33
C LYS G 273 -56.32 -49.50 46.95
N LEU G 274 -55.64 -48.45 46.49
CA LEU G 274 -54.41 -48.56 45.72
C LEU G 274 -53.64 -49.82 46.07
N GLU G 275 -52.85 -49.69 47.14
CA GLU G 275 -51.83 -50.65 47.55
C GLU G 275 -52.37 -52.07 47.60
N ARG G 276 -53.69 -52.19 47.70
CA ARG G 276 -54.32 -53.50 47.72
C ARG G 276 -55.16 -53.76 46.47
N TRP G 277 -55.48 -52.74 45.70
CA TRP G 277 -56.01 -53.08 44.42
C TRP G 277 -54.86 -53.37 43.56
N LEU G 278 -54.18 -52.31 43.13
CA LEU G 278 -53.05 -52.42 42.22
C LEU G 278 -52.07 -53.59 42.53
N GLN G 279 -51.84 -53.89 43.81
CA GLN G 279 -51.01 -55.05 44.22
C GLN G 279 -51.55 -56.38 43.64
N CYS G 280 -52.65 -56.26 42.90
CA CYS G 280 -53.35 -57.42 42.42
C CYS G 280 -53.63 -57.28 40.95
N MET G 281 -53.78 -56.03 40.54
CA MET G 281 -53.97 -55.71 39.14
C MET G 281 -52.67 -55.64 38.37
N LEU G 282 -51.55 -55.72 39.09
CA LEU G 282 -50.23 -55.64 38.48
C LEU G 282 -49.46 -56.94 38.60
N MET G 283 -49.94 -57.93 37.84
CA MET G 283 -49.30 -59.25 37.76
C MET G 283 -49.47 -60.04 36.41
N TRP G 284 -49.00 -61.29 36.48
CA TRP G 284 -48.64 -62.17 35.34
C TRP G 284 -49.35 -63.54 35.31
N HIS G 285 -49.57 -64.09 34.10
CA HIS G 285 -50.16 -65.43 33.92
C HIS G 285 -51.69 -65.42 34.10
N GLN G 286 -52.10 -65.39 35.37
CA GLN G 286 -53.51 -65.42 35.81
C GLN G 286 -53.85 -64.33 36.86
N ARG G 287 -53.61 -63.06 36.47
CA ARG G 287 -54.04 -61.88 37.24
C ARG G 287 -54.86 -60.91 36.42
N THR G 291 -58.27 -63.36 41.23
CA THR G 291 -56.97 -62.81 41.56
C THR G 291 -56.72 -62.58 43.07
N ASP G 292 -57.54 -61.75 43.76
CA ASP G 292 -57.37 -61.49 45.22
C ASP G 292 -57.71 -62.71 46.10
N PRO G 293 -56.67 -63.37 46.67
CA PRO G 293 -56.73 -64.80 47.09
C PRO G 293 -57.52 -65.09 48.36
N GLN G 294 -58.37 -64.14 48.77
CA GLN G 294 -59.32 -64.38 49.85
C GLN G 294 -60.63 -64.92 49.28
N ASN G 295 -60.75 -64.95 47.95
CA ASN G 295 -62.03 -65.18 47.32
C ASN G 295 -61.92 -65.34 45.82
N PRO G 296 -62.94 -65.94 45.19
CA PRO G 296 -63.16 -65.70 43.77
C PRO G 296 -64.19 -64.58 43.51
N ASN G 297 -63.72 -63.33 43.42
CA ASN G 297 -64.57 -62.16 43.13
C ASN G 297 -64.72 -61.88 41.62
N VAL G 298 -64.58 -60.62 41.21
CA VAL G 298 -64.33 -60.24 39.80
C VAL G 298 -63.09 -59.31 39.68
N GLY G 299 -62.20 -59.69 38.77
CA GLY G 299 -60.92 -59.02 38.52
C GLY G 299 -60.99 -57.53 38.69
N CYS G 300 -61.27 -56.82 37.62
CA CYS G 300 -61.54 -55.39 37.78
C CYS G 300 -62.87 -55.22 38.51
N PHE G 301 -63.96 -55.39 37.78
CA PHE G 301 -65.34 -55.07 38.24
C PHE G 301 -65.57 -55.13 39.74
N GLN G 302 -66.02 -56.27 40.24
CA GLN G 302 -66.49 -56.33 41.60
C GLN G 302 -65.62 -55.53 42.55
N ALA G 303 -64.35 -55.92 42.68
CA ALA G 303 -63.43 -55.29 43.64
C ALA G 303 -63.34 -53.78 43.45
N LEU G 304 -63.03 -53.37 42.23
CA LEU G 304 -62.85 -51.96 41.90
C LEU G 304 -64.14 -51.17 42.07
N ASP G 305 -65.26 -51.78 41.71
CA ASP G 305 -66.57 -51.14 41.81
C ASP G 305 -66.95 -50.85 43.26
N SER G 306 -66.81 -51.86 44.13
CA SER G 306 -67.03 -51.71 45.59
C SER G 306 -66.01 -50.77 46.21
N ILE G 307 -64.78 -50.82 45.69
CA ILE G 307 -63.74 -49.91 46.12
C ILE G 307 -63.94 -48.51 45.48
N LEU G 308 -64.79 -48.44 44.45
CA LEU G 308 -65.08 -47.15 43.76
C LEU G 308 -66.31 -46.45 44.28
N SER G 309 -67.37 -47.22 44.55
CA SER G 309 -68.55 -46.69 45.25
C SER G 309 -68.15 -46.54 46.73
N LEU G 310 -69.05 -46.88 47.66
CA LEU G 310 -68.89 -46.45 49.08
C LEU G 310 -69.11 -44.93 49.18
N LYS G 311 -69.77 -44.48 50.26
CA LYS G 311 -70.05 -43.06 50.34
C LYS G 311 -69.29 -42.47 51.51
N LEU G 312 -68.62 -41.36 51.22
CA LEU G 312 -67.60 -40.87 52.12
C LEU G 312 -67.91 -39.51 52.71
N LEU G 313 -68.19 -39.55 53.99
CA LEU G 313 -68.15 -38.34 54.76
C LEU G 313 -66.83 -38.17 55.43
N SER G 314 -66.61 -36.93 55.83
CA SER G 314 -65.30 -36.43 56.12
C SER G 314 -65.60 -35.23 56.95
N VAL G 315 -65.08 -35.24 58.18
CA VAL G 315 -65.43 -34.18 59.07
C VAL G 315 -64.15 -33.61 59.54
N MET G 316 -63.92 -32.37 59.12
CA MET G 316 -62.85 -31.59 59.69
C MET G 316 -63.00 -31.63 61.21
N ASN G 317 -61.94 -31.25 61.93
CA ASN G 317 -62.02 -31.09 63.36
C ASN G 317 -61.98 -29.65 63.77
N MET G 318 -60.78 -29.15 64.00
CA MET G 318 -60.55 -27.82 64.56
C MET G 318 -59.87 -27.91 65.91
N VAL G 319 -60.24 -28.95 66.66
CA VAL G 319 -59.29 -29.49 67.60
C VAL G 319 -58.20 -30.04 66.66
N SER G 320 -57.15 -29.23 66.50
CA SER G 320 -56.26 -29.18 65.30
C SER G 320 -55.96 -30.45 64.46
N GLY G 321 -56.42 -31.59 64.95
CA GLY G 321 -56.34 -32.86 64.24
C GLY G 321 -57.03 -32.79 62.90
N ARG G 322 -57.01 -31.60 62.30
CA ARG G 322 -57.54 -31.35 60.99
C ARG G 322 -58.66 -32.36 60.70
N VAL G 323 -58.42 -33.34 59.84
CA VAL G 323 -59.56 -34.10 59.33
C VAL G 323 -59.84 -35.42 60.02
N HIS G 324 -60.94 -36.03 59.58
CA HIS G 324 -61.33 -37.41 59.87
C HIS G 324 -62.30 -37.72 58.74
N THR G 325 -62.32 -38.97 58.29
CA THR G 325 -63.24 -39.39 57.22
C THR G 325 -63.90 -40.72 57.54
N TYR G 326 -65.16 -40.86 57.14
CA TYR G 326 -65.93 -42.04 57.49
C TYR G 326 -66.76 -42.53 56.32
N PRO G 327 -66.81 -43.87 56.18
CA PRO G 327 -67.61 -44.61 55.18
C PRO G 327 -69.04 -44.80 55.68
N VAL G 328 -70.01 -44.32 54.91
CA VAL G 328 -71.38 -44.29 55.45
C VAL G 328 -72.49 -44.88 54.55
N THR G 329 -73.29 -45.78 55.13
CA THR G 329 -74.47 -46.33 54.45
C THR G 329 -75.64 -45.34 54.51
N GLU G 330 -76.50 -45.34 53.50
CA GLU G 330 -77.75 -44.56 53.57
C GLU G 330 -78.72 -45.28 54.53
N ASN G 331 -78.45 -45.09 55.83
CA ASN G 331 -78.94 -45.98 56.87
C ASN G 331 -78.34 -45.64 58.25
N GLU G 332 -77.70 -44.48 58.33
CA GLU G 332 -77.03 -44.02 59.55
C GLU G 332 -77.27 -42.52 59.63
N ASN G 333 -77.32 -41.95 60.83
CA ASN G 333 -77.52 -40.51 61.00
C ASN G 333 -76.54 -39.85 61.97
N LEU G 334 -76.88 -38.64 62.42
CA LEU G 334 -75.98 -37.84 63.27
C LEU G 334 -75.36 -38.63 64.43
N GLN G 335 -76.12 -38.85 65.50
CA GLN G 335 -75.53 -39.50 66.68
C GLN G 335 -74.75 -40.82 66.40
N ASN G 336 -74.96 -41.44 65.23
CA ASN G 336 -74.11 -42.55 64.81
C ASN G 336 -72.71 -41.96 64.80
N LEU G 337 -72.54 -40.93 63.96
CA LEU G 337 -71.30 -40.17 63.77
C LEU G 337 -70.81 -39.66 65.11
N LYS G 338 -71.66 -38.85 65.76
CA LYS G 338 -71.32 -38.19 67.02
C LYS G 338 -70.52 -39.14 67.88
N SER G 339 -71.02 -40.38 67.98
CA SER G 339 -70.34 -41.42 68.75
C SER G 339 -68.97 -41.67 68.12
N TRP G 340 -68.96 -42.18 66.90
CA TRP G 340 -67.69 -42.54 66.34
C TRP G 340 -66.79 -41.32 66.07
N LEU G 341 -67.30 -40.11 66.35
CA LEU G 341 -66.50 -38.88 66.26
C LEU G 341 -65.79 -38.60 67.57
N GLN G 342 -66.48 -38.87 68.67
CA GLN G 342 -65.90 -38.79 70.00
C GLN G 342 -65.01 -40.00 70.11
N GLN G 343 -65.45 -41.08 69.45
CA GLN G 343 -64.75 -42.34 69.47
C GLN G 343 -63.27 -42.11 69.21
N ASP G 344 -63.00 -41.17 68.30
CA ASP G 344 -61.65 -40.86 67.89
C ASP G 344 -61.13 -39.58 68.58
N THR G 345 -61.98 -38.56 68.68
CA THR G 345 -61.56 -37.30 69.33
C THR G 345 -61.78 -37.35 70.84
N GLY G 346 -62.96 -37.80 71.25
CA GLY G 346 -63.28 -37.96 72.65
C GLY G 346 -63.95 -36.75 73.27
N ILE G 347 -64.13 -35.68 72.49
CA ILE G 347 -64.97 -34.56 72.93
C ILE G 347 -66.40 -34.95 72.51
N PRO G 348 -67.18 -35.57 73.44
CA PRO G 348 -68.47 -36.26 73.24
C PRO G 348 -69.66 -35.34 72.94
N GLU G 349 -70.67 -35.88 72.23
CA GLU G 349 -71.84 -35.11 71.66
C GLU G 349 -72.18 -33.76 72.30
N GLU G 350 -72.29 -33.74 73.63
CA GLU G 350 -72.59 -32.50 74.38
C GLU G 350 -71.35 -31.59 74.50
N GLU G 351 -70.80 -31.24 73.34
CA GLU G 351 -69.73 -30.27 73.11
C GLU G 351 -69.33 -30.38 71.64
N GLN G 352 -70.29 -30.85 70.83
CA GLN G 352 -70.04 -31.19 69.45
C GLN G 352 -70.82 -30.31 68.48
N GLU G 353 -70.07 -29.43 67.81
CA GLU G 353 -70.64 -28.51 66.85
C GLU G 353 -70.41 -28.97 65.42
N LEU G 354 -71.40 -29.68 64.89
CA LEU G 354 -71.34 -30.18 63.54
C LEU G 354 -72.03 -29.22 62.59
N LEU G 355 -71.24 -28.59 61.72
CA LEU G 355 -71.75 -27.49 60.91
C LEU G 355 -71.56 -27.77 59.43
N GLN G 356 -72.51 -28.50 58.85
CA GLN G 356 -72.56 -28.72 57.39
C GLN G 356 -72.46 -27.39 56.64
N ALA G 357 -71.55 -27.34 55.67
CA ALA G 357 -71.14 -26.09 55.03
C ALA G 357 -70.79 -25.01 56.08
N SER G 358 -71.01 -23.76 55.71
CA SER G 358 -71.14 -22.69 56.69
C SER G 358 -72.63 -22.45 56.93
N GLY G 359 -73.43 -22.74 55.90
CA GLY G 359 -74.88 -22.64 55.99
C GLY G 359 -75.44 -23.77 56.83
N LEU G 360 -75.81 -23.42 58.07
CA LEU G 360 -76.57 -24.30 58.99
C LEU G 360 -75.78 -24.80 60.20
N ALA G 361 -76.48 -25.70 60.89
CA ALA G 361 -75.91 -26.72 61.75
C ALA G 361 -76.45 -28.05 61.18
N LEU G 362 -76.08 -29.15 61.83
CA LEU G 362 -76.38 -30.46 61.26
C LEU G 362 -77.79 -30.98 61.53
N ASN G 363 -78.62 -30.87 60.48
CA ASN G 363 -80.00 -31.37 60.48
C ASN G 363 -80.04 -32.91 60.55
N SER G 364 -79.84 -33.46 61.75
CA SER G 364 -79.78 -34.91 61.95
C SER G 364 -81.03 -35.63 61.45
N ALA G 365 -81.87 -34.89 60.72
CA ALA G 365 -83.08 -35.42 60.08
C ALA G 365 -82.70 -36.54 59.13
N GLN G 366 -82.21 -36.13 57.95
CA GLN G 366 -81.72 -37.03 56.89
C GLN G 366 -80.67 -38.05 57.35
N PRO G 367 -80.56 -39.20 56.63
CA PRO G 367 -79.39 -40.07 56.83
C PRO G 367 -78.11 -39.37 56.34
N LEU G 368 -76.94 -39.99 56.56
CA LEU G 368 -75.64 -39.35 56.28
C LEU G 368 -75.28 -39.20 54.79
N THR G 369 -76.09 -39.83 53.94
CA THR G 369 -75.83 -39.87 52.52
C THR G 369 -76.43 -38.69 51.76
N GLN G 370 -77.07 -37.77 52.47
CA GLN G 370 -77.49 -36.52 51.85
C GLN G 370 -76.34 -35.52 52.00
N TYR G 371 -75.45 -35.83 52.94
CA TYR G 371 -74.33 -34.98 53.26
C TYR G 371 -73.05 -35.40 52.55
N VAL G 372 -73.16 -36.45 51.70
CA VAL G 372 -72.01 -37.05 50.98
C VAL G 372 -71.35 -36.11 49.96
N ILE G 373 -71.87 -36.11 48.71
CA ILE G 373 -71.28 -35.43 47.52
C ILE G 373 -69.77 -35.55 47.37
N ASP G 374 -69.35 -36.16 46.26
CA ASP G 374 -67.92 -36.41 45.93
C ASP G 374 -67.71 -36.49 44.41
N CYS G 375 -66.49 -36.15 43.95
CA CYS G 375 -66.01 -36.64 42.67
C CYS G 375 -66.16 -35.75 41.43
N THR G 376 -67.29 -35.05 41.29
CA THR G 376 -67.70 -34.57 39.95
C THR G 376 -68.48 -33.22 39.87
N VAL G 377 -67.88 -32.19 39.25
CA VAL G 377 -68.61 -30.93 38.91
C VAL G 377 -68.95 -30.94 37.42
N GLY G 385 -67.46 -27.02 50.44
CA GLY G 385 -68.46 -27.95 50.98
C GLY G 385 -67.87 -29.07 51.83
N ASP G 386 -68.14 -29.01 53.15
CA ASP G 386 -67.74 -30.04 54.13
C ASP G 386 -67.85 -29.73 55.64
N LEU G 387 -68.48 -30.68 56.35
CA LEU G 387 -68.78 -30.58 57.78
C LEU G 387 -67.58 -30.31 58.64
N ILE G 388 -67.27 -29.02 58.83
CA ILE G 388 -66.32 -28.63 59.88
C ILE G 388 -67.00 -28.97 61.23
N PHE G 389 -66.37 -28.62 62.35
CA PHE G 389 -66.76 -29.28 63.59
C PHE G 389 -65.97 -28.84 64.85
N LEU G 390 -66.68 -28.27 65.85
CA LEU G 390 -66.01 -27.66 67.00
C LEU G 390 -66.40 -28.19 68.40
N PHE G 391 -65.78 -27.58 69.42
CA PHE G 391 -65.43 -28.22 70.72
C PHE G 391 -66.10 -27.76 72.03
N ASP G 392 -66.84 -26.64 71.95
CA ASP G 392 -67.46 -25.90 73.09
C ASP G 392 -66.54 -25.48 74.24
N ASN G 393 -65.55 -24.61 73.94
CA ASN G 393 -64.54 -24.17 74.93
C ASN G 393 -63.85 -22.80 74.69
N ARG G 394 -62.73 -22.59 75.39
CA ARG G 394 -61.87 -21.43 75.18
C ARG G 394 -60.69 -21.82 74.29
N LYS G 395 -60.69 -21.27 73.07
CA LYS G 395 -59.72 -21.56 71.97
C LYS G 395 -59.36 -23.03 71.60
N ILE G 402 -55.34 -23.10 70.28
CA ILE G 402 -53.95 -22.70 70.52
C ILE G 402 -53.04 -23.01 69.31
N SER G 403 -53.56 -22.80 68.10
CA SER G 403 -52.90 -23.20 66.84
C SER G 403 -52.38 -24.65 66.81
N LEU G 404 -51.35 -24.85 65.98
CA LEU G 404 -50.57 -26.11 65.85
C LEU G 404 -50.36 -26.58 64.39
N PRO G 405 -49.18 -26.25 63.83
CA PRO G 405 -48.57 -26.85 62.64
C PRO G 405 -48.21 -28.35 62.79
N ALA G 406 -49.10 -29.22 62.27
CA ALA G 406 -48.85 -30.67 62.12
C ALA G 406 -48.59 -31.01 60.63
N HIS G 407 -47.42 -31.60 60.34
CA HIS G 407 -46.94 -31.73 58.96
C HIS G 407 -46.75 -33.15 58.41
N PRO G 408 -47.19 -33.37 57.15
CA PRO G 408 -46.77 -34.51 56.26
C PRO G 408 -45.22 -34.55 55.95
N GLU G 409 -44.75 -35.42 55.03
CA GLU G 409 -43.31 -35.40 54.63
C GLU G 409 -42.83 -35.83 53.19
N SER G 410 -42.44 -37.11 53.04
CA SER G 410 -41.89 -37.69 51.80
C SER G 410 -40.39 -37.63 51.77
N VAL G 411 -39.79 -38.83 51.84
CA VAL G 411 -38.35 -39.04 52.11
C VAL G 411 -37.45 -38.15 51.28
N SER G 412 -37.40 -38.39 49.97
CA SER G 412 -36.53 -37.64 49.07
C SER G 412 -36.46 -36.16 49.46
N ILE G 413 -37.62 -35.54 49.66
CA ILE G 413 -37.69 -34.15 50.01
C ILE G 413 -36.91 -33.84 51.25
N VAL G 414 -37.18 -34.59 52.33
CA VAL G 414 -36.60 -34.35 53.67
C VAL G 414 -35.07 -34.53 53.72
N LEU G 415 -34.48 -34.91 52.59
CA LEU G 415 -33.03 -35.06 52.46
C LEU G 415 -32.48 -33.87 51.71
N GLN G 416 -33.23 -33.49 50.69
CA GLN G 416 -32.91 -32.38 49.79
C GLN G 416 -32.45 -31.15 50.50
N ASP G 417 -33.18 -30.83 51.56
CA ASP G 417 -33.03 -29.59 52.28
C ASP G 417 -31.91 -29.63 53.33
N PRO G 418 -31.85 -30.71 54.15
CA PRO G 418 -30.52 -30.85 54.74
C PRO G 418 -29.52 -31.39 53.69
N LYS G 419 -29.38 -30.71 52.55
CA LYS G 419 -28.43 -31.05 51.47
C LYS G 419 -28.47 -30.12 50.26
N ARG G 420 -27.95 -30.62 49.14
CA ARG G 420 -27.84 -29.86 47.90
C ARG G 420 -26.86 -30.41 46.81
N PRO G 421 -26.26 -31.61 47.04
CA PRO G 421 -25.09 -32.03 46.21
C PRO G 421 -25.42 -32.74 44.89
N LEU G 422 -25.43 -34.07 44.93
CA LEU G 422 -25.89 -34.91 43.82
C LEU G 422 -27.20 -34.36 43.32
N THR G 423 -27.34 -34.26 42.00
CA THR G 423 -28.59 -33.78 41.48
C THR G 423 -28.76 -34.27 40.06
N TYR G 424 -28.95 -35.58 40.00
CA TYR G 424 -29.05 -36.29 38.76
C TYR G 424 -30.19 -35.70 37.92
N THR G 425 -30.10 -35.97 36.62
CA THR G 425 -31.17 -35.80 35.62
C THR G 425 -32.52 -35.41 36.14
N HIS G 426 -32.91 -36.13 37.19
CA HIS G 426 -34.27 -36.19 37.66
C HIS G 426 -34.55 -35.51 38.93
N LEU G 427 -34.88 -34.27 38.73
CA LEU G 427 -35.40 -33.46 39.75
C LEU G 427 -36.84 -33.49 39.36
N ARG G 428 -37.09 -33.83 38.10
CA ARG G 428 -38.45 -34.10 37.61
C ARG G 428 -39.41 -34.86 38.55
N ARG G 429 -38.87 -35.68 39.44
CA ARG G 429 -39.66 -36.11 40.58
C ARG G 429 -39.49 -35.03 41.58
N VAL G 430 -38.31 -35.05 42.20
CA VAL G 430 -38.11 -34.29 43.40
C VAL G 430 -38.66 -32.86 43.33
N TRP G 431 -38.35 -32.16 42.25
CA TRP G 431 -38.84 -30.82 42.03
C TRP G 431 -40.36 -30.84 42.01
N GLY G 432 -40.98 -31.40 40.96
CA GLY G 432 -42.42 -31.69 40.98
C GLY G 432 -42.97 -31.88 42.41
N GLN G 433 -42.36 -32.82 43.14
CA GLN G 433 -42.72 -33.10 44.56
C GLN G 433 -42.78 -31.85 45.45
N ILE G 434 -41.70 -31.06 45.40
CA ILE G 434 -41.56 -29.96 46.31
C ILE G 434 -42.68 -28.93 46.18
N TRP G 435 -43.09 -28.58 44.94
CA TRP G 435 -44.21 -27.67 44.86
C TRP G 435 -45.47 -28.42 45.26
N GLN G 436 -45.56 -29.72 44.94
CA GLN G 436 -46.83 -30.33 45.26
C GLN G 436 -47.17 -30.19 46.74
N THR G 437 -46.11 -30.29 47.55
CA THR G 437 -46.17 -30.04 49.02
C THR G 437 -46.30 -28.55 49.39
N ILE G 438 -45.60 -27.68 48.67
CA ILE G 438 -45.98 -26.28 48.75
C ILE G 438 -47.49 -26.11 48.47
N ARG G 439 -47.99 -26.72 47.38
CA ARG G 439 -49.43 -26.71 47.02
C ARG G 439 -50.33 -27.48 47.95
N ALA G 440 -49.79 -28.52 48.58
CA ALA G 440 -50.50 -29.21 49.66
C ALA G 440 -50.63 -28.34 50.94
N LEU G 441 -49.97 -27.18 50.97
CA LEU G 441 -50.07 -26.34 52.14
C LEU G 441 -51.12 -25.25 51.98
N LYS G 442 -51.13 -24.62 50.82
CA LYS G 442 -52.23 -23.74 50.43
C LYS G 442 -53.59 -24.45 50.50
N GLU G 443 -53.64 -25.68 49.96
CA GLU G 443 -54.76 -26.61 50.19
C GLU G 443 -55.12 -26.70 51.67
N ASP G 444 -54.08 -26.79 52.52
CA ASP G 444 -54.28 -26.94 53.97
C ASP G 444 -54.61 -25.67 54.76
N CYS G 445 -53.72 -24.67 54.74
CA CYS G 445 -53.97 -23.36 55.37
C CYS G 445 -55.38 -22.83 55.02
N ALA G 446 -55.69 -22.64 53.73
CA ALA G 446 -57.04 -22.23 53.37
C ALA G 446 -57.99 -23.42 53.57
N ARG G 447 -57.50 -24.32 54.41
CA ARG G 447 -58.40 -25.30 54.92
C ARG G 447 -58.69 -25.10 56.39
N LEU G 448 -57.78 -24.44 57.10
CA LEU G 448 -58.02 -24.09 58.50
C LEU G 448 -58.70 -22.74 58.60
N LEU G 449 -58.48 -21.92 57.57
CA LEU G 449 -59.23 -20.70 57.38
C LEU G 449 -60.65 -21.09 57.01
N GLN G 450 -60.79 -22.29 56.49
CA GLN G 450 -62.10 -22.84 56.30
C GLN G 450 -62.82 -23.04 57.63
N GLY G 451 -62.35 -24.00 58.44
CA GLY G 451 -62.89 -24.19 59.78
C GLY G 451 -63.52 -22.95 60.37
N GLN G 452 -62.67 -21.97 60.66
CA GLN G 452 -63.07 -20.73 61.29
C GLN G 452 -64.24 -20.06 60.61
N ARG G 453 -64.02 -19.65 59.37
CA ARG G 453 -65.04 -18.94 58.64
C ARG G 453 -66.17 -19.86 58.12
N THR G 454 -66.43 -20.94 58.88
CA THR G 454 -67.76 -21.59 58.91
C THR G 454 -68.36 -21.52 60.35
N SER G 455 -67.47 -21.58 61.36
CA SER G 455 -67.87 -21.63 62.79
C SER G 455 -68.20 -20.25 63.40
N MET G 456 -67.86 -19.23 62.62
CA MET G 456 -68.18 -17.85 62.91
C MET G 456 -69.01 -17.27 61.74
N VAL G 457 -69.61 -18.17 60.96
CA VAL G 457 -70.73 -17.83 60.10
C VAL G 457 -71.81 -18.83 60.53
N ASN G 458 -71.68 -19.23 61.79
CA ASN G 458 -72.75 -19.84 62.55
C ASN G 458 -73.04 -18.96 63.78
N LEU G 459 -72.01 -18.28 64.27
CA LEU G 459 -72.11 -17.23 65.27
C LEU G 459 -72.87 -16.03 64.68
N LEU G 460 -72.26 -15.40 63.66
CA LEU G 460 -72.83 -14.27 62.93
C LEU G 460 -74.30 -14.48 62.55
N ARG G 461 -74.70 -15.74 62.50
CA ARG G 461 -76.10 -16.09 62.34
C ARG G 461 -76.81 -15.88 63.67
N TYR G 462 -76.66 -16.84 64.57
CA TYR G 462 -77.41 -16.86 65.83
C TYR G 462 -76.91 -15.84 66.86
N ASN G 463 -76.17 -14.87 66.34
CA ASN G 463 -76.04 -13.60 67.00
C ASN G 463 -77.18 -12.75 66.47
N THR G 464 -77.02 -12.20 65.27
CA THR G 464 -78.01 -11.34 64.63
C THR G 464 -79.43 -11.84 64.78
N GLU G 465 -79.66 -13.08 64.33
CA GLU G 465 -81.01 -13.66 64.22
C GLU G 465 -81.82 -13.76 65.53
N LEU G 466 -81.15 -14.19 66.60
CA LEU G 466 -81.80 -14.18 67.91
C LEU G 466 -81.65 -12.79 68.57
N SER G 467 -80.40 -12.36 68.76
CA SER G 467 -80.10 -11.11 69.45
C SER G 467 -80.32 -9.81 68.64
N LYS G 468 -81.42 -9.78 67.90
CA LYS G 468 -82.00 -8.54 67.42
C LYS G 468 -83.44 -8.51 67.81
N LYS G 469 -84.09 -9.68 67.69
CA LYS G 469 -85.46 -9.85 68.18
C LYS G 469 -85.56 -9.63 69.68
N LYS G 470 -84.49 -9.97 70.41
CA LYS G 470 -84.46 -9.75 71.85
C LYS G 470 -84.11 -8.28 72.15
N ASN G 471 -83.83 -7.52 71.09
CA ASN G 471 -83.75 -6.06 71.19
C ASN G 471 -85.00 -5.37 70.66
N SER G 472 -86.12 -6.09 70.80
CA SER G 472 -87.48 -5.56 70.79
C SER G 472 -88.06 -5.77 72.17
N MET G 473 -87.76 -6.95 72.74
CA MET G 473 -88.08 -7.27 74.14
C MET G 473 -87.49 -6.23 75.09
N THR G 474 -86.62 -5.38 74.56
CA THR G 474 -86.06 -4.32 75.37
C THR G 474 -86.23 -2.95 74.69
N SER G 475 -87.25 -2.89 73.82
CA SER G 475 -87.95 -1.64 73.48
C SER G 475 -89.23 -1.62 74.31
N GLU G 476 -89.74 -2.82 74.57
CA GLU G 476 -90.85 -3.02 75.48
C GLU G 476 -90.54 -2.49 76.88
N ARG G 529 -83.54 0.05 84.62
CA ARG G 529 -82.09 0.31 84.65
C ARG G 529 -81.22 -0.82 84.07
N GLU G 530 -81.88 -1.93 83.71
CA GLU G 530 -81.31 -2.96 82.85
C GLU G 530 -80.93 -2.38 81.51
N VAL G 531 -81.55 -1.25 81.16
CA VAL G 531 -81.28 -0.48 79.93
C VAL G 531 -79.82 -0.32 79.51
N GLN G 532 -78.90 -0.52 80.44
CA GLN G 532 -77.45 -0.56 80.16
C GLN G 532 -76.91 -1.99 79.92
N ALA G 533 -77.04 -2.89 80.92
CA ALA G 533 -76.73 -4.32 80.75
C ALA G 533 -77.54 -4.97 79.62
N LEU G 534 -78.53 -4.22 79.13
CA LEU G 534 -79.17 -4.45 77.84
C LEU G 534 -78.22 -3.86 76.78
N VAL G 535 -78.25 -2.54 76.59
CA VAL G 535 -77.46 -1.83 75.55
C VAL G 535 -75.95 -2.01 75.63
N ASP G 536 -75.37 -1.74 76.79
CA ASP G 536 -73.92 -1.87 77.01
C ASP G 536 -73.39 -3.23 76.49
N LYS G 537 -73.84 -4.32 77.10
CA LYS G 537 -73.37 -5.66 76.78
C LYS G 537 -74.09 -6.21 75.54
N MET G 538 -74.79 -5.33 74.83
CA MET G 538 -75.31 -5.63 73.50
C MET G 538 -74.37 -5.05 72.47
N MET G 539 -73.88 -3.84 72.73
CA MET G 539 -72.95 -3.14 71.85
C MET G 539 -71.54 -3.68 72.01
N ALA G 540 -71.33 -4.52 73.03
CA ALA G 540 -70.09 -5.26 73.16
C ALA G 540 -69.85 -6.12 71.93
N LEU G 541 -70.90 -6.81 71.46
CA LEU G 541 -70.77 -7.84 70.44
C LEU G 541 -71.27 -7.48 69.04
N GLN G 542 -71.94 -6.35 68.88
CA GLN G 542 -72.27 -5.85 67.52
C GLN G 542 -71.27 -4.77 67.12
N THR G 543 -70.18 -4.69 67.88
CA THR G 543 -68.97 -3.93 67.51
C THR G 543 -67.75 -4.85 67.57
N ASP G 544 -67.74 -5.84 68.46
CA ASP G 544 -66.61 -6.75 68.50
C ASP G 544 -66.69 -7.86 67.47
N SER G 545 -67.90 -8.30 67.13
CA SER G 545 -68.06 -9.22 66.01
C SER G 545 -68.01 -8.50 64.65
N VAL G 546 -67.73 -7.19 64.68
CA VAL G 546 -67.55 -6.40 63.46
C VAL G 546 -66.07 -6.06 63.24
N ASP G 547 -65.25 -6.27 64.25
CA ASP G 547 -63.81 -6.09 64.11
C ASP G 547 -63.21 -7.27 63.41
N LEU G 548 -63.80 -8.44 63.66
CA LEU G 548 -63.26 -9.70 63.18
C LEU G 548 -63.92 -10.12 61.87
N GLN G 549 -65.16 -9.70 61.62
CA GLN G 549 -65.79 -9.93 60.32
C GLN G 549 -65.09 -9.14 59.20
N ARG G 550 -64.26 -8.16 59.58
CA ARG G 550 -63.43 -7.40 58.64
C ARG G 550 -62.16 -8.18 58.27
N ASN G 551 -61.02 -7.84 58.87
CA ASN G 551 -59.81 -8.70 58.86
C ASN G 551 -58.68 -8.51 57.85
N PRO G 552 -57.44 -8.34 58.35
CA PRO G 552 -56.26 -8.65 57.55
C PRO G 552 -55.91 -10.14 57.63
N THR G 560 -48.83 -14.04 50.75
CA THR G 560 -47.84 -14.56 49.84
C THR G 560 -47.48 -16.02 50.11
N LEU G 561 -48.37 -16.80 50.73
CA LEU G 561 -48.20 -18.24 50.57
C LEU G 561 -48.59 -18.50 49.13
N ASP G 562 -49.78 -18.01 48.74
CA ASP G 562 -50.32 -18.31 47.42
C ASP G 562 -49.52 -17.75 46.26
N ASP G 563 -48.87 -16.62 46.51
CA ASP G 563 -47.90 -16.07 45.61
C ASP G 563 -46.63 -16.95 45.47
N LEU G 564 -46.20 -17.55 46.58
CA LEU G 564 -44.98 -18.36 46.60
C LEU G 564 -45.19 -19.67 45.83
N GLU G 565 -46.38 -20.23 45.93
CA GLU G 565 -46.66 -21.44 45.17
C GLU G 565 -46.94 -21.21 43.69
N GLU G 566 -47.33 -19.98 43.35
CA GLU G 566 -47.33 -19.58 41.94
C GLU G 566 -45.90 -19.34 41.39
N GLN G 567 -44.93 -19.18 42.29
CA GLN G 567 -43.55 -18.92 41.95
C GLN G 567 -42.70 -20.20 42.01
N ALA G 568 -43.14 -21.11 42.88
CA ALA G 568 -42.67 -22.47 42.81
C ALA G 568 -43.44 -23.20 41.71
N ARG G 569 -44.47 -22.57 41.15
CA ARG G 569 -45.15 -23.11 39.97
C ARG G 569 -44.23 -23.17 38.78
N ASP G 570 -43.58 -22.05 38.51
CA ASP G 570 -42.79 -21.89 37.30
C ASP G 570 -41.44 -22.55 37.46
N LEU G 571 -40.80 -22.38 38.60
CA LEU G 571 -39.49 -22.99 38.76
C LEU G 571 -39.57 -24.49 38.53
N TYR G 572 -40.62 -25.12 39.06
CA TYR G 572 -40.84 -26.57 38.92
C TYR G 572 -41.58 -26.91 37.60
N ARG G 573 -41.73 -25.86 36.77
CA ARG G 573 -42.24 -25.94 35.39
C ARG G 573 -41.14 -25.57 34.39
N ARG G 574 -40.45 -24.44 34.63
CA ARG G 574 -39.34 -23.97 33.78
C ARG G 574 -38.19 -24.97 33.70
N LEU G 575 -38.15 -25.90 34.65
CA LEU G 575 -37.15 -26.97 34.67
C LEU G 575 -37.51 -28.08 33.69
N ARG G 576 -38.82 -28.36 33.60
CA ARG G 576 -39.35 -29.31 32.64
C ARG G 576 -39.55 -28.65 31.28
N GLU G 577 -39.52 -27.32 31.27
CA GLU G 577 -39.56 -26.57 30.03
C GLU G 577 -38.15 -26.34 29.48
N ARG G 578 -37.11 -26.49 30.33
CA ARG G 578 -35.70 -26.33 29.94
C ARG G 578 -35.35 -27.25 28.76
N PRO G 579 -35.42 -26.72 27.52
CA PRO G 579 -35.59 -27.57 26.34
C PRO G 579 -34.37 -28.43 26.06
N ARG G 580 -34.60 -29.73 25.89
CA ARG G 580 -33.57 -30.71 25.56
C ARG G 580 -32.28 -30.53 26.39
N ASP G 581 -31.12 -30.67 25.76
CA ASP G 581 -29.86 -30.76 26.49
C ASP G 581 -29.45 -29.58 27.36
N GLN G 582 -29.61 -29.73 28.67
CA GLN G 582 -28.86 -28.94 29.67
C GLN G 582 -28.80 -29.79 30.91
N ARG G 583 -29.84 -30.60 31.07
CA ARG G 583 -30.12 -31.30 32.30
C ARG G 583 -29.02 -31.21 33.36
N THR G 584 -28.16 -32.20 33.48
CA THR G 584 -27.24 -32.37 34.62
C THR G 584 -26.98 -31.26 35.62
N PRO G 585 -26.33 -30.15 35.20
CA PRO G 585 -25.88 -29.08 36.13
C PRO G 585 -26.68 -29.04 37.44
N GLY G 586 -26.21 -29.80 38.42
CA GLY G 586 -26.99 -30.21 39.59
C GLY G 586 -27.22 -29.29 40.75
N ASP G 587 -28.47 -28.85 40.80
CA ASP G 587 -28.79 -27.96 41.88
C ASP G 587 -30.08 -28.25 42.62
N SER G 588 -29.97 -28.88 43.79
CA SER G 588 -31.12 -29.07 44.68
C SER G 588 -31.76 -27.69 44.84
N ASN G 589 -31.13 -26.86 45.69
CA ASN G 589 -31.12 -25.42 45.50
C ASN G 589 -32.23 -24.60 46.13
N ASP G 590 -32.46 -23.45 45.52
CA ASP G 590 -33.46 -22.47 45.89
C ASP G 590 -34.87 -23.04 45.75
N MET G 591 -34.92 -24.30 45.35
CA MET G 591 -36.16 -25.01 45.34
C MET G 591 -36.39 -25.60 46.70
N VAL G 592 -35.45 -25.26 47.57
CA VAL G 592 -35.57 -25.46 48.96
C VAL G 592 -35.86 -24.08 49.57
N ARG G 593 -35.23 -23.02 49.06
CA ARG G 593 -35.62 -21.67 49.48
C ARG G 593 -37.15 -21.57 49.45
N LEU G 594 -37.74 -21.76 48.26
CA LEU G 594 -39.20 -21.57 48.08
C LEU G 594 -40.01 -22.56 48.88
N LEU G 595 -39.34 -23.47 49.59
CA LEU G 595 -40.05 -24.36 50.50
C LEU G 595 -39.91 -23.87 51.91
N ILE G 596 -38.69 -23.59 52.34
CA ILE G 596 -38.46 -23.03 53.68
C ILE G 596 -39.45 -21.89 53.97
N LEU G 597 -39.53 -20.93 53.04
CA LEU G 597 -40.41 -19.78 53.22
C LEU G 597 -41.85 -20.24 53.28
N ALA G 598 -42.25 -21.04 52.30
CA ALA G 598 -43.59 -21.64 52.27
C ALA G 598 -43.85 -22.66 53.39
N ILE G 599 -43.01 -22.61 54.43
CA ILE G 599 -43.36 -23.21 55.73
C ILE G 599 -43.74 -22.06 56.65
N GLN G 600 -42.81 -21.14 56.87
CA GLN G 600 -43.03 -20.02 57.77
C GLN G 600 -44.30 -19.26 57.47
N SER G 601 -44.47 -18.88 56.21
CA SER G 601 -45.69 -18.18 55.80
C SER G 601 -46.94 -19.08 55.81
N PHE G 602 -46.77 -20.41 55.89
CA PHE G 602 -47.89 -21.29 56.25
C PHE G 602 -48.05 -21.32 57.77
N GLU G 603 -46.97 -21.71 58.46
CA GLU G 603 -46.87 -21.78 59.92
C GLU G 603 -47.50 -20.55 60.61
N LYS G 604 -47.12 -19.38 60.10
CA LYS G 604 -47.57 -18.10 60.63
C LYS G 604 -49.02 -17.71 60.25
N ARG G 605 -49.46 -18.10 59.06
CA ARG G 605 -50.86 -17.99 58.71
C ARG G 605 -51.71 -19.04 59.41
N VAL G 606 -51.09 -19.76 60.34
CA VAL G 606 -51.84 -20.71 61.16
C VAL G 606 -51.82 -20.35 62.66
N ILE G 607 -50.87 -19.52 63.08
CA ILE G 607 -51.14 -18.83 64.33
C ILE G 607 -52.26 -17.80 64.13
N LEU G 608 -52.04 -16.91 63.16
CA LEU G 608 -52.94 -15.80 62.98
C LEU G 608 -54.34 -16.35 62.91
N ILE G 609 -54.54 -17.37 62.09
CA ILE G 609 -55.81 -18.05 62.09
C ILE G 609 -56.28 -18.46 63.49
N TYR G 610 -55.47 -19.26 64.20
CA TYR G 610 -55.89 -19.81 65.50
C TYR G 610 -56.13 -18.76 66.60
N ASP G 611 -55.27 -17.74 66.58
CA ASP G 611 -55.40 -16.54 67.40
C ASP G 611 -56.79 -15.90 67.28
N GLN G 612 -57.04 -15.31 66.10
CA GLN G 612 -58.32 -14.75 65.71
C GLN G 612 -59.34 -15.91 65.49
N LEU G 613 -58.96 -17.14 65.86
CA LEU G 613 -59.95 -18.20 66.07
C LEU G 613 -60.48 -18.01 67.49
N SER G 614 -59.56 -17.96 68.45
CA SER G 614 -59.87 -17.62 69.85
C SER G 614 -60.94 -16.53 69.95
N LYS G 615 -60.68 -15.42 69.28
CA LYS G 615 -61.55 -14.26 69.35
C LYS G 615 -62.98 -14.65 69.02
N THR G 616 -63.15 -15.56 68.05
CA THR G 616 -64.48 -16.02 67.65
C THR G 616 -64.97 -17.27 68.41
N VAL G 617 -64.38 -17.53 69.59
CA VAL G 617 -65.04 -18.31 70.65
C VAL G 617 -65.30 -17.40 71.88
N VAL G 618 -64.47 -16.37 72.06
CA VAL G 618 -64.77 -15.26 72.99
C VAL G 618 -66.24 -14.87 72.82
N CYS G 619 -66.61 -14.64 71.56
CA CYS G 619 -67.90 -14.08 71.19
C CYS G 619 -69.01 -15.10 71.29
N LYS G 620 -68.78 -16.31 70.79
CA LYS G 620 -69.71 -17.43 71.03
C LYS G 620 -70.25 -17.51 72.49
N ARG G 621 -69.34 -17.46 73.47
CA ARG G 621 -69.72 -17.57 74.90
C ARG G 621 -70.57 -16.38 75.32
N LYS G 622 -70.02 -15.18 75.11
CA LYS G 622 -70.71 -13.95 75.44
C LYS G 622 -72.08 -13.91 74.80
N ALA G 623 -72.22 -14.32 73.52
CA ALA G 623 -73.53 -14.42 72.87
C ALA G 623 -74.38 -15.65 73.27
N LEU G 624 -73.93 -16.38 74.30
CA LEU G 624 -74.77 -17.40 74.93
C LEU G 624 -75.14 -17.04 76.38
N GLU G 625 -74.47 -16.04 76.94
CA GLU G 625 -74.79 -15.46 78.26
C GLU G 625 -75.62 -14.20 78.11
N LEU G 626 -75.16 -13.30 77.24
CA LEU G 626 -75.89 -12.07 76.98
C LEU G 626 -77.13 -12.34 76.14
N SER G 627 -77.52 -13.60 76.03
CA SER G 627 -78.85 -13.88 75.51
C SER G 627 -79.86 -14.07 76.66
N PRO G 628 -79.76 -15.20 77.43
CA PRO G 628 -80.93 -15.50 78.29
C PRO G 628 -81.18 -14.47 79.41
N LYS G 629 -80.21 -13.59 79.68
CA LYS G 629 -80.42 -12.41 80.51
C LYS G 629 -81.46 -11.54 79.82
N VAL G 630 -81.04 -10.94 78.71
CA VAL G 630 -81.90 -10.01 78.00
C VAL G 630 -82.96 -10.78 77.15
N LYS G 631 -83.34 -11.96 77.63
CA LYS G 631 -84.52 -12.69 77.17
C LYS G 631 -85.47 -12.83 78.34
N GLU G 632 -85.03 -13.61 79.33
CA GLU G 632 -85.81 -13.88 80.54
C GLU G 632 -85.92 -12.65 81.44
N VAL G 633 -84.81 -11.94 81.68
CA VAL G 633 -84.84 -10.75 82.57
C VAL G 633 -85.81 -9.71 81.96
N MET G 634 -86.14 -9.85 80.67
CA MET G 634 -87.07 -8.93 80.00
C MET G 634 -88.44 -9.54 79.75
N ASN G 635 -88.60 -10.77 80.21
CA ASN G 635 -89.88 -11.37 80.52
C ASN G 635 -90.42 -10.64 81.77
N LEU G 636 -89.61 -10.65 82.83
CA LEU G 636 -89.95 -9.99 84.10
C LEU G 636 -90.25 -8.51 83.91
N MET G 637 -89.33 -7.79 83.24
CA MET G 637 -89.57 -6.41 82.83
C MET G 637 -91.02 -6.19 82.40
N ARG G 638 -91.53 -7.05 81.51
CA ARG G 638 -92.86 -6.86 80.94
C ARG G 638 -93.97 -6.91 81.99
N GLU H 17 -11.59 -13.93 50.66
CA GLU H 17 -11.82 -13.94 49.19
C GLU H 17 -13.21 -13.40 48.74
N MET H 18 -13.68 -13.84 47.57
CA MET H 18 -14.87 -13.25 46.87
C MET H 18 -15.77 -14.23 46.03
N LYS H 19 -16.81 -13.72 45.37
CA LYS H 19 -17.93 -14.55 44.85
C LYS H 19 -18.07 -14.85 43.34
N GLU H 20 -18.90 -14.08 42.62
CA GLU H 20 -19.33 -14.44 41.24
C GLU H 20 -19.30 -13.33 40.16
N ARG H 21 -20.11 -13.50 39.09
CA ARG H 21 -20.02 -12.67 37.87
C ARG H 21 -21.30 -12.00 37.40
N LEU H 22 -21.14 -10.96 36.57
CA LEU H 22 -22.26 -10.25 35.94
C LEU H 22 -22.16 -10.25 34.41
N GLY H 23 -22.38 -9.09 33.77
CA GLY H 23 -22.31 -8.93 32.29
C GLY H 23 -21.00 -8.36 31.75
N THR H 24 -20.91 -8.14 30.42
CA THR H 24 -19.64 -7.78 29.74
C THR H 24 -19.70 -6.61 28.75
N GLY H 25 -18.80 -5.65 28.91
CA GLY H 25 -18.69 -4.55 27.95
C GLY H 25 -17.84 -3.38 28.44
N GLY H 26 -17.52 -2.48 27.51
CA GLY H 26 -16.71 -1.29 27.81
C GLY H 26 -15.25 -1.59 27.65
N PHE H 27 -14.62 -1.88 28.79
CA PHE H 27 -13.28 -2.41 28.80
C PHE H 27 -13.24 -3.71 29.61
N GLY H 28 -14.29 -4.51 29.51
CA GLY H 28 -14.27 -5.84 30.11
C GLY H 28 -15.41 -6.22 31.04
N TYR H 29 -15.03 -6.68 32.23
CA TYR H 29 -15.96 -7.43 33.06
C TYR H 29 -16.64 -6.67 34.17
N VAL H 30 -17.83 -7.17 34.50
CA VAL H 30 -18.61 -6.75 35.67
C VAL H 30 -18.75 -8.02 36.55
N LEU H 31 -18.49 -7.87 37.84
CA LEU H 31 -18.40 -9.02 38.73
C LEU H 31 -19.07 -8.79 40.08
N ARG H 32 -19.85 -9.77 40.53
CA ARG H 32 -20.55 -9.69 41.83
C ARG H 32 -19.77 -10.38 42.96
N TRP H 33 -18.52 -9.98 43.13
CA TRP H 33 -17.66 -10.52 44.20
C TRP H 33 -18.21 -10.09 45.57
N ILE H 34 -17.90 -10.88 46.60
CA ILE H 34 -18.36 -10.61 47.98
C ILE H 34 -17.31 -11.03 49.03
N HIS H 35 -17.15 -10.22 50.08
CA HIS H 35 -16.61 -10.73 51.34
C HIS H 35 -17.72 -11.66 51.94
N GLN H 36 -17.60 -12.97 51.64
CA GLN H 36 -18.70 -13.96 51.76
C GLN H 36 -19.16 -14.26 53.18
N ASP H 37 -19.73 -13.22 53.81
CA ASP H 37 -19.93 -13.17 55.25
C ASP H 37 -20.40 -11.74 55.49
N THR H 38 -21.68 -11.57 55.82
CA THR H 38 -22.35 -10.26 55.85
C THR H 38 -22.86 -9.88 54.45
N GLY H 39 -22.31 -10.53 53.42
CA GLY H 39 -22.73 -10.36 52.03
C GLY H 39 -22.48 -8.97 51.45
N GLU H 40 -21.21 -8.66 51.22
CA GLU H 40 -20.80 -7.37 50.65
C GLU H 40 -20.92 -7.38 49.11
N GLN H 41 -22.11 -7.03 48.60
CA GLN H 41 -22.42 -7.11 47.15
C GLN H 41 -21.76 -6.01 46.30
N VAL H 42 -20.47 -6.17 46.01
CA VAL H 42 -19.73 -5.19 45.19
C VAL H 42 -19.62 -5.58 43.71
N ALA H 43 -19.64 -4.57 42.85
CA ALA H 43 -19.46 -4.74 41.40
C ALA H 43 -18.02 -4.48 41.02
N ILE H 44 -17.48 -5.26 40.09
CA ILE H 44 -16.07 -5.13 39.71
C ILE H 44 -15.85 -5.02 38.20
N LYS H 45 -15.56 -3.80 37.75
CA LYS H 45 -15.18 -3.57 36.37
C LYS H 45 -13.66 -3.54 36.25
N GLN H 46 -13.08 -4.63 35.78
CA GLN H 46 -11.64 -4.73 35.55
C GLN H 46 -11.29 -4.27 34.14
N CYS H 47 -10.07 -4.56 33.71
CA CYS H 47 -9.56 -4.03 32.44
C CYS H 47 -9.34 -5.12 31.38
N ARG H 48 -9.07 -4.66 30.16
CA ARG H 48 -8.98 -5.54 29.00
C ARG H 48 -7.61 -5.43 28.35
N GLN H 49 -6.82 -6.48 28.51
CA GLN H 49 -5.59 -6.76 27.76
C GLN H 49 -4.84 -5.56 27.11
N GLU H 50 -4.54 -4.53 27.92
CA GLU H 50 -3.79 -3.35 27.46
C GLU H 50 -4.45 -2.56 26.33
N LEU H 51 -4.13 -1.27 26.29
CA LEU H 51 -4.60 -0.39 25.23
C LEU H 51 -3.53 0.67 25.01
N SER H 52 -3.77 1.55 24.04
CA SER H 52 -2.92 2.73 23.83
C SER H 52 -2.81 3.48 25.17
N PRO H 53 -1.66 4.15 25.44
CA PRO H 53 -1.53 4.86 26.71
C PRO H 53 -2.70 5.81 26.99
N LYS H 54 -3.16 6.56 25.98
CA LYS H 54 -4.30 7.46 26.16
C LYS H 54 -5.65 6.72 26.24
N ASN H 55 -5.64 5.44 25.88
CA ASN H 55 -6.84 4.59 25.99
C ASN H 55 -6.95 3.76 27.29
N ARG H 56 -5.81 3.43 27.89
CA ARG H 56 -5.79 2.81 29.23
C ARG H 56 -5.81 3.86 30.34
N GLU H 57 -5.33 5.07 30.03
CA GLU H 57 -5.39 6.22 30.94
C GLU H 57 -6.82 6.80 30.99
N ARG H 58 -7.56 6.65 29.89
CA ARG H 58 -8.99 6.99 29.81
C ARG H 58 -9.83 6.09 30.70
N TRP H 59 -9.42 4.84 30.86
CA TRP H 59 -10.03 3.91 31.81
C TRP H 59 -9.96 4.46 33.23
N CYS H 60 -8.83 5.09 33.55
CA CYS H 60 -8.61 5.66 34.87
C CYS H 60 -9.40 6.96 35.08
N LEU H 61 -9.69 7.66 33.99
CA LEU H 61 -10.56 8.84 34.04
C LEU H 61 -12.00 8.47 34.34
N GLU H 62 -12.43 7.33 33.82
CA GLU H 62 -13.75 6.74 34.12
C GLU H 62 -13.86 6.47 35.63
N ILE H 63 -12.89 5.73 36.19
CA ILE H 63 -12.87 5.31 37.61
C ILE H 63 -13.05 6.46 38.58
N GLN H 64 -12.27 7.51 38.36
CA GLN H 64 -12.38 8.73 39.12
C GLN H 64 -13.77 9.39 38.94
N ILE H 65 -14.34 9.29 37.74
CA ILE H 65 -15.62 9.94 37.41
C ILE H 65 -16.88 9.24 38.00
N MET H 66 -17.00 7.91 37.84
CA MET H 66 -18.10 7.14 38.45
C MET H 66 -17.93 7.02 39.99
N LYS H 67 -16.86 7.58 40.52
CA LYS H 67 -16.62 7.69 41.96
C LYS H 67 -16.77 9.16 42.34
N LYS H 68 -16.41 10.03 41.41
CA LYS H 68 -16.55 11.48 41.54
C LYS H 68 -18.01 11.85 41.73
N LEU H 69 -18.90 10.93 41.37
CA LEU H 69 -20.33 11.20 41.38
C LEU H 69 -21.16 10.22 42.22
N ASN H 70 -22.29 10.75 42.70
CA ASN H 70 -23.29 10.00 43.45
C ASN H 70 -24.65 10.68 43.30
N HIS H 71 -25.60 9.92 42.78
CA HIS H 71 -26.94 10.38 42.59
C HIS H 71 -27.77 9.12 42.74
N PRO H 72 -28.80 9.15 43.57
CA PRO H 72 -29.68 7.98 43.54
C PRO H 72 -30.22 7.88 42.12
N ASN H 73 -30.49 6.67 41.66
CA ASN H 73 -30.77 6.40 40.23
C ASN H 73 -29.52 5.99 39.46
N VAL H 74 -28.34 6.41 39.92
CA VAL H 74 -27.07 6.03 39.27
C VAL H 74 -25.95 5.65 40.24
N VAL H 75 -25.69 4.34 40.31
CA VAL H 75 -24.74 3.72 41.21
C VAL H 75 -23.52 4.57 41.55
N SER H 76 -23.01 4.44 42.77
CA SER H 76 -21.69 4.98 43.14
C SER H 76 -20.70 3.90 43.62
N ALA H 77 -19.41 4.19 43.47
CA ALA H 77 -18.34 3.23 43.74
C ALA H 77 -18.08 3.05 45.23
N ARG H 78 -17.81 1.81 45.64
CA ARG H 78 -17.42 1.49 47.03
C ARG H 78 -15.91 1.60 47.26
N GLU H 79 -15.20 2.22 46.30
CA GLU H 79 -13.73 2.29 46.24
C GLU H 79 -13.09 0.94 45.86
N VAL H 80 -12.50 0.25 46.84
CA VAL H 80 -11.93 -1.08 46.64
C VAL H 80 -12.11 -1.87 47.91
N PRO H 81 -12.55 -3.14 47.80
CA PRO H 81 -12.60 -3.98 49.00
C PRO H 81 -11.17 -4.30 49.44
N ASP H 82 -10.80 -3.80 50.63
CA ASP H 82 -9.42 -3.93 51.18
C ASP H 82 -9.04 -5.38 51.41
N GLY H 83 -10.05 -6.22 51.66
CA GLY H 83 -9.91 -7.66 51.73
C GLY H 83 -9.82 -8.28 50.34
N LEU H 84 -8.76 -9.06 50.13
CA LEU H 84 -8.37 -9.70 48.85
C LEU H 84 -7.77 -8.76 47.79
N GLN H 85 -8.38 -7.58 47.61
CA GLN H 85 -7.82 -6.50 46.78
C GLN H 85 -7.35 -6.94 45.39
N LYS H 86 -6.14 -6.51 45.04
CA LYS H 86 -5.54 -6.82 43.75
C LYS H 86 -5.33 -8.31 43.49
N LEU H 87 -6.39 -8.96 43.03
CA LEU H 87 -6.24 -10.21 42.26
C LEU H 87 -6.20 -9.79 40.79
N ALA H 88 -5.91 -8.50 40.58
CA ALA H 88 -5.87 -7.85 39.26
C ALA H 88 -4.48 -7.93 38.62
N PRO H 89 -4.33 -8.74 37.53
CA PRO H 89 -3.04 -8.83 36.82
C PRO H 89 -2.84 -7.63 35.89
N ASN H 90 -2.93 -6.42 36.47
CA ASN H 90 -2.92 -5.16 35.73
C ASN H 90 -1.82 -4.15 36.14
N ASP H 91 -1.62 -3.99 37.46
CA ASP H 91 -0.94 -2.81 38.03
C ASP H 91 -1.79 -1.55 37.76
N LEU H 92 -2.87 -1.73 37.00
CA LEU H 92 -3.94 -0.73 36.84
C LEU H 92 -5.01 -1.02 37.89
N PRO H 93 -5.77 0.01 38.31
CA PRO H 93 -6.83 -0.20 39.32
C PRO H 93 -7.95 -1.13 38.85
N LEU H 94 -8.93 -1.37 39.74
CA LEU H 94 -10.21 -1.96 39.37
C LEU H 94 -11.33 -0.96 39.77
N LEU H 95 -12.60 -1.35 39.62
CA LEU H 95 -13.71 -0.52 40.11
C LEU H 95 -14.76 -1.34 40.84
N ALA H 96 -15.12 -0.87 42.03
CA ALA H 96 -16.10 -1.54 42.87
C ALA H 96 -17.33 -0.67 43.07
N MET H 97 -18.48 -1.17 42.63
CA MET H 97 -19.74 -0.45 42.70
C MET H 97 -20.72 -1.14 43.65
N GLU H 98 -21.76 -0.43 44.04
CA GLU H 98 -22.85 -1.01 44.79
C GLU H 98 -23.79 -1.80 43.88
N TYR H 99 -23.59 -3.11 43.83
CA TYR H 99 -24.41 -4.00 42.99
C TYR H 99 -25.86 -4.02 43.46
N CYS H 100 -26.79 -3.83 42.52
CA CYS H 100 -28.22 -3.78 42.85
C CYS H 100 -28.90 -5.09 42.46
N GLU H 101 -29.93 -5.49 43.21
CA GLU H 101 -30.60 -6.79 43.01
C GLU H 101 -31.51 -6.88 41.77
N GLY H 102 -31.65 -8.08 41.21
CA GLY H 102 -32.30 -8.41 39.93
C GLY H 102 -33.19 -7.46 39.14
N GLY H 103 -32.61 -6.40 38.58
CA GLY H 103 -33.38 -5.36 37.88
C GLY H 103 -32.93 -4.88 36.50
N ASP H 104 -31.95 -5.57 35.91
CA ASP H 104 -31.51 -5.33 34.54
C ASP H 104 -32.73 -4.94 33.70
N LEU H 105 -32.92 -3.63 33.49
CA LEU H 105 -34.14 -3.09 32.88
C LEU H 105 -34.68 -3.96 31.77
N ARG H 106 -33.77 -4.58 31.04
CA ARG H 106 -34.15 -5.54 30.05
C ARG H 106 -34.96 -6.56 30.77
N LYS H 107 -34.31 -7.48 31.47
CA LYS H 107 -35.00 -8.52 32.23
C LYS H 107 -36.55 -8.44 32.09
N TYR H 108 -37.15 -7.39 32.66
CA TYR H 108 -38.61 -7.20 32.59
C TYR H 108 -39.09 -6.85 31.15
N LEU H 109 -38.39 -5.98 30.43
CA LEU H 109 -38.85 -5.59 29.09
C LEU H 109 -39.12 -6.80 28.22
N ASN H 110 -38.37 -7.87 28.48
CA ASN H 110 -38.67 -9.16 27.90
C ASN H 110 -39.80 -9.75 28.67
N GLN H 111 -39.79 -9.47 29.98
CA GLN H 111 -40.55 -10.18 31.02
C GLN H 111 -41.51 -11.16 30.45
N PHE H 112 -42.49 -10.67 29.69
CA PHE H 112 -43.34 -11.61 29.01
C PHE H 112 -44.69 -11.12 28.61
N GLU H 113 -45.19 -10.14 29.31
CA GLU H 113 -46.56 -9.80 29.10
C GLU H 113 -46.46 -8.33 29.15
N ASN H 114 -45.23 -7.88 29.04
CA ASN H 114 -45.03 -6.51 28.70
C ASN H 114 -44.94 -6.39 27.20
N CYS H 115 -44.94 -7.54 26.53
CA CYS H 115 -45.16 -7.55 25.10
C CYS H 115 -46.48 -6.85 24.91
N CYS H 116 -46.44 -5.71 24.21
CA CYS H 116 -47.57 -4.81 23.98
C CYS H 116 -47.52 -3.64 24.94
N GLY H 117 -46.47 -3.62 25.75
CA GLY H 117 -46.19 -2.48 26.59
C GLY H 117 -45.93 -2.87 28.01
N LEU H 118 -45.33 -1.94 28.73
CA LEU H 118 -45.14 -2.10 30.14
C LEU H 118 -45.85 -0.89 30.82
N LYS H 119 -47.15 -0.68 30.54
CA LYS H 119 -47.90 0.50 31.12
C LYS H 119 -48.15 0.47 32.63
N GLU H 120 -47.23 1.10 33.33
CA GLU H 120 -47.31 1.07 34.73
C GLU H 120 -47.42 2.53 35.12
N GLY H 121 -46.38 3.30 34.89
CA GLY H 121 -46.13 4.39 35.81
C GLY H 121 -44.77 4.00 36.42
N PRO H 122 -44.54 2.70 36.77
CA PRO H 122 -43.19 2.21 36.45
C PRO H 122 -42.69 2.58 35.03
N ILE H 123 -43.58 3.15 34.21
CA ILE H 123 -43.18 4.05 33.13
C ILE H 123 -42.86 5.41 33.76
N ARG H 124 -43.83 5.94 34.54
CA ARG H 124 -43.75 7.24 35.29
C ARG H 124 -42.56 7.29 36.31
N THR H 125 -42.18 6.14 36.86
CA THR H 125 -40.97 6.05 37.65
C THR H 125 -39.83 6.21 36.66
N LEU H 126 -39.63 5.19 35.82
CA LEU H 126 -38.52 5.17 34.89
C LEU H 126 -38.43 6.48 34.11
N LEU H 127 -39.50 6.89 33.45
CA LEU H 127 -39.50 8.17 32.79
C LEU H 127 -38.99 9.28 33.70
N SER H 128 -39.29 9.19 34.99
CA SER H 128 -38.79 10.18 35.96
C SER H 128 -37.35 9.92 36.43
N ASP H 129 -37.15 8.77 37.11
CA ASP H 129 -35.85 8.39 37.65
C ASP H 129 -34.70 8.79 36.74
N ILE H 130 -34.72 8.23 35.53
CA ILE H 130 -33.69 8.46 34.53
C ILE H 130 -33.63 9.93 34.23
N SER H 131 -34.79 10.54 33.93
CA SER H 131 -34.83 11.96 33.62
C SER H 131 -34.07 12.76 34.69
N SER H 132 -34.05 12.26 35.92
CA SER H 132 -33.28 12.91 36.98
C SER H 132 -31.86 12.34 37.19
N ALA H 133 -31.58 11.20 36.58
CA ALA H 133 -30.21 10.69 36.53
C ALA H 133 -29.44 11.42 35.44
N LEU H 134 -30.04 11.53 34.25
CA LEU H 134 -29.46 12.29 33.12
C LEU H 134 -29.24 13.70 33.58
N ARG H 135 -30.28 14.28 34.16
CA ARG H 135 -30.18 15.52 34.94
C ARG H 135 -28.74 15.75 35.35
N TYR H 136 -28.38 14.99 36.39
CA TYR H 136 -27.14 15.10 37.13
C TYR H 136 -25.90 15.02 36.24
N LEU H 137 -26.09 14.43 35.06
CA LEU H 137 -24.98 14.19 34.15
C LEU H 137 -24.79 15.32 33.16
N HIS H 138 -25.85 16.09 32.88
CA HIS H 138 -25.70 17.29 32.08
C HIS H 138 -25.36 18.43 33.02
N GLU H 139 -25.24 18.08 34.29
CA GLU H 139 -24.84 19.01 35.33
C GLU H 139 -23.35 19.05 35.44
N ASN H 140 -22.77 17.88 35.26
CA ASN H 140 -21.33 17.73 35.32
C ASN H 140 -20.77 17.61 33.89
N ARG H 141 -21.63 18.00 32.94
CA ARG H 141 -21.39 17.91 31.49
C ARG H 141 -20.79 16.55 31.06
N ILE H 142 -21.42 15.49 31.55
CA ILE H 142 -20.99 14.13 31.25
C ILE H 142 -22.10 13.42 30.49
N ILE H 143 -22.07 13.55 29.17
CA ILE H 143 -22.98 12.85 28.28
C ILE H 143 -22.74 11.34 28.42
N HIS H 144 -23.79 10.58 28.74
CA HIS H 144 -23.66 9.14 28.92
C HIS H 144 -23.35 8.44 27.63
N ARG H 145 -23.70 9.13 26.54
CA ARG H 145 -23.63 8.66 25.16
C ARG H 145 -24.58 7.53 24.87
N ASP H 146 -24.23 6.30 25.23
CA ASP H 146 -25.15 5.19 25.04
C ASP H 146 -26.21 5.18 26.12
N LEU H 147 -27.21 4.33 25.90
CA LEU H 147 -28.34 4.16 26.80
C LEU H 147 -29.17 3.06 26.14
N LYS H 148 -29.52 2.09 26.98
CA LYS H 148 -29.94 0.79 26.53
C LYS H 148 -30.89 0.33 27.60
N PRO H 149 -31.51 -0.83 27.44
CA PRO H 149 -32.14 -1.34 28.65
C PRO H 149 -31.11 -1.91 29.63
N GLU H 150 -29.99 -2.42 29.12
CA GLU H 150 -29.12 -3.27 29.93
C GLU H 150 -28.07 -2.53 30.73
N ASN H 151 -28.30 -1.26 30.97
CA ASN H 151 -27.46 -0.50 31.88
C ASN H 151 -28.26 -0.04 33.08
N ILE H 152 -29.57 -0.32 33.06
CA ILE H 152 -30.47 0.15 34.10
C ILE H 152 -31.06 -0.99 34.92
N VAL H 153 -31.10 -0.80 36.22
CA VAL H 153 -31.57 -1.82 37.15
C VAL H 153 -32.71 -1.34 38.06
N LEU H 154 -33.93 -1.78 37.74
CA LEU H 154 -35.12 -1.65 38.61
C LEU H 154 -34.93 -2.59 39.81
N GLN H 155 -34.47 -2.02 40.93
CA GLN H 155 -34.23 -2.75 42.15
C GLN H 155 -35.25 -2.34 43.23
N PRO H 156 -35.80 -3.31 44.01
CA PRO H 156 -36.77 -3.04 45.08
C PRO H 156 -36.36 -1.86 46.02
N GLY H 157 -37.31 -0.94 46.24
CA GLY H 157 -37.05 0.29 47.01
C GLY H 157 -37.79 0.39 48.33
N PRO H 158 -37.23 1.18 49.29
CA PRO H 158 -37.86 1.41 50.58
C PRO H 158 -39.31 1.91 50.46
N GLN H 159 -39.70 2.34 49.27
CA GLN H 159 -41.09 2.72 49.03
C GLN H 159 -41.66 2.19 47.71
N ARG H 160 -41.09 2.65 46.59
CA ARG H 160 -41.68 2.41 45.26
C ARG H 160 -40.67 2.17 44.10
N LEU H 161 -39.99 1.01 44.12
CA LEU H 161 -39.04 0.59 43.05
C LEU H 161 -38.06 1.69 42.60
N ILE H 162 -36.89 1.73 43.25
CA ILE H 162 -35.82 2.63 42.79
C ILE H 162 -35.10 1.91 41.67
N HIS H 163 -34.90 2.59 40.54
CA HIS H 163 -34.02 2.04 39.52
C HIS H 163 -32.74 2.84 39.19
N LYS H 164 -31.66 2.07 39.05
CA LYS H 164 -30.32 2.62 38.96
C LYS H 164 -29.61 2.24 37.66
N ILE H 165 -28.93 3.24 37.10
CA ILE H 165 -28.13 3.11 35.89
C ILE H 165 -26.66 2.75 36.21
N ILE H 166 -26.36 1.46 36.05
CA ILE H 166 -25.08 0.81 36.41
C ILE H 166 -24.03 0.94 35.25
N ASP H 167 -23.00 0.09 35.31
CA ASP H 167 -22.01 -0.26 34.22
C ASP H 167 -21.38 0.85 33.32
N LEU H 168 -22.11 1.90 32.98
CA LEU H 168 -21.69 2.64 31.81
C LEU H 168 -21.03 3.99 32.05
N GLY H 169 -19.98 4.20 31.26
CA GLY H 169 -19.23 5.44 31.18
C GLY H 169 -18.46 5.43 29.86
N TYR H 170 -19.19 5.48 28.75
CA TYR H 170 -18.62 5.72 27.43
C TYR H 170 -18.75 7.19 27.25
N ALA H 171 -18.27 7.91 28.26
CA ALA H 171 -18.89 9.14 28.67
C ALA H 171 -18.16 10.44 28.33
N LYS H 172 -17.90 10.67 27.04
CA LYS H 172 -17.59 12.00 26.46
C LYS H 172 -17.65 13.22 27.41
N GLU H 173 -17.04 13.09 28.58
CA GLU H 173 -17.05 14.15 29.58
C GLU H 173 -16.35 15.39 29.06
N LEU H 174 -17.15 16.40 28.76
CA LEU H 174 -16.59 17.66 28.29
C LEU H 174 -15.34 18.04 29.10
N ASP H 175 -14.37 18.59 28.39
CA ASP H 175 -13.11 19.09 28.95
C ASP H 175 -12.06 18.00 29.12
N GLN H 176 -12.43 16.88 29.72
CA GLN H 176 -11.49 15.77 29.79
C GLN H 176 -11.77 14.69 28.73
N GLY H 177 -11.92 15.15 27.48
CA GLY H 177 -12.10 14.29 26.30
C GLY H 177 -13.21 13.25 26.40
N GLU H 178 -13.18 12.29 25.50
CA GLU H 178 -14.10 11.17 25.59
C GLU H 178 -13.50 10.09 26.47
N LEU H 179 -14.30 9.10 26.80
CA LEU H 179 -13.77 7.82 27.26
C LEU H 179 -13.93 6.87 26.07
N CYS H 180 -13.08 5.84 26.01
CA CYS H 180 -13.16 4.75 24.99
C CYS H 180 -13.57 5.04 23.52
N THR H 181 -14.87 5.00 23.22
CA THR H 181 -15.40 4.82 21.84
C THR H 181 -15.20 3.35 21.50
N GLU H 182 -15.37 2.54 22.53
CA GLU H 182 -15.28 1.09 22.43
C GLU H 182 -16.37 0.46 21.54
N PHE H 183 -17.53 1.11 21.42
CA PHE H 183 -18.59 0.70 20.47
C PHE H 183 -19.28 -0.65 20.83
N VAL H 184 -19.09 -1.18 22.04
CA VAL H 184 -19.17 -2.66 22.24
C VAL H 184 -20.48 -3.46 21.90
N GLY H 185 -21.25 -3.84 22.92
CA GLY H 185 -22.27 -4.93 22.82
C GLY H 185 -23.42 -4.85 21.84
N THR H 186 -24.58 -4.39 22.33
CA THR H 186 -25.78 -4.21 21.49
C THR H 186 -25.94 -2.76 21.07
N LEU H 187 -25.57 -2.54 19.81
CA LEU H 187 -25.64 -1.24 19.22
C LEU H 187 -27.09 -0.82 19.02
N GLN H 188 -27.92 -1.84 18.88
CA GLN H 188 -29.29 -1.77 18.36
C GLN H 188 -30.08 -0.44 18.63
N TYR H 189 -29.57 0.43 19.56
CA TYR H 189 -30.23 1.66 20.13
C TYR H 189 -29.74 3.06 19.75
N LEU H 190 -28.45 3.33 19.85
CA LEU H 190 -27.96 4.73 19.84
C LEU H 190 -28.31 5.67 18.63
N ALA H 191 -27.78 6.89 18.60
CA ALA H 191 -28.24 7.92 17.68
C ALA H 191 -27.19 8.40 16.72
N PRO H 192 -27.57 8.70 15.46
CA PRO H 192 -26.61 9.11 14.44
C PRO H 192 -25.12 9.03 14.79
N GLU H 193 -24.73 7.78 15.09
CA GLU H 193 -23.36 7.27 15.11
C GLU H 193 -23.25 6.38 13.93
N LEU H 194 -23.59 6.94 12.79
CA LEU H 194 -23.04 6.50 11.54
C LEU H 194 -21.58 6.78 11.95
N LEU H 195 -20.89 5.70 12.34
CA LEU H 195 -19.65 5.72 13.21
C LEU H 195 -18.97 7.09 13.26
N GLU H 196 -19.21 7.79 14.36
CA GLU H 196 -18.64 9.11 14.67
C GLU H 196 -19.54 10.29 14.27
N GLN H 197 -19.07 11.18 13.38
CA GLN H 197 -19.65 12.53 13.20
C GLN H 197 -19.35 13.40 14.41
N LYS H 198 -19.58 14.69 14.24
CA LYS H 198 -19.09 15.70 15.17
C LYS H 198 -20.15 16.03 16.20
N LYS H 199 -21.36 15.57 15.92
CA LYS H 199 -22.51 15.96 16.73
C LYS H 199 -22.64 15.12 18.03
N TYR H 200 -21.51 14.81 18.69
CA TYR H 200 -21.57 14.22 20.03
C TYR H 200 -22.08 15.26 21.01
N THR H 201 -23.06 16.12 20.66
CA THR H 201 -23.70 17.11 21.57
C THR H 201 -24.61 16.43 22.59
N VAL H 202 -24.74 17.05 23.76
CA VAL H 202 -25.69 16.61 24.75
C VAL H 202 -26.79 15.73 24.12
N THR H 203 -27.45 16.31 23.12
CA THR H 203 -28.56 15.75 22.29
C THR H 203 -28.73 14.25 22.19
N VAL H 204 -27.61 13.55 22.20
CA VAL H 204 -27.60 12.16 21.82
C VAL H 204 -28.03 11.25 22.98
N ASP H 205 -28.04 11.80 24.18
CA ASP H 205 -28.68 11.11 25.27
C ASP H 205 -30.19 11.17 25.02
N TYR H 206 -30.70 12.39 24.78
CA TYR H 206 -32.15 12.62 24.66
C TYR H 206 -32.77 11.66 23.67
N TRP H 207 -32.08 11.41 22.56
CA TRP H 207 -32.51 10.43 21.57
C TRP H 207 -32.66 9.02 22.18
N SER H 208 -31.60 8.50 22.81
CA SER H 208 -31.59 7.08 23.25
C SER H 208 -32.68 6.85 24.30
N PHE H 209 -32.69 7.74 25.30
CA PHE H 209 -33.71 7.82 26.33
C PHE H 209 -35.09 7.71 25.73
N GLY H 210 -35.35 8.61 24.78
CA GLY H 210 -36.62 8.69 24.03
C GLY H 210 -37.11 7.36 23.51
N THR H 211 -36.30 6.72 22.67
CA THR H 211 -36.68 5.41 22.22
C THR H 211 -36.77 4.43 23.41
N LEU H 212 -35.68 4.34 24.18
CA LEU H 212 -35.69 3.57 25.44
C LEU H 212 -37.08 3.67 26.12
N ALA H 213 -37.53 4.92 26.24
CA ALA H 213 -38.84 5.24 26.73
C ALA H 213 -39.87 4.64 25.80
N PHE H 214 -39.91 5.09 24.54
CA PHE H 214 -40.86 4.56 23.62
C PHE H 214 -40.99 3.07 23.89
N GLU H 215 -39.98 2.35 23.44
CA GLU H 215 -39.81 0.94 23.72
C GLU H 215 -40.51 0.48 25.00
N CYS H 216 -40.31 1.25 26.05
CA CYS H 216 -40.89 0.87 27.33
C CYS H 216 -42.41 0.99 27.31
N ILE H 217 -42.92 2.06 26.67
CA ILE H 217 -44.37 2.30 26.60
C ILE H 217 -45.05 1.12 25.90
N THR H 218 -44.43 0.70 24.80
CA THR H 218 -45.10 -0.08 23.78
C THR H 218 -44.37 -1.37 23.59
N GLY H 219 -43.30 -1.34 22.80
CA GLY H 219 -42.43 -2.46 22.52
C GLY H 219 -41.51 -2.29 21.31
N PHE H 220 -41.32 -1.07 20.76
CA PHE H 220 -40.41 -0.89 19.57
C PHE H 220 -39.42 0.27 19.65
N ARG H 221 -39.43 1.13 18.62
CA ARG H 221 -38.65 2.36 18.50
C ARG H 221 -38.94 2.77 17.06
N PRO H 222 -38.24 3.84 16.50
CA PRO H 222 -38.51 4.29 15.10
C PRO H 222 -38.46 3.11 14.16
N PHE H 223 -37.57 2.16 14.51
CA PHE H 223 -37.82 0.68 14.46
C PHE H 223 -36.61 -0.30 14.49
N LEU H 224 -36.78 -1.46 15.11
CA LEU H 224 -35.68 -2.42 15.12
C LEU H 224 -35.99 -3.89 14.84
N PRO H 225 -37.05 -4.14 14.05
CA PRO H 225 -36.67 -5.19 13.09
C PRO H 225 -36.02 -4.30 12.00
N ASN H 226 -35.36 -4.86 10.96
CA ASN H 226 -34.30 -4.17 10.17
C ASN H 226 -33.18 -4.04 11.21
N TRP H 227 -32.34 -3.02 11.04
CA TRP H 227 -31.14 -2.88 11.87
C TRP H 227 -30.57 -1.45 11.94
N GLN H 228 -29.28 -1.35 12.25
CA GLN H 228 -28.63 -0.07 12.34
C GLN H 228 -28.33 0.59 10.95
N PRO H 229 -27.26 0.17 10.20
CA PRO H 229 -27.03 0.86 8.92
C PRO H 229 -28.17 0.51 7.96
N VAL H 230 -29.04 -0.40 8.41
CA VAL H 230 -30.24 -0.74 7.72
C VAL H 230 -31.28 0.41 7.85
N GLN H 231 -31.27 1.12 8.97
CA GLN H 231 -32.06 2.36 9.13
C GLN H 231 -31.52 3.50 8.32
N TRP H 232 -30.63 4.35 8.87
CA TRP H 232 -30.30 5.65 8.24
C TRP H 232 -31.32 6.12 7.20
N HIS H 233 -32.15 5.21 6.69
CA HIS H 233 -33.33 5.55 5.88
C HIS H 233 -34.53 5.55 6.79
N GLY H 234 -34.42 4.79 7.87
CA GLY H 234 -35.18 5.07 9.07
C GLY H 234 -35.38 6.57 9.15
N LYS H 235 -34.27 7.32 9.14
CA LYS H 235 -34.31 8.80 9.16
C LYS H 235 -34.90 9.42 7.91
N VAL H 236 -35.89 8.71 7.40
CA VAL H 236 -36.94 9.20 6.50
C VAL H 236 -36.45 10.02 5.33
N ARG H 237 -36.91 9.64 4.14
CA ARG H 237 -36.84 10.45 2.90
C ARG H 237 -38.15 11.22 2.62
N ILE H 244 -39.94 12.35 8.27
CA ILE H 244 -38.86 12.23 9.24
C ILE H 244 -39.47 12.28 10.64
N VAL H 245 -40.14 13.41 10.92
CA VAL H 245 -41.08 13.58 12.03
C VAL H 245 -42.45 13.09 11.50
N VAL H 246 -42.56 11.76 11.24
CA VAL H 246 -43.76 11.09 10.63
C VAL H 246 -43.91 9.71 11.29
N TYR H 247 -44.65 8.77 10.63
CA TYR H 247 -44.55 7.29 10.82
C TYR H 247 -44.71 6.46 9.49
N ASP H 248 -44.31 5.19 9.48
CA ASP H 248 -43.83 4.59 8.23
C ASP H 248 -44.46 3.34 7.60
N ASP H 249 -43.58 2.56 6.98
CA ASP H 249 -43.91 1.77 5.80
C ASP H 249 -43.88 0.27 6.06
N LEU H 250 -44.45 -0.48 5.10
CA LEU H 250 -44.73 -1.94 5.22
C LEU H 250 -44.09 -2.75 4.12
N THR H 251 -44.83 -3.83 3.83
CA THR H 251 -44.66 -4.78 2.76
C THR H 251 -45.96 -5.61 2.88
N GLY H 252 -45.87 -6.82 3.43
CA GLY H 252 -47.03 -7.48 3.98
C GLY H 252 -47.39 -6.53 5.10
N ALA H 253 -47.61 -7.07 6.28
CA ALA H 253 -47.77 -6.21 7.44
C ALA H 253 -46.40 -6.10 8.11
N VAL H 254 -45.80 -4.90 8.06
CA VAL H 254 -44.59 -4.52 8.87
C VAL H 254 -44.59 -3.01 8.92
N LYS H 255 -44.06 -2.34 9.98
CA LYS H 255 -44.31 -0.86 10.18
C LYS H 255 -43.33 -0.13 11.14
N PHE H 256 -42.96 1.13 10.87
CA PHE H 256 -41.75 1.60 11.53
C PHE H 256 -41.68 3.08 11.85
N SER H 257 -42.01 3.38 13.12
CA SER H 257 -43.00 4.44 13.49
C SER H 257 -42.88 5.43 14.68
N SER H 258 -43.28 6.65 14.36
CA SER H 258 -43.40 7.69 15.34
C SER H 258 -44.25 8.91 14.82
N VAL H 259 -45.58 8.65 14.68
CA VAL H 259 -46.74 9.62 14.89
C VAL H 259 -47.86 9.07 15.86
N LEU H 260 -48.28 7.84 15.64
CA LEU H 260 -49.41 7.30 16.37
C LEU H 260 -49.05 6.06 17.19
N PRO H 261 -48.66 6.26 18.47
CA PRO H 261 -48.01 5.26 19.36
C PRO H 261 -48.74 3.99 19.77
N THR H 262 -49.52 3.37 18.86
CA THR H 262 -49.74 1.89 18.82
C THR H 262 -50.89 1.23 19.77
N PRO H 263 -51.16 -0.11 19.76
CA PRO H 263 -52.06 -0.74 20.78
C PRO H 263 -51.43 -1.25 22.11
N ASN H 264 -50.94 -0.27 22.86
CA ASN H 264 -50.24 -0.37 24.16
C ASN H 264 -51.18 -0.52 25.37
N HIS H 265 -50.71 -0.37 26.63
CA HIS H 265 -51.69 -0.17 27.70
C HIS H 265 -51.57 1.04 28.62
N LEU H 266 -51.39 2.24 28.07
CA LEU H 266 -51.22 3.50 28.84
C LEU H 266 -52.50 4.22 29.27
N SER H 267 -52.33 5.34 29.99
CA SER H 267 -53.44 6.26 30.31
C SER H 267 -54.03 6.86 29.01
N GLY H 268 -55.37 6.93 28.96
CA GLY H 268 -56.07 7.63 27.89
C GLY H 268 -55.37 8.95 27.60
N ILE H 269 -55.12 9.73 28.65
CA ILE H 269 -54.49 11.02 28.42
C ILE H 269 -52.95 11.04 28.39
N LEU H 270 -52.33 9.87 28.34
CA LEU H 270 -50.86 9.87 28.12
C LEU H 270 -50.37 9.62 26.65
N ALA H 271 -51.25 9.13 25.79
CA ALA H 271 -51.12 9.48 24.40
C ALA H 271 -50.80 11.00 24.44
N GLY H 272 -51.47 11.72 25.33
CA GLY H 272 -51.25 13.15 25.59
C GLY H 272 -49.81 13.62 25.70
N LYS H 273 -49.02 12.97 26.57
CA LYS H 273 -47.55 13.09 26.48
C LYS H 273 -47.06 12.51 25.18
N LEU H 274 -47.11 11.18 25.11
CA LEU H 274 -46.34 10.42 24.14
C LEU H 274 -46.11 11.19 22.85
N GLU H 275 -47.11 11.11 21.99
CA GLU H 275 -47.07 11.55 20.60
C GLU H 275 -46.51 12.96 20.48
N ARG H 276 -46.56 13.71 21.56
CA ARG H 276 -46.05 15.08 21.58
C ARG H 276 -44.82 15.21 22.46
N TRP H 277 -44.57 14.24 23.33
CA TRP H 277 -43.27 14.29 23.92
C TRP H 277 -42.34 13.67 22.94
N LEU H 278 -42.40 12.34 22.89
CA LEU H 278 -41.52 11.56 22.02
C LEU H 278 -41.31 12.14 20.62
N GLN H 279 -42.32 12.76 20.03
CA GLN H 279 -42.20 13.47 18.73
C GLN H 279 -41.10 14.56 18.77
N CYS H 280 -40.49 14.70 19.94
CA CYS H 280 -39.58 15.78 20.18
C CYS H 280 -38.32 15.25 20.77
N MET H 281 -38.46 14.17 21.52
CA MET H 281 -37.35 13.49 22.11
C MET H 281 -36.66 12.52 21.15
N LEU H 282 -37.26 12.33 19.98
CA LEU H 282 -36.74 11.42 18.96
C LEU H 282 -36.29 12.14 17.71
N MET H 283 -35.20 12.89 17.87
CA MET H 283 -34.55 13.62 16.78
C MET H 283 -33.00 13.84 16.88
N TRP H 284 -32.51 14.64 15.93
CA TRP H 284 -31.11 14.77 15.47
C TRP H 284 -30.49 16.19 15.53
N HIS H 285 -29.18 16.28 15.75
CA HIS H 285 -28.45 17.56 15.76
C HIS H 285 -28.64 18.31 17.06
N GLN H 286 -29.80 18.95 17.18
CA GLN H 286 -30.20 19.79 18.31
C GLN H 286 -31.61 19.46 18.87
N ARG H 287 -31.79 18.21 19.28
CA ARG H 287 -32.99 17.75 20.00
C ARG H 287 -32.66 17.05 21.29
N THR H 291 -36.00 22.41 22.28
CA THR H 291 -36.53 21.47 21.29
C THR H 291 -37.99 21.75 20.86
N ASP H 292 -38.97 21.73 21.78
CA ASP H 292 -40.42 21.99 21.45
C ASP H 292 -40.67 23.46 21.06
N PRO H 293 -40.88 23.71 19.74
CA PRO H 293 -40.65 25.02 19.12
C PRO H 293 -41.70 26.12 19.43
N GLN H 294 -42.48 25.90 20.49
CA GLN H 294 -43.38 26.93 20.99
C GLN H 294 -42.65 27.77 22.03
N ASN H 295 -41.44 27.34 22.42
CA ASN H 295 -40.78 27.88 23.59
C ASN H 295 -39.37 27.40 23.73
N PRO H 296 -38.54 28.13 24.53
CA PRO H 296 -37.36 27.52 25.12
C PRO H 296 -37.62 27.01 26.55
N ASN H 297 -38.06 25.75 26.68
CA ASN H 297 -38.31 25.10 27.97
C ASN H 297 -37.07 24.37 28.53
N VAL H 298 -37.24 23.14 29.02
CA VAL H 298 -36.13 22.18 29.26
C VAL H 298 -36.40 20.83 28.55
N GLY H 299 -35.41 20.38 27.79
CA GLY H 299 -35.44 19.15 27.00
C GLY H 299 -36.23 18.05 27.65
N CYS H 300 -35.56 17.19 28.42
CA CYS H 300 -36.33 16.24 29.23
C CYS H 300 -37.06 17.00 30.33
N PHE H 301 -36.33 17.38 31.38
CA PHE H 301 -36.91 17.93 32.62
C PHE H 301 -38.24 18.64 32.49
N GLN H 302 -38.19 19.95 32.30
CA GLN H 302 -39.41 20.74 32.43
C GLN H 302 -40.62 20.05 31.79
N ALA H 303 -40.56 19.82 30.48
CA ALA H 303 -41.67 19.24 29.72
C ALA H 303 -42.13 17.93 30.33
N LEU H 304 -41.20 16.99 30.48
CA LEU H 304 -41.49 15.64 30.98
C LEU H 304 -42.01 15.67 32.41
N ASP H 305 -41.44 16.56 33.21
CA ASP H 305 -41.82 16.70 34.62
C ASP H 305 -43.28 17.18 34.78
N SER H 306 -43.62 18.24 34.06
CA SER H 306 -45.00 18.77 34.03
C SER H 306 -45.96 17.76 33.37
N ILE H 307 -45.46 17.06 32.37
CA ILE H 307 -46.22 15.98 31.74
C ILE H 307 -46.22 14.72 32.63
N LEU H 308 -45.33 14.66 33.63
CA LEU H 308 -45.27 13.52 34.56
C LEU H 308 -46.06 13.73 35.84
N SER H 309 -45.98 14.94 36.39
CA SER H 309 -46.85 15.34 37.49
C SER H 309 -48.25 15.57 36.92
N LEU H 310 -48.97 16.60 37.38
CA LEU H 310 -50.43 16.71 37.14
C LEU H 310 -51.13 15.61 37.96
N LYS H 311 -52.21 15.90 38.68
CA LYS H 311 -52.94 14.89 39.46
C LYS H 311 -54.20 14.52 38.72
N LEU H 312 -54.42 13.23 38.63
CA LEU H 312 -55.39 12.75 37.68
C LEU H 312 -56.59 12.05 38.32
N LEU H 313 -57.73 12.72 38.20
CA LEU H 313 -58.96 12.04 38.43
C LEU H 313 -59.55 11.59 37.15
N SER H 314 -60.46 10.65 37.32
CA SER H 314 -60.88 9.76 36.29
C SER H 314 -62.21 9.26 36.79
N VAL H 315 -63.24 9.52 36.01
CA VAL H 315 -64.55 9.20 36.49
C VAL H 315 -65.17 8.34 35.45
N MET H 316 -65.38 7.09 35.82
CA MET H 316 -66.18 6.20 35.01
C MET H 316 -67.50 6.92 34.71
N ASN H 317 -68.25 6.40 33.75
CA ASN H 317 -69.58 6.90 33.51
C ASN H 317 -70.64 5.89 33.91
N MET H 318 -71.02 5.02 32.98
CA MET H 318 -72.12 4.08 33.15
C MET H 318 -73.21 4.40 32.15
N VAL H 319 -73.41 5.69 31.89
CA VAL H 319 -73.93 6.07 30.60
C VAL H 319 -72.78 5.63 29.67
N SER H 320 -72.96 4.43 29.09
CA SER H 320 -71.87 3.48 28.62
C SER H 320 -70.52 4.03 28.09
N GLY H 321 -70.43 5.35 27.94
CA GLY H 321 -69.21 6.03 27.56
C GLY H 321 -68.09 5.76 28.55
N ARG H 322 -68.15 4.56 29.15
CA ARG H 322 -67.14 4.09 30.07
C ARG H 322 -66.47 5.29 30.75
N VAL H 323 -65.25 5.62 30.38
CA VAL H 323 -64.49 6.55 31.23
C VAL H 323 -64.49 8.01 30.78
N HIS H 324 -63.89 8.84 31.64
CA HIS H 324 -63.52 10.23 31.41
C HIS H 324 -62.42 10.46 32.43
N THR H 325 -61.43 11.28 32.10
CA THR H 325 -60.35 11.59 33.05
C THR H 325 -60.05 13.06 33.06
N TYR H 326 -59.72 13.59 34.23
CA TYR H 326 -59.49 15.03 34.35
C TYR H 326 -58.27 15.35 35.20
N PRO H 327 -57.51 16.38 34.76
CA PRO H 327 -56.34 16.95 35.44
C PRO H 327 -56.75 17.95 36.49
N VAL H 328 -56.37 17.71 37.75
CA VAL H 328 -56.93 18.51 38.85
C VAL H 328 -55.93 19.13 39.86
N THR H 329 -56.04 20.44 40.06
CA THR H 329 -55.26 21.16 41.06
C THR H 329 -55.84 20.93 42.46
N GLU H 330 -54.99 20.92 43.50
CA GLU H 330 -55.50 20.92 44.88
C GLU H 330 -56.07 22.31 45.23
N ASN H 331 -57.28 22.57 44.72
CA ASN H 331 -57.81 23.90 44.54
C ASN H 331 -59.15 23.91 43.79
N GLU H 332 -59.73 22.73 43.64
CA GLU H 332 -60.98 22.55 42.90
C GLU H 332 -61.77 21.47 43.66
N ASN H 333 -63.10 21.52 43.60
CA ASN H 333 -63.94 20.54 44.28
C ASN H 333 -65.05 19.94 43.41
N LEU H 334 -66.03 19.30 44.05
CA LEU H 334 -67.10 18.60 43.34
C LEU H 334 -67.71 19.42 42.19
N GLN H 335 -68.58 20.37 42.49
CA GLN H 335 -69.30 21.09 41.42
C GLN H 335 -68.38 21.68 40.30
N ASN H 336 -67.07 21.80 40.55
CA ASN H 336 -66.14 22.10 39.50
C ASN H 336 -66.32 20.99 38.48
N LEU H 337 -66.05 19.76 38.93
CA LEU H 337 -66.18 18.52 38.17
C LEU H 337 -67.57 18.40 37.58
N LYS H 338 -68.57 18.38 38.47
CA LYS H 338 -69.98 18.24 38.08
C LYS H 338 -70.25 18.98 36.79
N SER H 339 -69.77 20.22 36.72
CA SER H 339 -69.92 21.03 35.52
C SER H 339 -69.17 20.37 34.40
N TRP H 340 -67.86 20.30 34.52
CA TRP H 340 -67.14 19.78 33.41
C TRP H 340 -67.41 18.28 33.15
N LEU H 341 -68.26 17.68 33.99
CA LEU H 341 -68.72 16.30 33.76
C LEU H 341 -69.97 16.25 32.87
N GLN H 342 -70.84 17.22 33.10
CA GLN H 342 -72.02 17.42 32.27
C GLN H 342 -71.47 18.02 30.99
N GLN H 343 -70.41 18.82 31.14
CA GLN H 343 -69.81 19.50 30.03
C GLN H 343 -69.63 18.55 28.89
N ASP H 344 -69.26 17.32 29.24
CA ASP H 344 -68.95 16.27 28.28
C ASP H 344 -70.13 15.30 28.13
N THR H 345 -70.76 14.91 29.24
CA THR H 345 -71.90 13.98 29.18
C THR H 345 -73.22 14.70 28.96
N GLY H 346 -73.43 15.77 29.72
CA GLY H 346 -74.61 16.59 29.57
C GLY H 346 -75.74 16.19 30.45
N ILE H 347 -75.57 15.11 31.22
CA ILE H 347 -76.53 14.79 32.29
C ILE H 347 -76.05 15.60 33.54
N PRO H 348 -76.64 16.82 33.75
CA PRO H 348 -76.20 17.87 34.68
C PRO H 348 -76.44 17.56 36.17
N GLU H 349 -75.64 18.18 37.05
CA GLU H 349 -75.55 17.88 38.50
C GLU H 349 -76.76 17.21 39.14
N GLU H 350 -77.95 17.78 38.91
CA GLU H 350 -79.20 17.23 39.45
C GLU H 350 -79.68 15.99 38.67
N GLU H 351 -78.78 15.00 38.63
CA GLU H 351 -78.99 13.65 38.11
C GLU H 351 -77.61 12.97 38.11
N GLN H 352 -76.73 13.47 38.97
CA GLN H 352 -75.34 13.06 38.98
C GLN H 352 -74.95 12.34 40.26
N GLU H 353 -74.75 11.05 40.11
CA GLU H 353 -74.37 10.19 41.22
C GLU H 353 -72.88 9.86 41.22
N LEU H 354 -72.14 10.66 41.98
CA LEU H 354 -70.71 10.49 42.06
C LEU H 354 -70.37 9.67 43.29
N LEU H 355 -69.87 8.47 43.06
CA LEU H 355 -69.69 7.49 44.14
C LEU H 355 -68.25 7.02 44.27
N GLN H 356 -67.44 7.82 44.97
CA GLN H 356 -66.06 7.46 45.31
C GLN H 356 -66.02 6.05 45.93
N ALA H 357 -65.13 5.21 45.40
CA ALA H 357 -65.14 3.77 45.67
C ALA H 357 -66.56 3.19 45.51
N SER H 358 -66.83 2.15 46.28
CA SER H 358 -68.21 1.74 46.55
C SER H 358 -68.62 2.32 47.90
N GLY H 359 -67.61 2.53 48.75
CA GLY H 359 -67.83 3.13 50.05
C GLY H 359 -68.08 4.62 49.91
N LEU H 360 -69.35 5.01 50.03
CA LEU H 360 -69.79 6.41 50.14
C LEU H 360 -70.56 6.94 48.94
N ALA H 361 -70.79 8.25 49.02
CA ALA H 361 -71.02 9.14 47.92
C ALA H 361 -69.95 10.22 48.03
N LEU H 362 -69.97 11.19 47.12
CA LEU H 362 -68.87 12.13 47.04
C LEU H 362 -68.92 13.28 48.02
N ASN H 363 -68.10 13.16 49.07
CA ASN H 363 -67.94 14.20 50.09
C ASN H 363 -67.28 15.47 49.52
N SER H 364 -68.06 16.30 48.83
CA SER H 364 -67.55 17.51 48.17
C SER H 364 -66.85 18.45 49.12
N ALA H 365 -66.61 17.96 50.35
CA ALA H 365 -65.85 18.67 51.38
C ALA H 365 -64.45 19.01 50.86
N GLN H 366 -63.59 18.00 50.89
CA GLN H 366 -62.21 18.05 50.40
C GLN H 366 -62.07 18.59 48.96
N PRO H 367 -60.89 19.16 48.62
CA PRO H 367 -60.58 19.40 47.20
C PRO H 367 -60.40 18.05 46.45
N LEU H 368 -60.24 18.10 45.12
CA LEU H 368 -60.23 16.88 44.29
C LEU H 368 -58.97 15.99 44.42
N THR H 369 -57.98 16.53 45.13
CA THR H 369 -56.70 15.88 45.24
C THR H 369 -56.61 14.90 46.41
N GLN H 370 -57.70 14.76 47.16
CA GLN H 370 -57.77 13.72 48.16
C GLN H 370 -58.30 12.46 47.50
N TYR H 371 -58.94 12.66 46.34
CA TYR H 371 -59.57 11.60 45.58
C TYR H 371 -58.66 11.06 44.45
N VAL H 372 -57.44 11.61 44.38
CA VAL H 372 -56.45 11.26 43.32
C VAL H 372 -55.97 9.81 43.37
N ILE H 373 -54.91 9.55 44.15
CA ILE H 373 -54.14 8.28 44.20
C ILE H 373 -53.87 7.63 42.86
N ASP H 374 -52.57 7.48 42.54
CA ASP H 374 -52.08 6.88 41.27
C ASP H 374 -50.68 6.23 41.45
N CYS H 375 -50.37 5.24 40.61
CA CYS H 375 -48.99 4.89 40.32
C CYS H 375 -48.34 3.77 41.12
N THR H 376 -48.61 3.68 42.43
CA THR H 376 -47.67 2.95 43.32
C THR H 376 -48.28 2.19 44.56
N VAL H 377 -48.19 0.85 44.58
CA VAL H 377 -48.53 0.05 45.78
C VAL H 377 -47.24 -0.38 46.47
N GLY H 385 -60.47 1.01 43.25
CA GLY H 385 -60.56 2.41 43.64
C GLY H 385 -60.75 3.37 42.48
N ASP H 386 -61.95 3.96 42.41
CA ASP H 386 -62.30 5.00 41.40
C ASP H 386 -63.78 5.41 41.21
N LEU H 387 -64.00 6.73 41.21
CA LEU H 387 -65.31 7.36 41.15
C LEU H 387 -66.13 6.93 39.97
N ILE H 388 -66.88 5.84 40.12
CA ILE H 388 -67.93 5.51 39.16
C ILE H 388 -68.99 6.62 39.28
N PHE H 389 -70.12 6.51 38.57
CA PHE H 389 -70.92 7.71 38.34
C PHE H 389 -72.20 7.51 37.50
N LEU H 390 -73.38 7.77 38.08
CA LEU H 390 -74.65 7.43 37.40
C LEU H 390 -75.66 8.59 37.18
N PHE H 391 -76.81 8.22 36.60
CA PHE H 391 -77.61 9.09 35.70
C PHE H 391 -79.02 9.54 36.13
N ASP H 392 -79.53 8.94 37.22
CA ASP H 392 -80.91 9.11 37.76
C ASP H 392 -82.07 8.82 36.81
N ASN H 393 -82.15 7.56 36.35
CA ASN H 393 -83.16 7.12 35.34
C ASN H 393 -83.57 5.63 35.32
N ARG H 394 -84.23 5.23 34.24
CA ARG H 394 -84.54 3.84 33.97
C ARG H 394 -83.52 3.24 33.00
N LYS H 395 -82.70 2.31 33.52
CA LYS H 395 -81.54 1.66 32.83
C LYS H 395 -80.50 2.52 32.07
N ILE H 402 -79.08 0.93 29.72
CA ILE H 402 -79.46 0.08 28.59
C ILE H 402 -78.27 -0.62 27.94
N SER H 403 -77.32 -1.06 28.75
CA SER H 403 -76.02 -1.57 28.29
C SER H 403 -75.28 -0.69 27.26
N LEU H 404 -74.44 -1.33 26.45
CA LEU H 404 -73.72 -0.77 25.30
C LEU H 404 -72.23 -1.13 25.24
N PRO H 405 -71.89 -2.17 24.44
CA PRO H 405 -70.55 -2.47 23.92
C PRO H 405 -69.96 -1.39 22.96
N ALA H 406 -69.10 -0.53 23.51
CA ALA H 406 -68.28 0.42 22.74
C ALA H 406 -66.80 -0.07 22.71
N HIS H 407 -66.26 -0.26 21.50
CA HIS H 407 -64.97 -0.96 21.34
C HIS H 407 -63.81 -0.17 20.73
N PRO H 408 -62.60 -0.32 21.32
CA PRO H 408 -61.28 -0.01 20.70
C PRO H 408 -60.96 -0.81 19.38
N GLU H 409 -59.73 -0.75 18.82
CA GLU H 409 -59.38 -1.60 17.62
C GLU H 409 -57.92 -2.06 17.36
N SER H 410 -57.18 -1.31 16.56
CA SER H 410 -55.80 -1.63 16.10
C SER H 410 -55.79 -2.37 14.77
N VAL H 411 -55.26 -1.68 13.75
CA VAL H 411 -55.40 -2.05 12.33
C VAL H 411 -55.10 -3.52 12.08
N SER H 412 -53.83 -3.89 12.23
CA SER H 412 -53.40 -5.27 11.97
C SER H 412 -54.46 -6.30 12.39
N ILE H 413 -54.91 -6.17 13.63
CA ILE H 413 -55.88 -7.09 14.17
C ILE H 413 -57.12 -7.15 13.29
N VAL H 414 -57.70 -5.98 13.00
CA VAL H 414 -59.01 -5.87 12.29
C VAL H 414 -58.95 -6.41 10.85
N LEU H 415 -57.76 -6.86 10.43
CA LEU H 415 -57.58 -7.46 9.11
C LEU H 415 -57.48 -8.95 9.27
N GLN H 416 -56.77 -9.35 10.31
CA GLN H 416 -56.52 -10.73 10.67
C GLN H 416 -57.75 -11.61 10.58
N ASP H 417 -58.82 -11.08 11.13
CA ASP H 417 -60.04 -11.82 11.33
C ASP H 417 -60.93 -11.85 10.08
N PRO H 418 -61.14 -10.69 9.41
CA PRO H 418 -61.58 -10.93 8.04
C PRO H 418 -60.40 -11.40 7.16
N LYS H 419 -59.73 -12.50 7.58
CA LYS H 419 -58.61 -13.13 6.83
C LYS H 419 -57.99 -14.35 7.51
N ARG H 420 -56.78 -14.67 7.09
CA ARG H 420 -56.05 -15.84 7.57
C ARG H 420 -54.82 -16.33 6.72
N PRO H 421 -54.42 -15.56 5.66
CA PRO H 421 -53.50 -16.12 4.64
C PRO H 421 -52.01 -15.97 4.97
N LEU H 422 -51.40 -14.91 4.45
CA LEU H 422 -50.02 -14.51 4.75
C LEU H 422 -49.85 -14.56 6.24
N THR H 423 -48.74 -15.12 6.69
CA THR H 423 -48.52 -15.15 8.11
C THR H 423 -47.05 -15.27 8.37
N TYR H 424 -46.36 -14.20 8.04
CA TYR H 424 -44.93 -14.12 8.14
C TYR H 424 -44.46 -14.41 9.57
N THR H 425 -43.20 -14.78 9.67
CA THR H 425 -42.43 -14.85 10.91
C THR H 425 -43.08 -14.33 12.15
N HIS H 426 -43.65 -13.13 11.97
CA HIS H 426 -44.05 -12.28 13.06
C HIS H 426 -45.51 -12.15 13.29
N LEU H 427 -45.91 -13.07 14.13
CA LEU H 427 -47.18 -13.02 14.70
C LEU H 427 -46.84 -12.50 16.06
N ARG H 428 -45.58 -12.65 16.43
CA ARG H 428 -45.04 -12.05 17.64
C ARG H 428 -45.52 -10.60 17.97
N ARG H 429 -45.91 -9.84 16.96
CA ARG H 429 -46.69 -8.65 17.23
C ARG H 429 -48.07 -9.17 17.28
N VAL H 430 -48.61 -9.43 16.10
CA VAL H 430 -50.04 -9.58 15.97
C VAL H 430 -50.67 -10.47 17.02
N TRP H 431 -50.04 -11.61 17.27
CA TRP H 431 -50.48 -12.54 18.30
C TRP H 431 -50.47 -11.86 19.64
N GLY H 432 -49.28 -11.60 20.22
CA GLY H 432 -49.18 -10.66 21.37
C GLY H 432 -50.34 -9.64 21.48
N GLN H 433 -50.53 -8.85 20.40
CA GLN H 433 -51.63 -7.90 20.27
C GLN H 433 -53.02 -8.47 20.61
N ILE H 434 -53.35 -9.61 20.00
CA ILE H 434 -54.69 -10.17 20.12
C ILE H 434 -55.07 -10.53 21.52
N TRP H 435 -54.14 -11.14 22.29
CA TRP H 435 -54.48 -11.36 23.70
C TRP H 435 -54.51 -10.01 24.43
N GLN H 436 -53.60 -9.11 24.09
CA GLN H 436 -53.63 -7.92 24.88
C GLN H 436 -55.00 -7.24 24.90
N THR H 437 -55.68 -7.33 23.78
CA THR H 437 -57.07 -6.84 23.59
C THR H 437 -58.09 -7.79 24.16
N ILE H 438 -57.84 -9.09 24.06
CA ILE H 438 -58.58 -9.99 24.95
C ILE H 438 -58.45 -9.57 26.43
N ARG H 439 -57.22 -9.36 26.89
CA ARG H 439 -56.93 -8.84 28.26
C ARG H 439 -57.40 -7.42 28.52
N ALA H 440 -57.46 -6.58 27.49
CA ALA H 440 -58.06 -5.24 27.59
C ALA H 440 -59.59 -5.30 27.76
N LEU H 441 -60.14 -6.51 27.66
CA LEU H 441 -61.57 -6.64 27.82
C LEU H 441 -61.99 -7.07 29.23
N LYS H 442 -61.27 -8.07 29.75
CA LYS H 442 -61.33 -8.42 31.16
C LYS H 442 -61.05 -7.21 32.06
N GLU H 443 -59.99 -6.45 31.75
CA GLU H 443 -59.78 -5.11 32.32
C GLU H 443 -61.04 -4.25 32.27
N ASP H 444 -61.74 -4.32 31.13
CA ASP H 444 -62.92 -3.49 30.92
C ASP H 444 -64.23 -3.98 31.55
N CYS H 445 -64.69 -5.18 31.14
CA CYS H 445 -65.87 -5.82 31.76
C CYS H 445 -65.82 -5.74 33.29
N ALA H 446 -64.78 -6.28 33.94
CA ALA H 446 -64.67 -6.13 35.36
C ALA H 446 -64.34 -4.65 35.71
N ARG H 447 -64.93 -3.76 34.87
CA ARG H 447 -65.07 -2.33 35.17
C ARG H 447 -66.50 -1.84 35.15
N LEU H 448 -67.35 -2.56 34.43
CA LEU H 448 -68.78 -2.25 34.43
C LEU H 448 -69.48 -3.02 35.58
N LEU H 449 -68.87 -4.13 35.98
CA LEU H 449 -69.27 -4.83 37.15
C LEU H 449 -68.85 -3.98 38.32
N GLN H 450 -67.87 -3.12 38.10
CA GLN H 450 -67.56 -2.11 39.08
C GLN H 450 -68.75 -1.16 39.31
N GLY H 451 -69.05 -0.32 38.32
CA GLY H 451 -70.25 0.54 38.37
C GLY H 451 -71.34 0.01 39.27
N GLN H 452 -71.95 -1.09 38.85
CA GLN H 452 -73.05 -1.70 39.56
C GLN H 452 -72.76 -1.93 41.01
N ARG H 453 -71.80 -2.79 41.28
CA ARG H 453 -71.52 -3.11 42.65
C ARG H 453 -70.75 -2.01 43.40
N THR H 454 -71.00 -0.76 43.00
CA THR H 454 -70.86 0.40 43.89
C THR H 454 -72.22 1.10 44.10
N SER H 455 -73.06 1.08 43.07
CA SER H 455 -74.36 1.81 43.04
C SER H 455 -75.49 1.04 43.73
N MET H 456 -75.19 -0.22 44.04
CA MET H 456 -76.03 -1.09 44.82
C MET H 456 -75.25 -1.57 46.06
N VAL H 457 -74.24 -0.81 46.43
CA VAL H 457 -73.68 -0.86 47.77
C VAL H 457 -73.73 0.64 48.21
N ASN H 458 -74.70 1.31 47.63
CA ASN H 458 -75.19 2.56 48.14
C ASN H 458 -76.67 2.39 48.46
N LEU H 459 -77.33 1.52 47.68
CA LEU H 459 -78.70 1.06 47.95
C LEU H 459 -78.71 0.22 49.24
N LEU H 460 -78.00 -0.92 49.21
CA LEU H 460 -77.86 -1.82 50.35
C LEU H 460 -77.49 -1.09 51.65
N ARG H 461 -76.94 0.11 51.51
CA ARG H 461 -76.76 1.00 52.64
C ARG H 461 -78.11 1.61 53.02
N TYR H 462 -78.52 2.63 52.28
CA TYR H 462 -79.72 3.42 52.61
C TYR H 462 -81.03 2.69 52.33
N ASN H 463 -80.92 1.38 52.21
CA ASN H 463 -82.02 0.50 52.44
C ASN H 463 -81.95 0.18 53.92
N THR H 464 -81.08 -0.77 54.29
CA THR H 464 -80.93 -1.21 55.67
C THR H 464 -80.95 -0.07 56.69
N GLU H 465 -80.06 0.89 56.49
CA GLU H 465 -79.81 1.95 57.48
C GLU H 465 -81.01 2.85 57.82
N LEU H 466 -81.76 3.26 56.80
CA LEU H 466 -82.99 3.99 57.06
C LEU H 466 -84.14 3.01 57.32
N SER H 467 -84.41 2.13 56.34
CA SER H 467 -85.55 1.21 56.42
C SER H 467 -85.36 0.00 57.32
N LYS H 468 -84.76 0.23 58.49
CA LYS H 468 -84.87 -0.67 59.64
C LYS H 468 -85.35 0.13 60.83
N LYS H 469 -84.80 1.34 60.96
CA LYS H 469 -85.27 2.28 61.97
C LYS H 469 -86.72 2.65 61.76
N LYS H 470 -87.16 2.67 60.50
CA LYS H 470 -88.56 2.95 60.23
C LYS H 470 -89.40 1.69 60.41
N ASN H 471 -88.72 0.60 60.76
CA ASN H 471 -89.41 -0.60 61.24
C ASN H 471 -89.30 -0.77 62.76
N SER H 472 -89.22 0.39 63.42
CA SER H 472 -89.52 0.60 64.84
C SER H 472 -90.75 1.51 64.91
N MET H 473 -90.76 2.52 64.02
CA MET H 473 -91.91 3.41 63.84
C MET H 473 -93.15 2.61 63.51
N THR H 474 -92.97 1.32 63.24
CA THR H 474 -94.11 0.47 62.96
C THR H 474 -94.04 -0.81 63.84
N SER H 475 -93.35 -0.68 64.98
CA SER H 475 -93.61 -1.48 66.16
C SER H 475 -94.45 -0.61 67.11
N GLU H 476 -94.22 0.70 67.00
CA GLU H 476 -95.06 1.70 67.67
C GLU H 476 -96.53 1.60 67.26
N ARG H 529 -104.68 0.63 59.49
CA ARG H 529 -104.71 -0.15 58.23
C ARG H 529 -103.57 0.22 57.27
N GLU H 530 -102.79 1.24 57.64
CA GLU H 530 -101.49 1.51 57.04
C GLU H 530 -100.56 0.33 57.21
N VAL H 531 -100.86 -0.50 58.21
CA VAL H 531 -100.13 -1.75 58.53
C VAL H 531 -99.69 -2.63 57.34
N GLN H 532 -100.32 -2.43 56.18
CA GLN H 532 -99.92 -3.09 54.93
C GLN H 532 -98.97 -2.20 54.08
N ALA H 533 -99.42 -1.01 53.66
CA ALA H 533 -98.56 -0.01 52.98
C ALA H 533 -97.33 0.37 53.84
N LEU H 534 -97.37 -0.07 55.10
CA LEU H 534 -96.19 -0.17 55.97
C LEU H 534 -95.46 -1.45 55.56
N VAL H 535 -95.95 -2.62 56.02
CA VAL H 535 -95.30 -3.93 55.81
C VAL H 535 -95.13 -4.33 54.34
N ASP H 536 -96.22 -4.29 53.57
CA ASP H 536 -96.21 -4.66 52.14
C ASP H 536 -95.05 -3.98 51.38
N LYS H 537 -95.10 -2.65 51.32
CA LYS H 537 -94.12 -1.87 50.58
C LYS H 537 -92.85 -1.63 51.40
N MET H 538 -92.72 -2.38 52.50
CA MET H 538 -91.48 -2.49 53.25
C MET H 538 -90.76 -3.76 52.83
N MET H 539 -91.53 -4.83 52.68
CA MET H 539 -91.02 -6.13 52.27
C MET H 539 -90.75 -6.16 50.78
N ALA H 540 -91.21 -5.13 50.06
CA ALA H 540 -90.85 -4.94 48.66
C ALA H 540 -89.32 -4.83 48.51
N LEU H 541 -88.70 -4.06 49.39
CA LEU H 541 -87.30 -3.68 49.23
C LEU H 541 -86.29 -4.36 50.17
N GLN H 542 -86.77 -5.12 51.17
CA GLN H 542 -85.87 -5.95 51.99
C GLN H 542 -85.94 -7.41 51.51
N THR H 543 -86.54 -7.58 50.33
CA THR H 543 -86.45 -8.82 49.56
C THR H 543 -85.94 -8.53 48.15
N ASP H 544 -86.25 -7.35 47.61
CA ASP H 544 -85.74 -7.01 46.29
C ASP H 544 -84.30 -6.49 46.31
N SER H 545 -83.91 -5.79 47.39
CA SER H 545 -82.51 -5.42 47.56
C SER H 545 -81.68 -6.61 48.10
N VAL H 546 -82.31 -7.79 48.20
CA VAL H 546 -81.61 -9.01 48.61
C VAL H 546 -81.44 -9.96 47.41
N ASP H 547 -82.14 -9.68 46.32
CA ASP H 547 -81.94 -10.44 45.09
C ASP H 547 -80.69 -10.00 44.38
N LEU H 548 -80.40 -8.71 44.51
CA LEU H 548 -79.34 -8.09 43.77
C LEU H 548 -78.06 -8.03 44.59
N GLN H 549 -78.18 -8.00 45.92
CA GLN H 549 -76.98 -8.09 46.78
C GLN H 549 -76.33 -9.47 46.67
N ARG H 550 -77.06 -10.43 46.09
CA ARG H 550 -76.53 -11.76 45.81
C ARG H 550 -75.69 -11.77 44.53
N ASN H 551 -76.27 -12.25 43.43
CA ASN H 551 -75.72 -12.01 42.07
C ASN H 551 -74.81 -13.04 41.36
N PRO H 552 -75.21 -13.46 40.13
CA PRO H 552 -74.25 -13.99 39.16
C PRO H 552 -73.58 -12.86 38.38
N THR H 560 -66.51 -17.52 31.33
CA THR H 560 -65.40 -17.92 30.49
C THR H 560 -64.93 -16.81 29.58
N LEU H 561 -65.14 -15.54 29.94
CA LEU H 561 -64.29 -14.55 29.30
C LEU H 561 -62.93 -14.77 29.91
N ASP H 562 -62.87 -14.80 31.24
CA ASP H 562 -61.59 -14.87 31.94
C ASP H 562 -60.79 -16.15 31.71
N ASP H 563 -61.53 -17.21 31.49
CA ASP H 563 -60.96 -18.46 31.04
C ASP H 563 -60.37 -18.37 29.61
N LEU H 564 -61.02 -17.63 28.72
CA LEU H 564 -60.59 -17.53 27.34
C LEU H 564 -59.33 -16.71 27.24
N GLU H 565 -59.18 -15.69 28.08
CA GLU H 565 -57.95 -14.93 28.06
C GLU H 565 -56.78 -15.60 28.77
N GLU H 566 -57.08 -16.56 29.63
CA GLU H 566 -56.04 -17.43 30.13
C GLU H 566 -55.60 -18.47 29.08
N GLN H 567 -56.44 -18.67 28.06
CA GLN H 567 -56.20 -19.64 27.00
C GLN H 567 -55.60 -18.96 25.76
N ALA H 568 -55.93 -17.69 25.59
CA ALA H 568 -55.21 -16.85 24.69
C ALA H 568 -53.94 -16.39 25.38
N ARG H 569 -53.79 -16.68 26.68
CA ARG H 569 -52.52 -16.43 27.38
C ARG H 569 -51.41 -17.29 26.85
N ASP H 570 -51.68 -18.57 26.75
CA ASP H 570 -50.66 -19.53 26.39
C ASP H 570 -50.41 -19.54 24.89
N LEU H 571 -51.48 -19.50 24.09
CA LEU H 571 -51.27 -19.52 22.64
C LEU H 571 -50.34 -18.37 22.22
N TYR H 572 -50.55 -17.20 22.79
CA TYR H 572 -49.73 -16.01 22.48
C TYR H 572 -48.45 -15.97 23.34
N ARG H 573 -48.23 -17.08 24.07
CA ARG H 573 -47.03 -17.36 24.83
C ARG H 573 -46.27 -18.55 24.24
N ARG H 574 -46.99 -19.65 24.00
CA ARG H 574 -46.42 -20.85 23.40
C ARG H 574 -45.81 -20.60 22.01
N LEU H 575 -46.20 -19.49 21.39
CA LEU H 575 -45.67 -19.09 20.10
C LEU H 575 -44.30 -18.47 20.26
N ARG H 576 -44.13 -17.70 21.34
CA ARG H 576 -42.87 -17.09 21.69
C ARG H 576 -42.02 -18.08 22.46
N GLU H 577 -42.66 -19.16 22.92
CA GLU H 577 -41.93 -20.26 23.53
C GLU H 577 -41.46 -21.29 22.49
N ARG H 578 -42.09 -21.27 21.32
CA ARG H 578 -41.77 -22.20 20.22
C ARG H 578 -40.29 -22.10 19.86
N PRO H 579 -39.45 -23.01 20.43
CA PRO H 579 -38.02 -22.75 20.55
C PRO H 579 -37.30 -22.73 19.21
N ARG H 580 -36.54 -21.66 18.98
CA ARG H 580 -35.74 -21.48 17.77
C ARG H 580 -36.50 -21.84 16.47
N ASP H 581 -35.84 -22.50 15.54
CA ASP H 581 -36.36 -22.70 14.19
C ASP H 581 -37.69 -23.47 14.05
N GLN H 582 -38.77 -22.74 13.81
CA GLN H 582 -39.98 -23.28 13.18
C GLN H 582 -40.66 -22.11 12.50
N ARG H 583 -40.44 -20.93 13.09
CA ARG H 583 -41.20 -19.74 12.80
C ARG H 583 -42.13 -19.86 11.58
N THR H 584 -41.71 -19.40 10.40
CA THR H 584 -42.60 -19.20 9.23
C THR H 584 -44.01 -19.79 9.16
N PRO H 585 -44.15 -21.14 9.09
CA PRO H 585 -45.44 -21.79 8.86
C PRO H 585 -46.62 -20.93 9.27
N GLY H 586 -47.10 -20.12 8.32
CA GLY H 586 -48.01 -18.99 8.60
C GLY H 586 -49.53 -19.15 8.83
N ASP H 587 -49.99 -19.06 10.08
CA ASP H 587 -51.41 -19.22 10.43
C ASP H 587 -51.96 -18.08 11.31
N SER H 588 -52.74 -17.18 10.70
CA SER H 588 -53.45 -16.13 11.45
C SER H 588 -54.21 -16.85 12.56
N ASN H 589 -55.34 -17.44 12.18
CA ASN H 589 -55.80 -18.67 12.80
C ASN H 589 -56.75 -18.55 13.96
N ASP H 590 -56.71 -19.58 14.79
CA ASP H 590 -57.50 -19.74 16.01
C ASP H 590 -57.13 -18.68 17.04
N MET H 591 -56.20 -17.83 16.65
CA MET H 591 -55.90 -16.68 17.45
C MET H 591 -56.83 -15.57 17.11
N VAL H 592 -57.75 -15.95 16.24
CA VAL H 592 -58.92 -15.19 15.94
C VAL H 592 -60.09 -15.90 16.65
N ARG H 593 -60.10 -17.24 16.67
CA ARG H 593 -61.09 -17.95 17.47
C ARG H 593 -61.12 -17.31 18.86
N LEU H 594 -59.98 -17.37 19.57
CA LEU H 594 -59.93 -16.89 20.95
C LEU H 594 -60.18 -15.41 21.07
N LEU H 595 -60.40 -14.72 19.96
CA LEU H 595 -60.81 -13.34 20.01
C LEU H 595 -62.30 -13.23 19.79
N ILE H 596 -62.80 -13.88 18.74
CA ILE H 596 -64.25 -13.90 18.46
C ILE H 596 -65.02 -14.20 19.76
N LEU H 597 -64.63 -15.29 20.41
CA LEU H 597 -65.31 -15.71 21.64
C LEU H 597 -65.17 -14.64 22.72
N ALA H 598 -63.95 -14.20 22.97
CA ALA H 598 -63.67 -13.10 23.89
C ALA H 598 -64.21 -11.72 23.44
N ILE H 599 -65.14 -11.74 22.48
CA ILE H 599 -66.01 -10.61 22.26
C ILE H 599 -67.37 -10.99 22.87
N GLN H 600 -67.95 -12.09 22.40
CA GLN H 600 -69.26 -12.50 22.86
C GLN H 600 -69.36 -12.61 24.36
N SER H 601 -68.42 -13.34 24.96
CA SER H 601 -68.39 -13.46 26.42
C SER H 601 -67.99 -12.15 27.14
N PHE H 602 -67.47 -11.14 26.42
CA PHE H 602 -67.42 -9.79 26.96
C PHE H 602 -68.74 -9.09 26.74
N GLU H 603 -69.16 -9.00 25.48
CA GLU H 603 -70.44 -8.42 25.04
C GLU H 603 -71.62 -8.84 25.96
N LYS H 604 -71.69 -10.14 26.24
CA LYS H 604 -72.73 -10.75 27.06
C LYS H 604 -72.58 -10.52 28.57
N ARG H 605 -71.34 -10.47 29.05
CA ARG H 605 -71.10 -10.03 30.39
C ARG H 605 -71.26 -8.53 30.53
N VAL H 606 -71.77 -7.87 29.50
CA VAL H 606 -72.09 -6.44 29.60
C VAL H 606 -73.57 -6.16 29.41
N ILE H 607 -74.32 -7.10 28.85
CA ILE H 607 -75.75 -7.01 29.09
C ILE H 607 -76.03 -7.39 30.53
N LEU H 608 -75.56 -8.57 30.92
CA LEU H 608 -75.92 -9.08 32.21
C LEU H 608 -75.63 -8.03 33.24
N ILE H 609 -74.44 -7.45 33.18
CA ILE H 609 -74.14 -6.29 34.02
C ILE H 609 -75.21 -5.20 33.95
N TYR H 610 -75.47 -4.69 32.74
CA TYR H 610 -76.38 -3.55 32.61
C TYR H 610 -77.85 -3.84 33.00
N ASP H 611 -78.28 -5.05 32.70
CA ASP H 611 -79.55 -5.59 33.13
C ASP H 611 -79.74 -5.46 34.62
N GLN H 612 -78.87 -6.05 35.37
CA GLN H 612 -78.88 -5.97 36.79
C GLN H 612 -78.26 -4.61 37.26
N LEU H 613 -78.07 -3.66 36.34
CA LEU H 613 -77.89 -2.26 36.73
C LEU H 613 -79.27 -1.66 36.89
N SER H 614 -80.09 -1.83 35.85
CA SER H 614 -81.53 -1.48 35.90
C SER H 614 -82.16 -1.82 37.26
N LYS H 615 -81.98 -3.09 37.68
CA LYS H 615 -82.62 -3.59 38.88
C LYS H 615 -82.28 -2.71 40.06
N THR H 616 -81.03 -2.23 40.10
CA THR H 616 -80.58 -1.33 41.17
C THR H 616 -80.77 0.18 40.89
N VAL H 617 -81.69 0.51 39.96
CA VAL H 617 -82.36 1.82 39.94
C VAL H 617 -83.87 1.62 40.21
N VAL H 618 -84.40 0.43 39.88
CA VAL H 618 -85.73 -0.02 40.34
C VAL H 618 -85.86 0.30 41.82
N CYS H 619 -84.83 -0.12 42.57
CA CYS H 619 -84.84 -0.08 44.01
C CYS H 619 -84.59 1.31 44.55
N LYS H 620 -83.61 2.01 43.99
CA LYS H 620 -83.44 3.45 44.27
C LYS H 620 -84.76 4.26 44.33
N ARG H 621 -85.60 4.14 43.29
CA ARG H 621 -86.86 4.89 43.21
C ARG H 621 -87.80 4.46 44.33
N LYS H 622 -88.08 3.14 44.40
CA LYS H 622 -88.94 2.57 45.41
C LYS H 622 -88.49 2.98 46.82
N ALA H 623 -87.19 2.94 47.08
CA ALA H 623 -86.65 3.45 48.35
C ALA H 623 -86.57 4.98 48.48
N LEU H 624 -87.15 5.71 47.52
CA LEU H 624 -87.36 7.16 47.67
C LEU H 624 -88.84 7.54 47.76
N GLU H 625 -89.72 6.58 47.45
CA GLU H 625 -91.18 6.71 47.63
C GLU H 625 -91.62 6.03 48.90
N LEU H 626 -91.18 4.79 49.09
CA LEU H 626 -91.51 4.05 50.30
C LEU H 626 -90.73 4.58 51.48
N SER H 627 -90.14 5.75 51.35
CA SER H 627 -89.66 6.46 52.54
C SER H 627 -90.70 7.50 53.05
N PRO H 628 -90.92 8.63 52.30
CA PRO H 628 -91.67 9.72 52.97
C PRO H 628 -93.12 9.38 53.33
N LYS H 629 -93.65 8.28 52.76
CA LYS H 629 -94.91 7.70 53.20
C LYS H 629 -94.72 7.26 54.63
N VAL H 630 -93.95 6.20 54.81
CA VAL H 630 -93.75 5.62 56.14
C VAL H 630 -92.75 6.46 56.97
N LYS H 631 -92.71 7.76 56.69
CA LYS H 631 -92.08 8.76 57.54
C LYS H 631 -93.17 9.73 58.02
N GLU H 632 -93.71 10.50 57.06
CA GLU H 632 -94.75 11.49 57.30
C GLU H 632 -96.09 10.85 57.68
N VAL H 633 -96.53 9.83 56.91
CA VAL H 633 -97.81 9.18 57.21
C VAL H 633 -97.77 8.58 58.65
N MET H 634 -96.57 8.41 59.21
CA MET H 634 -96.42 7.88 60.57
C MET H 634 -96.04 8.95 61.61
N ASN H 635 -95.96 10.18 61.11
CA ASN H 635 -96.08 11.38 61.90
C ASN H 635 -97.56 11.47 62.34
N LEU H 636 -98.46 11.45 61.36
CA LEU H 636 -99.89 11.51 61.59
C LEU H 636 -100.36 10.39 62.51
N MET H 637 -99.99 9.14 62.17
CA MET H 637 -100.21 7.99 63.05
C MET H 637 -100.03 8.36 64.51
N ARG H 638 -98.89 8.98 64.85
CA ARG H 638 -98.57 9.28 66.24
C ARG H 638 -99.58 10.21 66.92
#